data_1NVM
#
_entry.id   1NVM
#
_cell.length_a   102.200
_cell.length_b   140.000
_cell.length_c   191.400
_cell.angle_alpha   90.00
_cell.angle_beta   90.00
_cell.angle_gamma   90.00
#
_symmetry.space_group_name_H-M   'P 21 21 21'
#
loop_
_entity.id
_entity.type
_entity.pdbx_description
1 polymer '4-hydroxy-2-oxovalerate aldolase'
2 polymer 'acetaldehyde dehydrogenase (acylating)'
3 non-polymer 'MANGANESE (II) ION'
4 non-polymer 'OXALATE ION'
5 non-polymer 'SULFATE ION'
6 non-polymer (4S)-2-METHYL-2,4-PENTANEDIOL
7 non-polymer NICOTINAMIDE-ADENINE-DINUCLEOTIDE
8 water water
#
loop_
_entity_poly.entity_id
_entity_poly.type
_entity_poly.pdbx_seq_one_letter_code
_entity_poly.pdbx_strand_id
1 'polypeptide(L)'
;MTFNPSKKLYISDVTLRDGSHAIRHQYTLDDVRAIARALDKAKVDSIEVAHGDGLQGSSFNYGFGRHTDLEYIEAVAGEI
SHAQIATLLLPGIGSVHDLKNAYQAGARVVRVATHCTEADVSKQHIEYARNLGMDTVGFLMMSHMIPAEKLAEQGKLMES
YGATCIYMADSGGAMSMNDIRDRMRAFKAVLKPETQVGMHAHHNLSLGVANSIVAVEEGCDRVDASLAGMGAGAGNAPLE
VFIAVAERLGWNHGTDLYTLMDAADDIVRPLQDRPVRVDRETLGLGYAGVYSSFLRHAEIAAAKYNLKTLDILVELGHRR
MVGGQEDMIVDVALDLLAAHKENRA
;
A,C,E,G
2 'polypeptide(L)'
;MNQKLKVAIIGSGNIGTDLMIKVLRNAKYLEMGAMVGIDAASDGLARAQRMGVTTTYAGVEGLIKLPEFADIDFVFDATS
ASAHVQNEALLRQAKPGIRLIDLTPAAIGPYCVPVVNLEEHLGKLNVNMVTCGGQATIPMVAAVSRVAKVHYAEIVASIS
SKSAGPGTRANIDEFTETTSKAIEVIGGAAKGKAIIIMNPAEPPLIMRDTVYVLSAAADQAAVAASVAEMVQAVQAYVPG
YRLKQQVQFDVIPESAPLNIPGLGRFSGLKTSVFLEVEGAAHYLPAYAGNLDIMTSAALATAERMAQSMLNA
;
B,D,F,H
#
# COMPACT_ATOMS: atom_id res chain seq x y z
N THR A 2 11.21 68.24 -14.86
CA THR A 2 12.65 68.43 -14.99
C THR A 2 13.22 67.13 -15.54
N PHE A 3 13.61 67.21 -16.80
CA PHE A 3 14.15 66.11 -17.59
C PHE A 3 15.67 66.18 -17.59
N ASN A 4 16.33 65.21 -16.94
CA ASN A 4 17.78 65.18 -16.80
C ASN A 4 18.38 63.77 -16.89
N PRO A 5 19.62 63.64 -17.34
CA PRO A 5 20.25 62.34 -17.47
C PRO A 5 20.34 61.61 -16.13
N SER A 6 20.18 60.29 -16.19
CA SER A 6 20.18 59.49 -14.98
C SER A 6 21.61 59.43 -14.45
N LYS A 7 21.71 59.23 -13.15
CA LYS A 7 22.99 59.11 -12.48
C LYS A 7 23.67 57.77 -12.75
N LYS A 8 24.91 57.80 -13.19
CA LYS A 8 25.67 56.57 -13.43
C LYS A 8 26.40 56.14 -12.16
N LEU A 9 26.04 55.01 -11.55
CA LEU A 9 26.69 54.59 -10.32
C LEU A 9 28.13 54.15 -10.55
N TYR A 10 29.01 54.44 -9.59
CA TYR A 10 30.41 54.03 -9.67
C TYR A 10 30.54 52.73 -8.86
N ILE A 11 30.99 51.69 -9.51
CA ILE A 11 31.04 50.35 -8.90
C ILE A 11 32.52 50.02 -8.64
N SER A 12 32.84 49.96 -7.36
CA SER A 12 34.21 49.76 -6.88
C SER A 12 34.39 48.37 -6.31
N ASP A 13 35.07 47.49 -7.08
CA ASP A 13 35.19 46.11 -6.57
C ASP A 13 36.37 45.98 -5.61
N VAL A 14 36.24 45.30 -4.49
CA VAL A 14 37.28 45.15 -3.49
C VAL A 14 37.60 43.69 -3.22
N THR A 15 37.32 42.81 -4.19
CA THR A 15 37.58 41.38 -4.11
C THR A 15 39.08 41.07 -3.90
N LEU A 16 39.95 41.86 -4.54
CA LEU A 16 41.39 41.63 -4.41
C LEU A 16 42.04 42.47 -3.34
N ARG A 17 41.25 43.09 -2.46
CA ARG A 17 41.86 43.81 -1.32
C ARG A 17 41.14 43.30 -0.07
N ASP A 18 39.86 43.72 0.11
CA ASP A 18 39.13 43.21 1.28
C ASP A 18 39.06 41.69 1.23
N GLY A 19 38.87 41.14 0.02
CA GLY A 19 38.79 39.67 -0.14
C GLY A 19 40.08 38.95 0.21
N SER A 20 41.22 39.68 0.22
CA SER A 20 42.48 39.09 0.67
C SER A 20 42.35 38.58 2.09
N HIS A 21 41.56 39.26 2.96
CA HIS A 21 41.33 38.74 4.29
C HIS A 21 40.70 37.34 4.30
N ALA A 22 39.72 37.10 3.41
CA ALA A 22 39.06 35.79 3.47
C ALA A 22 40.00 34.63 3.13
N ILE A 23 41.02 34.86 2.31
CA ILE A 23 41.95 33.81 1.86
C ILE A 23 43.29 33.95 2.59
N ARG A 24 43.31 34.72 3.67
CA ARG A 24 44.52 34.93 4.44
C ARG A 24 45.69 35.35 3.54
N HIS A 25 45.40 36.24 2.59
CA HIS A 25 46.37 36.90 1.74
C HIS A 25 47.20 35.92 0.91
N GLN A 26 46.53 34.85 0.50
CA GLN A 26 47.16 33.80 -0.28
C GLN A 26 46.72 33.79 -1.73
N TYR A 27 46.23 34.87 -2.30
CA TYR A 27 45.92 34.81 -3.73
C TYR A 27 47.17 34.44 -4.56
N THR A 28 46.96 33.64 -5.61
CA THR A 28 48.10 33.41 -6.52
C THR A 28 48.05 34.49 -7.57
N LEU A 29 49.10 34.58 -8.42
CA LEU A 29 49.07 35.55 -9.51
C LEU A 29 48.02 35.18 -10.55
N ASP A 30 47.79 33.90 -10.80
CA ASP A 30 46.75 33.45 -11.72
C ASP A 30 45.36 33.84 -11.19
N ASP A 31 45.18 33.71 -9.88
CA ASP A 31 43.90 34.12 -9.28
C ASP A 31 43.62 35.58 -9.59
N VAL A 32 44.59 36.48 -9.26
CA VAL A 32 44.30 37.90 -9.44
C VAL A 32 44.12 38.23 -10.90
N ARG A 33 44.85 37.56 -11.82
CA ARG A 33 44.67 37.84 -13.23
C ARG A 33 43.26 37.40 -13.67
N ALA A 34 42.82 36.24 -13.18
CA ALA A 34 41.53 35.70 -13.57
C ALA A 34 40.40 36.59 -13.06
N ILE A 35 40.55 36.97 -11.78
CA ILE A 35 39.54 37.85 -11.19
C ILE A 35 39.52 39.19 -11.86
N ALA A 36 40.68 39.85 -12.05
CA ALA A 36 40.70 41.16 -12.72
C ALA A 36 40.15 41.10 -14.14
N ARG A 37 40.45 40.03 -14.91
CA ARG A 37 39.90 39.93 -16.25
C ARG A 37 38.39 39.92 -16.24
N ALA A 38 37.80 39.14 -15.32
CA ALA A 38 36.34 39.08 -15.25
C ALA A 38 35.71 40.40 -14.90
N LEU A 39 36.30 41.06 -13.89
CA LEU A 39 35.78 42.35 -13.43
C LEU A 39 35.86 43.41 -14.49
N ASP A 40 37.00 43.40 -15.21
CA ASP A 40 37.25 44.35 -16.28
C ASP A 40 36.29 44.11 -17.44
N LYS A 41 36.05 42.85 -17.79
CA LYS A 41 35.04 42.51 -18.80
C LYS A 41 33.66 42.99 -18.42
N ALA A 42 33.34 42.89 -17.11
CA ALA A 42 32.07 43.30 -16.55
C ALA A 42 31.92 44.82 -16.50
N LYS A 43 32.99 45.54 -16.72
CA LYS A 43 33.03 46.97 -16.80
C LYS A 43 32.80 47.64 -15.44
N VAL A 44 33.34 47.05 -14.39
CA VAL A 44 33.30 47.80 -13.11
C VAL A 44 34.22 49.01 -13.27
N ASP A 45 34.07 50.00 -12.38
CA ASP A 45 34.83 51.24 -12.48
C ASP A 45 36.22 51.11 -11.89
N SER A 46 36.40 50.30 -10.87
CA SER A 46 37.72 50.14 -10.26
C SER A 46 37.82 48.78 -9.61
N ILE A 47 39.06 48.31 -9.56
CA ILE A 47 39.48 47.05 -8.99
C ILE A 47 40.52 47.36 -7.92
N GLU A 48 40.15 47.15 -6.65
CA GLU A 48 41.09 47.48 -5.56
C GLU A 48 42.03 46.34 -5.28
N VAL A 49 43.33 46.66 -5.18
CA VAL A 49 44.35 45.61 -5.03
C VAL A 49 45.34 46.03 -3.97
N ALA A 50 45.47 45.19 -2.96
CA ALA A 50 46.46 45.31 -1.91
C ALA A 50 46.17 44.22 -0.88
N HIS A 51 47.03 44.08 0.11
CA HIS A 51 46.82 43.21 1.25
C HIS A 51 45.55 43.77 1.92
N GLY A 52 44.86 42.91 2.67
CA GLY A 52 43.62 43.36 3.31
C GLY A 52 43.76 44.60 4.19
N ASP A 53 44.86 44.77 4.87
CA ASP A 53 45.15 45.93 5.69
C ASP A 53 45.86 47.03 4.91
N GLY A 54 45.73 47.01 3.59
CA GLY A 54 46.28 48.06 2.73
C GLY A 54 47.75 47.79 2.39
N LEU A 55 48.30 48.83 1.73
CA LEU A 55 49.73 48.74 1.38
C LEU A 55 50.60 48.51 2.60
N GLN A 56 51.48 47.52 2.47
CA GLN A 56 52.42 47.07 3.47
C GLN A 56 51.72 46.48 4.68
N GLY A 57 50.49 45.97 4.45
CA GLY A 57 49.79 45.28 5.54
C GLY A 57 50.42 43.88 5.77
N SER A 58 51.14 43.30 4.83
CA SER A 58 51.77 41.99 5.01
C SER A 58 52.67 42.03 6.24
N SER A 59 52.39 41.14 7.20
CA SER A 59 53.00 41.17 8.51
C SER A 59 52.63 39.99 9.36
N PHE A 60 53.32 39.85 10.52
CA PHE A 60 52.89 38.82 11.44
C PHE A 60 51.51 39.22 12.01
N ASN A 61 51.34 40.51 12.26
CA ASN A 61 50.09 40.97 12.91
C ASN A 61 48.88 40.58 12.08
N TYR A 62 48.89 40.82 10.77
CA TYR A 62 47.74 40.59 9.92
C TYR A 62 47.81 39.38 9.02
N GLY A 63 48.97 38.72 8.97
CA GLY A 63 49.26 37.63 8.04
C GLY A 63 50.11 38.11 6.86
N PHE A 64 51.09 37.24 6.48
CA PHE A 64 51.91 37.60 5.33
C PHE A 64 51.25 37.27 4.00
N GLY A 65 51.52 38.06 2.98
CA GLY A 65 50.96 37.80 1.65
C GLY A 65 51.79 36.78 0.90
N ARG A 66 51.13 36.06 -0.01
CA ARG A 66 51.85 35.06 -0.84
C ARG A 66 52.79 35.79 -1.79
N HIS A 67 52.40 36.97 -2.23
CA HIS A 67 53.15 37.89 -3.06
C HIS A 67 53.07 39.26 -2.44
N THR A 68 53.86 40.21 -2.95
CA THR A 68 53.84 41.57 -2.39
C THR A 68 52.72 42.34 -3.03
N ASP A 69 52.28 43.45 -2.42
CA ASP A 69 51.24 44.27 -3.08
C ASP A 69 51.67 44.69 -4.49
N LEU A 70 52.93 45.12 -4.65
CA LEU A 70 53.39 45.57 -5.97
C LEU A 70 53.32 44.43 -7.01
N GLU A 71 53.62 43.21 -6.60
CA GLU A 71 53.48 42.10 -7.58
C GLU A 71 52.02 41.91 -7.98
N TYR A 72 51.11 42.02 -6.99
CA TYR A 72 49.70 41.85 -7.36
C TYR A 72 49.18 42.96 -8.25
N ILE A 73 49.57 44.21 -7.96
CA ILE A 73 49.19 45.35 -8.75
C ILE A 73 49.71 45.19 -10.20
N GLU A 74 51.00 44.87 -10.30
CA GLU A 74 51.55 44.69 -11.66
C GLU A 74 50.84 43.58 -12.41
N ALA A 75 50.49 42.49 -11.77
CA ALA A 75 49.77 41.40 -12.42
C ALA A 75 48.40 41.87 -12.92
N VAL A 76 47.65 42.56 -12.07
CA VAL A 76 46.36 43.09 -12.50
C VAL A 76 46.51 44.12 -13.60
N ALA A 77 47.51 45.02 -13.54
CA ALA A 77 47.65 46.06 -14.55
C ALA A 77 47.82 45.47 -15.94
N GLY A 78 48.46 44.32 -16.02
CA GLY A 78 48.67 43.66 -17.31
C GLY A 78 47.42 43.05 -17.92
N GLU A 79 46.31 42.91 -17.19
CA GLU A 79 45.15 42.24 -17.75
C GLU A 79 43.99 43.14 -18.07
N ILE A 80 44.00 44.38 -17.59
CA ILE A 80 42.81 45.20 -17.75
C ILE A 80 42.92 46.41 -18.67
N SER A 81 41.77 46.87 -19.16
CA SER A 81 41.79 48.05 -20.02
C SER A 81 40.61 48.95 -19.78
N HIS A 82 39.65 48.56 -18.95
CA HIS A 82 38.53 49.47 -18.69
C HIS A 82 38.64 50.09 -17.28
N ALA A 83 38.66 49.19 -16.30
CA ALA A 83 38.68 49.63 -14.91
C ALA A 83 40.02 50.25 -14.53
N GLN A 84 40.03 51.12 -13.54
CA GLN A 84 41.22 51.67 -12.92
C GLN A 84 41.60 50.77 -11.74
N ILE A 85 42.86 50.80 -11.38
CA ILE A 85 43.33 50.03 -10.23
C ILE A 85 43.27 50.98 -9.02
N ALA A 86 42.56 50.52 -8.00
CA ALA A 86 42.50 51.30 -6.75
C ALA A 86 43.37 50.60 -5.73
N THR A 87 43.79 51.33 -4.67
CA THR A 87 44.51 50.67 -3.61
C THR A 87 44.12 51.31 -2.28
N LEU A 88 44.46 50.70 -1.18
CA LEU A 88 44.09 51.20 0.16
C LEU A 88 45.38 51.47 0.93
N LEU A 89 45.39 52.58 1.68
CA LEU A 89 46.62 52.93 2.41
C LEU A 89 46.23 53.36 3.81
N LEU A 90 46.71 52.70 4.85
CA LEU A 90 46.38 53.16 6.20
C LEU A 90 47.58 53.81 6.86
N PRO A 91 47.53 55.12 7.11
CA PRO A 91 48.65 55.77 7.83
C PRO A 91 48.87 54.98 9.11
N GLY A 92 50.15 54.75 9.46
CA GLY A 92 50.49 53.96 10.63
C GLY A 92 50.95 52.56 10.22
N ILE A 93 50.58 52.20 8.99
CA ILE A 93 50.96 50.90 8.42
C ILE A 93 51.68 51.17 7.11
N GLY A 94 51.01 51.80 6.14
CA GLY A 94 51.63 52.13 4.86
C GLY A 94 52.09 53.60 4.90
N SER A 95 52.98 53.98 3.99
CA SER A 95 53.49 55.35 3.98
C SER A 95 53.32 55.98 2.61
N VAL A 96 53.76 57.26 2.52
CA VAL A 96 53.71 57.95 1.21
C VAL A 96 54.71 57.27 0.29
N HIS A 97 55.81 56.72 0.81
CA HIS A 97 56.77 56.03 -0.05
C HIS A 97 56.13 54.77 -0.66
N ASP A 98 55.28 54.11 0.16
CA ASP A 98 54.57 52.94 -0.39
C ASP A 98 53.56 53.38 -1.44
N LEU A 99 52.93 54.55 -1.27
CA LEU A 99 51.98 55.05 -2.27
C LEU A 99 52.68 55.39 -3.59
N LYS A 100 53.85 56.04 -3.50
CA LYS A 100 54.66 56.27 -4.69
C LYS A 100 54.95 54.98 -5.45
N ASN A 101 55.38 53.92 -4.78
CA ASN A 101 55.67 52.66 -5.46
C ASN A 101 54.40 52.03 -6.04
N ALA A 102 53.28 52.13 -5.31
CA ALA A 102 52.03 51.57 -5.88
C ALA A 102 51.55 52.31 -7.10
N TYR A 103 51.80 53.65 -7.16
CA TYR A 103 51.43 54.45 -8.33
C TYR A 103 52.33 53.98 -9.50
N GLN A 104 53.61 53.78 -9.19
CA GLN A 104 54.54 53.29 -10.22
C GLN A 104 54.12 51.94 -10.81
N ALA A 105 53.56 51.06 -10.00
CA ALA A 105 53.06 49.76 -10.38
C ALA A 105 51.76 49.83 -11.16
N GLY A 106 50.97 50.87 -11.10
CA GLY A 106 49.75 51.01 -11.91
C GLY A 106 48.57 51.55 -11.14
N ALA A 107 48.66 51.71 -9.81
CA ALA A 107 47.48 52.24 -9.10
C ALA A 107 47.17 53.69 -9.47
N ARG A 108 45.90 53.99 -9.75
CA ARG A 108 45.54 55.38 -10.06
C ARG A 108 44.51 55.95 -9.10
N VAL A 109 43.90 55.10 -8.28
CA VAL A 109 42.95 55.56 -7.28
C VAL A 109 43.50 55.14 -5.93
N VAL A 110 43.50 56.04 -4.92
CA VAL A 110 43.98 55.57 -3.61
C VAL A 110 42.94 56.00 -2.56
N ARG A 111 42.59 55.04 -1.71
CA ARG A 111 41.70 55.37 -0.59
C ARG A 111 42.55 55.40 0.66
N VAL A 112 42.67 56.57 1.30
CA VAL A 112 43.50 56.74 2.48
C VAL A 112 42.58 56.53 3.68
N ALA A 113 42.82 55.44 4.41
CA ALA A 113 41.92 55.07 5.47
C ALA A 113 42.45 55.30 6.87
N THR A 114 41.54 55.87 7.67
CA THR A 114 41.86 56.09 9.07
C THR A 114 40.65 55.61 9.90
N HIS A 115 40.93 55.35 11.18
CA HIS A 115 39.80 55.13 12.10
C HIS A 115 38.94 56.39 12.04
N CYS A 116 37.65 56.28 12.26
CA CYS A 116 36.71 57.40 12.07
C CYS A 116 37.07 58.68 12.83
N THR A 117 37.69 58.59 13.96
CA THR A 117 38.03 59.78 14.77
C THR A 117 39.38 60.37 14.44
N GLU A 118 40.15 59.70 13.58
CA GLU A 118 41.58 60.03 13.41
C GLU A 118 41.89 60.54 12.01
N ALA A 119 40.96 61.23 11.35
CA ALA A 119 41.24 61.70 9.98
C ALA A 119 42.41 62.65 9.87
N ASP A 120 42.82 63.35 10.93
CA ASP A 120 43.94 64.27 10.79
C ASP A 120 45.25 63.58 10.51
N VAL A 121 45.38 62.25 10.63
CA VAL A 121 46.63 61.61 10.25
C VAL A 121 46.68 61.33 8.75
N SER A 122 45.62 61.68 8.02
CA SER A 122 45.60 61.39 6.60
C SER A 122 46.15 62.54 5.75
N LYS A 123 46.40 63.70 6.36
CA LYS A 123 46.80 64.86 5.58
C LYS A 123 47.89 64.61 4.56
N GLN A 124 49.04 64.16 5.03
CA GLN A 124 50.17 64.03 4.07
C GLN A 124 49.91 63.04 2.95
N HIS A 125 49.25 61.93 3.27
CA HIS A 125 48.94 60.93 2.23
C HIS A 125 47.97 61.47 1.19
N ILE A 126 46.91 62.14 1.59
CA ILE A 126 45.94 62.71 0.66
C ILE A 126 46.61 63.81 -0.18
N GLU A 127 47.41 64.67 0.48
CA GLU A 127 48.05 65.73 -0.30
C GLU A 127 49.06 65.15 -1.29
N TYR A 128 49.75 64.09 -0.92
CA TYR A 128 50.71 63.48 -1.82
C TYR A 128 50.03 62.85 -3.01
N ALA A 129 48.95 62.10 -2.72
CA ALA A 129 48.16 61.47 -3.78
C ALA A 129 47.62 62.50 -4.75
N ARG A 130 47.15 63.66 -4.28
CA ARG A 130 46.70 64.72 -5.16
C ARG A 130 47.87 65.24 -6.01
N ASN A 131 49.05 65.37 -5.43
CA ASN A 131 50.23 65.82 -6.18
C ASN A 131 50.64 64.83 -7.25
N LEU A 132 50.39 63.52 -7.05
CA LEU A 132 50.65 62.49 -8.03
C LEU A 132 49.57 62.45 -9.11
N GLY A 133 48.45 63.15 -8.96
CA GLY A 133 47.38 63.18 -9.93
C GLY A 133 46.45 61.96 -9.78
N MET A 134 46.47 61.35 -8.60
CA MET A 134 45.59 60.19 -8.38
C MET A 134 44.18 60.63 -8.02
N ASP A 135 43.22 59.73 -8.27
CA ASP A 135 41.85 59.97 -7.78
C ASP A 135 42.03 59.68 -6.28
N THR A 136 41.87 60.69 -5.44
CA THR A 136 42.19 60.64 -4.04
C THR A 136 40.93 60.65 -3.19
N VAL A 137 40.84 59.56 -2.43
CA VAL A 137 39.64 59.27 -1.63
C VAL A 137 39.98 59.17 -0.16
N GLY A 138 39.11 59.69 0.70
CA GLY A 138 39.24 59.56 2.16
C GLY A 138 38.32 58.42 2.59
N PHE A 139 38.77 57.59 3.53
CA PHE A 139 37.95 56.38 3.88
C PHE A 139 37.91 56.23 5.39
N LEU A 140 36.72 56.37 5.98
CA LEU A 140 36.61 56.35 7.44
C LEU A 140 36.16 55.02 8.01
N MET A 141 37.08 54.36 8.69
CA MET A 141 36.83 53.01 9.20
C MET A 141 36.01 53.00 10.46
N MET A 142 35.29 51.90 10.70
CA MET A 142 34.54 51.69 11.94
C MET A 142 33.57 52.84 12.15
N SER A 143 32.83 53.10 11.10
CA SER A 143 31.96 54.29 11.05
C SER A 143 30.78 54.21 12.00
N HIS A 144 30.49 53.07 12.63
CA HIS A 144 29.41 53.02 13.60
C HIS A 144 29.84 53.55 14.95
N MET A 145 31.14 53.80 15.16
CA MET A 145 31.62 54.16 16.49
C MET A 145 31.36 55.60 16.95
N ILE A 146 30.99 56.51 16.07
CA ILE A 146 30.73 57.90 16.46
C ILE A 146 29.49 58.32 15.73
N PRO A 147 28.80 59.35 16.23
CA PRO A 147 27.57 59.81 15.63
C PRO A 147 27.80 60.36 14.24
N ALA A 148 26.75 60.39 13.43
CA ALA A 148 26.80 60.84 12.05
C ALA A 148 27.43 62.24 11.89
N GLU A 149 27.06 63.19 12.77
CA GLU A 149 27.65 64.52 12.57
C GLU A 149 29.14 64.56 12.86
N LYS A 150 29.61 63.77 13.80
CA LYS A 150 31.04 63.75 14.08
C LYS A 150 31.79 63.07 12.92
N LEU A 151 31.20 62.03 12.39
CA LEU A 151 31.85 61.32 11.25
C LEU A 151 31.95 62.30 10.09
N ALA A 152 30.91 63.11 9.83
CA ALA A 152 30.90 64.04 8.72
C ALA A 152 32.00 65.08 8.87
N GLU A 153 32.21 65.51 10.11
CA GLU A 153 33.28 66.51 10.35
C GLU A 153 34.65 65.93 9.99
N GLN A 154 34.88 64.66 10.28
CA GLN A 154 36.14 64.02 9.92
C GLN A 154 36.26 63.88 8.41
N GLY A 155 35.13 63.63 7.75
CA GLY A 155 35.09 63.49 6.29
C GLY A 155 35.41 64.89 5.70
N LYS A 156 34.82 65.92 6.28
CA LYS A 156 35.11 67.28 5.73
C LYS A 156 36.57 67.64 5.92
N LEU A 157 37.24 67.12 6.95
CA LEU A 157 38.66 67.38 7.14
C LEU A 157 39.44 66.74 5.99
N MET A 158 39.12 65.46 5.65
CA MET A 158 39.80 64.83 4.51
C MET A 158 39.54 65.57 3.21
N GLU A 159 38.35 66.14 3.02
CA GLU A 159 37.98 66.95 1.87
C GLU A 159 38.91 68.18 1.81
N SER A 160 39.16 68.78 2.98
CA SER A 160 40.04 69.97 3.02
C SER A 160 41.46 69.62 2.66
N TYR A 161 41.90 68.39 2.94
CA TYR A 161 43.21 67.95 2.55
C TYR A 161 43.31 67.72 1.06
N GLY A 162 42.18 67.56 0.36
CA GLY A 162 42.21 67.37 -1.07
C GLY A 162 41.42 66.17 -1.57
N ALA A 163 40.91 65.33 -0.67
CA ALA A 163 40.10 64.20 -1.17
C ALA A 163 38.87 64.67 -1.92
N THR A 164 38.54 64.01 -3.04
CA THR A 164 37.40 64.38 -3.86
C THR A 164 36.26 63.38 -3.73
N CYS A 165 36.47 62.42 -2.85
CA CYS A 165 35.44 61.41 -2.51
C CYS A 165 35.69 61.01 -1.06
N ILE A 166 34.63 60.89 -0.29
CA ILE A 166 34.66 60.42 1.08
C ILE A 166 33.78 59.17 1.26
N TYR A 167 34.42 58.13 1.79
CA TYR A 167 33.63 56.93 2.11
C TYR A 167 33.42 56.79 3.62
N MET A 168 32.30 56.16 3.92
CA MET A 168 32.08 55.62 5.25
C MET A 168 32.21 54.08 5.09
N ALA A 169 33.04 53.51 5.94
CA ALA A 169 33.18 52.05 5.90
C ALA A 169 32.58 51.50 7.19
N ASP A 170 31.65 50.56 7.05
CA ASP A 170 31.06 49.87 8.19
C ASP A 170 31.93 48.62 8.39
N SER A 171 33.12 48.89 8.90
CA SER A 171 34.14 47.87 9.15
C SER A 171 33.71 46.73 10.05
N GLY A 172 32.91 47.05 11.09
CA GLY A 172 32.39 46.00 11.96
C GLY A 172 31.10 45.39 11.43
N GLY A 173 30.55 45.80 10.31
CA GLY A 173 29.26 45.34 9.80
C GLY A 173 28.16 45.49 10.86
N ALA A 174 28.19 46.61 11.57
CA ALA A 174 27.30 46.79 12.74
C ALA A 174 26.11 47.70 12.47
N MET A 175 26.05 48.35 11.32
CA MET A 175 24.97 49.34 11.12
C MET A 175 23.73 48.79 10.44
N SER A 176 22.60 49.44 10.76
CA SER A 176 21.39 49.04 10.03
C SER A 176 21.00 50.20 9.15
N MET A 177 19.96 50.04 8.34
CA MET A 177 19.64 51.03 7.32
C MET A 177 19.47 52.45 7.81
N ASN A 178 18.82 52.68 8.96
CA ASN A 178 18.69 54.08 9.37
C ASN A 178 20.00 54.73 9.78
N ASP A 179 20.95 53.91 10.25
CA ASP A 179 22.29 54.46 10.56
C ASP A 179 23.00 54.95 9.30
N ILE A 180 22.70 54.28 8.20
CA ILE A 180 23.28 54.67 6.89
C ILE A 180 22.64 56.00 6.45
N ARG A 181 21.32 56.07 6.59
CA ARG A 181 20.61 57.29 6.24
C ARG A 181 21.18 58.48 7.03
N ASP A 182 21.34 58.28 8.34
CA ASP A 182 21.84 59.35 9.20
C ASP A 182 23.18 59.89 8.71
N ARG A 183 24.08 58.93 8.44
CA ARG A 183 25.42 59.32 7.96
C ARG A 183 25.44 59.93 6.59
N MET A 184 24.66 59.40 5.65
CA MET A 184 24.64 60.03 4.32
C MET A 184 24.11 61.47 4.44
N ARG A 185 23.05 61.69 5.24
CA ARG A 185 22.53 63.06 5.34
C ARG A 185 23.54 64.02 5.95
N ALA A 186 24.24 63.53 6.99
CA ALA A 186 25.27 64.37 7.62
C ALA A 186 26.36 64.71 6.63
N PHE A 187 26.83 63.73 5.82
CA PHE A 187 27.89 64.06 4.86
C PHE A 187 27.37 65.10 3.85
N LYS A 188 26.17 64.88 3.33
CA LYS A 188 25.65 65.77 2.28
C LYS A 188 25.43 67.18 2.82
N ALA A 189 25.19 67.29 4.11
CA ALA A 189 24.97 68.63 4.68
C ALA A 189 26.24 69.42 4.78
N VAL A 190 27.40 68.81 4.93
CA VAL A 190 28.62 69.57 5.13
C VAL A 190 29.63 69.50 3.99
N LEU A 191 29.62 68.46 3.16
CA LEU A 191 30.60 68.41 2.08
C LEU A 191 30.24 69.32 0.90
N LYS A 192 31.25 69.66 0.09
CA LYS A 192 30.93 70.45 -1.11
C LYS A 192 30.01 69.58 -1.95
N PRO A 193 29.12 70.15 -2.72
CA PRO A 193 28.23 69.38 -3.58
C PRO A 193 28.96 68.51 -4.57
N GLU A 194 30.11 68.90 -5.09
CA GLU A 194 30.87 68.12 -6.02
C GLU A 194 31.67 66.97 -5.40
N THR A 195 31.80 66.99 -4.08
CA THR A 195 32.58 65.89 -3.47
C THR A 195 31.77 64.59 -3.50
N GLN A 196 32.40 63.54 -4.02
CA GLN A 196 31.65 62.27 -4.09
C GLN A 196 31.58 61.61 -2.72
N VAL A 197 30.57 60.74 -2.55
CA VAL A 197 30.41 60.00 -1.30
C VAL A 197 30.36 58.50 -1.67
N GLY A 198 31.07 57.69 -0.91
CA GLY A 198 31.11 56.25 -1.15
C GLY A 198 30.61 55.47 0.06
N MET A 199 30.01 54.30 -0.22
CA MET A 199 29.58 53.40 0.85
C MET A 199 30.42 52.11 0.82
N HIS A 200 30.86 51.65 1.98
CA HIS A 200 31.62 50.39 2.04
C HIS A 200 30.98 49.56 3.15
N ALA A 201 29.95 48.77 2.78
CA ALA A 201 29.26 47.99 3.81
C ALA A 201 29.87 46.63 4.06
N HIS A 202 29.70 46.01 5.22
CA HIS A 202 30.07 44.63 5.49
C HIS A 202 28.74 43.90 5.78
N HIS A 203 28.73 42.61 5.52
CA HIS A 203 27.51 41.80 5.59
C HIS A 203 27.24 41.03 6.84
N ASN A 204 27.90 41.34 7.97
CA ASN A 204 27.79 40.59 9.21
C ASN A 204 26.37 40.51 9.76
N LEU A 205 25.49 41.44 9.47
CA LEU A 205 24.10 41.29 9.95
C LEU A 205 23.19 40.99 8.76
N SER A 206 23.76 40.57 7.63
CA SER A 206 23.08 40.32 6.38
C SER A 206 22.57 41.57 5.68
N LEU A 207 23.11 42.75 5.99
CA LEU A 207 22.61 44.00 5.46
C LEU A 207 23.62 44.70 4.54
N GLY A 208 24.58 43.91 4.04
CA GLY A 208 25.57 44.51 3.13
C GLY A 208 24.90 45.12 1.91
N VAL A 209 23.99 44.39 1.24
CA VAL A 209 23.31 44.93 0.07
C VAL A 209 22.23 45.90 0.49
N ALA A 210 21.50 45.59 1.56
CA ALA A 210 20.46 46.53 2.00
C ALA A 210 21.08 47.91 2.29
N ASN A 211 22.18 47.91 3.05
CA ASN A 211 22.79 49.21 3.41
C ASN A 211 23.29 49.94 2.18
N SER A 212 23.80 49.23 1.17
CA SER A 212 24.28 49.86 -0.06
C SER A 212 23.11 50.47 -0.84
N ILE A 213 21.98 49.74 -0.88
CA ILE A 213 20.79 50.25 -1.58
C ILE A 213 20.37 51.57 -0.93
N VAL A 214 20.32 51.57 0.40
CA VAL A 214 19.88 52.77 1.13
C VAL A 214 20.88 53.90 0.90
N ALA A 215 22.18 53.59 0.91
CA ALA A 215 23.18 54.63 0.65
C ALA A 215 22.95 55.31 -0.68
N VAL A 216 22.68 54.51 -1.73
CA VAL A 216 22.38 55.05 -3.04
C VAL A 216 21.08 55.85 -3.03
N GLU A 217 20.04 55.37 -2.34
CA GLU A 217 18.78 56.11 -2.29
C GLU A 217 19.02 57.46 -1.62
N GLU A 218 19.97 57.57 -0.73
CA GLU A 218 20.34 58.80 -0.06
C GLU A 218 21.40 59.61 -0.82
N GLY A 219 21.71 59.26 -2.07
CA GLY A 219 22.60 60.10 -2.84
C GLY A 219 24.04 59.65 -3.00
N CYS A 220 24.39 58.47 -2.48
CA CYS A 220 25.82 58.11 -2.57
C CYS A 220 26.20 57.86 -4.02
N ASP A 221 27.44 58.17 -4.40
CA ASP A 221 27.92 58.02 -5.75
C ASP A 221 28.65 56.70 -6.00
N ARG A 222 29.43 56.21 -5.05
CA ARG A 222 30.23 55.02 -5.22
C ARG A 222 29.83 53.91 -4.23
N VAL A 223 29.84 52.68 -4.73
CA VAL A 223 29.51 51.53 -3.87
C VAL A 223 30.65 50.52 -3.92
N ASP A 224 31.21 50.19 -2.76
CA ASP A 224 32.20 49.12 -2.71
C ASP A 224 31.48 47.78 -2.51
N ALA A 225 31.94 46.75 -3.24
CA ALA A 225 31.35 45.43 -3.13
C ALA A 225 32.38 44.41 -3.61
N SER A 226 32.12 43.13 -3.43
CA SER A 226 33.10 42.14 -3.91
C SER A 226 32.36 40.87 -4.37
N LEU A 227 33.04 40.18 -5.30
CA LEU A 227 32.39 38.94 -5.84
C LEU A 227 32.19 37.92 -4.76
N ALA A 228 30.95 37.41 -4.63
CA ALA A 228 30.55 36.43 -3.64
C ALA A 228 30.66 37.03 -2.22
N GLY A 229 30.85 38.35 -2.11
CA GLY A 229 31.09 39.04 -0.85
C GLY A 229 32.51 38.78 -0.36
N MET A 230 33.40 38.18 -1.16
CA MET A 230 34.76 37.83 -0.70
C MET A 230 35.34 39.01 0.09
N GLY A 231 35.59 38.81 1.34
CA GLY A 231 36.05 39.94 2.17
C GLY A 231 36.03 39.53 3.62
N ALA A 232 36.40 40.47 4.50
CA ALA A 232 36.46 40.19 5.90
C ALA A 232 35.12 39.85 6.55
N GLY A 233 35.17 39.09 7.60
CA GLY A 233 33.97 38.73 8.38
C GLY A 233 33.02 37.90 7.55
N ALA A 234 31.73 38.29 7.51
CA ALA A 234 30.72 37.63 6.66
C ALA A 234 30.83 38.12 5.22
N GLY A 235 31.80 39.01 4.95
CA GLY A 235 32.15 39.58 3.68
C GLY A 235 31.69 41.01 3.47
N ASN A 236 31.98 41.55 2.30
CA ASN A 236 31.51 42.85 1.86
C ASN A 236 30.13 42.68 1.26
N ALA A 237 29.50 43.79 0.85
CA ALA A 237 28.24 43.60 0.09
C ALA A 237 28.58 42.74 -1.13
N PRO A 238 27.84 41.68 -1.41
CA PRO A 238 28.11 40.80 -2.54
C PRO A 238 27.80 41.56 -3.83
N LEU A 239 28.82 41.78 -4.63
CA LEU A 239 28.70 42.56 -5.87
C LEU A 239 27.66 42.07 -6.85
N GLU A 240 27.62 40.76 -7.08
CA GLU A 240 26.66 40.23 -8.05
C GLU A 240 25.23 40.42 -7.57
N VAL A 241 25.03 40.38 -6.24
CA VAL A 241 23.72 40.57 -5.65
C VAL A 241 23.29 42.02 -5.73
N PHE A 242 24.19 42.93 -5.33
CA PHE A 242 23.92 44.37 -5.47
C PHE A 242 23.56 44.72 -6.90
N ILE A 243 24.32 44.24 -7.90
CA ILE A 243 24.03 44.57 -9.28
C ILE A 243 22.70 43.96 -9.71
N ALA A 244 22.36 42.77 -9.27
CA ALA A 244 21.05 42.19 -9.62
C ALA A 244 19.92 43.07 -9.12
N VAL A 245 20.00 43.57 -7.91
CA VAL A 245 19.01 44.44 -7.31
C VAL A 245 19.00 45.79 -8.04
N ALA A 246 20.18 46.38 -8.25
CA ALA A 246 20.27 47.63 -8.99
C ALA A 246 19.60 47.53 -10.36
N GLU A 247 19.83 46.41 -11.06
CA GLU A 247 19.20 46.14 -12.33
C GLU A 247 17.68 46.05 -12.23
N ARG A 248 17.15 45.39 -11.22
CA ARG A 248 15.70 45.26 -11.05
C ARG A 248 15.09 46.61 -10.70
N LEU A 249 15.87 47.47 -10.03
CA LEU A 249 15.38 48.81 -9.71
C LEU A 249 15.50 49.78 -10.88
N GLY A 250 16.15 49.40 -11.96
CA GLY A 250 16.28 50.26 -13.14
C GLY A 250 17.45 51.23 -12.96
N TRP A 251 18.36 50.99 -12.03
CA TRP A 251 19.49 51.87 -11.77
C TRP A 251 20.57 51.80 -12.83
N ASN A 252 21.22 52.93 -13.10
CA ASN A 252 22.26 52.91 -14.17
C ASN A 252 23.60 52.52 -13.54
N HIS A 253 23.94 51.24 -13.54
CA HIS A 253 25.15 50.74 -12.89
C HIS A 253 26.27 50.47 -13.89
N GLY A 254 25.87 50.28 -15.13
CA GLY A 254 26.75 50.06 -16.26
C GLY A 254 27.64 48.84 -16.25
N THR A 255 27.33 47.77 -15.54
CA THR A 255 28.14 46.57 -15.50
C THR A 255 27.35 45.43 -16.16
N ASP A 256 28.02 44.31 -16.38
CA ASP A 256 27.36 43.13 -16.92
C ASP A 256 27.06 42.12 -15.81
N LEU A 257 25.77 42.02 -15.48
CA LEU A 257 25.34 41.13 -14.39
C LEU A 257 25.76 39.69 -14.56
N TYR A 258 25.49 39.09 -15.74
CA TYR A 258 25.82 37.64 -15.84
C TYR A 258 27.29 37.37 -15.73
N THR A 259 28.19 38.23 -16.24
CA THR A 259 29.62 38.08 -16.09
C THR A 259 30.02 38.04 -14.62
N LEU A 260 29.41 38.92 -13.81
CA LEU A 260 29.68 38.97 -12.39
C LEU A 260 29.14 37.73 -11.66
N MET A 261 27.92 37.29 -11.98
CA MET A 261 27.38 36.11 -11.33
C MET A 261 28.23 34.88 -11.63
N ASP A 262 28.69 34.76 -12.87
CA ASP A 262 29.52 33.62 -13.23
C ASP A 262 30.87 33.71 -12.54
N ALA A 263 31.50 34.89 -12.51
CA ALA A 263 32.80 35.04 -11.89
C ALA A 263 32.77 34.74 -10.41
N ALA A 264 31.68 35.18 -9.74
CA ALA A 264 31.54 34.94 -8.31
C ALA A 264 31.57 33.48 -7.95
N ASP A 265 30.81 32.61 -8.70
CA ASP A 265 30.78 31.21 -8.32
C ASP A 265 31.80 30.30 -9.01
N ASP A 266 32.23 30.68 -10.19
CA ASP A 266 33.17 29.89 -10.97
C ASP A 266 34.62 30.25 -10.66
N ILE A 267 34.91 31.52 -10.34
CA ILE A 267 36.31 31.85 -10.03
C ILE A 267 36.59 32.10 -8.55
N VAL A 268 35.75 32.97 -7.95
CA VAL A 268 36.04 33.41 -6.59
C VAL A 268 35.63 32.46 -5.49
N ARG A 269 34.39 31.97 -5.54
CA ARG A 269 33.90 31.09 -4.47
C ARG A 269 34.74 29.86 -4.22
N PRO A 270 35.27 29.15 -5.23
CA PRO A 270 36.13 28.00 -5.05
C PRO A 270 37.43 28.28 -4.36
N LEU A 271 37.86 29.57 -4.34
CA LEU A 271 39.10 29.89 -3.61
C LEU A 271 38.91 30.01 -2.12
N GLN A 272 37.65 30.09 -1.63
CA GLN A 272 37.41 30.19 -0.21
C GLN A 272 37.79 28.92 0.54
N ASP A 273 38.49 29.04 1.66
CA ASP A 273 38.74 27.87 2.47
C ASP A 273 37.94 27.90 3.76
N ARG A 274 37.37 29.01 4.17
CA ARG A 274 36.48 29.19 5.31
C ARG A 274 35.35 29.99 4.65
N PRO A 275 34.15 29.43 4.56
CA PRO A 275 33.08 30.06 3.81
C PRO A 275 32.79 31.43 4.34
N VAL A 276 32.66 32.32 3.37
CA VAL A 276 32.34 33.72 3.64
C VAL A 276 30.83 33.84 3.69
N ARG A 277 30.32 33.80 4.93
CA ARG A 277 28.88 33.82 5.14
C ARG A 277 28.54 34.36 6.54
N VAL A 278 27.25 34.63 6.73
CA VAL A 278 26.79 34.97 8.07
C VAL A 278 26.56 33.69 8.89
N ASP A 279 27.30 33.54 9.98
CA ASP A 279 27.09 32.38 10.86
C ASP A 279 27.27 32.84 12.28
N ARG A 280 27.36 31.93 13.26
CA ARG A 280 27.46 32.34 14.67
C ARG A 280 28.61 33.32 14.90
N GLU A 281 29.79 33.01 14.32
CA GLU A 281 30.96 33.85 14.49
C GLU A 281 30.85 35.19 13.79
N THR A 282 30.48 35.20 12.51
CA THR A 282 30.45 36.50 11.81
C THR A 282 29.27 37.34 12.26
N LEU A 283 28.15 36.69 12.66
CA LEU A 283 27.06 37.44 13.26
C LEU A 283 27.52 38.09 14.55
N GLY A 284 28.39 37.41 15.32
CA GLY A 284 28.96 37.97 16.52
C GLY A 284 29.78 39.24 16.23
N LEU A 285 30.46 39.31 15.09
CA LEU A 285 31.20 40.54 14.75
C LEU A 285 30.26 41.72 14.61
N GLY A 286 29.17 41.48 13.86
CA GLY A 286 28.20 42.53 13.60
C GLY A 286 27.47 42.97 14.86
N TYR A 287 27.13 42.00 15.71
CA TYR A 287 26.39 42.33 16.94
C TYR A 287 27.22 43.14 17.90
N ALA A 288 28.47 42.75 18.08
CA ALA A 288 29.42 43.45 18.96
C ALA A 288 30.06 44.67 18.31
N GLY A 289 30.03 44.76 17.01
CA GLY A 289 30.66 45.90 16.31
C GLY A 289 32.18 45.76 16.34
N VAL A 290 32.67 44.57 15.99
CA VAL A 290 34.11 44.27 16.00
C VAL A 290 34.69 44.29 14.59
N TYR A 291 35.82 44.95 14.40
CA TYR A 291 36.54 45.06 13.12
C TYR A 291 36.56 43.72 12.41
N SER A 292 35.96 43.64 11.22
CA SER A 292 35.72 42.30 10.63
C SER A 292 36.95 41.48 10.30
N SER A 293 38.08 42.12 10.00
CA SER A 293 39.29 41.33 9.71
C SER A 293 39.74 40.49 10.87
N PHE A 294 39.31 40.75 12.12
CA PHE A 294 39.68 39.94 13.26
C PHE A 294 39.14 38.51 13.15
N LEU A 295 38.18 38.22 12.28
CA LEU A 295 37.57 36.88 12.24
C LEU A 295 38.56 35.72 12.24
N ARG A 296 39.33 35.57 11.16
CA ARG A 296 40.21 34.41 11.04
C ARG A 296 41.27 34.35 12.11
N HIS A 297 41.78 35.53 12.54
CA HIS A 297 42.76 35.58 13.60
C HIS A 297 42.11 35.13 14.91
N ALA A 298 40.82 35.49 15.12
CA ALA A 298 40.17 34.99 16.32
C ALA A 298 39.87 33.47 16.21
N GLU A 299 39.59 32.97 15.00
CA GLU A 299 39.34 31.52 14.87
C GLU A 299 40.62 30.74 15.11
N ILE A 300 41.75 31.29 14.70
CA ILE A 300 43.06 30.67 14.91
C ILE A 300 43.42 30.66 16.38
N ALA A 301 43.10 31.73 17.09
CA ALA A 301 43.41 31.83 18.51
C ALA A 301 42.49 30.85 19.26
N ALA A 302 41.23 30.79 18.84
CA ALA A 302 40.27 29.87 19.44
C ALA A 302 40.78 28.43 19.35
N ALA A 303 41.25 28.02 18.19
CA ALA A 303 41.80 26.66 18.08
C ALA A 303 43.11 26.53 18.82
N LYS A 304 44.01 27.50 18.90
CA LYS A 304 45.28 27.36 19.59
C LYS A 304 45.14 27.26 21.11
N TYR A 305 44.28 28.09 21.68
CA TYR A 305 44.10 28.18 23.11
C TYR A 305 42.91 27.42 23.69
N ASN A 306 42.15 26.73 22.89
CA ASN A 306 40.99 25.93 23.20
C ASN A 306 39.84 26.72 23.78
N LEU A 307 39.41 27.75 23.04
CA LEU A 307 38.35 28.63 23.46
C LEU A 307 37.29 28.72 22.37
N LYS A 308 36.18 29.36 22.70
CA LYS A 308 35.14 29.58 21.68
C LYS A 308 35.44 30.87 20.94
N THR A 309 35.50 30.89 19.61
CA THR A 309 35.69 32.15 18.87
C THR A 309 34.70 33.24 19.28
N LEU A 310 33.42 32.88 19.48
CA LEU A 310 32.45 33.92 19.86
C LEU A 310 32.79 34.59 21.18
N ASP A 311 33.35 33.85 22.14
CA ASP A 311 33.72 34.45 23.41
C ASP A 311 34.85 35.46 23.18
N ILE A 312 35.79 35.10 22.28
CA ILE A 312 36.88 36.04 21.96
C ILE A 312 36.35 37.30 21.33
N LEU A 313 35.44 37.21 20.36
CA LEU A 313 34.88 38.37 19.70
C LEU A 313 34.06 39.24 20.64
N VAL A 314 33.24 38.62 21.48
CA VAL A 314 32.44 39.39 22.46
C VAL A 314 33.36 40.22 23.36
N GLU A 315 34.43 39.65 23.92
CA GLU A 315 35.38 40.42 24.70
C GLU A 315 36.06 41.51 23.90
N LEU A 316 36.46 41.27 22.64
CA LEU A 316 37.08 42.29 21.83
C LEU A 316 36.09 43.44 21.69
N GLY A 317 34.82 43.14 21.51
CA GLY A 317 33.80 44.21 21.46
C GLY A 317 33.81 45.06 22.73
N HIS A 318 33.84 44.38 23.88
CA HIS A 318 33.88 45.07 25.15
C HIS A 318 35.13 45.94 25.29
N ARG A 319 36.25 45.50 24.71
CA ARG A 319 37.50 46.25 24.76
C ARG A 319 37.56 47.43 23.80
N ARG A 320 36.61 47.60 22.92
CA ARG A 320 36.54 48.73 22.02
C ARG A 320 37.84 48.87 21.22
N MET A 321 38.14 47.77 20.52
CA MET A 321 39.35 47.82 19.67
C MET A 321 39.04 48.42 18.32
N VAL A 322 40.08 48.94 17.66
CA VAL A 322 39.94 49.51 16.33
C VAL A 322 40.69 48.66 15.29
N GLY A 323 40.57 49.11 14.06
CA GLY A 323 41.24 48.44 12.95
C GLY A 323 42.73 48.34 13.22
N GLY A 324 43.29 47.17 12.79
CA GLY A 324 44.74 47.02 13.00
C GLY A 324 45.16 46.39 14.32
N GLN A 325 44.26 46.28 15.31
CA GLN A 325 44.61 45.77 16.62
C GLN A 325 44.51 44.26 16.80
N GLU A 326 44.95 43.50 15.79
CA GLU A 326 44.90 42.04 15.81
C GLU A 326 45.76 41.49 16.95
N ASP A 327 46.83 42.19 17.35
CA ASP A 327 47.63 41.65 18.46
C ASP A 327 46.80 41.56 19.75
N MET A 328 45.72 42.35 19.88
CA MET A 328 44.88 42.26 21.08
C MET A 328 44.02 41.02 21.10
N ILE A 329 43.89 40.32 19.97
CA ILE A 329 43.14 39.06 19.92
C ILE A 329 43.80 37.98 20.77
N VAL A 330 45.12 37.82 20.63
CA VAL A 330 45.82 36.87 21.51
C VAL A 330 45.77 37.35 22.96
N ASP A 331 45.89 38.67 23.14
CA ASP A 331 45.79 39.21 24.51
C ASP A 331 44.47 38.79 25.13
N VAL A 332 43.35 39.02 24.45
CA VAL A 332 42.02 38.60 24.95
C VAL A 332 41.96 37.11 25.18
N ALA A 333 42.49 36.29 24.24
CA ALA A 333 42.47 34.84 24.43
C ALA A 333 43.23 34.41 25.69
N LEU A 334 44.42 34.90 25.93
CA LEU A 334 45.21 34.60 27.11
C LEU A 334 44.47 35.04 28.36
N ASP A 335 43.84 36.22 28.33
CA ASP A 335 43.07 36.71 29.48
C ASP A 335 41.85 35.83 29.71
N LEU A 336 41.21 35.32 28.66
CA LEU A 336 40.03 34.45 28.85
C LEU A 336 40.47 33.14 29.51
N LEU A 337 41.58 32.58 29.09
CA LEU A 337 42.10 31.37 29.71
C LEU A 337 42.39 31.60 31.19
N ALA A 338 43.02 32.71 31.55
CA ALA A 338 43.30 33.01 32.94
C ALA A 338 42.00 33.19 33.72
N ALA A 339 41.02 33.86 33.14
CA ALA A 339 39.74 34.11 33.78
C ALA A 339 39.02 32.80 34.11
N HIS A 340 39.02 31.89 33.13
CA HIS A 340 38.37 30.60 33.28
C HIS A 340 39.06 29.75 34.35
N LYS A 341 40.36 29.89 34.53
CA LYS A 341 41.05 29.12 35.57
C LYS A 341 40.66 29.62 36.96
N MET B 1 73.29 66.21 41.63
CA MET B 1 74.09 66.90 42.64
C MET B 1 73.93 68.42 42.65
N ASN B 2 74.89 69.10 43.32
CA ASN B 2 74.74 70.56 43.39
C ASN B 2 75.04 71.29 42.08
N GLN B 3 76.13 70.95 41.42
CA GLN B 3 76.50 71.66 40.19
C GLN B 3 75.79 71.05 38.99
N LYS B 4 74.71 71.64 38.50
CA LYS B 4 74.01 71.01 37.36
C LYS B 4 74.12 71.81 36.08
N LEU B 5 74.04 71.16 34.92
CA LEU B 5 74.10 71.90 33.65
C LEU B 5 72.68 72.29 33.24
N LYS B 6 72.51 73.42 32.54
CA LYS B 6 71.15 73.83 32.22
C LYS B 6 70.68 73.31 30.87
N VAL B 7 69.36 73.09 30.80
CA VAL B 7 68.72 72.58 29.60
C VAL B 7 67.56 73.45 29.13
N ALA B 8 67.25 73.30 27.84
CA ALA B 8 66.06 73.87 27.25
C ALA B 8 65.26 72.69 26.63
N ILE B 9 63.97 72.89 26.61
CA ILE B 9 63.06 71.90 25.97
C ILE B 9 62.30 72.74 24.93
N ILE B 10 62.36 72.26 23.68
CA ILE B 10 61.64 72.96 22.63
C ILE B 10 60.42 72.10 22.32
N GLY B 11 59.24 72.63 22.52
CA GLY B 11 58.00 71.84 22.29
C GLY B 11 57.32 71.73 23.65
N SER B 12 56.24 72.48 23.89
CA SER B 12 55.59 72.50 25.19
C SER B 12 54.32 71.65 25.21
N GLY B 13 54.37 70.54 24.49
CA GLY B 13 53.22 69.69 24.33
C GLY B 13 53.24 68.49 25.25
N ASN B 14 52.68 67.34 24.81
CA ASN B 14 52.61 66.20 25.69
C ASN B 14 53.94 65.66 26.15
N ILE B 15 54.81 65.41 25.17
CA ILE B 15 56.13 64.91 25.44
C ILE B 15 57.00 65.97 26.13
N GLY B 16 57.03 67.19 25.63
CA GLY B 16 57.94 68.21 26.21
C GLY B 16 57.62 68.48 27.66
N THR B 17 56.34 68.57 27.99
CA THR B 17 55.89 68.89 29.34
C THR B 17 56.11 67.74 30.30
N ASP B 18 55.86 66.50 29.87
CA ASP B 18 56.21 65.36 30.69
C ASP B 18 57.73 65.33 30.93
N LEU B 19 58.55 65.65 29.92
CA LEU B 19 59.99 65.65 30.06
C LEU B 19 60.45 66.77 31.03
N MET B 20 59.79 67.93 30.96
CA MET B 20 60.16 69.00 31.93
C MET B 20 59.92 68.57 33.36
N ILE B 21 58.82 67.93 33.67
CA ILE B 21 58.50 67.48 35.02
C ILE B 21 59.55 66.46 35.45
N LYS B 22 59.97 65.57 34.56
CA LYS B 22 61.02 64.61 34.94
C LYS B 22 62.35 65.31 35.23
N VAL B 23 62.71 66.34 34.49
CA VAL B 23 63.98 67.04 34.73
C VAL B 23 63.87 67.68 36.12
N LEU B 24 62.77 68.39 36.30
CA LEU B 24 62.56 69.10 37.56
C LEU B 24 62.68 68.16 38.75
N ARG B 25 61.92 67.05 38.72
CA ARG B 25 61.87 66.13 39.82
C ARG B 25 63.03 65.19 39.96
N ASN B 26 63.56 64.65 38.87
CA ASN B 26 64.52 63.56 39.01
C ASN B 26 65.89 63.73 38.47
N ALA B 27 66.16 64.77 37.70
CA ALA B 27 67.48 64.91 37.10
C ALA B 27 68.51 65.22 38.20
N LYS B 28 69.66 64.58 38.09
CA LYS B 28 70.76 64.78 39.02
C LYS B 28 71.87 65.66 38.48
N TYR B 29 72.11 65.70 37.18
CA TYR B 29 73.16 66.45 36.55
C TYR B 29 72.62 67.62 35.73
N LEU B 30 71.31 67.70 35.61
CA LEU B 30 70.69 68.72 34.76
C LEU B 30 69.63 69.51 35.46
N GLU B 31 69.38 70.74 35.01
CA GLU B 31 68.28 71.51 35.60
C GLU B 31 67.61 72.34 34.50
N MET B 32 66.34 72.66 34.66
CA MET B 32 65.65 73.46 33.65
C MET B 32 66.23 74.85 33.48
N GLY B 33 66.52 75.24 32.27
CA GLY B 33 66.94 76.54 31.79
C GLY B 33 65.77 77.24 31.11
N ALA B 34 65.09 76.59 30.14
CA ALA B 34 63.93 77.25 29.55
C ALA B 34 62.99 76.22 28.88
N MET B 35 61.73 76.59 28.83
CA MET B 35 60.73 75.78 28.09
C MET B 35 60.34 76.71 26.93
N VAL B 36 60.39 76.20 25.70
CA VAL B 36 60.21 76.95 24.48
C VAL B 36 59.02 76.48 23.64
N GLY B 37 58.09 77.35 23.37
CA GLY B 37 56.91 76.94 22.58
C GLY B 37 56.62 77.98 21.51
N ILE B 38 55.53 77.81 20.77
CA ILE B 38 55.16 78.74 19.71
C ILE B 38 53.72 79.18 19.92
N ASP B 39 53.12 78.67 20.98
CA ASP B 39 51.74 79.01 21.31
C ASP B 39 51.67 79.57 22.72
N ALA B 40 51.42 80.89 22.84
CA ALA B 40 51.37 81.52 24.15
C ALA B 40 50.35 80.91 25.10
N ALA B 41 49.30 80.29 24.57
CA ALA B 41 48.24 79.67 25.31
C ALA B 41 48.50 78.18 25.59
N SER B 42 49.66 77.70 25.16
CA SER B 42 49.99 76.29 25.38
C SER B 42 49.92 75.94 26.85
N ASP B 43 49.32 74.81 27.19
CA ASP B 43 49.23 74.35 28.56
C ASP B 43 50.61 74.12 29.16
N GLY B 44 51.54 73.61 28.37
CA GLY B 44 52.90 73.31 28.81
C GLY B 44 53.64 74.58 29.28
N LEU B 45 53.40 75.69 28.56
CA LEU B 45 54.05 76.94 28.97
C LEU B 45 53.45 77.43 30.28
N ALA B 46 52.13 77.32 30.43
CA ALA B 46 51.49 77.71 31.67
C ALA B 46 52.05 76.87 32.81
N ARG B 47 52.16 75.56 32.57
CA ARG B 47 52.73 74.64 33.55
C ARG B 47 54.18 74.99 33.86
N ALA B 48 54.98 75.37 32.90
CA ALA B 48 56.38 75.75 33.09
C ALA B 48 56.46 77.00 33.98
N GLN B 49 55.58 77.96 33.70
CA GLN B 49 55.52 79.18 34.50
C GLN B 49 55.15 78.95 35.95
N ARG B 50 54.18 78.08 36.22
CA ARG B 50 53.76 77.79 37.57
C ARG B 50 54.87 77.10 38.36
N MET B 51 55.74 76.39 37.68
CA MET B 51 56.86 75.69 38.31
C MET B 51 58.14 76.49 38.30
N GLY B 52 58.09 77.79 37.95
CA GLY B 52 59.22 78.68 37.96
C GLY B 52 60.19 78.66 36.81
N VAL B 53 59.88 77.91 35.74
CA VAL B 53 60.77 77.82 34.61
C VAL B 53 60.60 78.95 33.60
N THR B 54 61.68 79.54 33.12
CA THR B 54 61.64 80.60 32.13
C THR B 54 60.97 80.09 30.85
N THR B 55 60.11 80.87 30.24
CA THR B 55 59.47 80.43 29.00
C THR B 55 59.59 81.46 27.90
N THR B 56 59.31 81.02 26.66
CA THR B 56 59.25 81.86 25.50
C THR B 56 58.25 81.20 24.52
N TYR B 57 57.48 82.02 23.82
CA TYR B 57 56.57 81.49 22.80
C TYR B 57 57.06 82.00 21.46
N ALA B 58 58.36 82.36 21.40
CA ALA B 58 58.97 82.82 20.17
C ALA B 58 59.91 81.80 19.52
N GLY B 59 59.60 80.52 19.75
CA GLY B 59 60.33 79.46 19.10
C GLY B 59 61.81 79.45 19.43
N VAL B 60 62.51 78.73 18.56
CA VAL B 60 63.95 78.54 18.75
C VAL B 60 64.74 79.83 18.57
N GLU B 61 64.28 80.79 17.77
CA GLU B 61 64.97 82.09 17.67
C GLU B 61 64.76 82.83 18.98
N GLY B 62 63.63 82.62 19.65
CA GLY B 62 63.34 83.21 20.93
C GLY B 62 64.23 82.65 22.03
N LEU B 63 64.47 81.32 21.95
CA LEU B 63 65.29 80.67 22.96
C LEU B 63 66.73 81.19 22.86
N ILE B 64 67.24 81.36 21.67
CA ILE B 64 68.60 81.78 21.37
C ILE B 64 68.83 83.20 21.89
N LYS B 65 67.77 84.00 21.99
CA LYS B 65 67.89 85.34 22.56
C LYS B 65 67.66 85.38 24.05
N LEU B 66 67.22 84.37 24.79
CA LEU B 66 67.03 84.57 26.23
C LEU B 66 68.37 84.77 26.92
N PRO B 67 68.40 85.44 28.07
CA PRO B 67 69.62 85.61 28.83
C PRO B 67 70.19 84.25 29.23
N GLU B 68 69.30 83.35 29.65
CA GLU B 68 69.60 81.99 30.01
C GLU B 68 70.26 81.15 28.93
N PHE B 69 70.14 81.50 27.66
CA PHE B 69 70.76 80.71 26.62
C PHE B 69 72.26 80.60 26.77
N ALA B 70 72.93 81.66 27.27
CA ALA B 70 74.38 81.58 27.45
C ALA B 70 74.81 80.40 28.28
N ASP B 71 74.04 79.99 29.27
CA ASP B 71 74.29 78.87 30.14
C ASP B 71 73.52 77.59 29.77
N ILE B 72 72.93 77.50 28.58
CA ILE B 72 72.24 76.22 28.26
C ILE B 72 73.17 75.35 27.42
N ASP B 73 73.44 74.13 27.89
CA ASP B 73 74.30 73.21 27.16
C ASP B 73 73.57 72.07 26.45
N PHE B 74 72.34 71.79 26.85
CA PHE B 74 71.56 70.71 26.23
C PHE B 74 70.22 71.25 25.73
N VAL B 75 69.73 70.74 24.60
CA VAL B 75 68.39 71.07 24.13
C VAL B 75 67.67 69.75 23.73
N PHE B 76 66.49 69.59 24.27
CA PHE B 76 65.66 68.42 23.93
C PHE B 76 64.62 68.90 22.92
N ASP B 77 64.51 68.22 21.78
CA ASP B 77 63.53 68.67 20.80
C ASP B 77 62.30 67.76 20.86
N ALA B 78 61.17 68.30 21.27
CA ALA B 78 59.91 67.55 21.32
C ALA B 78 58.85 68.28 20.48
N THR B 79 59.25 68.66 19.29
CA THR B 79 58.35 69.42 18.41
C THR B 79 57.82 68.46 17.34
N SER B 80 58.49 68.32 16.23
CA SER B 80 58.05 67.39 15.18
C SER B 80 59.25 67.11 14.29
N ALA B 81 59.23 66.01 13.53
CA ALA B 81 60.41 65.67 12.73
C ALA B 81 60.81 66.76 11.75
N SER B 82 59.83 67.42 11.11
CA SER B 82 60.21 68.48 10.16
C SER B 82 60.83 69.67 10.87
N ALA B 83 60.31 70.02 12.04
CA ALA B 83 60.86 71.18 12.76
C ALA B 83 62.24 70.92 13.33
N HIS B 84 62.59 69.68 13.66
CA HIS B 84 63.93 69.38 14.16
C HIS B 84 65.03 69.79 13.20
N VAL B 85 64.83 69.61 11.91
CA VAL B 85 65.82 69.98 10.91
C VAL B 85 66.26 71.42 11.11
N GLN B 86 65.30 72.34 11.14
CA GLN B 86 65.54 73.76 11.30
C GLN B 86 66.03 74.09 12.70
N ASN B 87 65.51 73.37 13.70
CA ASN B 87 65.94 73.59 15.07
C ASN B 87 67.43 73.30 15.26
N GLU B 88 67.86 72.16 14.74
CA GLU B 88 69.26 71.78 14.80
C GLU B 88 70.09 72.85 14.09
N ALA B 89 69.69 73.17 12.86
CA ALA B 89 70.40 74.17 12.06
C ALA B 89 70.68 75.44 12.86
N LEU B 90 69.64 76.09 13.39
CA LEU B 90 69.77 77.31 14.16
C LEU B 90 70.60 77.23 15.42
N LEU B 91 70.37 76.18 16.22
CA LEU B 91 71.07 76.03 17.48
C LEU B 91 72.56 75.81 17.25
N ARG B 92 72.88 75.02 16.23
CA ARG B 92 74.24 74.68 15.88
C ARG B 92 75.04 75.95 15.50
N GLN B 93 74.40 76.88 14.84
CA GLN B 93 75.08 78.13 14.45
C GLN B 93 75.26 79.08 15.61
N ALA B 94 74.32 79.07 16.53
CA ALA B 94 74.36 79.94 17.70
C ALA B 94 75.31 79.39 18.76
N LYS B 95 75.42 78.06 18.83
CA LYS B 95 76.30 77.45 19.84
C LYS B 95 76.73 76.09 19.34
N PRO B 96 77.93 76.07 18.76
CA PRO B 96 78.51 74.90 18.14
C PRO B 96 78.63 73.67 19.03
N GLY B 97 78.84 73.79 20.31
CA GLY B 97 78.99 72.62 21.16
C GLY B 97 77.71 72.21 21.89
N ILE B 98 76.58 72.78 21.52
CA ILE B 98 75.34 72.45 22.22
C ILE B 98 74.96 71.00 21.89
N ARG B 99 74.40 70.35 22.90
CA ARG B 99 74.01 68.93 22.71
C ARG B 99 72.52 68.91 22.38
N LEU B 100 72.17 68.30 21.26
CA LEU B 100 70.74 68.19 20.90
C LEU B 100 70.32 66.74 21.18
N ILE B 101 69.21 66.59 21.90
CA ILE B 101 68.65 65.25 22.16
C ILE B 101 67.30 65.29 21.42
N ASP B 102 67.17 64.53 20.34
CA ASP B 102 65.99 64.56 19.47
C ASP B 102 64.93 63.55 19.90
N LEU B 103 63.74 64.01 20.24
CA LEU B 103 62.70 63.07 20.70
C LEU B 103 61.72 62.83 19.56
N THR B 104 61.97 63.48 18.44
CA THR B 104 61.16 63.26 17.24
C THR B 104 61.82 62.15 16.41
N PRO B 105 61.13 61.60 15.41
CA PRO B 105 61.72 60.57 14.56
C PRO B 105 62.54 61.11 13.41
N ALA B 106 62.99 62.36 13.42
CA ALA B 106 63.76 62.97 12.33
C ALA B 106 65.01 62.14 12.08
N ALA B 107 65.70 61.82 13.16
CA ALA B 107 66.88 60.96 13.08
C ALA B 107 67.99 61.54 12.22
N ILE B 108 68.38 62.79 12.53
CA ILE B 108 69.54 63.33 11.82
C ILE B 108 70.79 62.90 12.56
N GLY B 109 70.68 62.41 13.78
CA GLY B 109 71.80 61.89 14.57
C GLY B 109 71.54 60.40 14.79
N PRO B 110 72.50 59.67 15.37
CA PRO B 110 72.36 58.24 15.55
C PRO B 110 71.39 57.85 16.65
N TYR B 111 70.86 56.61 16.55
CA TYR B 111 69.91 56.13 17.53
C TYR B 111 70.49 55.71 18.88
N CYS B 112 69.75 56.04 19.92
CA CYS B 112 70.03 55.62 21.25
C CYS B 112 68.81 55.05 21.98
N VAL B 113 68.95 53.80 22.42
CA VAL B 113 68.01 53.10 23.29
C VAL B 113 68.85 52.67 24.49
N PRO B 114 68.75 53.42 25.59
CA PRO B 114 69.67 53.28 26.70
C PRO B 114 69.97 51.89 27.17
N VAL B 115 68.96 51.02 27.37
CA VAL B 115 69.29 49.68 27.85
C VAL B 115 70.08 48.86 26.86
N VAL B 116 70.13 49.27 25.62
CA VAL B 116 70.93 48.57 24.62
C VAL B 116 72.26 49.26 24.36
N ASN B 117 72.29 50.57 24.07
CA ASN B 117 73.52 51.24 23.65
C ASN B 117 73.75 52.63 24.26
N LEU B 118 73.41 52.83 25.53
CA LEU B 118 73.56 54.14 26.15
C LEU B 118 74.97 54.70 26.00
N GLU B 119 75.99 53.86 26.21
CA GLU B 119 77.36 54.38 26.14
C GLU B 119 77.86 54.74 24.77
N GLU B 120 77.25 54.26 23.70
CA GLU B 120 77.74 54.42 22.35
C GLU B 120 77.88 55.82 21.83
N HIS B 121 76.85 56.64 21.97
CA HIS B 121 76.88 57.95 21.32
C HIS B 121 76.93 59.10 22.28
N LEU B 122 77.53 58.96 23.45
CA LEU B 122 77.63 59.99 24.45
C LEU B 122 78.49 61.19 24.00
N GLY B 123 79.36 61.06 23.02
CA GLY B 123 80.13 62.21 22.55
C GLY B 123 79.50 62.87 21.33
N LYS B 124 78.31 62.42 20.93
CA LYS B 124 77.68 62.98 19.73
C LYS B 124 76.92 64.24 20.08
N LEU B 125 76.88 65.23 19.19
CA LEU B 125 76.20 66.49 19.51
C LEU B 125 74.76 66.51 19.03
N ASN B 126 74.28 65.39 18.48
CA ASN B 126 72.87 65.27 18.09
C ASN B 126 72.56 63.76 18.21
N VAL B 127 71.73 63.40 19.17
CA VAL B 127 71.41 61.96 19.32
C VAL B 127 69.90 61.80 19.16
N ASN B 128 69.48 60.79 18.40
CA ASN B 128 68.06 60.56 18.18
C ASN B 128 67.49 59.48 19.10
N MET B 129 66.30 59.68 19.65
CA MET B 129 65.69 58.77 20.59
C MET B 129 64.67 57.84 19.96
N VAL B 130 64.72 57.68 18.64
CA VAL B 130 63.83 56.78 17.90
C VAL B 130 62.40 57.23 18.09
N THR B 131 61.56 56.43 18.73
CA THR B 131 60.15 56.75 18.95
C THR B 131 59.68 56.09 20.25
N CYS B 132 58.45 56.33 20.69
CA CYS B 132 57.96 55.65 21.88
C CYS B 132 57.94 54.14 21.59
N GLY B 133 57.42 53.77 20.42
CA GLY B 133 57.34 52.36 20.07
C GLY B 133 58.73 51.73 20.09
N GLY B 134 59.70 52.41 19.46
CA GLY B 134 61.08 51.99 19.48
C GLY B 134 61.65 51.79 20.87
N GLN B 135 61.47 52.80 21.76
CA GLN B 135 62.02 52.66 23.11
C GLN B 135 61.38 51.51 23.88
N ALA B 136 60.09 51.24 23.67
CA ALA B 136 59.42 50.15 24.34
C ALA B 136 59.76 48.77 23.76
N THR B 137 60.04 48.70 22.46
CA THR B 137 60.15 47.40 21.82
C THR B 137 61.51 46.97 21.34
N ILE B 138 62.39 47.95 21.07
CA ILE B 138 63.75 47.60 20.66
C ILE B 138 64.45 46.81 21.74
N PRO B 139 64.31 47.10 23.03
CA PRO B 139 64.89 46.23 24.04
C PRO B 139 64.46 44.77 23.90
N MET B 140 63.18 44.46 23.57
CA MET B 140 62.78 43.08 23.41
C MET B 140 63.40 42.45 22.17
N VAL B 141 63.57 43.18 21.08
CA VAL B 141 64.25 42.66 19.89
C VAL B 141 65.69 42.33 20.26
N ALA B 142 66.38 43.25 20.95
CA ALA B 142 67.76 43.01 21.38
C ALA B 142 67.85 41.82 22.33
N ALA B 143 66.83 41.62 23.15
CA ALA B 143 66.79 40.49 24.09
C ALA B 143 66.79 39.17 23.35
N VAL B 144 66.14 39.11 22.19
CA VAL B 144 66.15 37.89 21.39
C VAL B 144 67.45 37.81 20.59
N SER B 145 67.92 38.92 20.03
CA SER B 145 69.10 38.90 19.16
C SER B 145 70.36 38.52 19.93
N ARG B 146 70.38 38.73 21.25
CA ARG B 146 71.51 38.27 22.04
C ARG B 146 71.44 36.79 22.39
N VAL B 147 70.40 36.07 22.01
CA VAL B 147 70.27 34.64 22.20
C VAL B 147 70.36 33.92 20.86
N ALA B 148 69.74 34.49 19.83
CA ALA B 148 69.71 33.85 18.51
C ALA B 148 69.62 34.84 17.38
N LYS B 149 70.10 34.45 16.19
CA LYS B 149 70.04 35.33 15.03
C LYS B 149 68.60 35.71 14.69
N VAL B 150 68.37 37.00 14.52
CA VAL B 150 66.99 37.42 14.21
C VAL B 150 66.82 37.77 12.75
N HIS B 151 65.89 37.07 12.06
CA HIS B 151 65.63 37.34 10.66
C HIS B 151 64.68 38.53 10.39
N TYR B 152 63.74 38.68 11.31
CA TYR B 152 62.68 39.68 11.05
C TYR B 152 62.08 40.04 12.41
N ALA B 153 61.77 41.31 12.61
CA ALA B 153 61.17 41.70 13.89
C ALA B 153 60.15 42.79 13.55
N GLU B 154 58.98 42.61 14.19
CA GLU B 154 57.83 43.47 13.94
C GLU B 154 57.22 43.95 15.23
N ILE B 155 56.98 45.26 15.32
CA ILE B 155 56.39 45.82 16.53
C ILE B 155 55.12 46.56 16.17
N VAL B 156 54.15 46.47 17.09
CA VAL B 156 52.87 47.11 17.00
C VAL B 156 52.66 47.92 18.29
N ALA B 157 52.63 49.25 18.12
CA ALA B 157 52.45 50.12 19.27
C ALA B 157 51.04 50.70 19.19
N SER B 158 50.29 50.58 20.27
CA SER B 158 48.94 51.12 20.35
C SER B 158 48.82 52.09 21.52
N ILE B 159 48.42 53.33 21.19
CA ILE B 159 48.35 54.38 22.18
C ILE B 159 47.01 55.07 22.13
N SER B 160 46.66 55.69 23.29
CA SER B 160 45.44 56.44 23.35
C SER B 160 45.54 57.66 22.45
N SER B 161 44.48 57.92 21.68
CA SER B 161 44.47 59.08 20.79
C SER B 161 44.84 60.39 21.49
N LYS B 162 44.27 60.60 22.67
CA LYS B 162 44.50 61.84 23.44
C LYS B 162 45.94 62.09 23.81
N SER B 163 46.79 61.07 23.88
CA SER B 163 48.19 61.22 24.21
C SER B 163 49.06 61.55 23.02
N ALA B 164 48.52 61.46 21.80
CA ALA B 164 49.26 61.77 20.58
C ALA B 164 48.92 63.19 20.14
N GLY B 165 49.79 64.16 20.42
CA GLY B 165 49.41 65.50 19.96
C GLY B 165 49.67 65.69 18.49
N PRO B 166 49.34 66.90 17.97
CA PRO B 166 49.64 67.25 16.59
C PRO B 166 51.04 66.93 16.18
N GLY B 167 52.08 67.17 17.00
CA GLY B 167 53.45 66.83 16.64
C GLY B 167 53.60 65.36 16.25
N THR B 168 52.99 64.44 16.99
CA THR B 168 53.04 63.01 16.70
C THR B 168 52.32 62.71 15.39
N ARG B 169 51.13 63.34 15.25
CA ARG B 169 50.29 63.12 14.05
C ARG B 169 50.84 63.69 12.78
N ALA B 170 51.84 64.59 12.85
CA ALA B 170 52.48 65.06 11.62
C ALA B 170 53.66 64.17 11.24
N ASN B 171 54.05 63.17 12.00
CA ASN B 171 55.22 62.37 11.62
C ASN B 171 55.02 60.87 11.75
N ILE B 172 53.82 60.44 11.26
CA ILE B 172 53.48 59.01 11.37
C ILE B 172 54.30 58.20 10.38
N ASP B 173 54.56 58.70 9.19
CA ASP B 173 55.39 57.87 8.26
C ASP B 173 56.78 57.76 8.86
N GLU B 174 57.34 58.89 9.36
CA GLU B 174 58.66 58.83 9.99
C GLU B 174 58.70 57.92 11.20
N PHE B 175 57.62 57.84 11.98
CA PHE B 175 57.51 56.87 13.07
C PHE B 175 57.77 55.47 12.53
N THR B 176 57.06 55.02 11.49
CA THR B 176 57.25 53.66 11.00
C THR B 176 58.66 53.43 10.44
N GLU B 177 59.17 54.41 9.70
CA GLU B 177 60.49 54.29 9.05
C GLU B 177 61.64 54.31 10.03
N THR B 178 61.63 55.32 10.93
CA THR B 178 62.70 55.39 11.94
C THR B 178 62.66 54.19 12.86
N THR B 179 61.46 53.79 13.29
CA THR B 179 61.37 52.62 14.20
C THR B 179 61.85 51.36 13.53
N SER B 180 61.45 51.14 12.28
CA SER B 180 61.91 49.96 11.56
C SER B 180 63.42 49.89 11.39
N LYS B 181 64.03 51.02 11.04
CA LYS B 181 65.47 51.09 10.86
C LYS B 181 66.18 50.84 12.16
N ALA B 182 65.66 51.38 13.27
CA ALA B 182 66.29 51.20 14.56
C ALA B 182 66.12 49.77 15.08
N ILE B 183 65.03 49.11 14.75
CA ILE B 183 64.88 47.67 15.07
C ILE B 183 66.02 46.88 14.44
N GLU B 184 66.40 47.24 13.23
CA GLU B 184 67.54 46.60 12.56
C GLU B 184 68.87 47.01 13.19
N VAL B 185 69.14 48.30 13.18
CA VAL B 185 70.45 48.81 13.67
C VAL B 185 70.69 48.53 15.14
N ILE B 186 69.80 48.86 16.04
CA ILE B 186 69.95 48.65 17.46
C ILE B 186 69.47 47.27 17.94
N GLY B 187 68.31 46.81 17.41
CA GLY B 187 67.75 45.54 17.81
C GLY B 187 68.51 44.34 17.26
N GLY B 188 69.19 44.51 16.14
CA GLY B 188 69.94 43.39 15.56
C GLY B 188 69.09 42.58 14.59
N ALA B 189 67.88 43.06 14.23
CA ALA B 189 67.07 42.25 13.30
C ALA B 189 67.56 42.50 11.88
N ALA B 190 67.52 41.46 11.05
CA ALA B 190 67.90 41.69 9.65
C ALA B 190 66.86 42.55 8.95
N LYS B 191 65.59 42.46 9.36
CA LYS B 191 64.55 43.27 8.74
C LYS B 191 63.57 43.71 9.84
N GLY B 192 63.18 44.97 9.78
CA GLY B 192 62.26 45.43 10.84
C GLY B 192 61.00 45.97 10.19
N LYS B 193 59.91 46.00 10.96
CA LYS B 193 58.64 46.58 10.62
C LYS B 193 58.01 47.19 11.87
N ALA B 194 57.33 48.32 11.70
CA ALA B 194 56.69 48.97 12.84
C ALA B 194 55.32 49.51 12.42
N ILE B 195 54.36 49.31 13.31
CA ILE B 195 52.98 49.75 13.11
C ILE B 195 52.57 50.59 14.32
N ILE B 196 51.82 51.66 14.04
CA ILE B 196 51.33 52.47 15.14
C ILE B 196 49.82 52.60 14.94
C ILE B 196 49.83 52.72 14.97
N ILE B 197 49.08 52.44 16.03
CA ILE B 197 47.63 52.55 16.02
C ILE B 197 47.13 53.48 17.12
N MET B 198 46.22 54.42 16.83
CA MET B 198 45.66 55.25 17.90
C MET B 198 44.22 54.81 18.17
N ASN B 199 43.86 54.75 19.44
CA ASN B 199 42.50 54.28 19.78
C ASN B 199 41.92 55.31 20.75
N PRO B 200 40.80 55.92 20.41
CA PRO B 200 40.21 56.99 21.23
C PRO B 200 39.30 56.53 22.36
N ALA B 201 39.29 55.24 22.65
CA ALA B 201 38.41 54.71 23.69
C ALA B 201 38.55 55.45 25.00
N GLU B 202 37.45 55.45 25.73
CA GLU B 202 37.38 56.04 27.06
C GLU B 202 37.13 54.94 28.07
N PRO B 203 37.47 55.16 29.32
CA PRO B 203 38.73 55.64 29.81
C PRO B 203 39.87 55.30 28.84
N PRO B 204 40.80 56.22 28.69
CA PRO B 204 41.95 56.08 27.79
C PRO B 204 42.77 54.85 28.07
N LEU B 205 43.22 54.26 26.93
CA LEU B 205 43.96 53.02 27.03
C LEU B 205 45.44 53.22 27.34
N ILE B 206 45.90 52.30 28.17
CA ILE B 206 47.31 52.13 28.52
C ILE B 206 48.07 51.78 27.25
N MET B 207 49.28 52.28 27.12
CA MET B 207 50.03 51.97 25.89
C MET B 207 50.20 50.44 25.89
N ARG B 208 50.05 49.82 24.74
CA ARG B 208 50.37 48.39 24.63
C ARG B 208 51.36 48.33 23.46
N ASP B 209 52.30 47.42 23.58
CA ASP B 209 53.27 47.17 22.51
C ASP B 209 53.40 45.66 22.38
N THR B 210 53.30 45.16 21.14
CA THR B 210 53.46 43.73 20.91
C THR B 210 54.64 43.56 19.95
N VAL B 211 55.54 42.66 20.32
CA VAL B 211 56.74 42.44 19.54
C VAL B 211 56.76 41.01 19.04
N TYR B 212 56.88 40.86 17.74
CA TYR B 212 56.95 39.54 17.11
C TYR B 212 58.35 39.39 16.52
N VAL B 213 59.06 38.36 16.97
CA VAL B 213 60.44 38.19 16.55
C VAL B 213 60.62 36.81 15.91
N LEU B 214 61.12 36.80 14.68
CA LEU B 214 61.40 35.54 14.00
C LEU B 214 62.91 35.30 14.06
N SER B 215 63.34 34.30 14.79
CA SER B 215 64.79 34.03 14.90
C SER B 215 65.07 32.64 14.37
N ALA B 216 66.36 32.31 14.30
CA ALA B 216 66.72 30.91 14.04
C ALA B 216 66.26 30.12 15.27
N ALA B 217 66.29 28.78 15.10
CA ALA B 217 65.95 27.88 16.19
C ALA B 217 66.70 28.25 17.44
N ALA B 218 66.00 28.26 18.58
CA ALA B 218 66.60 28.67 19.83
C ALA B 218 65.91 28.06 21.05
N ASP B 219 66.65 28.09 22.17
CA ASP B 219 66.10 27.58 23.42
C ASP B 219 65.08 28.57 23.99
N GLN B 220 63.83 28.14 24.10
CA GLN B 220 62.74 28.98 24.58
C GLN B 220 62.97 29.51 25.99
N ALA B 221 63.46 28.65 26.90
CA ALA B 221 63.76 29.14 28.24
C ALA B 221 64.82 30.24 28.20
N ALA B 222 65.85 30.09 27.37
CA ALA B 222 66.88 31.13 27.30
C ALA B 222 66.32 32.45 26.74
N VAL B 223 65.49 32.34 25.70
CA VAL B 223 64.89 33.59 25.19
C VAL B 223 64.02 34.23 26.26
N ALA B 224 63.19 33.47 26.95
CA ALA B 224 62.32 34.04 27.97
C ALA B 224 63.09 34.69 29.12
N ALA B 225 64.20 34.07 29.54
CA ALA B 225 64.98 34.62 30.64
C ALA B 225 65.66 35.89 30.18
N SER B 226 66.09 35.95 28.93
CA SER B 226 66.73 37.16 28.38
C SER B 226 65.70 38.28 28.32
N VAL B 227 64.47 37.95 27.92
CA VAL B 227 63.40 38.96 27.88
C VAL B 227 63.20 39.50 29.31
N ALA B 228 63.05 38.59 30.27
CA ALA B 228 62.84 38.99 31.67
C ALA B 228 63.96 39.88 32.17
N GLU B 229 65.22 39.60 31.83
CA GLU B 229 66.33 40.44 32.28
C GLU B 229 66.20 41.85 31.67
N MET B 230 65.82 41.88 30.38
CA MET B 230 65.69 43.16 29.70
C MET B 230 64.53 43.96 30.30
N VAL B 231 63.40 43.32 30.58
CA VAL B 231 62.28 44.04 31.25
C VAL B 231 62.74 44.64 32.56
N GLN B 232 63.50 43.88 33.36
CA GLN B 232 64.06 44.40 34.60
C GLN B 232 64.95 45.61 34.33
N ALA B 233 65.76 45.63 33.28
CA ALA B 233 66.67 46.70 32.95
C ALA B 233 65.89 47.98 32.57
N VAL B 234 64.87 47.83 31.70
CA VAL B 234 64.06 49.00 31.37
C VAL B 234 63.32 49.53 32.59
N GLN B 235 62.89 48.65 33.48
CA GLN B 235 62.17 49.07 34.69
C GLN B 235 62.99 49.96 35.61
N ALA B 236 64.31 49.94 35.52
CA ALA B 236 65.16 50.84 36.31
C ALA B 236 64.92 52.29 35.88
N TYR B 237 64.42 52.52 34.67
CA TYR B 237 64.10 53.82 34.16
C TYR B 237 62.60 54.10 34.21
N VAL B 238 61.82 53.10 33.79
CA VAL B 238 60.37 53.25 33.74
C VAL B 238 59.72 52.11 34.48
N PRO B 239 59.37 52.31 35.76
CA PRO B 239 58.83 51.26 36.61
C PRO B 239 57.58 50.58 36.13
N GLY B 240 56.69 51.24 35.40
CA GLY B 240 55.45 50.69 34.91
C GLY B 240 55.58 49.92 33.59
N TYR B 241 56.78 49.75 33.10
CA TYR B 241 56.97 48.94 31.87
C TYR B 241 56.93 47.48 32.32
N ARG B 242 56.07 46.64 31.74
CA ARG B 242 56.04 45.27 32.20
C ARG B 242 55.38 44.37 31.15
N LEU B 243 55.70 43.08 31.28
CA LEU B 243 54.96 42.12 30.44
C LEU B 243 53.51 42.12 30.90
N LYS B 244 52.58 42.04 29.97
CA LYS B 244 51.15 41.84 30.22
C LYS B 244 50.82 40.36 30.13
N GLN B 245 51.68 39.62 29.41
CA GLN B 245 51.52 38.19 29.25
C GLN B 245 52.90 37.52 29.31
N GLN B 246 52.88 36.20 29.54
CA GLN B 246 54.15 35.49 29.49
C GLN B 246 54.59 35.51 28.02
N VAL B 247 55.87 35.37 27.81
CA VAL B 247 56.38 35.30 26.43
C VAL B 247 55.74 34.07 25.77
N GLN B 248 55.27 34.22 24.55
CA GLN B 248 54.63 33.15 23.80
C GLN B 248 55.60 32.67 22.72
N PHE B 249 55.56 31.37 22.43
CA PHE B 249 56.45 30.84 21.41
C PHE B 249 55.75 29.96 20.38
N ASP B 250 56.24 30.02 19.14
CA ASP B 250 55.74 29.10 18.11
C ASP B 250 56.95 28.56 17.35
N VAL B 251 57.12 27.23 17.32
CA VAL B 251 58.25 26.70 16.55
C VAL B 251 57.89 26.64 15.08
N ILE B 252 58.77 27.03 14.18
CA ILE B 252 58.52 26.98 12.74
C ILE B 252 59.51 25.99 12.12
N PRO B 253 59.07 24.79 11.76
CA PRO B 253 59.97 23.76 11.27
C PRO B 253 60.50 24.10 9.90
N GLU B 254 61.72 23.64 9.58
CA GLU B 254 62.32 23.85 8.27
C GLU B 254 61.53 23.11 7.21
N SER B 255 60.75 22.10 7.60
CA SER B 255 59.87 21.38 6.69
C SER B 255 58.61 22.13 6.34
N ALA B 256 58.35 23.26 7.00
CA ALA B 256 57.13 24.06 6.75
C ALA B 256 57.48 25.50 7.11
N PRO B 257 58.31 26.10 6.30
CA PRO B 257 58.83 27.44 6.55
C PRO B 257 57.78 28.52 6.33
N LEU B 258 58.09 29.66 6.94
CA LEU B 258 57.21 30.82 6.79
C LEU B 258 57.72 31.72 5.67
N ASN B 259 56.87 31.94 4.69
CA ASN B 259 57.16 32.80 3.57
C ASN B 259 56.87 34.26 3.90
N ILE B 260 57.89 35.15 3.83
CA ILE B 260 57.69 36.60 3.97
C ILE B 260 58.03 37.09 2.57
N PRO B 261 57.04 37.55 1.81
CA PRO B 261 57.14 37.79 0.38
C PRO B 261 58.24 38.76 0.01
N GLY B 262 59.16 38.28 -0.83
CA GLY B 262 60.32 39.10 -1.20
C GLY B 262 61.42 39.13 -0.15
N LEU B 263 61.26 38.57 1.04
CA LEU B 263 62.31 38.61 2.06
C LEU B 263 62.95 37.25 2.25
N GLY B 264 62.13 36.21 2.44
CA GLY B 264 62.70 34.86 2.58
C GLY B 264 61.68 33.80 2.95
N ARG B 265 62.19 32.59 3.13
CA ARG B 265 61.40 31.43 3.55
C ARG B 265 62.14 30.96 4.80
N PHE B 266 61.56 31.27 5.95
CA PHE B 266 62.29 31.14 7.20
C PHE B 266 61.80 30.03 8.10
N SER B 267 62.71 29.59 8.96
CA SER B 267 62.35 28.59 9.94
C SER B 267 63.11 28.95 11.22
N GLY B 268 62.68 28.38 12.33
CA GLY B 268 63.28 28.65 13.60
C GLY B 268 62.24 28.84 14.69
N LEU B 269 62.18 30.06 15.22
CA LEU B 269 61.29 30.32 16.37
C LEU B 269 60.60 31.67 16.21
N LYS B 270 59.33 31.68 16.59
CA LYS B 270 58.58 32.93 16.63
C LYS B 270 58.36 33.23 18.12
N THR B 271 58.86 34.38 18.55
CA THR B 271 58.70 34.82 19.94
C THR B 271 57.70 35.97 19.92
N SER B 272 56.69 35.94 20.79
CA SER B 272 55.69 36.99 20.81
C SER B 272 55.71 37.64 22.21
N VAL B 273 56.03 38.95 22.25
CA VAL B 273 56.08 39.58 23.59
C VAL B 273 54.97 40.62 23.70
N PHE B 274 54.21 40.56 24.77
CA PHE B 274 53.05 41.42 24.96
C PHE B 274 53.35 42.35 26.12
N LEU B 275 53.67 43.59 25.84
CA LEU B 275 53.97 44.54 26.91
C LEU B 275 52.82 45.49 27.16
N GLU B 276 52.81 46.12 28.35
CA GLU B 276 51.95 47.24 28.64
C GLU B 276 52.88 48.26 29.36
N VAL B 277 52.65 49.55 29.17
CA VAL B 277 53.57 50.54 29.76
C VAL B 277 52.75 51.59 30.51
N GLU B 278 52.77 51.52 31.82
CA GLU B 278 52.10 52.47 32.70
C GLU B 278 53.08 53.60 32.99
N GLY B 279 52.61 54.84 32.84
CA GLY B 279 53.48 55.98 33.14
C GLY B 279 53.30 56.46 34.60
N ALA B 280 54.16 57.43 34.95
CA ALA B 280 54.13 57.96 36.32
C ALA B 280 53.06 59.03 36.53
N ALA B 281 52.35 59.38 35.48
CA ALA B 281 51.28 60.36 35.55
C ALA B 281 51.79 61.74 35.96
N HIS B 282 52.96 62.10 35.43
CA HIS B 282 53.53 63.42 35.72
C HIS B 282 52.73 64.53 35.04
N TYR B 283 52.29 64.30 33.81
CA TYR B 283 51.58 65.31 33.04
C TYR B 283 50.20 64.78 32.69
N LEU B 284 50.14 63.75 31.84
CA LEU B 284 48.85 63.10 31.56
C LEU B 284 48.75 61.96 32.58
N PRO B 285 47.63 61.28 32.67
CA PRO B 285 47.38 60.20 33.61
C PRO B 285 48.24 58.97 33.31
N ALA B 286 48.16 57.97 34.16
CA ALA B 286 49.03 56.79 34.07
C ALA B 286 48.91 55.96 32.81
N TYR B 287 47.81 56.06 32.08
CA TYR B 287 47.66 55.31 30.85
C TYR B 287 48.68 55.73 29.82
N ALA B 288 49.22 56.96 29.89
CA ALA B 288 50.09 57.47 28.84
C ALA B 288 51.55 57.14 29.08
N GLY B 289 51.85 55.84 29.23
CA GLY B 289 53.20 55.32 29.43
C GLY B 289 54.01 55.45 28.14
N ASN B 290 53.35 55.80 27.04
CA ASN B 290 54.01 56.14 25.80
C ASN B 290 54.83 57.43 25.98
N LEU B 291 54.40 58.35 26.87
CA LEU B 291 55.26 59.53 27.03
C LEU B 291 56.53 59.13 27.80
N ASP B 292 56.32 58.51 28.94
CA ASP B 292 57.38 58.06 29.83
C ASP B 292 58.45 57.24 29.14
N ILE B 293 58.02 56.27 28.32
CA ILE B 293 59.07 55.38 27.73
C ILE B 293 60.01 56.18 26.88
N MET B 294 59.61 57.28 26.27
CA MET B 294 60.46 58.15 25.50
C MET B 294 61.17 59.18 26.43
N THR B 295 60.36 59.83 27.28
CA THR B 295 61.01 60.93 28.06
C THR B 295 62.06 60.41 29.03
N SER B 296 61.79 59.30 29.68
CA SER B 296 62.80 58.70 30.59
C SER B 296 64.04 58.31 29.83
N ALA B 297 63.88 57.84 28.60
CA ALA B 297 65.01 57.49 27.75
C ALA B 297 65.84 58.74 27.40
N ALA B 298 65.17 59.82 27.00
CA ALA B 298 65.82 61.05 26.60
C ALA B 298 66.56 61.65 27.81
N LEU B 299 65.91 61.63 28.95
CA LEU B 299 66.56 62.18 30.16
C LEU B 299 67.74 61.30 30.56
N ALA B 300 67.57 59.97 30.48
CA ALA B 300 68.72 59.13 30.84
C ALA B 300 69.93 59.37 29.97
N THR B 301 69.79 59.62 28.67
CA THR B 301 70.84 59.86 27.72
C THR B 301 71.55 61.18 28.05
N ALA B 302 70.76 62.24 28.25
CA ALA B 302 71.39 63.54 28.57
C ALA B 302 72.04 63.52 29.93
N GLU B 303 71.48 62.81 30.90
CA GLU B 303 72.02 62.71 32.24
C GLU B 303 73.38 62.02 32.22
N ARG B 304 73.49 60.97 31.41
CA ARG B 304 74.76 60.25 31.26
C ARG B 304 75.76 61.07 30.48
N MET B 305 75.32 61.86 29.51
CA MET B 305 76.23 62.74 28.81
C MET B 305 76.75 63.78 29.83
N ALA B 306 75.84 64.34 30.62
CA ALA B 306 76.25 65.34 31.60
C ALA B 306 77.18 64.73 32.65
N GLN B 307 76.80 63.58 33.18
CA GLN B 307 77.69 62.89 34.11
C GLN B 307 79.09 62.76 33.53
N SER B 308 79.22 62.23 32.32
CA SER B 308 80.51 62.06 31.70
C SER B 308 81.27 63.38 31.57
N MET B 309 80.60 64.48 31.24
CA MET B 309 81.32 65.75 31.14
C MET B 309 81.68 66.34 32.49
N LEU B 310 80.94 66.05 33.55
CA LEU B 310 81.26 66.62 34.85
C LEU B 310 82.18 65.75 35.68
N ASN B 311 82.42 64.49 35.34
CA ASN B 311 83.25 63.59 36.13
C ASN B 311 84.19 62.61 35.45
N ALA B 312 84.92 62.89 34.38
CA ALA B 312 85.80 61.88 33.77
C ALA B 312 86.83 61.27 34.70
N PHE C 3 5.06 52.94 15.06
CA PHE C 3 5.56 51.67 15.58
C PHE C 3 6.28 51.94 16.91
N ASN C 4 6.08 51.06 17.88
CA ASN C 4 6.75 51.21 19.16
C ASN C 4 7.64 50.00 19.38
N PRO C 5 8.90 50.22 19.73
CA PRO C 5 9.85 49.17 20.01
C PRO C 5 9.46 48.29 21.17
N SER C 6 8.66 48.78 22.12
CA SER C 6 8.19 47.95 23.22
C SER C 6 7.10 46.98 22.75
N LYS C 7 6.46 47.18 21.61
CA LYS C 7 5.42 46.24 21.16
C LYS C 7 6.00 44.84 21.04
N LYS C 8 5.37 43.84 21.66
CA LYS C 8 5.90 42.50 21.58
C LYS C 8 5.78 41.92 20.17
N LEU C 9 6.89 41.47 19.57
CA LEU C 9 6.82 40.87 18.26
C LEU C 9 6.44 39.40 18.34
N TYR C 10 5.77 38.87 17.31
CA TYR C 10 5.44 37.44 17.29
C TYR C 10 6.42 36.74 16.33
N ILE C 11 7.20 35.85 16.92
CA ILE C 11 8.29 35.19 16.16
C ILE C 11 7.81 33.80 15.77
N SER C 12 7.69 33.59 14.47
CA SER C 12 7.16 32.34 13.92
C SER C 12 8.26 31.58 13.17
N ASP C 13 8.75 30.51 13.80
CA ASP C 13 9.85 29.78 13.15
C ASP C 13 9.30 28.82 12.11
N VAL C 14 9.94 28.77 10.94
CA VAL C 14 9.51 27.87 9.90
C VAL C 14 10.55 26.83 9.48
N THR C 15 11.55 26.61 10.34
CA THR C 15 12.65 25.68 10.08
C THR C 15 12.15 24.28 9.76
N LEU C 16 11.10 23.81 10.44
CA LEU C 16 10.58 22.48 10.18
C LEU C 16 9.46 22.41 9.15
N ARG C 17 9.25 23.46 8.36
CA ARG C 17 8.27 23.40 7.26
C ARG C 17 8.96 23.93 6.00
N ASP C 18 9.27 25.25 5.95
CA ASP C 18 10.01 25.75 4.79
C ASP C 18 11.40 25.10 4.73
N GLY C 19 12.02 24.87 5.88
CA GLY C 19 13.32 24.20 5.94
C GLY C 19 13.31 22.80 5.40
N SER C 20 12.11 22.15 5.37
CA SER C 20 11.97 20.85 4.77
C SER C 20 12.41 20.86 3.32
N HIS C 21 12.23 21.97 2.59
CA HIS C 21 12.66 22.06 1.20
C HIS C 21 14.18 21.93 1.12
N ALA C 22 14.91 22.53 2.06
CA ALA C 22 16.37 22.47 1.96
C ALA C 22 16.92 21.08 2.16
N ILE C 23 16.25 20.22 2.94
CA ILE C 23 16.76 18.87 3.21
C ILE C 23 15.98 17.85 2.39
N ARG C 24 15.19 18.32 1.44
CA ARG C 24 14.40 17.46 0.55
C ARG C 24 13.53 16.55 1.40
N HIS C 25 12.92 17.15 2.43
CA HIS C 25 11.92 16.48 3.26
C HIS C 25 12.43 15.22 3.90
N GLN C 26 13.70 15.21 4.30
CA GLN C 26 14.31 14.05 4.94
C GLN C 26 14.69 14.30 6.38
N TYR C 27 14.02 15.18 7.13
CA TYR C 27 14.29 15.32 8.55
C TYR C 27 14.04 13.97 9.26
N THR C 28 14.93 13.68 10.22
CA THR C 28 14.64 12.46 11.02
C THR C 28 13.78 12.89 12.18
N LEU C 29 13.17 11.92 12.92
CA LEU C 29 12.43 12.35 14.09
C LEU C 29 13.31 12.99 15.14
N ASP C 30 14.53 12.51 15.38
CA ASP C 30 15.39 13.16 16.35
C ASP C 30 15.76 14.58 15.87
N ASP C 31 15.91 14.78 14.60
CA ASP C 31 16.18 16.14 14.08
C ASP C 31 15.07 17.09 14.49
N VAL C 32 13.79 16.68 14.26
CA VAL C 32 12.72 17.60 14.58
C VAL C 32 12.56 17.77 16.08
N ARG C 33 12.85 16.75 16.90
CA ARG C 33 12.75 16.94 18.35
C ARG C 33 13.84 17.92 18.83
N ALA C 34 15.04 17.75 18.30
CA ALA C 34 16.18 18.59 18.74
C ALA C 34 15.96 20.05 18.38
N ILE C 35 15.51 20.27 17.15
CA ILE C 35 15.23 21.64 16.67
C ILE C 35 14.09 22.24 17.46
N ALA C 36 12.96 21.46 17.63
CA ALA C 36 11.84 22.00 18.38
C ALA C 36 12.18 22.32 19.82
N ARG C 37 13.00 21.47 20.45
CA ARG C 37 13.41 21.71 21.83
C ARG C 37 14.19 23.01 21.99
N ALA C 38 15.08 23.28 21.05
CA ALA C 38 15.87 24.50 21.07
C ALA C 38 15.03 25.73 20.80
N LEU C 39 14.08 25.64 19.87
CA LEU C 39 13.21 26.76 19.56
C LEU C 39 12.32 27.03 20.76
N ASP C 40 11.78 25.99 21.38
CA ASP C 40 10.91 26.17 22.55
C ASP C 40 11.63 26.80 23.73
N LYS C 41 12.85 26.40 23.98
CA LYS C 41 13.72 26.95 25.02
C LYS C 41 14.00 28.43 24.76
N ALA C 42 14.15 28.78 23.49
CA ALA C 42 14.37 30.15 23.04
C ALA C 42 13.10 30.99 23.15
N LYS C 43 11.94 30.36 23.40
CA LYS C 43 10.68 31.04 23.55
C LYS C 43 10.16 31.68 22.27
N VAL C 44 10.30 31.05 21.11
CA VAL C 44 9.64 31.57 19.90
C VAL C 44 8.12 31.35 20.09
N ASP C 45 7.30 32.09 19.39
CA ASP C 45 5.84 32.02 19.55
C ASP C 45 5.27 30.79 18.88
N SER C 46 5.80 30.39 17.72
CA SER C 46 5.30 29.21 17.05
C SER C 46 6.38 28.49 16.26
N ILE C 47 6.14 27.22 16.06
CA ILE C 47 7.01 26.30 15.35
C ILE C 47 6.19 25.63 14.25
N GLU C 48 6.50 25.92 12.99
CA GLU C 48 5.69 25.37 11.89
C GLU C 48 6.20 24.03 11.44
N VAL C 49 5.30 23.03 11.28
CA VAL C 49 5.70 21.67 10.98
C VAL C 49 4.84 21.12 9.85
N ALA C 50 5.45 20.72 8.75
CA ALA C 50 4.78 20.06 7.65
C ALA C 50 5.84 19.85 6.55
N HIS C 51 5.43 19.13 5.52
CA HIS C 51 6.27 19.09 4.32
C HIS C 51 6.44 20.54 3.83
N GLY C 52 7.37 20.77 2.91
CA GLY C 52 7.63 22.14 2.46
C GLY C 52 6.39 22.71 1.77
N ASP C 53 5.67 21.86 1.02
CA ASP C 53 4.49 22.28 0.27
C ASP C 53 3.22 22.11 1.11
N GLY C 54 3.37 22.11 2.42
CA GLY C 54 2.31 21.99 3.41
C GLY C 54 1.78 20.55 3.56
N LEU C 55 0.66 20.49 4.28
CA LEU C 55 0.01 19.19 4.53
C LEU C 55 -0.28 18.44 3.25
N GLN C 56 0.18 17.17 3.25
CA GLN C 56 0.11 16.26 2.13
C GLN C 56 0.90 16.68 0.91
N GLY C 57 2.00 17.44 1.18
CA GLY C 57 2.87 17.85 0.10
C GLY C 57 3.73 16.66 -0.35
N SER C 58 3.95 15.65 0.51
CA SER C 58 4.80 14.53 0.06
C SER C 58 4.26 13.94 -1.21
N SER C 59 5.13 13.82 -2.22
CA SER C 59 4.73 13.44 -3.57
C SER C 59 5.90 13.32 -4.51
N PHE C 60 5.65 12.83 -5.70
CA PHE C 60 6.69 12.86 -6.73
C PHE C 60 6.98 14.33 -7.12
N ASN C 61 5.94 15.15 -7.22
CA ASN C 61 6.14 16.51 -7.71
C ASN C 61 7.06 17.29 -6.80
N TYR C 62 6.88 17.18 -5.50
CA TYR C 62 7.64 18.00 -4.57
C TYR C 62 8.72 17.24 -3.83
N GLY C 63 8.63 15.91 -3.89
CA GLY C 63 9.58 15.06 -3.17
C GLY C 63 8.87 14.35 -1.99
N PHE C 64 9.13 13.05 -1.85
CA PHE C 64 8.51 12.30 -0.75
C PHE C 64 9.15 12.53 0.60
N GLY C 65 8.40 12.55 1.70
CA GLY C 65 9.00 12.78 3.00
C GLY C 65 9.60 11.49 3.55
N ARG C 66 10.47 11.67 4.53
CA ARG C 66 11.03 10.45 5.19
C ARG C 66 9.97 9.91 6.13
N HIS C 67 9.13 10.78 6.68
CA HIS C 67 8.03 10.49 7.57
C HIS C 67 6.81 11.28 7.05
N THR C 68 5.63 10.96 7.54
CA THR C 68 4.45 11.76 7.18
C THR C 68 4.40 13.03 8.01
N ASP C 69 3.56 14.01 7.58
CA ASP C 69 3.40 15.21 8.37
C ASP C 69 2.94 14.89 9.79
N LEU C 70 1.98 13.95 9.94
CA LEU C 70 1.47 13.70 11.30
C LEU C 70 2.52 13.11 12.22
N GLU C 71 3.40 12.28 11.68
CA GLU C 71 4.50 11.75 12.49
C GLU C 71 5.40 12.87 12.97
N TYR C 72 5.69 13.84 12.10
CA TYR C 72 6.54 14.96 12.53
C TYR C 72 5.85 15.82 13.58
N ILE C 73 4.55 16.11 13.38
CA ILE C 73 3.81 16.95 14.32
C ILE C 73 3.79 16.27 15.69
N GLU C 74 3.53 14.96 15.70
CA GLU C 74 3.46 14.25 16.97
C GLU C 74 4.79 14.29 17.72
N ALA C 75 5.88 14.15 16.97
CA ALA C 75 7.22 14.21 17.58
C ALA C 75 7.50 15.58 18.16
N VAL C 76 7.13 16.66 17.45
CA VAL C 76 7.35 18.01 17.91
C VAL C 76 6.46 18.31 19.11
N ALA C 77 5.21 17.84 19.08
CA ALA C 77 4.30 18.10 20.20
C ALA C 77 4.85 17.62 21.53
N GLY C 78 5.54 16.50 21.54
CA GLY C 78 6.09 15.85 22.70
C GLY C 78 7.27 16.55 23.34
N GLU C 79 7.90 17.45 22.58
CA GLU C 79 9.06 18.17 23.09
C GLU C 79 8.85 19.58 23.56
N ILE C 80 7.70 20.21 23.33
CA ILE C 80 7.55 21.62 23.63
C ILE C 80 6.46 21.97 24.65
N SER C 81 6.61 23.14 25.24
CA SER C 81 5.67 23.62 26.23
C SER C 81 5.37 25.09 26.14
N HIS C 82 6.16 25.87 25.40
CA HIS C 82 5.93 27.30 25.30
C HIS C 82 5.31 27.70 23.94
N ALA C 83 6.01 27.34 22.87
CA ALA C 83 5.51 27.70 21.54
C ALA C 83 4.31 26.82 21.16
N GLN C 84 3.55 27.35 20.20
CA GLN C 84 2.47 26.60 19.61
C GLN C 84 2.99 25.94 18.32
N ILE C 85 2.33 24.86 17.91
CA ILE C 85 2.65 24.22 16.66
C ILE C 85 1.80 24.90 15.59
N ALA C 86 2.46 25.39 14.54
CA ALA C 86 1.77 25.92 13.39
C ALA C 86 1.93 24.91 12.24
N THR C 87 1.05 25.03 11.25
CA THR C 87 1.19 24.21 10.03
C THR C 87 0.74 24.99 8.82
N LEU C 88 1.01 24.46 7.62
CA LEU C 88 0.72 25.14 6.39
C LEU C 88 -0.17 24.21 5.54
N LEU C 89 -1.17 24.78 4.93
CA LEU C 89 -2.13 24.02 4.12
C LEU C 89 -2.40 24.72 2.82
N LEU C 90 -2.13 24.09 1.67
CA LEU C 90 -2.41 24.72 0.39
C LEU C 90 -3.60 24.05 -0.27
N PRO C 91 -4.74 24.73 -0.40
CA PRO C 91 -5.84 24.12 -1.14
C PRO C 91 -5.36 23.71 -2.53
N GLY C 92 -5.77 22.53 -2.97
CA GLY C 92 -5.33 21.95 -4.22
C GLY C 92 -4.29 20.84 -3.94
N ILE C 93 -3.70 20.86 -2.76
CA ILE C 93 -2.72 19.86 -2.32
C ILE C 93 -3.26 19.23 -1.04
N GLY C 94 -3.40 19.98 0.03
CA GLY C 94 -3.95 19.48 1.30
C GLY C 94 -5.47 19.79 1.39
N SER C 95 -6.16 19.09 2.27
CA SER C 95 -7.61 19.28 2.39
C SER C 95 -8.04 19.59 3.81
N VAL C 96 -9.37 19.81 4.00
CA VAL C 96 -9.87 20.01 5.36
C VAL C 96 -9.69 18.76 6.19
N HIS C 97 -9.82 17.57 5.57
CA HIS C 97 -9.57 16.31 6.23
C HIS C 97 -8.16 16.28 6.82
N ASP C 98 -7.17 16.71 6.00
CA ASP C 98 -5.79 16.76 6.48
C ASP C 98 -5.67 17.75 7.63
N LEU C 99 -6.40 18.86 7.58
CA LEU C 99 -6.33 19.85 8.64
C LEU C 99 -6.85 19.24 9.96
N LYS C 100 -7.99 18.54 9.86
CA LYS C 100 -8.58 17.89 11.02
C LYS C 100 -7.55 16.96 11.67
N ASN C 101 -6.86 16.16 10.86
CA ASN C 101 -5.87 15.26 11.42
C ASN C 101 -4.72 16.03 12.06
N ALA C 102 -4.26 17.10 11.40
CA ALA C 102 -3.19 17.91 11.98
C ALA C 102 -3.60 18.54 13.31
N TYR C 103 -4.81 19.06 13.46
CA TYR C 103 -5.29 19.58 14.74
C TYR C 103 -5.28 18.47 15.78
N GLN C 104 -5.75 17.27 15.42
CA GLN C 104 -5.77 16.18 16.40
C GLN C 104 -4.36 15.78 16.81
N ALA C 105 -3.35 15.94 15.97
CA ALA C 105 -1.97 15.65 16.30
C ALA C 105 -1.32 16.75 17.11
N GLY C 106 -1.91 17.93 17.17
CA GLY C 106 -1.40 18.99 18.01
C GLY C 106 -1.28 20.37 17.44
N ALA C 107 -1.54 20.52 16.15
CA ALA C 107 -1.44 21.87 15.55
C ALA C 107 -2.50 22.80 16.09
N ARG C 108 -2.12 24.05 16.39
CA ARG C 108 -3.09 25.03 16.86
C ARG C 108 -3.17 26.26 15.96
N VAL C 109 -2.18 26.47 15.08
CA VAL C 109 -2.16 27.58 14.15
C VAL C 109 -2.11 26.98 12.75
N VAL C 110 -2.98 27.45 11.87
CA VAL C 110 -2.95 27.02 10.49
C VAL C 110 -2.87 28.23 9.57
N ARG C 111 -1.91 28.16 8.63
CA ARG C 111 -1.73 29.18 7.64
C ARG C 111 -2.25 28.53 6.32
N VAL C 112 -3.33 29.10 5.81
CA VAL C 112 -3.95 28.60 4.59
C VAL C 112 -3.38 29.45 3.45
N ALA C 113 -2.61 28.75 2.60
CA ALA C 113 -1.88 29.44 1.56
C ALA C 113 -2.42 29.27 0.15
N THR C 114 -2.54 30.43 -0.51
CA THR C 114 -2.94 30.47 -1.88
C THR C 114 -2.00 31.38 -2.69
N HIS C 115 -2.00 31.14 -4.00
CA HIS C 115 -1.32 32.14 -4.85
C HIS C 115 -1.98 33.49 -4.59
N CYS C 116 -1.23 34.57 -4.75
CA CYS C 116 -1.72 35.90 -4.41
C CYS C 116 -3.02 36.33 -5.07
N THR C 117 -3.31 35.87 -6.27
CA THR C 117 -4.56 36.25 -6.94
C THR C 117 -5.70 35.26 -6.68
N GLU C 118 -5.47 34.19 -5.93
CA GLU C 118 -6.47 33.12 -5.76
C GLU C 118 -6.96 32.97 -4.33
N ALA C 119 -7.12 34.04 -3.58
CA ALA C 119 -7.56 33.94 -2.19
C ALA C 119 -8.92 33.25 -2.06
N ASP C 120 -9.81 33.40 -3.03
CA ASP C 120 -11.12 32.73 -2.90
C ASP C 120 -11.11 31.23 -2.79
N VAL C 121 -10.06 30.48 -3.13
CA VAL C 121 -10.03 29.06 -2.89
C VAL C 121 -9.79 28.72 -1.41
N SER C 122 -9.43 29.68 -0.55
CA SER C 122 -9.17 29.39 0.85
C SER C 122 -10.40 29.39 1.74
N LYS C 123 -11.55 29.80 1.20
CA LYS C 123 -12.73 29.99 2.06
C LYS C 123 -13.07 28.80 2.92
N GLN C 124 -13.20 27.62 2.35
CA GLN C 124 -13.61 26.47 3.15
C GLN C 124 -12.59 26.06 4.20
N HIS C 125 -11.29 26.21 3.86
CA HIS C 125 -10.25 25.84 4.81
C HIS C 125 -10.23 26.78 5.98
N ILE C 126 -10.33 28.09 5.68
CA ILE C 126 -10.38 29.09 6.74
C ILE C 126 -11.60 28.86 7.63
N GLU C 127 -12.77 28.60 7.05
CA GLU C 127 -13.98 28.34 7.83
C GLU C 127 -13.85 27.13 8.74
N TYR C 128 -13.26 26.08 8.16
CA TYR C 128 -13.07 24.85 8.95
C TYR C 128 -12.12 25.08 10.11
N ALA C 129 -11.00 25.79 9.88
CA ALA C 129 -10.05 26.12 10.93
C ALA C 129 -10.69 26.94 12.04
N ARG C 130 -11.55 27.92 11.65
CA ARG C 130 -12.23 28.74 12.65
C ARG C 130 -13.22 27.89 13.44
N ASN C 131 -13.85 26.93 12.80
CA ASN C 131 -14.74 26.00 13.51
C ASN C 131 -14.04 25.09 14.50
N LEU C 132 -12.75 24.79 14.32
CA LEU C 132 -11.98 24.02 15.29
C LEU C 132 -11.45 24.93 16.40
N GLY C 133 -11.51 26.24 16.22
CA GLY C 133 -10.99 27.21 17.18
C GLY C 133 -9.49 27.41 17.07
N MET C 134 -8.96 27.11 15.87
CA MET C 134 -7.53 27.29 15.64
C MET C 134 -7.22 28.76 15.36
N ASP C 135 -5.95 29.16 15.55
CA ASP C 135 -5.57 30.53 15.14
C ASP C 135 -5.44 30.39 13.63
N THR C 136 -6.30 31.08 12.90
CA THR C 136 -6.48 30.93 11.49
C THR C 136 -5.94 32.09 10.70
N VAL C 137 -4.98 31.71 9.83
CA VAL C 137 -4.18 32.70 9.11
C VAL C 137 -4.26 32.53 7.62
N GLY C 138 -4.46 33.61 6.86
CA GLY C 138 -4.42 33.61 5.39
C GLY C 138 -2.96 33.90 4.99
N PHE C 139 -2.47 33.20 3.96
CA PHE C 139 -1.04 33.38 3.57
C PHE C 139 -0.96 33.52 2.08
N LEU C 140 -0.55 34.70 1.58
CA LEU C 140 -0.54 34.94 0.14
C LEU C 140 0.84 34.72 -0.45
N MET C 141 0.93 33.72 -1.31
CA MET C 141 2.18 33.37 -1.96
C MET C 141 2.47 34.22 -3.19
N MET C 142 3.75 34.30 -3.51
CA MET C 142 4.22 35.04 -4.69
C MET C 142 3.72 36.47 -4.67
N SER C 143 3.90 37.13 -3.54
CA SER C 143 3.35 38.47 -3.31
C SER C 143 3.96 39.59 -4.12
N HIS C 144 5.08 39.33 -4.81
CA HIS C 144 5.61 40.35 -5.73
C HIS C 144 4.86 40.42 -7.05
N MET C 145 4.01 39.44 -7.37
CA MET C 145 3.43 39.33 -8.69
C MET C 145 2.34 40.31 -9.05
N ILE C 146 1.71 40.92 -8.08
CA ILE C 146 0.61 41.86 -8.30
C ILE C 146 0.86 43.08 -7.43
N PRO C 147 0.28 44.22 -7.76
CA PRO C 147 0.48 45.45 -7.04
C PRO C 147 -0.08 45.37 -5.64
N ALA C 148 0.45 46.21 -4.74
CA ALA C 148 0.05 46.23 -3.36
C ALA C 148 -1.46 46.32 -3.13
N GLU C 149 -2.11 47.25 -3.84
CA GLU C 149 -3.58 47.37 -3.68
C GLU C 149 -4.34 46.09 -4.00
N LYS C 150 -3.98 45.38 -5.07
CA LYS C 150 -4.60 44.13 -5.44
C LYS C 150 -4.28 43.05 -4.41
N LEU C 151 -3.03 43.00 -3.94
CA LEU C 151 -2.69 42.02 -2.89
C LEU C 151 -3.52 42.23 -1.64
N ALA C 152 -3.72 43.47 -1.23
CA ALA C 152 -4.48 43.80 -0.02
C ALA C 152 -5.96 43.41 -0.22
N GLU C 153 -6.49 43.58 -1.42
CA GLU C 153 -7.85 43.12 -1.70
C GLU C 153 -7.99 41.62 -1.47
N GLN C 154 -7.00 40.81 -1.95
CA GLN C 154 -7.07 39.38 -1.68
C GLN C 154 -6.96 39.05 -0.21
N GLY C 155 -6.12 39.81 0.52
CA GLY C 155 -5.98 39.66 1.96
C GLY C 155 -7.33 39.91 2.66
N LYS C 156 -8.01 40.97 2.24
CA LYS C 156 -9.33 41.32 2.78
C LYS C 156 -10.35 40.22 2.57
N LEU C 157 -10.28 39.54 1.43
CA LEU C 157 -11.14 38.38 1.17
C LEU C 157 -10.90 37.30 2.22
N MET C 158 -9.60 36.93 2.45
CA MET C 158 -9.34 35.94 3.47
C MET C 158 -9.81 36.43 4.84
N GLU C 159 -9.62 37.69 5.19
CA GLU C 159 -10.11 38.22 6.49
C GLU C 159 -11.63 38.00 6.59
N SER C 160 -12.31 38.29 5.50
CA SER C 160 -13.76 38.13 5.41
C SER C 160 -14.26 36.70 5.60
N TYR C 161 -13.47 35.69 5.25
CA TYR C 161 -13.79 34.31 5.46
C TYR C 161 -13.56 33.90 6.92
N GLY C 162 -12.80 34.69 7.67
CA GLY C 162 -12.53 34.39 9.06
C GLY C 162 -11.07 34.41 9.48
N ALA C 163 -10.13 34.67 8.57
CA ALA C 163 -8.74 34.72 9.02
C ALA C 163 -8.54 35.94 9.93
N THR C 164 -7.76 35.79 10.98
CA THR C 164 -7.49 36.89 11.91
C THR C 164 -6.06 37.43 11.76
N CYS C 165 -5.34 36.80 10.83
CA CYS C 165 -3.96 37.28 10.53
C CYS C 165 -3.73 37.02 9.05
N ILE C 166 -3.13 37.98 8.35
CA ILE C 166 -2.88 37.89 6.92
C ILE C 166 -1.37 38.05 6.68
N TYR C 167 -0.79 37.06 5.97
CA TYR C 167 0.62 37.23 5.65
C TYR C 167 0.81 37.52 4.16
N MET C 168 1.89 38.25 3.89
CA MET C 168 2.37 38.33 2.52
C MET C 168 3.63 37.44 2.51
N ALA C 169 3.73 36.53 1.54
CA ALA C 169 4.95 35.73 1.45
C ALA C 169 5.67 36.11 0.17
N ASP C 170 6.95 36.49 0.30
CA ASP C 170 7.79 36.79 -0.85
C ASP C 170 8.40 35.47 -1.25
N SER C 171 7.55 34.58 -1.82
CA SER C 171 7.98 33.24 -2.19
C SER C 171 9.07 33.18 -3.23
N GLY C 172 9.17 34.19 -4.08
CA GLY C 172 10.25 34.26 -5.07
C GLY C 172 11.44 34.99 -4.50
N GLY C 173 11.34 35.54 -3.29
CA GLY C 173 12.47 36.36 -2.74
C GLY C 173 12.83 37.45 -3.74
N ALA C 174 11.80 38.09 -4.30
CA ALA C 174 12.05 39.07 -5.35
C ALA C 174 11.83 40.52 -4.94
N MET C 175 11.31 40.76 -3.76
CA MET C 175 11.01 42.13 -3.37
C MET C 175 12.13 42.87 -2.64
N SER C 176 12.13 44.21 -2.85
CA SER C 176 13.10 44.99 -2.06
C SER C 176 12.30 45.77 -1.02
N MET C 177 13.01 46.54 -0.21
CA MET C 177 12.40 47.20 0.93
C MET C 177 11.25 48.10 0.61
N ASN C 178 11.24 48.89 -0.45
CA ASN C 178 10.08 49.75 -0.71
C ASN C 178 8.85 48.96 -1.13
N ASP C 179 9.02 47.77 -1.73
CA ASP C 179 7.89 46.93 -2.13
C ASP C 179 7.19 46.44 -0.85
N ILE C 180 7.96 46.13 0.18
CA ILE C 180 7.43 45.72 1.47
C ILE C 180 6.64 46.91 2.05
N ARG C 181 7.25 48.13 2.06
CA ARG C 181 6.47 49.25 2.59
C ARG C 181 5.15 49.43 1.84
N ASP C 182 5.16 49.36 0.53
CA ASP C 182 3.96 49.54 -0.25
C ASP C 182 2.85 48.54 0.12
N ARG C 183 3.23 47.29 0.29
CA ARG C 183 2.28 46.23 0.62
C ARG C 183 1.81 46.35 2.06
N MET C 184 2.69 46.65 3.01
CA MET C 184 2.23 46.86 4.38
C MET C 184 1.21 48.02 4.46
N ARG C 185 1.50 49.10 3.73
CA ARG C 185 0.60 50.27 3.79
C ARG C 185 -0.75 49.93 3.20
N ALA C 186 -0.78 49.17 2.12
CA ALA C 186 -2.01 48.78 1.47
C ALA C 186 -2.79 47.85 2.41
N PHE C 187 -2.12 46.89 3.05
CA PHE C 187 -2.85 46.03 3.97
C PHE C 187 -3.50 46.81 5.11
N LYS C 188 -2.71 47.72 5.74
CA LYS C 188 -3.18 48.49 6.88
C LYS C 188 -4.32 49.43 6.48
N ALA C 189 -4.36 49.85 5.24
CA ALA C 189 -5.42 50.74 4.76
C ALA C 189 -6.75 50.01 4.65
N VAL C 190 -6.78 48.72 4.36
CA VAL C 190 -8.06 48.02 4.17
C VAL C 190 -8.41 46.96 5.17
N LEU C 191 -7.49 46.38 5.93
CA LEU C 191 -7.91 45.37 6.91
C LEU C 191 -8.48 46.00 8.19
N LYS C 192 -9.28 45.23 8.92
CA LYS C 192 -9.74 45.75 10.21
C LYS C 192 -8.52 46.01 11.07
N PRO C 193 -8.58 46.98 11.98
CA PRO C 193 -7.46 47.32 12.82
C PRO C 193 -6.93 46.18 13.66
N GLU C 194 -7.79 45.26 14.10
CA GLU C 194 -7.43 44.14 14.93
C GLU C 194 -6.75 42.99 14.16
N THR C 195 -6.90 42.99 12.86
CA THR C 195 -6.36 41.88 12.05
C THR C 195 -4.83 41.96 12.06
N GLN C 196 -4.21 40.83 12.39
CA GLN C 196 -2.75 40.78 12.47
C GLN C 196 -2.14 40.69 11.07
N VAL C 197 -0.91 41.22 10.92
CA VAL C 197 -0.28 41.16 9.59
C VAL C 197 1.03 40.40 9.82
N GLY C 198 1.37 39.57 8.83
CA GLY C 198 2.65 38.84 8.99
C GLY C 198 3.48 38.93 7.72
N MET C 199 4.81 38.87 7.94
CA MET C 199 5.75 38.91 6.84
C MET C 199 6.47 37.57 6.71
N HIS C 200 6.61 37.09 5.48
CA HIS C 200 7.36 35.83 5.22
C HIS C 200 8.29 36.14 4.05
N ALA C 201 9.51 36.58 4.41
CA ALA C 201 10.48 36.97 3.40
C ALA C 201 11.35 35.80 3.00
N HIS C 202 11.90 35.84 1.80
CA HIS C 202 12.92 34.86 1.38
C HIS C 202 14.18 35.70 1.15
N HIS C 203 15.34 35.01 1.21
CA HIS C 203 16.61 35.74 1.21
C HIS C 203 17.37 35.71 -0.11
N ASN C 204 16.68 35.43 -1.22
CA ASN C 204 17.34 35.29 -2.52
C ASN C 204 18.09 36.54 -2.96
N LEU C 205 17.67 37.72 -2.56
CA LEU C 205 18.45 38.92 -2.91
C LEU C 205 19.26 39.41 -1.73
N SER C 206 19.45 38.63 -0.68
CA SER C 206 20.10 38.96 0.56
C SER C 206 19.27 39.95 1.40
N LEU C 207 17.97 40.09 1.17
CA LEU C 207 17.12 41.02 1.88
C LEU C 207 16.11 40.36 2.81
N GLY C 208 16.36 39.10 3.17
CA GLY C 208 15.40 38.45 4.10
C GLY C 208 15.24 39.21 5.40
N VAL C 209 16.37 39.58 6.04
CA VAL C 209 16.31 40.30 7.31
C VAL C 209 15.87 41.74 7.06
N ALA C 210 16.48 42.37 6.03
CA ALA C 210 16.15 43.77 5.74
C ALA C 210 14.65 43.96 5.50
N ASN C 211 14.04 43.07 4.70
CA ASN C 211 12.61 43.19 4.42
C ASN C 211 11.75 42.94 5.64
N SER C 212 12.17 42.04 6.51
CA SER C 212 11.49 41.77 7.76
C SER C 212 11.57 42.96 8.70
N ILE C 213 12.73 43.63 8.75
CA ILE C 213 12.91 44.83 9.58
C ILE C 213 11.97 45.92 9.10
N VAL C 214 11.91 46.12 7.80
CA VAL C 214 11.02 47.15 7.25
C VAL C 214 9.56 46.81 7.48
N ALA C 215 9.22 45.51 7.37
CA ALA C 215 7.81 45.15 7.62
C ALA C 215 7.45 45.53 9.05
N VAL C 216 8.32 45.26 10.01
CA VAL C 216 8.03 45.60 11.40
C VAL C 216 7.96 47.11 11.59
N GLU C 217 8.84 47.88 10.95
CA GLU C 217 8.79 49.35 11.04
C GLU C 217 7.47 49.89 10.52
N GLU C 218 6.87 49.20 9.59
CA GLU C 218 5.60 49.53 8.98
C GLU C 218 4.40 48.94 9.71
N GLY C 219 4.57 48.33 10.85
CA GLY C 219 3.49 47.84 11.70
C GLY C 219 3.14 46.37 11.62
N CYS C 220 4.02 45.56 11.01
CA CYS C 220 3.70 44.12 10.91
C CYS C 220 3.80 43.47 12.26
N ASP C 221 2.97 42.47 12.61
CA ASP C 221 2.92 41.87 13.91
C ASP C 221 3.71 40.58 14.01
N ARG C 222 3.72 39.80 12.93
CA ARG C 222 4.37 38.51 12.95
C ARG C 222 5.47 38.45 11.89
N VAL C 223 6.55 37.80 12.28
CA VAL C 223 7.68 37.61 11.40
C VAL C 223 8.01 36.13 11.29
N ASP C 224 8.02 35.65 10.05
CA ASP C 224 8.45 34.27 9.83
C ASP C 224 9.97 34.27 9.58
N ALA C 225 10.68 33.33 10.17
CA ALA C 225 12.14 33.26 9.96
C ALA C 225 12.55 31.83 10.26
N SER C 226 13.78 31.41 9.98
CA SER C 226 14.15 30.02 10.30
C SER C 226 15.63 29.96 10.68
N LEU C 227 16.00 28.94 11.42
CA LEU C 227 17.39 28.86 11.93
C LEU C 227 18.33 28.67 10.78
N ALA C 228 19.37 29.52 10.70
CA ALA C 228 20.31 29.50 9.57
C ALA C 228 19.65 29.81 8.24
N GLY C 229 18.40 30.31 8.23
CA GLY C 229 17.65 30.54 7.05
C GLY C 229 17.18 29.23 6.39
N MET C 230 17.31 28.08 7.05
CA MET C 230 16.90 26.78 6.53
C MET C 230 15.53 26.96 5.86
N GLY C 231 15.51 26.69 4.57
CA GLY C 231 14.25 27.03 3.83
C GLY C 231 14.56 27.01 2.33
N ALA C 232 13.47 27.22 1.55
CA ALA C 232 13.65 27.15 0.10
C ALA C 232 14.56 28.30 -0.41
N GLY C 233 15.16 27.98 -1.55
CA GLY C 233 15.96 29.01 -2.23
C GLY C 233 17.22 29.28 -1.45
N ALA C 234 17.56 30.58 -1.34
CA ALA C 234 18.63 31.05 -0.49
C ALA C 234 18.17 31.06 0.98
N GLY C 235 16.97 30.55 1.23
CA GLY C 235 16.40 30.38 2.53
C GLY C 235 15.44 31.46 2.93
N ASN C 236 14.87 31.29 4.13
CA ASN C 236 13.99 32.31 4.69
C ASN C 236 14.83 33.41 5.33
N ALA C 237 14.16 34.41 5.93
CA ALA C 237 14.97 35.34 6.76
C ALA C 237 15.64 34.49 7.84
N PRO C 238 16.94 34.62 8.06
CA PRO C 238 17.65 33.84 9.06
C PRO C 238 17.25 34.36 10.44
N LEU C 239 16.62 33.47 11.21
CA LEU C 239 16.07 33.85 12.51
C LEU C 239 17.09 34.43 13.47
N GLU C 240 18.22 33.74 13.67
CA GLU C 240 19.22 34.28 14.60
C GLU C 240 19.71 35.65 14.16
N VAL C 241 19.76 35.92 12.87
CA VAL C 241 20.22 37.24 12.38
C VAL C 241 19.15 38.28 12.63
N PHE C 242 17.89 37.92 12.34
CA PHE C 242 16.80 38.89 12.58
C PHE C 242 16.72 39.25 14.07
N ILE C 243 16.89 38.22 14.93
CA ILE C 243 16.81 38.48 16.38
C ILE C 243 18.01 39.32 16.80
N ALA C 244 19.20 39.02 16.27
CA ALA C 244 20.35 39.90 16.63
C ALA C 244 20.10 41.35 16.28
N VAL C 245 19.56 41.65 15.10
CA VAL C 245 19.27 43.02 14.70
C VAL C 245 18.18 43.64 15.57
N ALA C 246 17.10 42.89 15.75
CA ALA C 246 15.99 43.38 16.60
C ALA C 246 16.51 43.74 17.98
N GLU C 247 17.36 42.92 18.57
CA GLU C 247 17.95 43.14 19.88
C GLU C 247 18.79 44.40 19.91
N ARG C 248 19.61 44.60 18.86
CA ARG C 248 20.41 45.82 18.79
C ARG C 248 19.55 47.07 18.63
N LEU C 249 18.40 46.96 18.00
CA LEU C 249 17.46 48.05 17.81
C LEU C 249 16.61 48.27 19.05
N GLY C 250 16.68 47.40 20.04
CA GLY C 250 15.90 47.51 21.28
C GLY C 250 14.47 47.04 21.12
N TRP C 251 14.21 46.19 20.14
CA TRP C 251 12.86 45.66 19.92
C TRP C 251 12.57 44.54 20.89
N ASN C 252 11.29 44.43 21.25
CA ASN C 252 10.82 43.42 22.19
C ASN C 252 10.52 42.15 21.42
N HIS C 253 11.57 41.36 21.13
CA HIS C 253 11.35 40.18 20.30
C HIS C 253 10.96 38.98 21.13
N GLY C 254 11.25 39.08 22.43
CA GLY C 254 10.91 38.07 23.40
C GLY C 254 11.55 36.72 23.29
N THR C 255 12.70 36.55 22.63
CA THR C 255 13.38 35.28 22.53
C THR C 255 14.78 35.30 23.11
N ASP C 256 15.46 34.16 23.15
CA ASP C 256 16.83 34.08 23.64
C ASP C 256 17.80 33.94 22.46
N LEU C 257 18.45 35.06 22.14
CA LEU C 257 19.38 35.07 21.01
C LEU C 257 20.47 34.00 21.09
N TYR C 258 21.17 33.87 22.20
CA TYR C 258 22.25 32.89 22.30
C TYR C 258 21.79 31.48 21.94
N THR C 259 20.62 31.09 22.47
CA THR C 259 20.05 29.77 22.18
C THR C 259 19.84 29.57 20.68
N LEU C 260 19.28 30.58 20.02
CA LEU C 260 19.05 30.51 18.58
C LEU C 260 20.36 30.43 17.81
N MET C 261 21.36 31.26 18.14
CA MET C 261 22.63 31.22 17.43
C MET C 261 23.31 29.87 17.50
N ASP C 262 23.30 29.23 18.67
CA ASP C 262 23.90 27.91 18.83
C ASP C 262 23.09 26.87 18.09
N ALA C 263 21.74 26.94 18.18
CA ALA C 263 20.93 25.95 17.46
C ALA C 263 21.14 26.03 15.95
N ALA C 264 21.27 27.25 15.42
CA ALA C 264 21.43 27.39 13.98
C ALA C 264 22.68 26.69 13.47
N ASP C 265 23.81 26.84 14.20
CA ASP C 265 25.03 26.27 13.66
C ASP C 265 25.37 24.88 14.18
N ASP C 266 24.92 24.56 15.38
CA ASP C 266 25.27 23.24 15.93
C ASP C 266 24.19 22.18 15.62
N ILE C 267 22.95 22.61 15.39
CA ILE C 267 21.92 21.62 15.05
C ILE C 267 21.53 21.70 13.59
N VAL C 268 21.12 22.90 13.12
CA VAL C 268 20.52 23.00 11.78
C VAL C 268 21.45 23.00 10.60
N ARG C 269 22.50 23.87 10.66
CA ARG C 269 23.42 23.96 9.54
C ARG C 269 24.09 22.66 9.16
N PRO C 270 24.45 21.76 10.08
CA PRO C 270 25.04 20.48 9.76
C PRO C 270 24.07 19.55 9.03
N LEU C 271 22.76 19.88 9.09
CA LEU C 271 21.81 19.04 8.34
C LEU C 271 21.74 19.38 6.86
N GLN C 272 22.25 20.52 6.42
CA GLN C 272 22.27 20.88 5.03
C GLN C 272 23.22 20.06 4.18
N ASP C 273 22.81 19.73 2.98
CA ASP C 273 23.73 19.08 2.02
C ASP C 273 24.03 20.18 1.01
N ARG C 274 23.05 20.74 0.34
CA ARG C 274 23.24 21.87 -0.59
C ARG C 274 23.14 23.12 0.28
N PRO C 275 24.21 23.92 0.35
CA PRO C 275 24.21 25.05 1.29
C PRO C 275 23.11 26.02 0.95
N VAL C 276 22.45 26.43 2.04
CA VAL C 276 21.37 27.42 1.97
C VAL C 276 22.03 28.81 2.02
N ARG C 277 22.17 29.34 0.81
CA ARG C 277 22.93 30.61 0.72
C ARG C 277 22.52 31.29 -0.56
N VAL C 278 22.93 32.56 -0.69
CA VAL C 278 22.71 33.32 -1.90
C VAL C 278 23.90 33.03 -2.82
N ASP C 279 23.59 32.47 -3.97
CA ASP C 279 24.62 32.16 -4.96
C ASP C 279 24.03 32.32 -6.34
N ARG C 280 24.75 32.00 -7.42
CA ARG C 280 24.23 32.24 -8.76
C ARG C 280 22.81 31.73 -8.97
N GLU C 281 22.57 30.50 -8.54
CA GLU C 281 21.26 29.86 -8.72
C GLU C 281 20.18 30.47 -7.84
N THR C 282 20.51 30.71 -6.55
CA THR C 282 19.43 31.26 -5.70
C THR C 282 19.23 32.74 -5.99
N LEU C 283 20.30 33.46 -6.34
CA LEU C 283 20.14 34.84 -6.80
C LEU C 283 19.27 34.87 -8.03
N GLY C 284 19.40 33.88 -8.93
CA GLY C 284 18.59 33.77 -10.12
C GLY C 284 17.08 33.68 -9.80
N LEU C 285 16.75 33.00 -8.71
CA LEU C 285 15.37 32.89 -8.27
C LEU C 285 14.80 34.28 -7.96
N GLY C 286 15.60 35.06 -7.21
CA GLY C 286 15.13 36.38 -6.82
C GLY C 286 15.09 37.39 -7.95
N TYR C 287 16.07 37.33 -8.85
CA TYR C 287 16.18 38.20 -9.98
C TYR C 287 15.03 37.92 -10.96
N ALA C 288 14.72 36.64 -11.18
CA ALA C 288 13.65 36.26 -12.10
C ALA C 288 12.29 36.20 -11.42
N GLY C 289 12.20 36.20 -10.11
CA GLY C 289 10.99 36.10 -9.35
C GLY C 289 10.34 34.71 -9.42
N VAL C 290 11.17 33.69 -9.28
CA VAL C 290 10.65 32.29 -9.36
C VAL C 290 10.42 31.68 -8.00
N TYR C 291 9.33 30.91 -7.89
CA TYR C 291 8.97 30.25 -6.62
C TYR C 291 10.16 29.51 -6.02
N SER C 292 10.57 29.88 -4.81
CA SER C 292 11.85 29.38 -4.28
C SER C 292 12.00 27.88 -4.14
N SER C 293 10.90 27.15 -3.89
CA SER C 293 11.03 25.70 -3.73
C SER C 293 11.42 25.02 -5.03
N PHE C 294 11.33 25.70 -6.17
CA PHE C 294 11.80 25.12 -7.43
C PHE C 294 13.32 24.88 -7.39
N LEU C 295 14.11 25.49 -6.54
CA LEU C 295 15.56 25.35 -6.59
C LEU C 295 16.14 23.95 -6.71
N ARG C 296 15.86 23.05 -5.75
CA ARG C 296 16.53 21.73 -5.84
C ARG C 296 15.95 20.88 -6.96
N HIS C 297 14.70 21.11 -7.32
CA HIS C 297 14.12 20.39 -8.45
C HIS C 297 14.75 20.85 -9.77
N ALA C 298 15.04 22.16 -9.89
CA ALA C 298 15.71 22.68 -11.06
C ALA C 298 17.14 22.12 -11.12
N GLU C 299 17.81 22.06 -9.99
CA GLU C 299 19.18 21.50 -9.96
C GLU C 299 19.17 20.05 -10.37
N ILE C 300 18.18 19.28 -9.93
CA ILE C 300 18.01 17.88 -10.30
C ILE C 300 17.79 17.77 -11.79
N ALA C 301 16.92 18.58 -12.37
CA ALA C 301 16.68 18.56 -13.82
C ALA C 301 17.92 19.02 -14.57
N ALA C 302 18.61 20.01 -14.06
CA ALA C 302 19.83 20.46 -14.74
C ALA C 302 20.87 19.33 -14.84
N ALA C 303 21.04 18.60 -13.76
CA ALA C 303 22.00 17.49 -13.72
C ALA C 303 21.56 16.37 -14.68
N LYS C 304 20.27 16.07 -14.74
CA LYS C 304 19.78 15.04 -15.65
C LYS C 304 19.90 15.39 -17.11
N TYR C 305 19.55 16.60 -17.51
CA TYR C 305 19.53 17.01 -18.89
C TYR C 305 20.79 17.78 -19.32
N ASN C 306 21.75 17.90 -18.44
CA ASN C 306 23.02 18.57 -18.65
C ASN C 306 22.87 20.02 -19.05
N LEU C 307 22.02 20.79 -18.38
CA LEU C 307 21.81 22.18 -18.64
C LEU C 307 22.32 22.99 -17.42
N LYS C 308 22.46 24.28 -17.65
CA LYS C 308 22.78 25.16 -16.53
C LYS C 308 21.48 25.37 -15.74
N THR C 309 21.57 25.21 -14.41
CA THR C 309 20.34 25.49 -13.63
C THR C 309 19.80 26.88 -13.87
N LEU C 310 20.69 27.90 -13.92
CA LEU C 310 20.24 29.26 -14.16
C LEU C 310 19.44 29.44 -15.43
N ASP C 311 19.79 28.75 -16.53
CA ASP C 311 19.05 28.84 -17.76
C ASP C 311 17.61 28.30 -17.54
N ILE C 312 17.50 27.23 -16.77
CA ILE C 312 16.16 26.71 -16.42
C ILE C 312 15.42 27.74 -15.60
N LEU C 313 16.03 28.35 -14.57
CA LEU C 313 15.29 29.29 -13.74
C LEU C 313 14.88 30.56 -14.46
N VAL C 314 15.75 31.11 -15.31
CA VAL C 314 15.38 32.29 -16.08
C VAL C 314 14.20 31.98 -17.00
N GLU C 315 14.19 30.83 -17.66
CA GLU C 315 13.01 30.53 -18.52
C GLU C 315 11.76 30.31 -17.67
N LEU C 316 11.88 29.68 -16.48
CA LEU C 316 10.70 29.56 -15.61
C LEU C 316 10.12 30.92 -15.27
N GLY C 317 11.01 31.91 -15.01
CA GLY C 317 10.58 33.25 -14.72
C GLY C 317 9.81 33.84 -15.89
N HIS C 318 10.24 33.55 -17.12
CA HIS C 318 9.53 34.08 -18.28
C HIS C 318 8.15 33.43 -18.42
N ARG C 319 8.01 32.18 -18.04
CA ARG C 319 6.74 31.45 -18.11
C ARG C 319 5.76 31.84 -17.03
N ARG C 320 6.17 32.58 -16.01
CA ARG C 320 5.31 33.01 -14.92
C ARG C 320 4.59 31.87 -14.20
N MET C 321 5.37 30.94 -13.71
CA MET C 321 4.79 29.84 -12.92
C MET C 321 4.46 30.24 -11.50
N VAL C 322 3.54 29.51 -10.88
CA VAL C 322 3.18 29.79 -9.49
C VAL C 322 3.61 28.64 -8.58
N GLY C 323 3.36 28.81 -7.28
CA GLY C 323 3.72 27.77 -6.32
C GLY C 323 3.08 26.44 -6.71
N GLY C 324 3.79 25.35 -6.49
CA GLY C 324 3.24 24.04 -6.81
C GLY C 324 3.53 23.57 -8.22
N GLN C 325 4.05 24.39 -9.12
CA GLN C 325 4.25 23.99 -10.50
C GLN C 325 5.59 23.38 -10.82
N GLU C 326 6.12 22.55 -9.90
CA GLU C 326 7.38 21.88 -10.13
C GLU C 326 7.42 21.08 -11.41
N ASP C 327 6.28 20.51 -11.83
CA ASP C 327 6.32 19.73 -13.06
C ASP C 327 6.73 20.53 -14.28
N MET C 328 6.49 21.83 -14.32
CA MET C 328 6.92 22.67 -15.44
C MET C 328 8.44 22.84 -15.47
N ILE C 329 9.16 22.56 -14.40
CA ILE C 329 10.65 22.61 -14.42
C ILE C 329 11.18 21.67 -15.49
N VAL C 330 10.72 20.40 -15.51
CA VAL C 330 11.19 19.44 -16.53
C VAL C 330 10.71 19.81 -17.90
N ASP C 331 9.50 20.36 -17.98
CA ASP C 331 8.91 20.87 -19.20
C ASP C 331 9.86 21.94 -19.77
N VAL C 332 10.29 22.86 -18.92
CA VAL C 332 11.25 23.89 -19.42
C VAL C 332 12.57 23.27 -19.84
N ALA C 333 13.12 22.37 -19.05
CA ALA C 333 14.38 21.73 -19.42
C ALA C 333 14.25 21.10 -20.79
N LEU C 334 13.17 20.33 -21.01
CA LEU C 334 13.00 19.68 -22.32
C LEU C 334 12.86 20.66 -23.45
N ASP C 335 12.16 21.76 -23.25
CA ASP C 335 12.01 22.79 -24.25
C ASP C 335 13.35 23.50 -24.51
N LEU C 336 14.17 23.64 -23.49
CA LEU C 336 15.50 24.26 -23.76
C LEU C 336 16.38 23.34 -24.59
N LEU C 337 16.32 22.03 -24.36
CA LEU C 337 17.07 21.07 -25.15
C LEU C 337 16.50 20.95 -26.56
N ALA C 338 15.21 21.20 -26.72
CA ALA C 338 14.62 21.12 -28.06
C ALA C 338 15.21 22.28 -28.87
N ALA C 339 15.14 23.48 -28.30
CA ALA C 339 15.65 24.66 -28.99
C ALA C 339 17.10 24.37 -29.40
N GLN D 3 -37.06 10.74 -31.97
CA GLN D 3 -35.68 10.52 -32.40
C GLN D 3 -34.73 10.91 -31.28
N LYS D 4 -34.11 12.08 -31.28
CA LYS D 4 -33.17 12.36 -30.19
C LYS D 4 -33.86 12.74 -28.89
N LEU D 5 -33.25 12.28 -27.79
CA LEU D 5 -33.75 12.47 -26.44
C LEU D 5 -33.31 13.82 -25.87
N LYS D 6 -34.20 14.40 -25.08
CA LYS D 6 -34.02 15.72 -24.51
C LYS D 6 -33.26 15.70 -23.20
N VAL D 7 -32.41 16.70 -23.01
CA VAL D 7 -31.61 16.81 -21.80
C VAL D 7 -31.70 18.20 -21.14
N ALA D 8 -31.35 18.24 -19.88
CA ALA D 8 -31.19 19.48 -19.13
C ALA D 8 -29.73 19.52 -18.62
N ILE D 9 -29.18 20.73 -18.60
CA ILE D 9 -27.87 20.95 -17.98
C ILE D 9 -28.18 21.86 -16.79
N ILE D 10 -27.72 21.48 -15.61
CA ILE D 10 -27.86 22.25 -14.39
C ILE D 10 -26.46 22.81 -14.10
N GLY D 11 -26.39 24.12 -14.00
CA GLY D 11 -25.13 24.82 -13.78
C GLY D 11 -24.78 25.46 -15.15
N SER D 12 -24.92 26.79 -15.22
CA SER D 12 -24.69 27.54 -16.45
C SER D 12 -23.39 28.32 -16.44
N GLY D 13 -22.38 27.61 -15.91
CA GLY D 13 -21.04 28.21 -15.82
C GLY D 13 -20.15 27.78 -16.96
N ASN D 14 -18.82 27.73 -16.69
CA ASN D 14 -17.88 27.36 -17.73
C ASN D 14 -18.12 25.95 -18.25
N ILE D 15 -18.26 24.99 -17.34
CA ILE D 15 -18.49 23.61 -17.79
C ILE D 15 -19.87 23.43 -18.45
N GLY D 16 -20.91 23.87 -17.75
CA GLY D 16 -22.27 23.73 -18.24
C GLY D 16 -22.50 24.38 -19.60
N THR D 17 -21.98 25.59 -19.83
CA THR D 17 -22.16 26.28 -21.09
C THR D 17 -21.37 25.66 -22.21
N ASP D 18 -20.12 25.19 -21.94
CA ASP D 18 -19.33 24.53 -22.95
C ASP D 18 -20.08 23.26 -23.38
N LEU D 19 -20.60 22.54 -22.39
CA LEU D 19 -21.32 21.29 -22.66
C LEU D 19 -22.55 21.56 -23.54
N MET D 20 -23.25 22.66 -23.24
CA MET D 20 -24.43 23.00 -24.04
C MET D 20 -24.10 23.15 -25.50
N ILE D 21 -23.07 23.91 -25.86
CA ILE D 21 -22.62 24.10 -27.22
C ILE D 21 -22.30 22.77 -27.87
N LYS D 22 -21.61 21.86 -27.17
CA LYS D 22 -21.36 20.53 -27.73
C LYS D 22 -22.65 19.74 -27.97
N VAL D 23 -23.63 19.78 -27.10
CA VAL D 23 -24.90 19.07 -27.31
C VAL D 23 -25.53 19.62 -28.58
N LEU D 24 -25.63 20.93 -28.67
CA LEU D 24 -26.24 21.55 -29.85
C LEU D 24 -25.60 21.08 -31.15
N ARG D 25 -24.29 21.24 -31.29
CA ARG D 25 -23.60 20.87 -32.49
C ARG D 25 -23.21 19.43 -32.81
N ASN D 26 -22.91 18.64 -31.80
CA ASN D 26 -22.35 17.32 -32.02
C ASN D 26 -23.23 16.17 -31.58
N ALA D 27 -24.13 16.37 -30.64
CA ALA D 27 -24.97 15.28 -30.18
C ALA D 27 -25.75 14.70 -31.36
N LYS D 28 -25.77 13.39 -31.42
CA LYS D 28 -26.50 12.68 -32.47
C LYS D 28 -27.76 12.05 -31.89
N TYR D 29 -27.73 11.70 -30.61
CA TYR D 29 -28.81 11.06 -29.92
C TYR D 29 -29.51 11.89 -28.87
N LEU D 30 -29.02 13.09 -28.65
CA LEU D 30 -29.55 13.99 -27.64
C LEU D 30 -29.77 15.39 -28.23
N GLU D 31 -30.61 16.17 -27.59
CA GLU D 31 -30.88 17.55 -28.00
C GLU D 31 -31.22 18.37 -26.77
N MET D 32 -30.83 19.63 -26.73
CA MET D 32 -31.07 20.47 -25.56
C MET D 32 -32.54 20.73 -25.28
N GLY D 33 -32.90 20.63 -24.02
CA GLY D 33 -34.27 20.88 -23.57
C GLY D 33 -34.27 22.10 -22.67
N ALA D 34 -33.25 22.20 -21.80
CA ALA D 34 -33.19 23.35 -20.90
C ALA D 34 -31.80 23.58 -20.32
N MET D 35 -31.51 24.82 -19.99
CA MET D 35 -30.26 25.19 -19.30
C MET D 35 -30.75 25.83 -18.02
N VAL D 36 -30.29 25.33 -16.89
CA VAL D 36 -30.74 25.69 -15.57
C VAL D 36 -29.64 26.26 -14.70
N GLY D 37 -29.91 27.43 -14.12
CA GLY D 37 -28.93 28.08 -13.24
C GLY D 37 -29.59 28.61 -12.00
N ILE D 38 -28.86 29.45 -11.25
CA ILE D 38 -29.42 30.04 -10.04
C ILE D 38 -29.16 31.54 -10.01
N ASP D 39 -28.45 32.03 -11.01
CA ASP D 39 -28.06 33.45 -11.07
C ASP D 39 -28.59 34.07 -12.34
N ALA D 40 -29.57 34.98 -12.29
CA ALA D 40 -30.08 35.52 -13.55
C ALA D 40 -29.03 36.17 -14.42
N ALA D 41 -27.97 36.76 -13.89
CA ALA D 41 -26.89 37.39 -14.61
C ALA D 41 -25.87 36.42 -15.22
N SER D 42 -25.99 35.12 -14.99
CA SER D 42 -25.05 34.16 -15.58
C SER D 42 -25.01 34.26 -17.08
N ASP D 43 -23.78 34.39 -17.60
CA ASP D 43 -23.52 34.46 -19.01
C ASP D 43 -24.07 33.21 -19.70
N GLY D 44 -23.96 32.03 -19.10
CA GLY D 44 -24.44 30.83 -19.76
C GLY D 44 -25.95 30.86 -20.03
N LEU D 45 -26.71 31.51 -19.15
CA LEU D 45 -28.16 31.60 -19.38
C LEU D 45 -28.41 32.51 -20.57
N ALA D 46 -27.62 33.58 -20.71
CA ALA D 46 -27.73 34.47 -21.86
C ALA D 46 -27.29 33.78 -23.14
N ARG D 47 -26.31 32.86 -23.09
CA ARG D 47 -25.89 32.17 -24.31
C ARG D 47 -26.99 31.20 -24.75
N ALA D 48 -27.58 30.56 -23.75
CA ALA D 48 -28.67 29.62 -23.94
C ALA D 48 -29.85 30.32 -24.61
N GLN D 49 -30.24 31.47 -24.07
CA GLN D 49 -31.36 32.21 -24.70
C GLN D 49 -31.09 32.57 -26.14
N ARG D 50 -29.88 32.98 -26.51
CA ARG D 50 -29.47 33.26 -27.87
C ARG D 50 -29.52 32.04 -28.80
N MET D 51 -29.45 30.83 -28.25
CA MET D 51 -29.50 29.62 -29.06
C MET D 51 -30.92 29.05 -29.14
N GLY D 52 -31.84 29.73 -28.46
CA GLY D 52 -33.23 29.29 -28.46
C GLY D 52 -33.54 28.26 -27.40
N VAL D 53 -32.62 28.05 -26.46
CA VAL D 53 -32.80 27.08 -25.40
C VAL D 53 -33.52 27.67 -24.21
N THR D 54 -34.52 26.94 -23.71
CA THR D 54 -35.26 27.33 -22.54
C THR D 54 -34.34 27.42 -21.32
N THR D 55 -34.46 28.50 -20.55
CA THR D 55 -33.64 28.69 -19.37
C THR D 55 -34.49 28.94 -18.14
N THR D 56 -33.96 28.83 -16.94
CA THR D 56 -34.55 29.17 -15.68
C THR D 56 -33.43 29.59 -14.71
N TYR D 57 -33.70 30.57 -13.83
CA TYR D 57 -32.65 30.90 -12.84
C TYR D 57 -33.18 30.42 -11.50
N ALA D 58 -34.16 29.51 -11.52
CA ALA D 58 -34.75 29.06 -10.26
C ALA D 58 -34.24 27.70 -9.83
N GLY D 59 -33.06 27.28 -10.29
CA GLY D 59 -32.47 26.04 -9.90
C GLY D 59 -33.24 24.79 -10.27
N VAL D 60 -32.90 23.68 -9.59
CA VAL D 60 -33.48 22.38 -9.90
C VAL D 60 -34.99 22.42 -9.74
N GLU D 61 -35.46 23.06 -8.68
CA GLU D 61 -36.89 23.26 -8.45
C GLU D 61 -37.55 23.83 -9.69
N GLY D 62 -36.98 24.87 -10.32
CA GLY D 62 -37.50 25.47 -11.52
C GLY D 62 -37.49 24.54 -12.72
N LEU D 63 -36.45 23.71 -12.79
CA LEU D 63 -36.30 22.73 -13.86
C LEU D 63 -37.52 21.83 -13.97
N ILE D 64 -37.88 21.24 -12.85
CA ILE D 64 -39.04 20.34 -12.79
C ILE D 64 -40.35 21.00 -13.18
N LYS D 65 -40.53 22.24 -12.73
CA LYS D 65 -41.76 22.99 -13.06
C LYS D 65 -41.78 23.30 -14.53
N LEU D 66 -40.61 23.35 -15.17
CA LEU D 66 -40.54 23.59 -16.59
C LEU D 66 -41.37 22.47 -17.27
N PRO D 67 -42.13 22.89 -18.27
CA PRO D 67 -42.93 22.01 -19.11
C PRO D 67 -42.01 21.05 -19.84
N GLU D 68 -40.89 21.58 -20.35
CA GLU D 68 -39.86 20.80 -21.01
C GLU D 68 -39.40 19.58 -20.23
N PHE D 69 -39.45 19.65 -18.91
CA PHE D 69 -39.12 18.57 -18.01
C PHE D 69 -39.86 17.27 -18.24
N ALA D 70 -41.09 17.30 -18.70
CA ALA D 70 -41.84 16.05 -18.96
C ALA D 70 -41.16 15.15 -19.97
N ASP D 71 -40.45 15.70 -20.95
CA ASP D 71 -39.75 14.93 -21.95
C ASP D 71 -38.23 14.88 -21.70
N ILE D 72 -37.76 15.40 -20.57
CA ILE D 72 -36.30 15.38 -20.36
C ILE D 72 -35.86 14.04 -19.76
N ASP D 73 -34.98 13.34 -20.50
CA ASP D 73 -34.54 12.03 -20.03
C ASP D 73 -33.12 12.04 -19.42
N PHE D 74 -32.34 13.08 -19.63
CA PHE D 74 -30.97 13.12 -19.11
C PHE D 74 -30.70 14.47 -18.44
N VAL D 75 -30.05 14.48 -17.29
CA VAL D 75 -29.67 15.71 -16.64
C VAL D 75 -28.14 15.69 -16.48
N PHE D 76 -27.49 16.73 -16.97
CA PHE D 76 -26.05 16.83 -16.71
C PHE D 76 -25.87 17.81 -15.57
N ASP D 77 -25.09 17.45 -14.52
CA ASP D 77 -24.89 18.33 -13.39
C ASP D 77 -23.52 19.00 -13.39
N ALA D 78 -23.50 20.27 -13.71
CA ALA D 78 -22.29 21.08 -13.80
C ALA D 78 -22.30 22.19 -12.75
N THR D 79 -22.75 21.93 -11.55
CA THR D 79 -22.83 22.93 -10.50
C THR D 79 -21.63 22.90 -9.57
N SER D 80 -21.70 22.08 -8.55
CA SER D 80 -20.57 21.96 -7.61
C SER D 80 -20.87 20.70 -6.82
N ALA D 81 -19.86 20.01 -6.27
CA ALA D 81 -20.12 18.77 -5.56
C ALA D 81 -21.16 18.81 -4.47
N SER D 82 -21.25 19.81 -3.57
CA SER D 82 -22.33 19.73 -2.57
C SER D 82 -23.71 19.92 -3.20
N ALA D 83 -23.80 20.75 -4.24
CA ALA D 83 -25.11 20.95 -4.89
C ALA D 83 -25.66 19.66 -5.46
N HIS D 84 -24.79 18.79 -5.99
CA HIS D 84 -25.20 17.54 -6.61
C HIS D 84 -25.96 16.56 -5.75
N VAL D 85 -25.70 16.38 -4.46
CA VAL D 85 -26.48 15.38 -3.70
C VAL D 85 -27.95 15.82 -3.63
N GLN D 86 -28.19 17.10 -3.48
CA GLN D 86 -29.54 17.66 -3.47
C GLN D 86 -30.18 17.56 -4.85
N ASN D 87 -29.40 17.86 -5.90
CA ASN D 87 -29.91 17.77 -7.26
C ASN D 87 -30.31 16.32 -7.54
N GLU D 88 -29.52 15.33 -7.17
CA GLU D 88 -29.89 13.93 -7.39
C GLU D 88 -31.19 13.63 -6.63
N ALA D 89 -31.22 13.98 -5.36
CA ALA D 89 -32.40 13.74 -4.52
C ALA D 89 -33.68 14.19 -5.21
N LEU D 90 -33.80 15.49 -5.46
CA LEU D 90 -34.99 16.05 -6.09
C LEU D 90 -35.32 15.52 -7.46
N LEU D 91 -34.30 15.21 -8.27
CA LEU D 91 -34.57 14.70 -9.60
C LEU D 91 -35.02 13.24 -9.56
N ARG D 92 -34.48 12.45 -8.65
CA ARG D 92 -34.82 11.03 -8.58
C ARG D 92 -36.28 10.89 -8.13
N GLN D 93 -36.64 11.66 -7.11
CA GLN D 93 -38.01 11.66 -6.63
C GLN D 93 -38.96 11.89 -7.80
N ALA D 94 -38.84 13.06 -8.41
CA ALA D 94 -39.66 13.52 -9.50
C ALA D 94 -39.65 12.69 -10.78
N LYS D 95 -38.54 12.06 -11.13
CA LYS D 95 -38.50 11.27 -12.35
C LYS D 95 -37.53 10.10 -12.18
N PRO D 96 -38.03 9.04 -11.55
CA PRO D 96 -37.27 7.84 -11.23
C PRO D 96 -36.26 7.31 -12.19
N GLY D 97 -36.58 7.22 -13.47
CA GLY D 97 -35.65 6.66 -14.44
C GLY D 97 -34.80 7.75 -15.09
N ILE D 98 -34.81 8.98 -14.58
CA ILE D 98 -34.01 10.02 -15.25
C ILE D 98 -32.53 9.63 -15.12
N ARG D 99 -31.76 9.86 -16.16
CA ARG D 99 -30.33 9.53 -16.11
C ARG D 99 -29.55 10.79 -15.75
N LEU D 100 -28.74 10.66 -14.70
CA LEU D 100 -27.92 11.75 -14.22
C LEU D 100 -26.47 11.46 -14.64
N ILE D 101 -25.86 12.50 -15.17
CA ILE D 101 -24.44 12.42 -15.57
C ILE D 101 -23.81 13.53 -14.73
N ASP D 102 -23.04 13.11 -13.73
CA ASP D 102 -22.45 14.01 -12.75
C ASP D 102 -21.08 14.53 -13.17
N LEU D 103 -20.96 15.82 -13.48
CA LEU D 103 -19.71 16.42 -13.91
C LEU D 103 -18.96 16.98 -12.72
N THR D 104 -19.53 16.91 -11.54
CA THR D 104 -18.91 17.38 -10.33
C THR D 104 -18.17 16.20 -9.69
N PRO D 105 -17.34 16.50 -8.69
CA PRO D 105 -16.57 15.44 -8.04
C PRO D 105 -17.37 14.74 -6.95
N ALA D 106 -18.70 14.96 -6.84
CA ALA D 106 -19.52 14.34 -5.83
C ALA D 106 -19.38 12.82 -5.84
N ALA D 107 -19.38 12.16 -6.97
CA ALA D 107 -19.16 10.75 -7.17
C ALA D 107 -20.02 9.80 -6.37
N ILE D 108 -21.34 10.01 -6.48
CA ILE D 108 -22.22 9.06 -5.79
C ILE D 108 -22.54 7.89 -6.69
N GLY D 109 -22.24 8.01 -7.97
CA GLY D 109 -22.40 6.97 -8.95
C GLY D 109 -20.99 6.49 -9.31
N PRO D 110 -20.86 5.42 -10.03
CA PRO D 110 -19.56 4.91 -10.44
C PRO D 110 -18.87 5.82 -11.45
N TYR D 111 -17.55 5.67 -11.54
CA TYR D 111 -16.78 6.51 -12.46
C TYR D 111 -16.82 6.03 -13.90
N CYS D 112 -16.82 6.96 -14.86
CA CYS D 112 -16.70 6.64 -16.25
C CYS D 112 -15.65 7.57 -16.89
N VAL D 113 -14.65 6.97 -17.48
CA VAL D 113 -13.60 7.59 -18.28
C VAL D 113 -13.71 6.82 -19.61
N PRO D 114 -14.41 7.37 -20.60
CA PRO D 114 -14.79 6.66 -21.80
C PRO D 114 -13.77 5.78 -22.49
N VAL D 115 -12.52 6.24 -22.66
CA VAL D 115 -11.51 5.40 -23.34
C VAL D 115 -11.08 4.20 -22.52
N VAL D 116 -11.39 4.15 -21.24
CA VAL D 116 -11.11 3.03 -20.37
C VAL D 116 -12.37 2.20 -20.14
N ASN D 117 -13.55 2.77 -19.90
CA ASN D 117 -14.71 1.92 -19.54
C ASN D 117 -16.08 2.46 -19.92
N LEU D 118 -16.18 3.03 -21.09
CA LEU D 118 -17.45 3.56 -21.58
C LEU D 118 -18.61 2.57 -21.47
N GLU D 119 -18.31 1.33 -21.88
CA GLU D 119 -19.35 0.30 -21.88
C GLU D 119 -19.74 -0.19 -20.52
N GLU D 120 -18.97 0.03 -19.45
CA GLU D 120 -19.27 -0.55 -18.16
C GLU D 120 -20.50 -0.12 -17.43
N HIS D 121 -20.86 1.16 -17.39
CA HIS D 121 -21.97 1.65 -16.58
C HIS D 121 -23.12 2.24 -17.38
N LEU D 122 -23.32 1.76 -18.59
CA LEU D 122 -24.38 2.26 -19.47
C LEU D 122 -25.79 2.08 -18.95
N GLY D 123 -26.01 1.14 -18.02
CA GLY D 123 -27.34 0.92 -17.47
C GLY D 123 -27.58 1.65 -16.16
N LYS D 124 -26.58 2.41 -15.66
CA LYS D 124 -26.69 3.07 -14.37
C LYS D 124 -27.41 4.41 -14.50
N LEU D 125 -28.15 4.79 -13.47
CA LEU D 125 -28.94 6.02 -13.50
C LEU D 125 -28.24 7.25 -12.97
N ASN D 126 -27.00 7.07 -12.50
CA ASN D 126 -26.18 8.14 -11.99
C ASN D 126 -24.73 7.69 -12.25
N VAL D 127 -24.08 8.41 -13.15
CA VAL D 127 -22.69 8.05 -13.49
C VAL D 127 -21.87 9.29 -13.25
N ASN D 128 -20.72 9.15 -12.61
CA ASN D 128 -19.84 10.29 -12.28
C ASN D 128 -18.67 10.34 -13.25
N MET D 129 -18.33 11.58 -13.68
CA MET D 129 -17.27 11.77 -14.66
C MET D 129 -15.93 12.23 -14.06
N VAL D 130 -15.74 11.91 -12.79
CA VAL D 130 -14.49 12.21 -12.09
C VAL D 130 -14.28 13.73 -12.09
N THR D 131 -13.30 14.26 -12.78
CA THR D 131 -12.93 15.65 -12.85
C THR D 131 -12.20 15.92 -14.18
N CYS D 132 -11.84 17.21 -14.45
CA CYS D 132 -11.09 17.41 -15.70
C CYS D 132 -9.73 16.76 -15.59
N GLY D 133 -9.07 16.91 -14.45
CA GLY D 133 -7.77 16.26 -14.25
C GLY D 133 -7.91 14.76 -14.44
N GLY D 134 -8.93 14.14 -13.87
CA GLY D 134 -9.14 12.70 -14.00
C GLY D 134 -9.37 12.28 -15.44
N GLN D 135 -10.24 12.99 -16.19
CA GLN D 135 -10.47 12.65 -17.59
C GLN D 135 -9.19 12.84 -18.39
N ALA D 136 -8.32 13.84 -18.05
CA ALA D 136 -7.11 13.97 -18.84
C ALA D 136 -6.04 12.94 -18.50
N THR D 137 -5.98 12.52 -17.24
CA THR D 137 -4.82 11.73 -16.78
C THR D 137 -5.08 10.28 -16.44
N ILE D 138 -6.34 9.93 -16.13
CA ILE D 138 -6.65 8.51 -15.89
C ILE D 138 -6.37 7.64 -17.10
N PRO D 139 -6.53 8.08 -18.32
CA PRO D 139 -6.18 7.33 -19.50
C PRO D 139 -4.68 7.03 -19.57
N MET D 140 -3.85 7.96 -19.04
CA MET D 140 -2.40 7.66 -19.00
C MET D 140 -2.06 6.64 -17.95
N VAL D 141 -2.66 6.74 -16.76
CA VAL D 141 -2.42 5.76 -15.69
C VAL D 141 -2.80 4.37 -16.22
N ALA D 142 -3.97 4.32 -16.85
CA ALA D 142 -4.46 3.06 -17.45
C ALA D 142 -3.54 2.55 -18.54
N ALA D 143 -2.94 3.45 -19.31
CA ALA D 143 -2.01 3.03 -20.36
C ALA D 143 -0.80 2.37 -19.73
N VAL D 144 -0.36 2.84 -18.56
CA VAL D 144 0.77 2.17 -17.91
C VAL D 144 0.31 0.86 -17.29
N SER D 145 -0.83 0.85 -16.56
CA SER D 145 -1.33 -0.33 -15.89
C SER D 145 -1.63 -1.50 -16.84
N ARG D 146 -1.91 -1.31 -18.11
CA ARG D 146 -2.13 -2.48 -18.97
C ARG D 146 -0.82 -3.11 -19.42
N VAL D 147 0.30 -2.45 -19.12
CA VAL D 147 1.63 -2.97 -19.38
C VAL D 147 2.26 -3.50 -18.11
N ALA D 148 2.15 -2.83 -16.95
CA ALA D 148 2.81 -3.33 -15.75
C ALA D 148 2.04 -2.96 -14.50
N LYS D 149 2.24 -3.66 -13.39
CA LYS D 149 1.61 -3.31 -12.12
C LYS D 149 2.04 -1.91 -11.67
N VAL D 150 1.05 -1.09 -11.29
CA VAL D 150 1.33 0.29 -10.86
C VAL D 150 1.17 0.37 -9.37
N HIS D 151 2.23 0.75 -8.65
CA HIS D 151 2.25 0.89 -7.21
C HIS D 151 1.68 2.24 -6.76
N TYR D 152 2.00 3.28 -7.54
CA TYR D 152 1.56 4.62 -7.15
C TYR D 152 1.42 5.50 -8.37
N ALA D 153 0.43 6.36 -8.49
CA ALA D 153 0.27 7.23 -9.65
C ALA D 153 -0.20 8.59 -9.10
N GLU D 154 0.39 9.66 -9.68
CA GLU D 154 0.12 11.00 -9.16
C GLU D 154 -0.06 11.94 -10.33
N ILE D 155 -1.08 12.79 -10.32
CA ILE D 155 -1.35 13.70 -11.42
C ILE D 155 -1.37 15.13 -10.91
N VAL D 156 -0.87 16.06 -11.75
CA VAL D 156 -0.80 17.47 -11.43
C VAL D 156 -1.52 18.18 -12.57
N ALA D 157 -2.67 18.78 -12.27
CA ALA D 157 -3.45 19.47 -13.28
C ALA D 157 -3.28 20.97 -13.07
N SER D 158 -2.83 21.71 -14.08
CA SER D 158 -2.72 23.16 -13.90
C SER D 158 -3.62 23.81 -14.95
N ILE D 159 -4.52 24.66 -14.47
CA ILE D 159 -5.47 25.29 -15.38
C ILE D 159 -5.43 26.81 -15.22
N SER D 160 -5.89 27.48 -16.28
CA SER D 160 -5.93 28.95 -16.16
C SER D 160 -6.94 29.34 -15.11
N SER D 161 -6.62 30.33 -14.27
CA SER D 161 -7.54 30.80 -13.26
C SER D 161 -8.88 31.24 -13.90
N LYS D 162 -8.87 31.85 -15.07
CA LYS D 162 -10.10 32.29 -15.68
C LYS D 162 -11.04 31.14 -16.10
N SER D 163 -10.53 29.94 -16.27
CA SER D 163 -11.33 28.79 -16.69
C SER D 163 -11.94 28.08 -15.49
N ALA D 164 -11.50 28.40 -14.30
CA ALA D 164 -11.99 27.82 -13.04
C ALA D 164 -13.04 28.74 -12.47
N GLY D 165 -14.32 28.36 -12.64
CA GLY D 165 -15.36 29.24 -12.08
C GLY D 165 -15.48 29.00 -10.59
N PRO D 166 -16.34 29.76 -9.93
CA PRO D 166 -16.63 29.58 -8.52
C PRO D 166 -17.02 28.17 -8.11
N GLY D 167 -17.76 27.43 -8.96
CA GLY D 167 -18.15 26.07 -8.61
C GLY D 167 -16.91 25.16 -8.52
N THR D 168 -15.91 25.42 -9.35
CA THR D 168 -14.69 24.63 -9.28
C THR D 168 -13.92 24.94 -8.01
N ARG D 169 -13.82 26.23 -7.72
CA ARG D 169 -13.11 26.76 -6.55
C ARG D 169 -13.73 26.30 -5.26
N ALA D 170 -15.06 26.04 -5.23
CA ALA D 170 -15.69 25.61 -4.00
C ALA D 170 -15.62 24.10 -3.80
N ASN D 171 -15.07 23.35 -4.75
CA ASN D 171 -14.94 21.92 -4.60
C ASN D 171 -13.50 21.42 -4.82
N ILE D 172 -12.52 22.26 -4.42
CA ILE D 172 -11.14 21.81 -4.65
C ILE D 172 -10.75 20.59 -3.83
N ASP D 173 -11.19 20.49 -2.58
CA ASP D 173 -10.87 19.29 -1.80
C ASP D 173 -11.45 18.04 -2.45
N GLU D 174 -12.74 18.18 -2.82
CA GLU D 174 -13.41 17.07 -3.51
C GLU D 174 -12.70 16.73 -4.80
N PHE D 175 -12.19 17.71 -5.52
CA PHE D 175 -11.39 17.45 -6.72
C PHE D 175 -10.26 16.48 -6.36
N THR D 176 -9.43 16.76 -5.39
CA THR D 176 -8.27 15.89 -5.12
C THR D 176 -8.68 14.50 -4.64
N GLU D 177 -9.70 14.42 -3.80
CA GLU D 177 -10.16 13.14 -3.25
C GLU D 177 -10.78 12.26 -4.34
N THR D 178 -11.69 12.78 -5.15
CA THR D 178 -12.32 11.95 -6.19
C THR D 178 -11.36 11.59 -7.28
N THR D 179 -10.43 12.51 -7.66
CA THR D 179 -9.51 12.19 -8.73
C THR D 179 -8.54 11.10 -8.22
N SER D 180 -8.12 11.22 -6.95
CA SER D 180 -7.19 10.18 -6.46
C SER D 180 -7.84 8.80 -6.37
N LYS D 181 -9.10 8.78 -5.94
CA LYS D 181 -9.80 7.47 -5.88
C LYS D 181 -10.00 6.92 -7.27
N ALA D 182 -10.37 7.73 -8.27
CA ALA D 182 -10.53 7.28 -9.64
C ALA D 182 -9.24 6.84 -10.30
N ILE D 183 -8.10 7.46 -9.93
CA ILE D 183 -6.81 7.00 -10.48
C ILE D 183 -6.59 5.54 -10.09
N GLU D 184 -6.98 5.16 -8.89
CA GLU D 184 -6.92 3.79 -8.39
C GLU D 184 -7.99 2.90 -9.06
N VAL D 185 -9.24 3.26 -8.88
CA VAL D 185 -10.34 2.40 -9.40
C VAL D 185 -10.30 2.21 -10.89
N ILE D 186 -10.16 3.26 -11.68
CA ILE D 186 -10.18 3.15 -13.13
C ILE D 186 -8.80 3.12 -13.75
N GLY D 187 -7.84 3.85 -13.17
CA GLY D 187 -6.48 3.89 -13.71
C GLY D 187 -5.74 2.60 -13.35
N GLY D 188 -6.12 1.96 -12.24
CA GLY D 188 -5.45 0.72 -11.89
C GLY D 188 -4.33 0.87 -10.88
N ALA D 189 -4.04 2.12 -10.47
CA ALA D 189 -2.96 2.28 -9.47
C ALA D 189 -3.31 1.77 -8.12
N ALA D 190 -2.35 1.20 -7.36
CA ALA D 190 -2.63 0.77 -6.00
C ALA D 190 -2.88 1.92 -5.04
N LYS D 191 -2.29 3.09 -5.35
CA LYS D 191 -2.46 4.32 -4.60
C LYS D 191 -2.40 5.54 -5.55
N GLY D 192 -3.34 6.45 -5.38
CA GLY D 192 -3.30 7.65 -6.26
C GLY D 192 -3.20 8.91 -5.41
N LYS D 193 -2.79 9.98 -6.11
CA LYS D 193 -2.72 11.32 -5.55
C LYS D 193 -3.02 12.31 -6.67
N ALA D 194 -3.75 13.37 -6.41
CA ALA D 194 -4.03 14.40 -7.38
C ALA D 194 -3.84 15.79 -6.77
N ILE D 195 -3.27 16.66 -7.58
CA ILE D 195 -2.97 18.05 -7.30
C ILE D 195 -3.60 18.93 -8.38
N ILE D 196 -4.21 20.04 -7.92
CA ILE D 196 -4.74 20.99 -8.90
C ILE D 196 -4.17 22.38 -8.58
N ILE D 197 -3.73 23.08 -9.62
CA ILE D 197 -3.09 24.41 -9.46
C ILE D 197 -3.79 25.40 -10.41
N MET D 198 -4.13 26.60 -9.97
CA MET D 198 -4.68 27.63 -10.86
C MET D 198 -3.64 28.73 -11.13
N ASN D 199 -3.38 29.11 -12.35
CA ASN D 199 -2.38 30.16 -12.67
C ASN D 199 -3.08 31.25 -13.45
N PRO D 200 -3.01 32.51 -13.03
CA PRO D 200 -3.71 33.60 -13.68
C PRO D 200 -2.92 34.27 -14.80
N ALA D 201 -1.83 33.70 -15.23
CA ALA D 201 -1.04 34.33 -16.31
C ALA D 201 -1.88 34.74 -17.51
N GLU D 202 -1.43 35.87 -18.13
CA GLU D 202 -2.07 36.38 -19.32
C GLU D 202 -1.22 36.58 -20.56
N PRO D 203 -1.27 35.79 -21.58
CA PRO D 203 -2.51 35.33 -22.20
C PRO D 203 -2.79 34.05 -21.41
N PRO D 204 -4.03 33.68 -21.15
CA PRO D 204 -4.31 32.48 -20.38
C PRO D 204 -3.64 31.25 -20.93
N LEU D 205 -3.20 30.41 -19.99
CA LEU D 205 -2.50 29.18 -20.25
C LEU D 205 -3.39 28.00 -20.64
N ILE D 206 -2.83 27.24 -21.57
CA ILE D 206 -3.43 25.98 -21.99
C ILE D 206 -3.39 25.03 -20.81
N MET D 207 -4.38 24.19 -20.65
CA MET D 207 -4.41 23.19 -19.59
C MET D 207 -3.17 22.30 -19.74
N ARG D 208 -2.49 22.07 -18.64
CA ARG D 208 -1.37 21.14 -18.65
C ARG D 208 -1.69 20.08 -17.60
N ASP D 209 -1.23 18.85 -17.87
CA ASP D 209 -1.43 17.75 -16.95
C ASP D 209 -0.13 16.95 -16.96
N THR D 210 0.41 16.70 -15.78
CA THR D 210 1.63 15.88 -15.72
C THR D 210 1.24 14.61 -14.92
N VAL D 211 1.63 13.47 -15.44
CA VAL D 211 1.28 12.20 -14.80
C VAL D 211 2.58 11.47 -14.42
N TYR D 212 2.68 11.14 -13.16
CA TYR D 212 3.89 10.39 -12.75
C TYR D 212 3.42 9.00 -12.32
N VAL D 213 4.00 7.95 -12.88
CA VAL D 213 3.53 6.61 -12.51
C VAL D 213 4.69 5.74 -12.02
N LEU D 214 4.54 5.17 -10.83
CA LEU D 214 5.61 4.26 -10.34
C LEU D 214 5.08 2.86 -10.61
N SER D 215 5.74 2.15 -11.54
CA SER D 215 5.28 0.78 -11.79
C SER D 215 6.41 -0.22 -11.50
N ALA D 216 6.02 -1.50 -11.55
CA ALA D 216 7.09 -2.52 -11.50
C ALA D 216 7.94 -2.33 -12.73
N ALA D 217 9.17 -2.90 -12.71
CA ALA D 217 10.05 -2.82 -13.88
C ALA D 217 9.29 -3.17 -15.14
N ALA D 218 9.50 -2.44 -16.21
CA ALA D 218 8.78 -2.68 -17.45
C ALA D 218 9.59 -2.24 -18.65
N ASP D 219 9.15 -2.70 -19.82
CA ASP D 219 9.80 -2.28 -21.05
C ASP D 219 9.38 -0.87 -21.44
N GLN D 220 10.32 0.07 -21.51
CA GLN D 220 10.00 1.45 -21.85
C GLN D 220 9.37 1.67 -23.19
N ALA D 221 9.81 0.96 -24.24
CA ALA D 221 9.20 1.11 -25.55
C ALA D 221 7.73 0.68 -25.47
N ALA D 222 7.43 -0.37 -24.72
CA ALA D 222 6.05 -0.85 -24.60
C ALA D 222 5.18 0.14 -23.85
N VAL D 223 5.70 0.78 -22.79
CA VAL D 223 4.90 1.80 -22.09
C VAL D 223 4.63 2.96 -23.01
N ALA D 224 5.67 3.43 -23.71
CA ALA D 224 5.56 4.56 -24.64
C ALA D 224 4.57 4.30 -25.76
N ALA D 225 4.57 3.07 -26.27
CA ALA D 225 3.62 2.64 -27.30
C ALA D 225 2.19 2.60 -26.74
N SER D 226 2.04 2.12 -25.51
CA SER D 226 0.70 2.05 -24.89
C SER D 226 0.18 3.49 -24.71
N VAL D 227 1.07 4.35 -24.23
CA VAL D 227 0.72 5.76 -24.03
C VAL D 227 0.29 6.41 -25.32
N ALA D 228 1.04 6.19 -26.41
CA ALA D 228 0.70 6.75 -27.70
C ALA D 228 -0.66 6.27 -28.21
N GLU D 229 -0.97 5.00 -28.01
CA GLU D 229 -2.26 4.46 -28.45
C GLU D 229 -3.38 5.12 -27.65
N MET D 230 -3.16 5.30 -26.35
CA MET D 230 -4.22 5.91 -25.54
C MET D 230 -4.45 7.38 -25.92
N VAL D 231 -3.40 8.11 -26.22
CA VAL D 231 -3.53 9.52 -26.67
C VAL D 231 -4.38 9.53 -27.93
N GLN D 232 -4.07 8.62 -28.88
CA GLN D 232 -4.91 8.52 -30.06
C GLN D 232 -6.37 8.23 -29.69
N ALA D 233 -6.66 7.35 -28.75
CA ALA D 233 -8.01 7.03 -28.31
C ALA D 233 -8.73 8.25 -27.79
N VAL D 234 -8.05 9.03 -26.91
CA VAL D 234 -8.65 10.24 -26.38
C VAL D 234 -8.84 11.28 -27.47
N GLN D 235 -7.94 11.37 -28.45
CA GLN D 235 -8.06 12.35 -29.52
C GLN D 235 -9.31 12.15 -30.39
N ALA D 236 -9.89 10.97 -30.38
CA ALA D 236 -11.14 10.69 -31.09
C ALA D 236 -12.24 11.50 -30.46
N TYR D 237 -12.13 11.85 -29.18
CA TYR D 237 -13.12 12.69 -28.52
C TYR D 237 -12.68 14.15 -28.44
N VAL D 238 -11.43 14.39 -28.06
CA VAL D 238 -10.88 15.74 -27.88
C VAL D 238 -9.61 15.88 -28.70
N PRO D 239 -9.71 16.41 -29.93
CA PRO D 239 -8.60 16.50 -30.86
C PRO D 239 -7.41 17.30 -30.35
N GLY D 240 -7.62 18.27 -29.47
CA GLY D 240 -6.53 19.07 -28.90
C GLY D 240 -5.77 18.41 -27.76
N TYR D 241 -6.16 17.21 -27.35
CA TYR D 241 -5.41 16.46 -26.34
C TYR D 241 -4.16 15.87 -26.96
N ARG D 242 -2.99 16.15 -26.35
CA ARG D 242 -1.77 15.62 -26.93
C ARG D 242 -0.58 15.65 -25.99
N LEU D 243 0.44 14.89 -26.36
CA LEU D 243 1.66 14.98 -25.54
C LEU D 243 2.32 16.31 -25.86
N LYS D 244 2.87 16.95 -24.83
CA LYS D 244 3.68 18.15 -24.99
C LYS D 244 5.15 17.75 -25.08
N GLN D 245 5.50 16.64 -24.46
CA GLN D 245 6.84 16.08 -24.50
C GLN D 245 6.78 14.58 -24.76
N GLN D 246 7.92 13.98 -25.16
CA GLN D 246 7.96 12.53 -25.26
C GLN D 246 7.83 11.97 -23.84
N VAL D 247 7.35 10.74 -23.69
CA VAL D 247 7.26 10.13 -22.37
C VAL D 247 8.67 10.07 -21.78
N GLN D 248 8.84 10.46 -20.52
CA GLN D 248 10.16 10.44 -19.87
C GLN D 248 10.21 9.26 -18.91
N PHE D 249 11.41 8.67 -18.78
CA PHE D 249 11.55 7.50 -17.91
C PHE D 249 12.72 7.59 -16.94
N ASP D 250 12.58 6.98 -15.77
CA ASP D 250 13.60 6.85 -14.76
C ASP D 250 13.51 5.46 -14.11
N VAL D 251 14.58 4.67 -14.26
CA VAL D 251 14.59 3.35 -13.62
C VAL D 251 14.90 3.51 -12.15
N ILE D 252 14.12 2.91 -11.27
CA ILE D 252 14.35 2.98 -9.83
C ILE D 252 14.93 1.61 -9.47
N PRO D 253 16.24 1.60 -9.21
CA PRO D 253 16.93 0.36 -8.90
C PRO D 253 16.52 -0.29 -7.62
N GLU D 254 16.59 -1.64 -7.57
CA GLU D 254 16.27 -2.34 -6.33
C GLU D 254 17.23 -1.98 -5.21
N SER D 255 18.44 -1.54 -5.52
CA SER D 255 19.39 -1.07 -4.54
C SER D 255 19.13 0.32 -3.99
N ALA D 256 18.16 1.08 -4.48
CA ALA D 256 17.84 2.41 -3.98
C ALA D 256 16.37 2.69 -4.29
N PRO D 257 15.51 1.98 -3.59
CA PRO D 257 14.07 2.10 -3.80
C PRO D 257 13.58 3.43 -3.25
N LEU D 258 12.39 3.86 -3.69
CA LEU D 258 11.82 5.09 -3.20
C LEU D 258 10.95 4.78 -1.98
N ASN D 259 11.08 5.61 -0.97
CA ASN D 259 10.27 5.54 0.22
C ASN D 259 9.05 6.47 0.15
N ILE D 260 7.86 5.89 -0.01
CA ILE D 260 6.61 6.70 0.04
C ILE D 260 6.10 6.51 1.45
N PRO D 261 6.16 7.54 2.28
CA PRO D 261 5.93 7.42 3.71
C PRO D 261 4.59 6.81 4.08
N GLY D 262 4.68 5.64 4.74
CA GLY D 262 3.45 4.98 5.15
C GLY D 262 2.83 4.11 4.07
N LEU D 263 3.35 4.13 2.86
CA LEU D 263 2.84 3.31 1.77
C LEU D 263 3.81 2.16 1.49
N GLY D 264 5.09 2.51 1.46
CA GLY D 264 6.09 1.44 1.30
C GLY D 264 7.35 1.87 0.60
N ARG D 265 8.20 0.90 0.29
CA ARG D 265 9.44 1.09 -0.44
C ARG D 265 9.38 0.35 -1.76
N PHE D 266 9.54 1.06 -2.87
CA PHE D 266 9.38 0.50 -4.19
C PHE D 266 10.51 0.79 -5.15
N SER D 267 10.71 -0.16 -6.05
CA SER D 267 11.67 0.01 -7.14
C SER D 267 10.87 -0.35 -8.38
N GLY D 268 11.44 -0.18 -9.57
CA GLY D 268 10.74 -0.48 -10.80
C GLY D 268 10.98 0.61 -11.82
N LEU D 269 9.92 1.28 -12.29
CA LEU D 269 10.06 2.28 -13.33
C LEU D 269 9.20 3.52 -13.01
N LYS D 270 9.78 4.69 -13.20
CA LYS D 270 9.01 5.92 -13.01
C LYS D 270 8.76 6.43 -14.43
N THR D 271 7.48 6.61 -14.80
CA THR D 271 7.11 7.12 -16.10
C THR D 271 6.46 8.51 -15.91
N SER D 272 6.95 9.49 -16.62
CA SER D 272 6.43 10.85 -16.53
C SER D 272 5.82 11.22 -17.87
N VAL D 273 4.52 11.53 -17.86
CA VAL D 273 3.81 11.94 -19.05
C VAL D 273 3.37 13.38 -18.98
N PHE D 274 3.78 14.17 -19.95
CA PHE D 274 3.50 15.62 -20.00
C PHE D 274 2.50 15.92 -21.11
N LEU D 275 1.26 16.23 -20.68
CA LEU D 275 0.21 16.51 -21.63
C LEU D 275 -0.14 18.00 -21.71
N GLU D 276 -0.78 18.36 -22.79
CA GLU D 276 -1.36 19.71 -22.91
C GLU D 276 -2.74 19.45 -23.51
N VAL D 277 -3.72 20.26 -23.14
CA VAL D 277 -5.06 19.99 -23.71
C VAL D 277 -5.67 21.26 -24.27
N GLU D 278 -5.68 21.37 -25.61
CA GLU D 278 -6.28 22.50 -26.31
C GLU D 278 -7.75 22.19 -26.56
N GLY D 279 -8.60 23.15 -26.26
CA GLY D 279 -10.03 22.94 -26.46
C GLY D 279 -10.48 23.46 -27.83
N ALA D 280 -11.75 23.22 -28.13
CA ALA D 280 -12.34 23.64 -29.41
C ALA D 280 -12.79 25.08 -29.41
N ALA D 281 -12.67 25.80 -28.30
CA ALA D 281 -13.08 27.18 -28.14
C ALA D 281 -14.58 27.33 -28.34
N HIS D 282 -15.37 26.40 -27.80
CA HIS D 282 -16.82 26.51 -27.95
C HIS D 282 -17.40 27.58 -27.05
N TYR D 283 -16.75 27.87 -25.94
CA TYR D 283 -17.28 28.89 -25.03
C TYR D 283 -16.14 29.81 -24.63
N LEU D 284 -15.15 29.27 -23.91
CA LEU D 284 -13.94 30.08 -23.62
C LEU D 284 -13.00 29.80 -24.77
N PRO D 285 -11.90 30.52 -24.92
CA PRO D 285 -10.95 30.26 -25.98
C PRO D 285 -10.27 28.90 -25.92
N ALA D 286 -9.41 28.60 -26.88
CA ALA D 286 -8.75 27.31 -27.02
C ALA D 286 -7.87 26.88 -25.86
N TYR D 287 -7.37 27.81 -25.05
CA TYR D 287 -6.55 27.42 -23.91
C TYR D 287 -7.31 26.53 -22.92
N ALA D 288 -8.62 26.70 -22.81
CA ALA D 288 -9.43 26.01 -21.83
C ALA D 288 -9.83 24.58 -22.19
N GLY D 289 -8.84 23.73 -22.46
CA GLY D 289 -9.06 22.33 -22.79
C GLY D 289 -9.52 21.53 -21.59
N ASN D 290 -9.39 22.08 -20.40
CA ASN D 290 -9.92 21.49 -19.18
C ASN D 290 -11.45 21.41 -19.25
N LEU D 291 -12.11 22.34 -19.97
CA LEU D 291 -13.55 22.23 -20.09
C LEU D 291 -13.87 21.07 -21.04
N ASP D 292 -13.24 21.03 -22.20
CA ASP D 292 -13.51 20.02 -23.23
C ASP D 292 -13.23 18.59 -22.78
N ILE D 293 -12.12 18.42 -22.04
CA ILE D 293 -11.78 17.02 -21.63
C ILE D 293 -12.87 16.45 -20.77
N MET D 294 -13.57 17.25 -19.99
CA MET D 294 -14.70 16.78 -19.20
C MET D 294 -15.99 16.71 -20.01
N THR D 295 -16.38 17.85 -20.62
CA THR D 295 -17.65 17.90 -21.35
C THR D 295 -17.71 16.91 -22.49
N SER D 296 -16.67 16.64 -23.28
CA SER D 296 -16.74 15.62 -24.34
C SER D 296 -16.91 14.22 -23.75
N ALA D 297 -16.27 13.97 -22.59
CA ALA D 297 -16.46 12.68 -21.93
C ALA D 297 -17.89 12.50 -21.43
N ALA D 298 -18.45 13.52 -20.78
CA ALA D 298 -19.79 13.51 -20.29
C ALA D 298 -20.76 13.26 -21.45
N LEU D 299 -20.54 14.00 -22.53
CA LEU D 299 -21.44 13.86 -23.70
C LEU D 299 -21.31 12.48 -24.31
N ALA D 300 -20.08 11.95 -24.43
CA ALA D 300 -19.90 10.62 -25.03
C ALA D 300 -20.61 9.55 -24.20
N THR D 301 -20.62 9.74 -22.89
CA THR D 301 -21.27 8.76 -22.00
C THR D 301 -22.77 8.77 -22.23
N ALA D 302 -23.36 9.95 -22.11
CA ALA D 302 -24.84 10.02 -22.30
C ALA D 302 -25.21 9.60 -23.71
N GLU D 303 -24.49 9.98 -24.75
CA GLU D 303 -24.76 9.61 -26.13
C GLU D 303 -24.83 8.10 -26.33
N ARG D 304 -23.86 7.41 -25.74
CA ARG D 304 -23.76 5.95 -25.83
C ARG D 304 -24.94 5.31 -25.11
N MET D 305 -25.30 5.86 -23.95
CA MET D 305 -26.47 5.41 -23.22
C MET D 305 -27.73 5.63 -24.07
N ALA D 306 -27.84 6.80 -24.68
CA ALA D 306 -29.01 7.15 -25.49
C ALA D 306 -29.06 6.28 -26.75
N GLN D 307 -27.90 5.99 -27.34
CA GLN D 307 -27.84 5.08 -28.49
C GLN D 307 -28.45 3.73 -28.13
N SER D 308 -28.10 3.19 -26.96
CA SER D 308 -28.60 1.89 -26.53
C SER D 308 -30.05 1.93 -26.08
N MET D 309 -30.49 2.98 -25.40
CA MET D 309 -31.92 3.09 -25.06
C MET D 309 -32.71 2.96 -26.35
N LEU D 310 -32.21 3.65 -27.38
CA LEU D 310 -32.62 3.62 -28.75
C LEU D 310 -33.51 4.82 -29.10
N THR E 2 -46.67 -20.49 -12.25
CA THR E 2 -45.64 -20.16 -11.28
C THR E 2 -44.32 -20.82 -11.63
N PHE E 3 -44.12 -22.13 -11.54
CA PHE E 3 -42.76 -22.52 -11.95
C PHE E 3 -42.66 -22.50 -13.48
N ASN E 4 -41.45 -22.22 -13.95
CA ASN E 4 -41.16 -22.09 -15.37
C ASN E 4 -39.75 -22.55 -15.75
N PRO E 5 -39.60 -23.52 -16.66
CA PRO E 5 -38.34 -24.07 -17.08
C PRO E 5 -37.61 -23.57 -18.30
N SER E 6 -38.17 -22.63 -19.05
CA SER E 6 -37.44 -22.03 -20.18
C SER E 6 -36.55 -20.91 -19.61
N LYS E 7 -36.80 -20.55 -18.38
CA LYS E 7 -36.07 -19.53 -17.64
C LYS E 7 -34.58 -19.81 -17.76
N LYS E 8 -33.79 -18.82 -18.17
CA LYS E 8 -32.35 -19.02 -18.28
C LYS E 8 -31.76 -19.07 -16.87
N LEU E 9 -31.03 -20.14 -16.56
CA LEU E 9 -30.42 -20.21 -15.23
C LEU E 9 -29.06 -19.51 -15.27
N TYR E 10 -28.64 -18.99 -14.12
CA TYR E 10 -27.32 -18.40 -14.00
C TYR E 10 -26.44 -19.43 -13.23
N ILE E 11 -25.39 -19.85 -13.94
CA ILE E 11 -24.48 -20.88 -13.38
C ILE E 11 -23.23 -20.21 -12.86
N SER E 12 -23.06 -20.24 -11.56
CA SER E 12 -21.91 -19.60 -10.89
C SER E 12 -20.92 -20.65 -10.41
N ASP E 13 -19.74 -20.76 -11.04
CA ASP E 13 -18.77 -21.77 -10.63
C ASP E 13 -17.91 -21.25 -9.47
N VAL E 14 -17.70 -22.09 -8.48
CA VAL E 14 -16.89 -21.72 -7.31
C VAL E 14 -15.66 -22.60 -7.08
N THR E 15 -15.24 -23.22 -8.15
CA THR E 15 -14.07 -24.14 -8.16
C THR E 15 -12.82 -23.40 -7.69
N LEU E 16 -12.67 -22.15 -8.11
CA LEU E 16 -11.45 -21.39 -7.74
C LEU E 16 -11.59 -20.53 -6.50
N ARG E 17 -12.65 -20.75 -5.72
CA ARG E 17 -12.78 -20.03 -4.44
C ARG E 17 -13.12 -21.05 -3.38
N ASP E 18 -14.34 -21.64 -3.46
CA ASP E 18 -14.67 -22.69 -2.50
C ASP E 18 -13.72 -23.88 -2.63
N GLY E 19 -13.33 -24.18 -3.86
CA GLY E 19 -12.37 -25.25 -4.14
C GLY E 19 -10.99 -25.03 -3.58
N SER E 20 -10.61 -23.76 -3.37
CA SER E 20 -9.33 -23.48 -2.71
C SER E 20 -9.26 -24.22 -1.39
N HIS E 21 -10.33 -24.39 -0.62
CA HIS E 21 -10.33 -25.14 0.61
C HIS E 21 -9.82 -26.57 0.45
N ALA E 22 -10.26 -27.22 -0.62
CA ALA E 22 -9.91 -28.62 -0.84
C ALA E 22 -8.42 -28.82 -1.12
N ILE E 23 -7.73 -27.86 -1.70
CA ILE E 23 -6.31 -27.96 -2.03
C ILE E 23 -5.48 -27.16 -1.05
N ARG E 24 -6.09 -26.76 0.07
CA ARG E 24 -5.40 -25.96 1.09
C ARG E 24 -4.74 -24.75 0.52
N HIS E 25 -5.44 -24.08 -0.40
CA HIS E 25 -5.12 -22.80 -1.02
C HIS E 25 -3.77 -22.86 -1.74
N GLN E 26 -3.52 -24.05 -2.33
CA GLN E 26 -2.26 -24.23 -3.05
C GLN E 26 -2.43 -24.30 -4.54
N TYR E 27 -3.47 -23.72 -5.15
CA TYR E 27 -3.52 -23.67 -6.62
C TYR E 27 -2.28 -22.97 -7.18
N THR E 28 -1.82 -23.50 -8.33
CA THR E 28 -0.75 -22.77 -9.05
C THR E 28 -1.43 -21.82 -10.01
N LEU E 29 -0.69 -20.85 -10.60
CA LEU E 29 -1.27 -19.95 -11.56
C LEU E 29 -1.68 -20.73 -12.81
N ASP E 30 -0.87 -21.74 -13.18
CA ASP E 30 -1.28 -22.57 -14.31
C ASP E 30 -2.58 -23.36 -14.06
N ASP E 31 -2.79 -23.81 -12.82
CA ASP E 31 -4.03 -24.51 -12.48
C ASP E 31 -5.23 -23.59 -12.67
N VAL E 32 -5.15 -22.35 -12.11
CA VAL E 32 -6.31 -21.48 -12.28
C VAL E 32 -6.53 -21.07 -13.71
N ARG E 33 -5.45 -20.95 -14.52
CA ARG E 33 -5.66 -20.58 -15.92
C ARG E 33 -6.36 -21.72 -16.66
N ALA E 34 -5.94 -22.95 -16.43
CA ALA E 34 -6.53 -24.11 -17.09
C ALA E 34 -8.00 -24.33 -16.75
N ILE E 35 -8.28 -24.18 -15.44
CA ILE E 35 -9.67 -24.36 -15.02
C ILE E 35 -10.51 -23.22 -15.54
N ALA E 36 -10.01 -21.98 -15.47
CA ALA E 36 -10.78 -20.87 -16.00
C ALA E 36 -11.03 -21.02 -17.51
N ARG E 37 -10.03 -21.41 -18.27
CA ARG E 37 -10.21 -21.61 -19.71
C ARG E 37 -11.34 -22.60 -19.99
N ALA E 38 -11.35 -23.70 -19.25
CA ALA E 38 -12.44 -24.69 -19.46
C ALA E 38 -13.80 -24.16 -19.07
N LEU E 39 -13.89 -23.47 -17.90
CA LEU E 39 -15.18 -22.94 -17.50
C LEU E 39 -15.72 -21.89 -18.44
N ASP E 40 -14.82 -21.07 -18.98
CA ASP E 40 -15.21 -20.03 -19.93
C ASP E 40 -15.68 -20.65 -21.24
N LYS E 41 -14.97 -21.67 -21.67
CA LYS E 41 -15.36 -22.39 -22.89
C LYS E 41 -16.74 -22.99 -22.68
N ALA E 42 -17.07 -23.48 -21.46
CA ALA E 42 -18.37 -24.08 -21.20
C ALA E 42 -19.49 -23.05 -21.06
N LYS E 43 -19.13 -21.76 -21.05
CA LYS E 43 -20.08 -20.67 -20.97
C LYS E 43 -20.78 -20.58 -19.63
N VAL E 44 -20.12 -20.85 -18.51
CA VAL E 44 -20.75 -20.58 -17.20
C VAL E 44 -20.87 -19.05 -17.10
N ASP E 45 -21.75 -18.55 -16.28
CA ASP E 45 -21.98 -17.10 -16.14
C ASP E 45 -20.89 -16.41 -15.33
N SER E 46 -20.36 -17.07 -14.31
CA SER E 46 -19.32 -16.41 -13.52
C SER E 46 -18.35 -17.44 -12.96
N ILE E 47 -17.14 -16.98 -12.68
CA ILE E 47 -16.06 -17.83 -12.15
C ILE E 47 -15.59 -17.14 -10.86
N GLU E 48 -15.81 -17.72 -9.70
CA GLU E 48 -15.45 -17.09 -8.44
C GLU E 48 -14.00 -17.35 -8.08
N VAL E 49 -13.28 -16.26 -7.73
CA VAL E 49 -11.87 -16.41 -7.47
C VAL E 49 -11.47 -15.65 -6.18
N ALA E 50 -10.93 -16.37 -5.23
CA ALA E 50 -10.39 -15.86 -3.99
C ALA E 50 -9.94 -17.05 -3.12
N HIS E 51 -9.26 -16.72 -2.02
CA HIS E 51 -8.97 -17.74 -1.00
C HIS E 51 -10.30 -18.34 -0.56
N GLY E 52 -10.33 -19.53 0.02
CA GLY E 52 -11.56 -20.14 0.51
C GLY E 52 -12.38 -19.20 1.41
N ASP E 53 -11.71 -18.51 2.33
CA ASP E 53 -12.40 -17.61 3.24
C ASP E 53 -12.54 -16.19 2.69
N GLY E 54 -12.54 -16.05 1.39
CA GLY E 54 -12.74 -14.78 0.73
C GLY E 54 -11.46 -13.95 0.64
N LEU E 55 -11.63 -12.71 0.18
CA LEU E 55 -10.51 -11.79 0.05
C LEU E 55 -9.82 -11.64 1.37
N GLN E 56 -8.47 -11.73 1.35
CA GLN E 56 -7.65 -11.64 2.53
C GLN E 56 -7.92 -12.75 3.54
N GLY E 57 -8.37 -13.91 3.04
CA GLY E 57 -8.49 -15.06 3.95
C GLY E 57 -7.10 -15.68 4.22
N SER E 58 -6.14 -15.48 3.32
CA SER E 58 -4.81 -16.09 3.55
C SER E 58 -4.33 -15.70 4.94
N SER E 59 -3.98 -16.68 5.77
CA SER E 59 -3.67 -16.41 7.18
C SER E 59 -3.23 -17.66 7.89
N PHE E 60 -2.72 -17.54 9.10
CA PHE E 60 -2.47 -18.72 9.92
C PHE E 60 -3.79 -19.43 10.22
N ASN E 61 -4.86 -18.63 10.47
CA ASN E 61 -6.12 -19.21 10.87
C ASN E 61 -6.70 -20.11 9.78
N TYR E 62 -6.68 -19.70 8.51
CA TYR E 62 -7.37 -20.46 7.47
C TYR E 62 -6.41 -21.15 6.50
N GLY E 63 -5.12 -20.91 6.66
CA GLY E 63 -4.11 -21.43 5.74
C GLY E 63 -3.62 -20.35 4.80
N PHE E 64 -2.30 -20.25 4.57
CA PHE E 64 -1.77 -19.25 3.68
C PHE E 64 -1.91 -19.70 2.23
N GLY E 65 -2.16 -18.73 1.34
CA GLY E 65 -2.23 -19.15 -0.08
C GLY E 65 -0.84 -19.23 -0.71
N ARG E 66 -0.78 -19.98 -1.81
CA ARG E 66 0.46 -20.10 -2.60
C ARG E 66 0.75 -18.80 -3.31
N HIS E 67 -0.29 -18.13 -3.77
CA HIS E 67 -0.32 -16.83 -4.38
C HIS E 67 -1.33 -15.94 -3.65
N THR E 68 -1.29 -14.64 -3.94
CA THR E 68 -2.27 -13.72 -3.34
C THR E 68 -3.58 -13.81 -4.14
N ASP E 69 -4.68 -13.33 -3.54
CA ASP E 69 -5.94 -13.35 -4.30
C ASP E 69 -5.83 -12.61 -5.61
N LEU E 70 -5.13 -11.46 -5.55
CA LEU E 70 -5.01 -10.57 -6.69
C LEU E 70 -4.20 -11.25 -7.79
N GLU E 71 -3.18 -12.02 -7.42
CA GLU E 71 -2.42 -12.74 -8.45
C GLU E 71 -3.36 -13.73 -9.14
N TYR E 72 -4.16 -14.46 -8.35
CA TYR E 72 -5.10 -15.40 -8.97
C TYR E 72 -6.15 -14.75 -9.86
N ILE E 73 -6.70 -13.63 -9.40
CA ILE E 73 -7.72 -12.92 -10.16
C ILE E 73 -7.17 -12.43 -11.50
N GLU E 74 -5.96 -11.82 -11.44
CA GLU E 74 -5.31 -11.36 -12.66
C GLU E 74 -4.99 -12.53 -13.57
N ALA E 75 -4.58 -13.69 -13.05
CA ALA E 75 -4.33 -14.84 -13.94
C ALA E 75 -5.61 -15.30 -14.62
N VAL E 76 -6.73 -15.38 -13.86
CA VAL E 76 -8.00 -15.76 -14.48
C VAL E 76 -8.46 -14.75 -15.51
N ALA E 77 -8.35 -13.45 -15.18
CA ALA E 77 -8.76 -12.39 -16.07
C ALA E 77 -8.09 -12.49 -17.44
N GLY E 78 -6.84 -12.91 -17.50
CA GLY E 78 -6.17 -13.03 -18.80
C GLY E 78 -6.59 -14.23 -19.61
N GLU E 79 -7.42 -15.14 -19.10
CA GLU E 79 -7.77 -16.32 -19.89
C GLU E 79 -9.20 -16.32 -20.39
N ILE E 80 -10.06 -15.43 -19.91
CA ILE E 80 -11.46 -15.48 -20.24
C ILE E 80 -12.10 -14.33 -21.01
N SER E 81 -13.22 -14.66 -21.64
CA SER E 81 -13.96 -13.68 -22.42
C SER E 81 -15.46 -13.81 -22.32
N HIS E 82 -16.02 -14.89 -21.78
CA HIS E 82 -17.45 -15.02 -21.67
C HIS E 82 -17.95 -14.77 -20.23
N ALA E 83 -17.41 -15.54 -19.29
CA ALA E 83 -17.89 -15.40 -17.92
C ALA E 83 -17.32 -14.14 -17.24
N GLN E 84 -18.02 -13.74 -16.18
CA GLN E 84 -17.49 -12.63 -15.36
C GLN E 84 -16.70 -13.24 -14.20
N ILE E 85 -15.79 -12.44 -13.62
CA ILE E 85 -15.09 -12.92 -12.44
C ILE E 85 -15.88 -12.49 -11.22
N ALA E 86 -16.23 -13.42 -10.35
CA ALA E 86 -16.89 -13.11 -9.08
C ALA E 86 -15.82 -13.25 -7.98
N THR E 87 -16.15 -12.68 -6.82
CA THR E 87 -15.24 -12.87 -5.68
C THR E 87 -16.11 -12.88 -4.42
N LEU E 88 -15.53 -13.28 -3.32
CA LEU E 88 -16.22 -13.38 -2.04
C LEU E 88 -15.47 -12.53 -1.02
N LEU E 89 -16.24 -11.82 -0.21
CA LEU E 89 -15.69 -10.91 0.77
C LEU E 89 -16.41 -11.12 2.09
N LEU E 90 -15.70 -11.51 3.15
CA LEU E 90 -16.37 -11.65 4.43
C LEU E 90 -16.01 -10.50 5.34
N PRO E 91 -16.93 -9.61 5.68
CA PRO E 91 -16.64 -8.54 6.63
C PRO E 91 -16.06 -9.13 7.90
N GLY E 92 -15.00 -8.51 8.42
CA GLY E 92 -14.34 -9.06 9.61
C GLY E 92 -13.07 -9.76 9.18
N ILE E 93 -12.93 -10.11 7.91
CA ILE E 93 -11.73 -10.72 7.34
C ILE E 93 -11.21 -9.85 6.18
N GLY E 94 -12.03 -9.65 5.15
CA GLY E 94 -11.67 -8.76 4.05
C GLY E 94 -12.40 -7.40 4.24
N SER E 95 -11.90 -6.38 3.57
CA SER E 95 -12.43 -5.03 3.75
C SER E 95 -12.88 -4.41 2.45
N VAL E 96 -13.42 -3.18 2.56
CA VAL E 96 -13.72 -2.43 1.33
C VAL E 96 -12.47 -2.18 0.53
N HIS E 97 -11.34 -1.85 1.18
CA HIS E 97 -10.06 -1.65 0.49
C HIS E 97 -9.70 -2.88 -0.32
N ASP E 98 -9.90 -4.06 0.27
CA ASP E 98 -9.62 -5.32 -0.40
C ASP E 98 -10.56 -5.52 -1.58
N LEU E 99 -11.81 -5.09 -1.48
CA LEU E 99 -12.72 -5.16 -2.63
C LEU E 99 -12.29 -4.24 -3.77
N LYS E 100 -11.85 -3.02 -3.41
CA LYS E 100 -11.32 -2.11 -4.41
C LYS E 100 -10.23 -2.77 -5.22
N ASN E 101 -9.25 -3.37 -4.50
CA ASN E 101 -8.12 -4.03 -5.15
C ASN E 101 -8.58 -5.21 -6.02
N ALA E 102 -9.56 -5.99 -5.57
CA ALA E 102 -10.07 -7.13 -6.38
C ALA E 102 -10.76 -6.64 -7.63
N TYR E 103 -11.50 -5.52 -7.52
CA TYR E 103 -12.15 -4.86 -8.64
C TYR E 103 -11.06 -4.42 -9.62
N GLN E 104 -9.97 -3.80 -9.11
CA GLN E 104 -8.88 -3.39 -10.01
C GLN E 104 -8.25 -4.55 -10.76
N ALA E 105 -8.19 -5.73 -10.17
CA ALA E 105 -7.64 -6.93 -10.78
C ALA E 105 -8.57 -7.58 -11.78
N GLY E 106 -9.84 -7.19 -11.81
CA GLY E 106 -10.75 -7.77 -12.80
C GLY E 106 -12.05 -8.29 -12.24
N ALA E 107 -12.29 -8.34 -10.93
CA ALA E 107 -13.58 -8.85 -10.43
C ALA E 107 -14.72 -7.88 -10.72
N ARG E 108 -15.86 -8.41 -11.19
CA ARG E 108 -17.01 -7.56 -11.49
C ARG E 108 -18.26 -7.99 -10.74
N VAL E 109 -18.25 -9.14 -10.08
CA VAL E 109 -19.30 -9.62 -9.21
C VAL E 109 -18.72 -9.76 -7.80
N VAL E 110 -19.40 -9.29 -6.76
CA VAL E 110 -18.90 -9.53 -5.41
C VAL E 110 -20.04 -10.07 -4.54
N ARG E 111 -19.72 -11.14 -3.81
CA ARG E 111 -20.66 -11.74 -2.87
C ARG E 111 -20.14 -11.37 -1.49
N VAL E 112 -20.93 -10.58 -0.76
CA VAL E 112 -20.55 -10.11 0.57
C VAL E 112 -21.24 -11.05 1.57
N ALA E 113 -20.38 -11.83 2.22
CA ALA E 113 -20.91 -12.91 3.07
C ALA E 113 -20.78 -12.63 4.55
N THR E 114 -21.91 -12.86 5.20
CA THR E 114 -22.00 -12.75 6.63
C THR E 114 -22.60 -14.02 7.22
N HIS E 115 -22.35 -14.18 8.51
CA HIS E 115 -23.08 -15.26 9.21
C HIS E 115 -24.56 -14.94 9.06
N CYS E 116 -25.46 -15.92 9.01
CA CYS E 116 -26.87 -15.68 8.76
C CYS E 116 -27.54 -14.67 9.70
N THR E 117 -27.06 -14.49 10.92
CA THR E 117 -27.73 -13.50 11.79
C THR E 117 -27.04 -12.14 11.77
N GLU E 118 -25.95 -11.98 11.05
CA GLU E 118 -25.15 -10.76 11.11
C GLU E 118 -25.16 -9.93 9.84
N ALA E 119 -26.29 -9.88 9.14
CA ALA E 119 -26.31 -9.13 7.88
C ALA E 119 -25.98 -7.65 8.03
N ASP E 120 -26.30 -7.04 9.18
CA ASP E 120 -25.96 -5.61 9.31
C ASP E 120 -24.49 -5.30 9.23
N VAL E 121 -23.51 -6.21 9.38
CA VAL E 121 -22.13 -5.82 9.22
C VAL E 121 -21.71 -5.60 7.76
N SER E 122 -22.56 -6.03 6.83
CA SER E 122 -22.28 -5.93 5.41
C SER E 122 -22.66 -4.61 4.77
N LYS E 123 -23.24 -3.66 5.50
CA LYS E 123 -23.69 -2.41 4.86
C LYS E 123 -22.62 -1.63 4.16
N GLN E 124 -21.45 -1.40 4.79
CA GLN E 124 -20.44 -0.59 4.11
C GLN E 124 -19.93 -1.30 2.87
N HIS E 125 -19.82 -2.64 2.95
CA HIS E 125 -19.32 -3.37 1.79
C HIS E 125 -20.28 -3.37 0.61
N ILE E 126 -21.55 -3.56 0.85
CA ILE E 126 -22.59 -3.56 -0.20
C ILE E 126 -22.75 -2.16 -0.79
N GLU E 127 -22.72 -1.14 0.05
CA GLU E 127 -22.73 0.24 -0.50
C GLU E 127 -21.53 0.52 -1.40
N TYR E 128 -20.32 0.11 -1.00
CA TYR E 128 -19.11 0.35 -1.79
C TYR E 128 -19.17 -0.36 -3.12
N ALA E 129 -19.64 -1.61 -3.08
CA ALA E 129 -19.77 -2.44 -4.28
C ALA E 129 -20.73 -1.79 -5.27
N ARG E 130 -21.84 -1.29 -4.76
CA ARG E 130 -22.81 -0.59 -5.61
C ARG E 130 -22.21 0.71 -6.16
N ASN E 131 -21.40 1.44 -5.41
CA ASN E 131 -20.76 2.66 -5.87
C ASN E 131 -19.73 2.38 -6.95
N LEU E 132 -19.12 1.18 -6.92
CA LEU E 132 -18.22 0.74 -7.96
C LEU E 132 -18.96 0.28 -9.19
N GLY E 133 -20.26 -0.02 -9.08
CA GLY E 133 -21.05 -0.49 -10.20
C GLY E 133 -20.83 -2.00 -10.41
N MET E 134 -20.47 -2.71 -9.36
CA MET E 134 -20.33 -4.16 -9.45
C MET E 134 -21.71 -4.80 -9.29
N ASP E 135 -21.75 -6.05 -9.77
CA ASP E 135 -22.97 -6.87 -9.53
C ASP E 135 -22.87 -7.20 -8.03
N THR E 136 -23.71 -6.64 -7.20
CA THR E 136 -23.57 -6.69 -5.75
C THR E 136 -24.57 -7.66 -5.13
N VAL E 137 -23.99 -8.67 -4.49
CA VAL E 137 -24.72 -9.81 -3.97
C VAL E 137 -24.53 -10.03 -2.47
N GLY E 138 -25.63 -10.32 -1.78
CA GLY E 138 -25.61 -10.62 -0.36
C GLY E 138 -25.53 -12.15 -0.20
N PHE E 139 -24.70 -12.61 0.74
CA PHE E 139 -24.57 -14.09 0.91
C PHE E 139 -24.70 -14.49 2.35
N LEU E 140 -25.67 -15.32 2.70
CA LEU E 140 -25.89 -15.70 4.08
C LEU E 140 -25.33 -17.07 4.44
N MET E 141 -24.30 -17.08 5.29
CA MET E 141 -23.63 -18.34 5.61
C MET E 141 -24.33 -19.10 6.73
N MET E 142 -24.07 -20.41 6.79
CA MET E 142 -24.63 -21.25 7.85
C MET E 142 -26.14 -21.06 7.95
N SER E 143 -26.84 -21.08 6.83
CA SER E 143 -28.26 -20.86 6.71
C SER E 143 -29.16 -21.88 7.38
N HIS E 144 -28.64 -22.99 7.91
CA HIS E 144 -29.47 -23.94 8.61
C HIS E 144 -29.64 -23.47 10.06
N MET E 145 -28.90 -22.45 10.51
CA MET E 145 -28.86 -22.16 11.93
C MET E 145 -30.07 -21.39 12.46
N ILE E 146 -30.81 -20.77 11.58
CA ILE E 146 -32.00 -20.02 12.02
C ILE E 146 -33.15 -20.40 11.10
N PRO E 147 -34.37 -20.17 11.58
CA PRO E 147 -35.57 -20.49 10.81
C PRO E 147 -35.66 -19.64 9.56
N ALA E 148 -36.37 -20.14 8.56
CA ALA E 148 -36.56 -19.51 7.27
C ALA E 148 -36.95 -18.04 7.33
N GLU E 149 -37.96 -17.74 8.17
CA GLU E 149 -38.42 -16.36 8.29
C GLU E 149 -37.32 -15.41 8.79
N LYS E 150 -36.52 -15.86 9.74
CA LYS E 150 -35.44 -15.01 10.26
C LYS E 150 -34.36 -14.84 9.19
N LEU E 151 -34.09 -15.89 8.42
CA LEU E 151 -33.10 -15.80 7.35
C LEU E 151 -33.51 -14.79 6.31
N ALA E 152 -34.80 -14.78 5.90
CA ALA E 152 -35.33 -13.89 4.89
C ALA E 152 -35.29 -12.43 5.38
N GLU E 153 -35.50 -12.21 6.66
CA GLU E 153 -35.39 -10.88 7.27
C GLU E 153 -33.98 -10.32 7.07
N GLN E 154 -32.98 -11.19 7.33
CA GLN E 154 -31.59 -10.82 7.14
C GLN E 154 -31.28 -10.55 5.68
N GLY E 155 -31.83 -11.36 4.75
CA GLY E 155 -31.68 -11.11 3.35
C GLY E 155 -32.30 -9.79 2.91
N LYS E 156 -33.46 -9.46 3.46
CA LYS E 156 -34.14 -8.19 3.13
C LYS E 156 -33.27 -7.02 3.61
N LEU E 157 -32.55 -7.19 4.71
CA LEU E 157 -31.63 -6.14 5.19
C LEU E 157 -30.56 -5.94 4.14
N MET E 158 -29.91 -7.02 3.63
CA MET E 158 -28.92 -6.85 2.59
C MET E 158 -29.46 -6.20 1.35
N GLU E 159 -30.67 -6.56 0.91
CA GLU E 159 -31.33 -5.97 -0.23
C GLU E 159 -31.51 -4.45 0.02
N SER E 160 -31.90 -4.14 1.24
CA SER E 160 -32.08 -2.71 1.61
C SER E 160 -30.82 -1.89 1.51
N TYR E 161 -29.63 -2.50 1.69
CA TYR E 161 -28.37 -1.81 1.55
C TYR E 161 -27.93 -1.60 0.12
N GLY E 162 -28.54 -2.33 -0.83
CA GLY E 162 -28.27 -2.23 -2.21
C GLY E 162 -27.97 -3.53 -2.95
N ALA E 163 -28.02 -4.68 -2.26
CA ALA E 163 -27.74 -5.94 -2.96
C ALA E 163 -28.91 -6.27 -3.87
N THR E 164 -28.60 -6.72 -5.08
CA THR E 164 -29.64 -7.03 -6.05
C THR E 164 -29.84 -8.53 -6.19
N CYS E 165 -29.03 -9.30 -5.46
CA CYS E 165 -29.15 -10.78 -5.46
C CYS E 165 -28.87 -11.22 -4.02
N ILE E 166 -29.62 -12.14 -3.44
CA ILE E 166 -29.46 -12.70 -2.15
C ILE E 166 -29.26 -14.23 -2.23
N TYR E 167 -28.15 -14.69 -1.65
CA TYR E 167 -27.93 -16.12 -1.57
C TYR E 167 -28.10 -16.69 -0.17
N MET E 168 -28.60 -17.93 -0.10
CA MET E 168 -28.55 -18.69 1.12
C MET E 168 -27.41 -19.73 0.85
N ALA E 169 -26.52 -19.83 1.81
CA ALA E 169 -25.42 -20.79 1.73
C ALA E 169 -25.58 -21.80 2.83
N ASP E 170 -25.67 -23.09 2.44
CA ASP E 170 -25.71 -24.18 3.40
C ASP E 170 -24.25 -24.56 3.65
N SER E 171 -23.56 -23.67 4.35
CA SER E 171 -22.14 -23.83 4.64
C SER E 171 -21.83 -25.11 5.40
N GLY E 172 -22.73 -25.57 6.25
CA GLY E 172 -22.55 -26.82 6.96
C GLY E 172 -22.99 -28.06 6.20
N GLY E 173 -23.61 -27.90 5.05
CA GLY E 173 -24.17 -29.00 4.23
C GLY E 173 -25.17 -29.78 5.08
N ALA E 174 -25.97 -29.05 5.86
CA ALA E 174 -26.81 -29.65 6.87
C ALA E 174 -28.28 -29.72 6.52
N MET E 175 -28.70 -29.04 5.49
CA MET E 175 -30.11 -28.98 5.14
C MET E 175 -30.61 -30.05 4.19
N SER E 176 -31.89 -30.39 4.33
CA SER E 176 -32.50 -31.32 3.39
C SER E 176 -33.43 -30.52 2.48
N MET E 177 -34.07 -31.22 1.55
CA MET E 177 -34.86 -30.55 0.51
C MET E 177 -35.98 -29.70 1.07
N ASN E 178 -36.71 -30.15 2.10
CA ASN E 178 -37.79 -29.26 2.58
C ASN E 178 -37.25 -27.99 3.22
N ASP E 179 -36.05 -28.05 3.78
CA ASP E 179 -35.47 -26.84 4.36
C ASP E 179 -35.18 -25.82 3.28
N ILE E 180 -34.80 -26.28 2.09
CA ILE E 180 -34.53 -25.42 0.97
C ILE E 180 -35.86 -24.78 0.53
N ARG E 181 -36.93 -25.59 0.41
CA ARG E 181 -38.23 -25.06 0.04
C ARG E 181 -38.69 -24.00 1.03
N ASP E 182 -38.57 -24.24 2.33
CA ASP E 182 -38.99 -23.26 3.33
C ASP E 182 -38.27 -21.90 3.15
N ARG E 183 -36.95 -21.94 3.00
CA ARG E 183 -36.17 -20.71 2.83
C ARG E 183 -36.48 -20.05 1.52
N MET E 184 -36.61 -20.76 0.40
CA MET E 184 -36.95 -20.14 -0.85
C MET E 184 -38.31 -19.42 -0.72
N ARG E 185 -39.30 -20.08 -0.14
CA ARG E 185 -40.61 -19.40 -0.03
C ARG E 185 -40.51 -18.15 0.83
N ALA E 186 -39.79 -18.21 1.95
CA ALA E 186 -39.61 -17.07 2.85
C ALA E 186 -38.91 -15.91 2.15
N PHE E 187 -37.88 -16.18 1.35
CA PHE E 187 -37.23 -15.13 0.56
C PHE E 187 -38.19 -14.55 -0.47
N LYS E 188 -38.91 -15.39 -1.24
CA LYS E 188 -39.81 -14.84 -2.24
C LYS E 188 -40.95 -14.06 -1.58
N ALA E 189 -41.38 -14.40 -0.38
CA ALA E 189 -42.45 -13.65 0.29
C ALA E 189 -42.01 -12.25 0.67
N VAL E 190 -40.74 -12.01 0.99
CA VAL E 190 -40.38 -10.66 1.42
C VAL E 190 -39.51 -9.87 0.47
N LEU E 191 -38.70 -10.45 -0.43
CA LEU E 191 -37.85 -9.59 -1.25
C LEU E 191 -38.64 -8.92 -2.37
N LYS E 192 -38.12 -7.85 -2.93
CA LYS E 192 -38.73 -7.26 -4.11
C LYS E 192 -38.66 -8.31 -5.21
N PRO E 193 -39.65 -8.30 -6.12
CA PRO E 193 -39.74 -9.29 -7.17
C PRO E 193 -38.57 -9.34 -8.10
N GLU E 194 -37.87 -8.24 -8.35
CA GLU E 194 -36.71 -8.18 -9.21
C GLU E 194 -35.44 -8.69 -8.54
N THR E 195 -35.45 -8.84 -7.22
CA THR E 195 -34.21 -9.23 -6.51
C THR E 195 -33.93 -10.71 -6.80
N GLN E 196 -32.73 -10.94 -7.28
CA GLN E 196 -32.36 -12.33 -7.62
C GLN E 196 -32.10 -13.12 -6.36
N VAL E 197 -32.33 -14.44 -6.45
CA VAL E 197 -32.07 -15.37 -5.36
C VAL E 197 -31.09 -16.46 -5.82
N GLY E 198 -30.11 -16.76 -4.96
CA GLY E 198 -29.10 -17.75 -5.26
C GLY E 198 -29.09 -18.85 -4.20
N MET E 199 -28.63 -20.02 -4.69
CA MET E 199 -28.45 -21.17 -3.82
C MET E 199 -26.98 -21.60 -3.80
N HIS E 200 -26.44 -21.80 -2.62
CA HIS E 200 -25.06 -22.31 -2.45
C HIS E 200 -25.07 -23.50 -1.51
N ALA E 201 -25.27 -24.68 -2.14
CA ALA E 201 -25.38 -25.93 -1.41
C ALA E 201 -24.03 -26.59 -1.20
N HIS E 202 -23.93 -27.36 -0.12
CA HIS E 202 -22.76 -28.19 0.14
C HIS E 202 -23.25 -29.63 0.11
N HIS E 203 -22.31 -30.55 -0.16
CA HIS E 203 -22.75 -31.95 -0.44
C HIS E 203 -22.55 -32.91 0.70
N ASN E 204 -22.46 -32.39 1.94
CA ASN E 204 -22.09 -33.25 3.06
C ASN E 204 -23.05 -34.39 3.36
N LEU E 205 -24.33 -34.26 3.04
CA LEU E 205 -25.32 -35.31 3.20
C LEU E 205 -25.66 -35.89 1.85
N SER E 206 -24.85 -35.71 0.81
CA SER E 206 -25.10 -36.12 -0.55
C SER E 206 -26.27 -35.41 -1.23
N LEU E 207 -26.68 -34.23 -0.70
CA LEU E 207 -27.80 -33.51 -1.28
C LEU E 207 -27.43 -32.20 -1.95
N GLY E 208 -26.18 -32.03 -2.34
CA GLY E 208 -25.71 -30.81 -3.02
C GLY E 208 -26.50 -30.58 -4.30
N VAL E 209 -26.70 -31.60 -5.14
CA VAL E 209 -27.46 -31.45 -6.38
C VAL E 209 -28.97 -31.40 -6.12
N ALA E 210 -29.42 -32.31 -5.27
CA ALA E 210 -30.83 -32.36 -4.88
C ALA E 210 -31.35 -31.01 -4.37
N ASN E 211 -30.64 -30.42 -3.43
CA ASN E 211 -31.01 -29.12 -2.86
C ASN E 211 -30.98 -28.02 -3.90
N SER E 212 -30.08 -28.05 -4.89
CA SER E 212 -30.00 -27.05 -5.94
C SER E 212 -31.16 -27.20 -6.92
N ILE E 213 -31.54 -28.44 -7.23
CA ILE E 213 -32.71 -28.73 -8.06
C ILE E 213 -33.98 -28.17 -7.41
N VAL E 214 -34.16 -28.48 -6.13
CA VAL E 214 -35.34 -27.99 -5.41
C VAL E 214 -35.34 -26.47 -5.35
N ALA E 215 -34.17 -25.85 -5.11
CA ALA E 215 -34.12 -24.36 -5.07
C ALA E 215 -34.59 -23.82 -6.41
N VAL E 216 -34.15 -24.35 -7.55
CA VAL E 216 -34.59 -23.89 -8.86
C VAL E 216 -36.08 -24.12 -9.06
N GLU E 217 -36.58 -25.26 -8.58
CA GLU E 217 -38.04 -25.50 -8.71
C GLU E 217 -38.84 -24.47 -7.93
N GLU E 218 -38.25 -23.96 -6.85
CA GLU E 218 -38.87 -22.94 -6.02
C GLU E 218 -38.55 -21.53 -6.47
N GLY E 219 -38.01 -21.33 -7.65
CA GLY E 219 -37.77 -20.04 -8.22
C GLY E 219 -36.40 -19.42 -8.06
N CYS E 220 -35.44 -20.22 -7.58
CA CYS E 220 -34.09 -19.59 -7.48
C CYS E 220 -33.53 -19.29 -8.84
N ASP E 221 -32.74 -18.23 -8.97
CA ASP E 221 -32.19 -17.75 -10.22
C ASP E 221 -30.76 -18.21 -10.47
N ARG E 222 -29.97 -18.24 -9.39
CA ARG E 222 -28.55 -18.57 -9.52
C ARG E 222 -28.22 -19.80 -8.69
N VAL E 223 -27.32 -20.60 -9.25
CA VAL E 223 -26.87 -21.82 -8.58
C VAL E 223 -25.34 -21.83 -8.55
N ASP E 224 -24.82 -21.95 -7.32
CA ASP E 224 -23.37 -22.06 -7.13
C ASP E 224 -23.02 -23.54 -7.21
N ALA E 225 -21.91 -23.88 -7.88
CA ALA E 225 -21.48 -25.27 -7.96
C ALA E 225 -20.00 -25.29 -8.36
N SER E 226 -19.37 -26.48 -8.32
CA SER E 226 -17.94 -26.52 -8.68
C SER E 226 -17.61 -27.85 -9.35
N LEU E 227 -16.58 -27.77 -10.16
CA LEU E 227 -16.18 -28.96 -10.93
C LEU E 227 -15.78 -30.06 -10.00
N ALA E 228 -16.35 -31.26 -10.15
CA ALA E 228 -16.12 -32.41 -9.30
C ALA E 228 -16.52 -32.13 -7.85
N GLY E 229 -17.27 -31.04 -7.62
CA GLY E 229 -17.62 -30.61 -6.26
C GLY E 229 -16.43 -29.98 -5.55
N MET E 230 -15.31 -29.70 -6.22
CA MET E 230 -14.12 -29.15 -5.58
C MET E 230 -14.56 -28.03 -4.63
N GLY E 231 -14.31 -28.23 -3.35
CA GLY E 231 -14.86 -27.29 -2.36
C GLY E 231 -14.77 -27.85 -0.98
N ALA E 232 -15.18 -27.04 0.04
CA ALA E 232 -15.02 -27.46 1.41
C ALA E 232 -15.92 -28.64 1.79
N GLY E 233 -15.46 -29.38 2.78
CA GLY E 233 -16.16 -30.54 3.31
C GLY E 233 -16.22 -31.64 2.24
N ALA E 234 -17.43 -32.17 2.02
CA ALA E 234 -17.64 -33.13 0.92
C ALA E 234 -17.81 -32.44 -0.42
N GLY E 235 -17.60 -31.12 -0.47
CA GLY E 235 -17.61 -30.31 -1.66
C GLY E 235 -18.89 -29.50 -1.83
N ASN E 236 -18.88 -28.71 -2.87
CA ASN E 236 -20.06 -27.96 -3.26
C ASN E 236 -20.95 -28.89 -4.08
N ALA E 237 -22.09 -28.36 -4.54
CA ALA E 237 -22.87 -29.18 -5.50
C ALA E 237 -21.95 -29.43 -6.69
N PRO E 238 -21.79 -30.65 -7.17
CA PRO E 238 -20.91 -30.93 -8.29
C PRO E 238 -21.53 -30.34 -9.54
N LEU E 239 -20.85 -29.37 -10.14
CA LEU E 239 -21.34 -28.66 -11.32
C LEU E 239 -21.70 -29.57 -12.47
N GLU E 240 -20.82 -30.48 -12.89
CA GLU E 240 -21.16 -31.34 -14.06
C GLU E 240 -22.38 -32.21 -13.78
N VAL E 241 -22.59 -32.58 -12.52
CA VAL E 241 -23.76 -33.41 -12.17
C VAL E 241 -25.03 -32.56 -12.24
N PHE E 242 -24.95 -31.36 -11.62
CA PHE E 242 -26.14 -30.47 -11.70
C PHE E 242 -26.51 -30.20 -13.15
N ILE E 243 -25.52 -29.88 -13.99
CA ILE E 243 -25.82 -29.59 -15.40
C ILE E 243 -26.39 -30.83 -16.07
N ALA E 244 -25.84 -32.02 -15.80
CA ALA E 244 -26.43 -33.21 -16.42
C ALA E 244 -27.90 -33.36 -16.07
N VAL E 245 -28.22 -33.16 -14.78
CA VAL E 245 -29.61 -33.33 -14.36
C VAL E 245 -30.47 -32.24 -14.99
N ALA E 246 -29.98 -31.00 -14.95
CA ALA E 246 -30.73 -29.88 -15.55
C ALA E 246 -31.00 -30.18 -17.02
N GLU E 247 -29.98 -30.68 -17.75
CA GLU E 247 -30.11 -31.03 -19.14
C GLU E 247 -31.20 -32.08 -19.35
N ARG E 248 -31.17 -33.15 -18.56
CA ARG E 248 -32.18 -34.20 -18.65
C ARG E 248 -33.57 -33.64 -18.35
N LEU E 249 -33.67 -32.70 -17.42
CA LEU E 249 -34.94 -32.06 -17.08
C LEU E 249 -35.42 -31.08 -18.12
N GLY E 250 -34.63 -30.72 -19.13
CA GLY E 250 -34.96 -29.80 -20.19
C GLY E 250 -34.75 -28.34 -19.77
N TRP E 251 -34.04 -28.14 -18.68
CA TRP E 251 -33.79 -26.77 -18.19
C TRP E 251 -32.81 -26.02 -19.06
N ASN E 252 -32.95 -24.70 -19.10
CA ASN E 252 -32.08 -23.82 -19.89
C ASN E 252 -30.90 -23.35 -19.06
N HIS E 253 -29.90 -24.22 -18.92
CA HIS E 253 -28.72 -23.90 -18.10
C HIS E 253 -27.71 -23.09 -18.87
N GLY E 254 -27.71 -23.18 -20.20
CA GLY E 254 -26.78 -22.44 -21.04
C GLY E 254 -25.32 -22.81 -21.00
N THR E 255 -24.93 -24.01 -20.59
CA THR E 255 -23.53 -24.38 -20.57
C THR E 255 -23.29 -25.58 -21.48
N ASP E 256 -22.02 -25.97 -21.62
CA ASP E 256 -21.66 -27.14 -22.44
C ASP E 256 -21.31 -28.29 -21.48
N LEU E 257 -22.21 -29.24 -21.33
CA LEU E 257 -22.03 -30.35 -20.41
C LEU E 257 -20.76 -31.14 -20.65
N TYR E 258 -20.46 -31.52 -21.89
CA TYR E 258 -19.28 -32.33 -22.18
C TYR E 258 -18.01 -31.64 -21.74
N THR E 259 -17.89 -30.33 -22.00
CA THR E 259 -16.72 -29.58 -21.54
C THR E 259 -16.59 -29.68 -20.02
N LEU E 260 -17.68 -29.51 -19.30
CA LEU E 260 -17.66 -29.56 -17.85
C LEU E 260 -17.29 -30.97 -17.34
N MET E 261 -17.88 -32.01 -17.93
CA MET E 261 -17.52 -33.36 -17.49
C MET E 261 -16.04 -33.66 -17.68
N ASP E 262 -15.48 -33.25 -18.82
CA ASP E 262 -14.06 -33.50 -19.07
C ASP E 262 -13.18 -32.70 -18.14
N ALA E 263 -13.51 -31.41 -17.94
CA ALA E 263 -12.70 -30.57 -17.04
C ALA E 263 -12.72 -31.09 -15.62
N ALA E 264 -13.88 -31.59 -15.17
CA ALA E 264 -13.98 -32.11 -13.82
C ALA E 264 -13.01 -33.28 -13.61
N ASP E 265 -12.93 -34.21 -14.57
CA ASP E 265 -12.06 -35.36 -14.32
C ASP E 265 -10.67 -35.23 -14.89
N ASP E 266 -10.47 -34.45 -15.94
CA ASP E 266 -9.13 -34.41 -16.53
C ASP E 266 -8.31 -33.23 -16.00
N ILE E 267 -8.99 -32.24 -15.37
CA ILE E 267 -8.24 -31.09 -14.84
C ILE E 267 -8.32 -30.99 -13.31
N VAL E 268 -9.52 -31.00 -12.74
CA VAL E 268 -9.71 -30.76 -11.32
C VAL E 268 -9.50 -31.93 -10.39
N ARG E 269 -10.05 -33.11 -10.73
CA ARG E 269 -9.84 -34.27 -9.89
C ARG E 269 -8.38 -34.56 -9.68
N PRO E 270 -7.52 -34.45 -10.69
CA PRO E 270 -6.09 -34.69 -10.48
C PRO E 270 -5.51 -33.77 -9.44
N LEU E 271 -6.09 -32.62 -9.11
CA LEU E 271 -5.50 -31.69 -8.16
C LEU E 271 -5.88 -32.02 -6.73
N GLN E 272 -6.77 -32.97 -6.50
CA GLN E 272 -7.17 -33.32 -5.16
C GLN E 272 -6.18 -34.23 -4.43
N ASP E 273 -5.75 -33.83 -3.24
CA ASP E 273 -4.88 -34.71 -2.46
C ASP E 273 -5.77 -35.51 -1.53
N ARG E 274 -6.73 -34.91 -0.85
CA ARG E 274 -7.70 -35.60 0.02
C ARG E 274 -8.99 -35.65 -0.78
N PRO E 275 -9.45 -36.82 -1.19
CA PRO E 275 -10.64 -36.97 -2.02
C PRO E 275 -11.77 -36.11 -1.53
N VAL E 276 -12.43 -35.35 -2.41
CA VAL E 276 -13.58 -34.54 -2.04
C VAL E 276 -14.80 -35.44 -2.23
N ARG E 277 -15.27 -35.98 -1.12
CA ARG E 277 -16.36 -36.96 -1.13
C ARG E 277 -17.09 -37.02 0.21
N VAL E 278 -18.21 -37.70 0.21
CA VAL E 278 -18.98 -37.92 1.42
C VAL E 278 -18.41 -39.17 2.11
N ASP E 279 -17.86 -38.97 3.31
CA ASP E 279 -17.31 -40.12 4.04
C ASP E 279 -17.59 -39.88 5.50
N ARG E 280 -17.01 -40.69 6.39
CA ARG E 280 -17.31 -40.51 7.82
C ARG E 280 -17.16 -39.08 8.33
N GLU E 281 -16.03 -38.47 8.00
CA GLU E 281 -15.72 -37.12 8.49
C GLU E 281 -16.58 -36.05 7.82
N THR E 282 -16.81 -36.14 6.51
CA THR E 282 -17.60 -35.07 5.88
C THR E 282 -19.07 -35.22 6.14
N LEU E 283 -19.55 -36.47 6.33
CA LEU E 283 -20.91 -36.78 6.70
C LEU E 283 -21.10 -36.21 8.11
N GLY E 284 -20.06 -36.29 8.95
CA GLY E 284 -20.03 -35.67 10.27
C GLY E 284 -20.28 -34.17 10.22
N LEU E 285 -19.70 -33.43 9.28
CA LEU E 285 -19.97 -32.00 9.16
C LEU E 285 -21.47 -31.77 8.93
N GLY E 286 -22.06 -32.57 8.03
CA GLY E 286 -23.44 -32.42 7.62
C GLY E 286 -24.41 -32.72 8.77
N TYR E 287 -24.06 -33.75 9.51
CA TYR E 287 -24.88 -34.24 10.60
C TYR E 287 -24.84 -33.27 11.79
N ALA E 288 -23.66 -32.77 12.08
CA ALA E 288 -23.45 -31.85 13.19
C ALA E 288 -23.73 -30.39 12.82
N GLY E 289 -23.78 -30.08 11.54
CA GLY E 289 -24.01 -28.72 11.05
C GLY E 289 -22.81 -27.82 11.29
N VAL E 290 -21.61 -28.28 10.97
CA VAL E 290 -20.36 -27.57 11.19
C VAL E 290 -19.86 -26.99 9.89
N TYR E 291 -19.37 -25.75 9.96
CA TYR E 291 -18.87 -25.03 8.79
C TYR E 291 -17.92 -25.90 8.01
N SER E 292 -18.18 -26.11 6.73
CA SER E 292 -17.41 -27.11 5.97
C SER E 292 -15.93 -26.86 5.87
N SER E 293 -15.43 -25.61 5.94
CA SER E 293 -13.99 -25.37 5.81
C SER E 293 -13.20 -25.90 6.99
N PHE E 294 -13.86 -26.27 8.10
CA PHE E 294 -13.15 -26.82 9.24
C PHE E 294 -12.59 -28.22 8.95
N LEU E 295 -13.00 -28.89 7.88
CA LEU E 295 -12.59 -30.25 7.64
C LEU E 295 -11.10 -30.51 7.69
N ARG E 296 -10.31 -29.85 6.87
CA ARG E 296 -8.88 -30.21 6.80
C ARG E 296 -8.13 -29.70 8.02
N HIS E 297 -8.63 -28.62 8.61
CA HIS E 297 -8.02 -28.10 9.83
C HIS E 297 -8.32 -29.05 10.98
N ALA E 298 -9.48 -29.67 11.01
CA ALA E 298 -9.84 -30.61 12.06
C ALA E 298 -9.02 -31.90 11.84
N GLU E 299 -8.77 -32.23 10.59
CA GLU E 299 -7.96 -33.43 10.32
C GLU E 299 -6.53 -33.23 10.76
N ILE E 300 -5.96 -32.05 10.60
CA ILE E 300 -4.59 -31.74 11.02
C ILE E 300 -4.50 -31.77 12.55
N ALA E 301 -5.50 -31.19 13.24
CA ALA E 301 -5.48 -31.26 14.69
C ALA E 301 -5.72 -32.68 15.19
N ALA E 302 -6.55 -33.50 14.54
CA ALA E 302 -6.83 -34.85 14.99
C ALA E 302 -5.54 -35.69 15.02
N ALA E 303 -4.77 -35.62 13.97
CA ALA E 303 -3.50 -36.34 13.88
C ALA E 303 -2.43 -35.69 14.77
N LYS E 304 -2.46 -34.37 14.92
CA LYS E 304 -1.48 -33.67 15.74
C LYS E 304 -1.67 -33.90 17.23
N TYR E 305 -2.91 -33.87 17.71
CA TYR E 305 -3.18 -34.09 19.14
C TYR E 305 -3.63 -35.52 19.36
N ASN E 306 -3.51 -36.38 18.36
CA ASN E 306 -3.88 -37.80 18.42
C ASN E 306 -5.32 -38.03 18.86
N LEU E 307 -6.31 -37.47 18.16
CA LEU E 307 -7.72 -37.64 18.44
C LEU E 307 -8.45 -38.05 17.15
N LYS E 308 -9.73 -38.31 17.24
CA LYS E 308 -10.53 -38.62 16.06
C LYS E 308 -11.14 -37.34 15.49
N THR E 309 -10.93 -37.12 14.20
CA THR E 309 -11.52 -35.96 13.52
C THR E 309 -13.00 -35.85 13.82
N LEU E 310 -13.79 -36.92 13.70
CA LEU E 310 -15.21 -36.91 13.96
C LEU E 310 -15.59 -36.40 15.34
N ASP E 311 -14.82 -36.76 16.37
CA ASP E 311 -15.08 -36.28 17.72
C ASP E 311 -14.85 -34.76 17.84
N ILE E 312 -13.85 -34.25 17.14
CA ILE E 312 -13.54 -32.81 17.13
C ILE E 312 -14.71 -32.09 16.47
N LEU E 313 -15.18 -32.62 15.33
CA LEU E 313 -16.32 -32.04 14.63
C LEU E 313 -17.60 -32.03 15.44
N VAL E 314 -17.92 -33.12 16.14
CA VAL E 314 -19.17 -33.20 16.92
C VAL E 314 -19.16 -32.15 18.02
N GLU E 315 -18.03 -32.00 18.67
CA GLU E 315 -17.89 -31.01 19.75
C GLU E 315 -17.96 -29.60 19.19
N LEU E 316 -17.33 -29.34 18.04
CA LEU E 316 -17.50 -28.01 17.42
C LEU E 316 -18.97 -27.72 17.15
N GLY E 317 -19.75 -28.71 16.69
CA GLY E 317 -21.16 -28.50 16.41
C GLY E 317 -21.89 -28.25 17.73
N HIS E 318 -21.50 -28.97 18.78
CA HIS E 318 -22.14 -28.78 20.08
C HIS E 318 -21.95 -27.35 20.62
N ARG E 319 -20.78 -26.79 20.38
CA ARG E 319 -20.47 -25.42 20.81
C ARG E 319 -21.05 -24.37 19.91
N ARG E 320 -21.68 -24.74 18.79
CA ARG E 320 -22.33 -23.82 17.89
C ARG E 320 -21.36 -22.79 17.31
N MET E 321 -20.22 -23.29 16.82
CA MET E 321 -19.23 -22.44 16.17
C MET E 321 -19.70 -22.05 14.78
N VAL E 322 -19.30 -20.86 14.31
CA VAL E 322 -19.69 -20.41 12.99
C VAL E 322 -18.50 -20.32 12.06
N GLY E 323 -18.73 -19.83 10.85
CA GLY E 323 -17.68 -19.64 9.85
C GLY E 323 -16.57 -18.73 10.37
N GLY E 324 -15.32 -19.03 9.95
CA GLY E 324 -14.17 -18.26 10.42
C GLY E 324 -13.63 -18.66 11.77
N GLN E 325 -14.20 -19.61 12.52
CA GLN E 325 -13.69 -19.92 13.84
C GLN E 325 -12.75 -21.12 13.88
N GLU E 326 -11.87 -21.23 12.91
CA GLU E 326 -10.89 -22.33 12.87
C GLU E 326 -10.02 -22.35 14.12
N ASP E 327 -9.78 -21.19 14.75
CA ASP E 327 -8.96 -21.21 15.96
C ASP E 327 -9.59 -22.05 17.07
N MET E 328 -10.91 -22.17 17.09
CA MET E 328 -11.63 -22.99 18.06
C MET E 328 -11.49 -24.48 17.83
N ILE E 329 -10.96 -24.91 16.67
CA ILE E 329 -10.71 -26.32 16.38
C ILE E 329 -9.57 -26.78 17.30
N VAL E 330 -8.53 -25.96 17.42
CA VAL E 330 -7.43 -26.32 18.32
C VAL E 330 -7.90 -26.21 19.75
N ASP E 331 -8.79 -25.26 20.05
CA ASP E 331 -9.28 -25.10 21.42
C ASP E 331 -10.02 -26.36 21.86
N VAL E 332 -10.87 -26.84 20.96
CA VAL E 332 -11.64 -28.05 21.19
C VAL E 332 -10.72 -29.26 21.33
N ALA E 333 -9.74 -29.41 20.45
CA ALA E 333 -8.82 -30.55 20.52
C ALA E 333 -8.08 -30.58 21.86
N LEU E 334 -7.60 -29.42 22.31
CA LEU E 334 -6.96 -29.31 23.61
C LEU E 334 -7.91 -29.63 24.74
N ASP E 335 -9.18 -29.24 24.66
CA ASP E 335 -10.14 -29.54 25.71
C ASP E 335 -10.46 -31.05 25.73
N LEU E 336 -10.51 -31.67 24.56
CA LEU E 336 -10.76 -33.10 24.44
C LEU E 336 -9.60 -33.91 24.98
N LEU E 337 -8.38 -33.46 24.70
CA LEU E 337 -7.20 -34.09 25.27
C LEU E 337 -7.27 -34.02 26.79
N ALA E 338 -7.51 -32.83 27.34
CA ALA E 338 -7.61 -32.67 28.78
C ALA E 338 -8.75 -33.52 29.36
N ALA E 339 -9.89 -33.58 28.69
CA ALA E 339 -11.01 -34.40 29.18
C ALA E 339 -10.71 -35.88 28.96
N LYS F 4 -6.78 13.48 44.60
CA LYS F 4 -7.25 12.95 43.32
C LYS F 4 -7.62 14.07 42.36
N LEU F 5 -7.51 13.76 41.06
CA LEU F 5 -7.87 14.74 40.03
C LEU F 5 -9.29 14.42 39.57
N LYS F 6 -10.04 15.44 39.19
CA LYS F 6 -11.43 15.17 38.85
C LYS F 6 -11.62 14.86 37.40
N VAL F 7 -12.64 14.04 37.11
CA VAL F 7 -12.87 13.68 35.71
C VAL F 7 -14.32 13.90 35.25
N ALA F 8 -14.47 14.05 33.95
CA ALA F 8 -15.79 14.16 33.33
C ALA F 8 -15.84 13.02 32.32
N ILE F 9 -17.01 12.37 32.20
CA ILE F 9 -17.21 11.30 31.24
C ILE F 9 -18.28 11.82 30.28
N ILE F 10 -17.92 11.92 29.00
CA ILE F 10 -18.87 12.30 27.97
C ILE F 10 -19.42 11.02 27.36
N GLY F 11 -20.74 10.80 27.57
CA GLY F 11 -21.39 9.61 26.99
C GLY F 11 -22.02 8.87 28.17
N SER F 12 -23.34 8.66 28.15
CA SER F 12 -23.96 8.03 29.33
C SER F 12 -24.54 6.65 29.01
N GLY F 13 -23.99 6.05 27.97
CA GLY F 13 -24.39 4.71 27.56
C GLY F 13 -23.66 3.62 28.34
N ASN F 14 -23.60 2.43 27.75
CA ASN F 14 -22.96 1.28 28.36
C ASN F 14 -21.50 1.52 28.75
N ILE F 15 -20.73 2.06 27.82
CA ILE F 15 -19.31 2.34 28.03
C ILE F 15 -19.10 3.43 29.07
N GLY F 16 -19.82 4.53 28.94
CA GLY F 16 -19.64 5.64 29.90
C GLY F 16 -20.01 5.24 31.32
N THR F 17 -21.13 4.54 31.47
CA THR F 17 -21.60 4.14 32.79
C THR F 17 -20.70 3.10 33.44
N ASP F 18 -20.24 2.10 32.68
CA ASP F 18 -19.29 1.12 33.20
C ASP F 18 -18.02 1.81 33.69
N LEU F 19 -17.54 2.78 32.88
CA LEU F 19 -16.30 3.51 33.27
C LEU F 19 -16.55 4.27 34.57
N MET F 20 -17.73 4.93 34.63
CA MET F 20 -18.07 5.69 35.82
C MET F 20 -18.02 4.84 37.08
N ILE F 21 -18.57 3.64 36.99
CA ILE F 21 -18.59 2.72 38.14
C ILE F 21 -17.17 2.30 38.52
N LYS F 22 -16.33 2.01 37.54
CA LYS F 22 -14.93 1.68 37.85
C LYS F 22 -14.22 2.87 38.49
N VAL F 23 -14.50 4.09 38.07
CA VAL F 23 -13.84 5.26 38.69
C VAL F 23 -14.27 5.35 40.17
N LEU F 24 -15.57 5.25 40.39
CA LEU F 24 -16.06 5.33 41.79
C LEU F 24 -15.52 4.22 42.68
N ARG F 25 -15.48 3.00 42.21
CA ARG F 25 -15.09 1.87 43.01
C ARG F 25 -13.60 1.62 43.10
N ASN F 26 -12.89 1.80 41.98
CA ASN F 26 -11.48 1.43 41.96
C ASN F 26 -10.42 2.49 41.80
N ALA F 27 -10.71 3.64 41.22
CA ALA F 27 -9.64 4.62 40.98
C ALA F 27 -9.01 5.17 42.25
N LYS F 28 -7.69 5.28 42.22
CA LYS F 28 -6.90 5.80 43.33
C LYS F 28 -6.44 7.24 43.13
N TYR F 29 -6.27 7.70 41.89
CA TYR F 29 -5.81 9.01 41.57
C TYR F 29 -6.84 9.89 40.88
N LEU F 30 -8.04 9.34 40.66
CA LEU F 30 -9.08 10.08 39.97
C LEU F 30 -10.39 9.98 40.75
N GLU F 31 -11.22 11.00 40.56
CA GLU F 31 -12.56 10.93 41.16
C GLU F 31 -13.54 11.63 40.23
N MET F 32 -14.80 11.15 40.31
CA MET F 32 -15.82 11.68 39.45
C MET F 32 -16.14 13.15 39.68
N GLY F 33 -16.20 13.88 38.57
CA GLY F 33 -16.60 15.27 38.57
C GLY F 33 -18.01 15.36 37.96
N ALA F 34 -18.16 14.81 36.76
CA ALA F 34 -19.45 14.93 36.09
C ALA F 34 -19.64 13.84 35.05
N MET F 35 -20.89 13.46 34.87
CA MET F 35 -21.28 12.52 33.81
C MET F 35 -22.14 13.39 32.86
N VAL F 36 -21.81 13.36 31.59
CA VAL F 36 -22.38 14.22 30.58
C VAL F 36 -23.17 13.42 29.56
N GLY F 37 -24.47 13.76 29.41
CA GLY F 37 -25.24 13.07 28.39
C GLY F 37 -26.00 14.05 27.53
N ILE F 38 -26.84 13.54 26.63
CA ILE F 38 -27.63 14.40 25.76
C ILE F 38 -29.13 14.04 25.85
N ASP F 39 -29.47 13.10 26.73
CA ASP F 39 -30.90 12.70 26.86
C ASP F 39 -31.15 12.62 28.37
N ALA F 40 -32.08 13.42 28.86
CA ALA F 40 -32.30 13.49 30.31
C ALA F 40 -32.71 12.13 30.93
N ALA F 41 -33.29 11.27 30.14
CA ALA F 41 -33.80 10.01 30.65
C ALA F 41 -32.85 8.84 30.46
N SER F 42 -31.62 9.12 30.01
CA SER F 42 -30.63 8.06 29.83
C SER F 42 -30.34 7.30 31.11
N ASP F 43 -30.21 5.99 31.00
CA ASP F 43 -29.88 5.16 32.15
C ASP F 43 -28.64 5.62 32.90
N GLY F 44 -27.56 5.95 32.14
CA GLY F 44 -26.32 6.33 32.80
C GLY F 44 -26.46 7.58 33.66
N LEU F 45 -27.25 8.56 33.21
CA LEU F 45 -27.40 9.78 33.98
C LEU F 45 -28.18 9.45 35.25
N ALA F 46 -29.17 8.54 35.16
CA ALA F 46 -29.92 8.17 36.36
C ALA F 46 -29.02 7.44 37.34
N ARG F 47 -28.21 6.53 36.82
CA ARG F 47 -27.25 5.82 37.67
C ARG F 47 -26.33 6.84 38.33
N ALA F 48 -25.79 7.81 37.58
CA ALA F 48 -24.90 8.81 38.16
C ALA F 48 -25.58 9.58 39.30
N GLN F 49 -26.82 9.99 39.03
CA GLN F 49 -27.59 10.71 40.05
C GLN F 49 -27.77 9.87 41.31
N ARG F 50 -28.04 8.56 41.20
CA ARG F 50 -28.21 7.70 42.37
C ARG F 50 -26.92 7.58 43.20
N MET F 51 -25.79 7.70 42.52
CA MET F 51 -24.48 7.65 43.15
C MET F 51 -23.95 9.00 43.54
N GLY F 52 -24.72 10.08 43.43
CA GLY F 52 -24.31 11.40 43.84
C GLY F 52 -23.37 12.15 42.91
N VAL F 53 -23.23 11.63 41.70
CA VAL F 53 -22.38 12.28 40.70
C VAL F 53 -23.15 13.35 39.96
N THR F 54 -22.58 14.55 39.84
CA THR F 54 -23.19 15.62 39.09
C THR F 54 -23.41 15.21 37.63
N THR F 55 -24.56 15.57 37.07
CA THR F 55 -24.86 15.24 35.69
C THR F 55 -25.32 16.47 34.93
N THR F 56 -25.30 16.33 33.60
CA THR F 56 -25.88 17.29 32.69
C THR F 56 -26.43 16.52 31.49
N TYR F 57 -27.55 16.96 30.91
CA TYR F 57 -28.02 16.37 29.69
C TYR F 57 -27.95 17.40 28.55
N ALA F 58 -27.14 18.43 28.75
CA ALA F 58 -26.93 19.49 27.77
C ALA F 58 -25.57 19.37 27.05
N GLY F 59 -25.01 18.16 27.07
CA GLY F 59 -23.81 17.85 26.30
C GLY F 59 -22.58 18.64 26.74
N VAL F 60 -21.60 18.73 25.83
CA VAL F 60 -20.35 19.42 26.20
C VAL F 60 -20.58 20.86 26.63
N GLU F 61 -21.49 21.57 26.00
CA GLU F 61 -21.83 22.94 26.41
C GLU F 61 -22.28 22.96 27.87
N GLY F 62 -23.12 22.00 28.25
CA GLY F 62 -23.57 21.86 29.63
C GLY F 62 -22.43 21.54 30.59
N LEU F 63 -21.50 20.66 30.24
CA LEU F 63 -20.37 20.36 31.06
C LEU F 63 -19.49 21.59 31.36
N ILE F 64 -19.17 22.34 30.34
CA ILE F 64 -18.31 23.52 30.52
C ILE F 64 -18.94 24.57 31.41
N LYS F 65 -20.25 24.66 31.54
CA LYS F 65 -20.88 25.62 32.45
C LYS F 65 -21.05 25.08 33.86
N LEU F 66 -20.77 23.81 34.12
CA LEU F 66 -20.90 23.30 35.49
C LEU F 66 -19.82 23.87 36.38
N PRO F 67 -20.13 24.11 37.65
CA PRO F 67 -19.15 24.55 38.62
C PRO F 67 -17.97 23.61 38.70
N GLU F 68 -18.22 22.29 38.62
CA GLU F 68 -17.17 21.31 38.65
C GLU F 68 -16.17 21.46 37.49
N PHE F 69 -16.55 22.02 36.37
CA PHE F 69 -15.63 22.07 35.22
C PHE F 69 -14.31 22.73 35.55
N ALA F 70 -14.29 23.77 36.38
CA ALA F 70 -13.01 24.42 36.73
C ALA F 70 -12.01 23.46 37.34
N ASP F 71 -12.40 22.44 38.07
CA ASP F 71 -11.51 21.48 38.70
C ASP F 71 -11.34 20.18 37.91
N ILE F 72 -11.91 20.06 36.72
CA ILE F 72 -11.80 18.83 35.93
C ILE F 72 -10.55 18.84 35.07
N ASP F 73 -9.69 17.84 35.28
CA ASP F 73 -8.45 17.74 34.50
C ASP F 73 -8.50 16.66 33.43
N PHE F 74 -9.38 15.66 33.57
CA PHE F 74 -9.48 14.59 32.61
C PHE F 74 -10.92 14.48 32.05
N VAL F 75 -10.99 14.20 30.76
CA VAL F 75 -12.30 14.02 30.13
C VAL F 75 -12.20 12.74 29.32
N PHE F 76 -13.14 11.82 29.56
CA PHE F 76 -13.20 10.62 28.77
C PHE F 76 -14.31 10.75 27.71
N ASP F 77 -13.93 10.51 26.46
CA ASP F 77 -14.92 10.59 25.39
C ASP F 77 -15.40 9.15 25.17
N ALA F 78 -16.60 8.91 25.72
CA ALA F 78 -17.24 7.60 25.66
C ALA F 78 -18.51 7.64 24.80
N THR F 79 -18.58 8.61 23.89
CA THR F 79 -19.74 8.66 23.00
C THR F 79 -19.48 7.74 21.80
N SER F 80 -20.50 7.04 21.31
CA SER F 80 -20.53 6.12 20.18
C SER F 80 -20.95 6.91 18.93
N ALA F 81 -21.58 8.02 19.28
CA ALA F 81 -21.77 9.04 18.26
C ALA F 81 -20.33 9.50 17.89
N SER F 82 -20.29 10.14 16.74
CA SER F 82 -19.08 10.69 16.13
C SER F 82 -18.91 12.14 16.55
N ALA F 83 -18.36 13.00 15.69
CA ALA F 83 -18.16 14.39 16.11
C ALA F 83 -17.19 14.53 17.27
N HIS F 84 -16.27 13.58 17.46
CA HIS F 84 -15.31 13.67 18.56
C HIS F 84 -14.42 14.91 18.41
N VAL F 85 -14.03 15.24 17.18
CA VAL F 85 -13.15 16.44 17.06
C VAL F 85 -13.92 17.70 17.43
N GLN F 86 -15.23 17.71 17.19
CA GLN F 86 -16.05 18.85 17.60
C GLN F 86 -16.07 18.97 19.11
N ASN F 87 -16.20 17.81 19.80
CA ASN F 87 -16.21 17.77 21.23
C ASN F 87 -14.86 18.32 21.74
N GLU F 88 -13.78 17.84 21.10
CA GLU F 88 -12.44 18.28 21.52
C GLU F 88 -12.30 19.80 21.37
N ALA F 89 -12.74 20.32 20.21
CA ALA F 89 -12.58 21.75 19.94
C ALA F 89 -13.29 22.65 20.94
N LEU F 90 -14.56 22.29 21.29
CA LEU F 90 -15.25 23.08 22.30
C LEU F 90 -14.63 22.96 23.66
N LEU F 91 -14.21 21.76 24.08
CA LEU F 91 -13.58 21.56 25.35
C LEU F 91 -12.28 22.37 25.49
N ARG F 92 -11.51 22.40 24.41
CA ARG F 92 -10.20 23.08 24.46
C ARG F 92 -10.33 24.59 24.37
N GLN F 93 -11.46 25.06 23.85
CA GLN F 93 -11.71 26.50 23.84
C GLN F 93 -11.87 26.93 25.31
N ALA F 94 -12.52 26.08 26.11
CA ALA F 94 -12.75 26.34 27.50
C ALA F 94 -11.54 26.06 28.38
N LYS F 95 -10.78 25.03 28.06
CA LYS F 95 -9.62 24.62 28.85
C LYS F 95 -8.64 23.93 27.94
N PRO F 96 -7.70 24.68 27.36
CA PRO F 96 -6.80 24.14 26.38
C PRO F 96 -5.92 22.96 26.79
N GLY F 97 -5.57 22.84 28.05
CA GLY F 97 -4.71 21.80 28.54
C GLY F 97 -5.40 20.56 29.10
N ILE F 98 -6.71 20.47 28.95
CA ILE F 98 -7.40 19.27 29.48
C ILE F 98 -6.88 17.98 28.85
N ARG F 99 -6.83 16.91 29.62
CA ARG F 99 -6.37 15.62 29.11
C ARG F 99 -7.63 14.89 28.60
N LEU F 100 -7.63 14.51 27.36
CA LEU F 100 -8.80 13.90 26.73
C LEU F 100 -8.48 12.48 26.31
N ILE F 101 -9.22 11.55 26.92
CA ILE F 101 -8.99 10.13 26.60
C ILE F 101 -10.14 9.61 25.75
N ASP F 102 -9.85 9.15 24.54
CA ASP F 102 -10.93 8.78 23.62
C ASP F 102 -11.03 7.27 23.55
N LEU F 103 -12.24 6.77 23.84
CA LEU F 103 -12.48 5.34 23.84
C LEU F 103 -12.90 4.84 22.46
N THR F 104 -13.17 5.68 21.48
CA THR F 104 -13.47 5.12 20.14
C THR F 104 -12.18 5.15 19.33
N PRO F 105 -11.79 4.05 18.69
CA PRO F 105 -10.55 4.02 17.92
C PRO F 105 -10.60 5.08 16.84
N ALA F 106 -9.49 5.79 16.73
CA ALA F 106 -9.29 6.80 15.70
C ALA F 106 -8.73 6.07 14.49
N ALA F 107 -8.99 6.54 13.28
CA ALA F 107 -8.43 5.90 12.09
C ALA F 107 -6.91 6.02 12.07
N ILE F 108 -6.38 7.14 12.53
CA ILE F 108 -4.98 7.46 12.56
C ILE F 108 -4.49 7.33 14.00
N GLY F 109 -3.30 6.75 14.20
CA GLY F 109 -2.78 6.70 15.56
C GLY F 109 -1.76 7.77 15.86
N PRO F 110 -1.31 7.90 17.08
CA PRO F 110 -0.71 6.88 17.90
C PRO F 110 -1.84 6.38 18.82
N TYR F 111 -1.72 5.18 19.34
CA TYR F 111 -2.68 4.60 20.27
C TYR F 111 -2.01 4.17 21.57
N CYS F 112 -2.80 3.99 22.64
CA CYS F 112 -2.23 3.50 23.88
C CYS F 112 -2.78 2.13 24.27
N VAL F 113 -1.91 1.20 24.60
CA VAL F 113 -2.21 -0.13 25.12
C VAL F 113 -1.41 -0.12 26.42
N PRO F 114 -2.04 0.15 27.56
CA PRO F 114 -1.35 0.53 28.77
C PRO F 114 -0.20 -0.33 29.21
N VAL F 115 -0.32 -1.65 29.21
CA VAL F 115 0.75 -2.55 29.61
C VAL F 115 1.97 -2.45 28.71
N VAL F 116 1.85 -1.94 27.50
CA VAL F 116 2.99 -1.83 26.61
C VAL F 116 3.56 -0.42 26.53
N ASN F 117 2.74 0.58 26.20
CA ASN F 117 3.30 1.90 25.96
C ASN F 117 2.67 3.04 26.77
N LEU F 118 2.17 2.76 27.95
CA LEU F 118 1.59 3.82 28.79
C LEU F 118 2.58 4.94 29.08
N GLU F 119 3.85 4.58 29.34
CA GLU F 119 4.82 5.65 29.66
C GLU F 119 5.04 6.64 28.55
N GLU F 120 4.78 6.37 27.30
CA GLU F 120 4.90 7.28 26.19
C GLU F 120 3.79 8.31 26.12
N HIS F 121 2.71 8.06 26.85
CA HIS F 121 1.54 8.93 26.82
C HIS F 121 1.42 9.79 28.06
N LEU F 122 2.33 9.75 29.02
CA LEU F 122 2.20 10.54 30.23
C LEU F 122 1.95 12.03 30.01
N GLY F 123 2.59 12.67 29.03
CA GLY F 123 2.42 14.10 28.83
C GLY F 123 1.50 14.50 27.70
N LYS F 124 0.76 13.54 27.14
CA LYS F 124 -0.11 13.85 26.02
C LYS F 124 -1.42 14.51 26.40
N LEU F 125 -1.89 15.40 25.55
CA LEU F 125 -3.19 16.03 25.83
C LEU F 125 -4.32 15.11 25.36
N ASN F 126 -4.01 14.32 24.34
CA ASN F 126 -5.01 13.39 23.78
C ASN F 126 -4.48 11.99 23.84
N VAL F 127 -5.27 10.98 24.21
CA VAL F 127 -4.82 9.60 24.21
C VAL F 127 -5.96 8.75 23.61
N ASN F 128 -5.66 7.99 22.57
CA ASN F 128 -6.71 7.19 21.91
C ASN F 128 -6.54 5.72 22.29
N MET F 129 -7.61 5.02 22.67
CA MET F 129 -7.51 3.62 23.05
C MET F 129 -7.84 3.01 21.68
C MET F 129 -7.60 2.34 22.24
N VAL F 130 -6.98 2.24 21.13
CA VAL F 130 -7.09 1.34 20.02
C VAL F 130 -8.17 0.32 20.46
C VAL F 130 -8.47 0.69 20.07
N THR F 131 -8.64 -0.49 19.56
CA THR F 131 -9.74 -1.40 19.73
C THR F 131 -9.67 -2.41 20.84
N CYS F 132 -10.79 -3.11 21.11
CA CYS F 132 -10.81 -4.13 22.15
C CYS F 132 -9.88 -5.28 21.75
N GLY F 133 -9.86 -5.60 20.46
CA GLY F 133 -8.95 -6.64 19.93
C GLY F 133 -7.49 -6.26 20.12
N GLY F 134 -7.16 -5.00 19.91
CA GLY F 134 -5.78 -4.55 20.19
C GLY F 134 -5.48 -4.59 21.66
N GLN F 135 -6.41 -4.11 22.52
CA GLN F 135 -6.14 -4.15 23.95
C GLN F 135 -5.89 -5.58 24.43
N ALA F 136 -6.62 -6.57 23.87
CA ALA F 136 -6.45 -7.92 24.38
C ALA F 136 -5.23 -8.62 23.80
N THR F 137 -4.91 -8.31 22.54
CA THR F 137 -3.89 -9.09 21.84
C THR F 137 -2.54 -8.46 21.60
N ILE F 138 -2.43 -7.12 21.54
CA ILE F 138 -1.13 -6.45 21.43
C ILE F 138 -0.19 -6.81 22.54
N PRO F 139 -0.61 -6.96 23.78
CA PRO F 139 0.25 -7.36 24.87
C PRO F 139 0.92 -8.70 24.54
N MET F 140 0.21 -9.64 23.88
CA MET F 140 0.80 -10.95 23.59
C MET F 140 1.83 -10.80 22.48
N VAL F 141 1.53 -9.96 21.48
CA VAL F 141 2.52 -9.75 20.39
C VAL F 141 3.77 -9.10 20.98
N ALA F 142 3.60 -8.13 21.88
CA ALA F 142 4.73 -7.46 22.53
C ALA F 142 5.52 -8.42 23.44
N ALA F 143 4.83 -9.41 24.01
CA ALA F 143 5.47 -10.39 24.86
C ALA F 143 6.41 -11.27 24.04
N VAL F 144 6.08 -11.53 22.79
CA VAL F 144 7.02 -12.29 21.95
C VAL F 144 8.07 -11.30 21.43
N SER F 145 7.72 -10.11 20.99
CA SER F 145 8.74 -9.17 20.51
C SER F 145 9.86 -8.88 21.49
N ARG F 146 9.61 -8.84 22.80
CA ARG F 146 10.71 -8.59 23.74
C ARG F 146 11.66 -9.78 23.85
N VAL F 147 11.34 -10.93 23.31
CA VAL F 147 12.22 -12.09 23.30
C VAL F 147 12.88 -12.24 21.93
N ALA F 148 12.15 -12.06 20.83
CA ALA F 148 12.71 -12.26 19.50
C ALA F 148 11.96 -11.43 18.47
N LYS F 149 12.60 -11.12 17.34
CA LYS F 149 11.98 -10.28 16.32
C LYS F 149 10.72 -10.95 15.77
N VAL F 150 9.63 -10.16 15.66
CA VAL F 150 8.38 -10.71 15.10
C VAL F 150 8.22 -10.38 13.64
N HIS F 151 8.12 -11.39 12.79
CA HIS F 151 7.97 -11.24 11.36
C HIS F 151 6.50 -10.95 10.95
N TYR F 152 5.62 -11.63 11.68
CA TYR F 152 4.21 -11.54 11.34
C TYR F 152 3.39 -11.92 12.57
N ALA F 153 2.29 -11.19 12.80
CA ALA F 153 1.44 -11.56 13.91
C ALA F 153 -0.03 -11.41 13.50
N GLU F 154 -0.85 -12.36 13.87
CA GLU F 154 -2.26 -12.37 13.46
C GLU F 154 -3.12 -12.66 14.67
N ILE F 155 -4.25 -11.91 14.80
CA ILE F 155 -5.12 -12.11 15.96
C ILE F 155 -6.53 -12.40 15.42
N VAL F 156 -7.23 -13.25 16.14
CA VAL F 156 -8.62 -13.60 15.87
C VAL F 156 -9.41 -13.23 17.14
N ALA F 157 -10.40 -12.33 16.99
CA ALA F 157 -11.23 -11.95 18.14
C ALA F 157 -12.63 -12.53 17.92
N SER F 158 -13.12 -13.29 18.86
CA SER F 158 -14.47 -13.84 18.74
C SER F 158 -15.30 -13.29 19.88
N ILE F 159 -16.34 -12.57 19.51
CA ILE F 159 -17.16 -11.93 20.53
C ILE F 159 -18.63 -12.28 20.31
N SER F 160 -19.38 -12.33 21.42
CA SER F 160 -20.81 -12.58 21.34
C SER F 160 -21.47 -11.49 20.52
N SER F 161 -22.38 -11.85 19.62
CA SER F 161 -23.07 -10.89 18.78
C SER F 161 -23.76 -9.82 19.66
N LYS F 162 -24.32 -10.23 20.77
CA LYS F 162 -25.02 -9.28 21.64
C LYS F 162 -24.14 -8.19 22.19
N SER F 163 -22.86 -8.47 22.48
CA SER F 163 -22.01 -7.48 23.09
C SER F 163 -21.29 -6.62 22.05
N ALA F 164 -21.36 -7.01 20.78
CA ALA F 164 -20.60 -6.26 19.77
C ALA F 164 -20.96 -4.79 19.77
N GLY F 165 -19.94 -3.91 19.89
CA GLY F 165 -20.21 -2.47 19.90
C GLY F 165 -20.85 -2.03 18.61
N PRO F 166 -21.73 -1.01 18.67
CA PRO F 166 -22.40 -0.49 17.50
C PRO F 166 -21.40 0.11 16.52
N GLY F 167 -20.35 0.71 17.07
CA GLY F 167 -19.26 1.31 16.33
C GLY F 167 -18.55 0.23 15.54
N THR F 168 -18.22 -0.87 16.21
CA THR F 168 -17.57 -1.99 15.53
C THR F 168 -18.53 -2.55 14.49
N ARG F 169 -19.83 -2.73 14.76
CA ARG F 169 -20.66 -3.27 13.65
C ARG F 169 -20.76 -2.31 12.47
N ALA F 170 -20.78 -1.00 12.69
CA ALA F 170 -20.93 -0.07 11.58
C ALA F 170 -19.64 0.23 10.83
N ASN F 171 -18.50 -0.10 11.43
CA ASN F 171 -17.24 0.08 10.74
C ASN F 171 -16.28 -1.06 11.12
N ILE F 172 -16.69 -2.26 10.66
CA ILE F 172 -15.88 -3.45 10.99
C ILE F 172 -14.55 -3.42 10.29
N ASP F 173 -14.47 -2.78 9.14
CA ASP F 173 -13.21 -2.63 8.42
C ASP F 173 -12.20 -1.83 9.25
N GLU F 174 -12.70 -0.81 9.97
CA GLU F 174 -11.78 -0.01 10.79
C GLU F 174 -11.22 -0.86 11.92
N PHE F 175 -12.03 -1.74 12.48
CA PHE F 175 -11.55 -2.66 13.52
C PHE F 175 -10.33 -3.42 13.02
N THR F 176 -10.47 -4.10 11.88
CA THR F 176 -9.34 -4.87 11.36
C THR F 176 -8.13 -4.04 10.95
N GLU F 177 -8.36 -2.89 10.35
CA GLU F 177 -7.27 -2.01 9.90
C GLU F 177 -6.49 -1.42 11.05
N THR F 178 -7.17 -0.85 12.02
CA THR F 178 -6.49 -0.20 13.14
C THR F 178 -5.81 -1.23 14.03
N THR F 179 -6.48 -2.38 14.25
CA THR F 179 -5.87 -3.41 15.06
C THR F 179 -4.60 -3.91 14.38
N SER F 180 -4.64 -4.14 13.07
CA SER F 180 -3.42 -4.67 12.42
C SER F 180 -2.23 -3.71 12.46
N LYS F 181 -2.54 -2.44 12.24
CA LYS F 181 -1.49 -1.43 12.23
C LYS F 181 -0.90 -1.27 13.62
N ALA F 182 -1.76 -1.34 14.66
CA ALA F 182 -1.30 -1.24 16.04
C ALA F 182 -0.48 -2.48 16.44
N ILE F 183 -0.80 -3.64 15.86
CA ILE F 183 -0.02 -4.86 16.06
C ILE F 183 1.44 -4.61 15.64
N GLU F 184 1.60 -3.89 14.54
CA GLU F 184 2.92 -3.56 13.99
C GLU F 184 3.59 -2.47 14.82
N VAL F 185 2.92 -1.32 14.95
CA VAL F 185 3.53 -0.18 15.65
C VAL F 185 3.77 -0.44 17.11
N ILE F 186 2.76 -0.94 17.82
CA ILE F 186 2.89 -1.16 19.26
C ILE F 186 3.38 -2.54 19.60
N GLY F 187 2.92 -3.60 18.93
CA GLY F 187 3.33 -4.96 19.28
C GLY F 187 4.72 -5.29 18.72
N GLY F 188 5.19 -4.55 17.72
CA GLY F 188 6.49 -4.77 17.13
C GLY F 188 6.50 -5.73 15.96
N ALA F 189 5.35 -6.22 15.49
CA ALA F 189 5.36 -7.12 14.34
C ALA F 189 5.74 -6.38 13.08
N ALA F 190 6.47 -7.03 12.17
CA ALA F 190 6.78 -6.37 10.89
C ALA F 190 5.51 -6.30 10.04
N LYS F 191 4.60 -7.26 10.18
CA LYS F 191 3.32 -7.30 9.48
C LYS F 191 2.22 -7.77 10.44
N GLY F 192 1.08 -7.08 10.48
CA GLY F 192 -0.02 -7.55 11.36
C GLY F 192 -1.26 -7.92 10.56
N LYS F 193 -2.12 -8.77 11.16
CA LYS F 193 -3.41 -9.10 10.57
C LYS F 193 -4.39 -9.27 11.74
N ALA F 194 -5.63 -8.85 11.56
CA ALA F 194 -6.65 -8.96 12.58
C ALA F 194 -7.96 -9.42 11.91
N ILE F 195 -8.62 -10.34 12.60
CA ILE F 195 -9.88 -10.95 12.16
C ILE F 195 -10.84 -10.80 13.34
N ILE F 196 -12.10 -10.50 13.06
CA ILE F 196 -13.11 -10.44 14.12
C ILE F 196 -14.32 -11.27 13.63
N ILE F 197 -14.86 -12.08 14.50
CA ILE F 197 -16.01 -12.94 14.21
C ILE F 197 -17.05 -12.73 15.30
N MET F 198 -18.33 -12.63 14.95
CA MET F 198 -19.41 -12.48 15.94
C MET F 198 -20.26 -13.77 15.94
N ASN F 199 -20.53 -14.28 17.11
CA ASN F 199 -21.30 -15.55 17.18
C ASN F 199 -22.50 -15.28 18.06
N PRO F 200 -23.69 -15.58 17.61
CA PRO F 200 -24.93 -15.30 18.33
C PRO F 200 -25.36 -16.41 19.27
N ALA F 201 -24.51 -17.35 19.59
CA ALA F 201 -24.83 -18.49 20.43
C ALA F 201 -25.38 -18.08 21.80
N GLU F 202 -26.32 -18.91 22.25
CA GLU F 202 -26.90 -18.66 23.58
C GLU F 202 -26.36 -19.70 24.51
N PRO F 203 -26.33 -19.52 25.81
CA PRO F 203 -25.80 -18.36 26.46
C PRO F 203 -24.54 -17.82 25.77
N PRO F 204 -24.43 -16.51 25.77
CA PRO F 204 -23.26 -15.84 25.18
C PRO F 204 -21.98 -16.22 25.89
N LEU F 205 -20.88 -16.34 25.16
CA LEU F 205 -19.64 -16.79 25.79
C LEU F 205 -18.76 -15.57 26.07
N ILE F 206 -17.87 -15.74 27.04
CA ILE F 206 -16.90 -14.70 27.31
C ILE F 206 -16.04 -14.54 26.04
N MET F 207 -15.52 -13.33 25.85
CA MET F 207 -14.71 -13.03 24.67
C MET F 207 -13.52 -13.98 24.55
N ARG F 208 -13.20 -14.39 23.33
CA ARG F 208 -11.98 -15.20 23.14
C ARG F 208 -11.08 -14.44 22.19
N ASP F 209 -9.76 -14.52 22.31
CA ASP F 209 -8.81 -13.92 21.40
C ASP F 209 -7.68 -14.94 21.19
N THR F 210 -7.37 -15.24 19.96
CA THR F 210 -6.30 -16.17 19.61
C THR F 210 -5.19 -15.39 18.93
N VAL F 211 -3.94 -15.55 19.36
CA VAL F 211 -2.85 -14.75 18.80
C VAL F 211 -1.80 -15.73 18.24
N TYR F 212 -1.52 -15.52 16.97
CA TYR F 212 -0.49 -16.35 16.30
C TYR F 212 0.69 -15.44 15.98
N VAL F 213 1.88 -15.84 16.45
CA VAL F 213 3.05 -14.98 16.27
C VAL F 213 4.15 -15.78 15.57
N LEU F 214 4.63 -15.25 14.46
CA LEU F 214 5.76 -15.86 13.76
C LEU F 214 7.00 -15.02 14.09
N SER F 215 7.94 -15.56 14.87
CA SER F 215 9.11 -14.79 15.24
C SER F 215 10.38 -15.51 14.74
N ALA F 216 11.49 -14.79 14.83
CA ALA F 216 12.77 -15.49 14.58
C ALA F 216 12.89 -16.53 15.68
N ALA F 217 13.86 -17.45 15.56
CA ALA F 217 14.08 -18.51 16.53
C ALA F 217 14.29 -17.97 17.93
N ALA F 218 13.74 -18.72 18.88
CA ALA F 218 13.82 -18.38 20.30
C ALA F 218 13.53 -19.60 21.19
N ASP F 219 13.98 -19.53 22.43
CA ASP F 219 13.76 -20.55 23.42
C ASP F 219 12.29 -20.56 23.81
N GLN F 220 11.65 -21.72 23.77
CA GLN F 220 10.22 -21.76 24.07
C GLN F 220 9.85 -21.40 25.49
N ALA F 221 10.62 -21.82 26.48
CA ALA F 221 10.36 -21.50 27.88
C ALA F 221 10.44 -20.00 28.14
N ALA F 222 11.42 -19.33 27.50
CA ALA F 222 11.58 -17.90 27.63
C ALA F 222 10.35 -17.18 27.06
N VAL F 223 9.84 -17.65 25.93
CA VAL F 223 8.66 -17.01 25.33
C VAL F 223 7.44 -17.25 26.23
N ALA F 224 7.26 -18.49 26.71
CA ALA F 224 6.11 -18.76 27.60
C ALA F 224 6.21 -17.95 28.87
N ALA F 225 7.44 -17.78 29.41
CA ALA F 225 7.57 -16.99 30.63
C ALA F 225 7.22 -15.52 30.37
N SER F 226 7.58 -15.04 29.17
CA SER F 226 7.30 -13.66 28.79
C SER F 226 5.78 -13.50 28.65
N VAL F 227 5.13 -14.48 28.02
CA VAL F 227 3.66 -14.41 27.96
C VAL F 227 3.06 -14.42 29.35
N ALA F 228 3.54 -15.30 30.25
CA ALA F 228 2.91 -15.35 31.57
C ALA F 228 3.09 -14.05 32.33
N GLU F 229 4.27 -13.43 32.26
CA GLU F 229 4.49 -12.17 32.96
C GLU F 229 3.59 -11.08 32.40
N MET F 230 3.41 -11.06 31.08
CA MET F 230 2.52 -10.05 30.50
C MET F 230 1.07 -10.28 30.87
N VAL F 231 0.62 -11.54 30.97
CA VAL F 231 -0.75 -11.87 31.41
C VAL F 231 -0.93 -11.34 32.83
N GLN F 232 0.04 -11.58 33.70
CA GLN F 232 -0.09 -11.02 35.06
C GLN F 232 -0.15 -9.50 35.02
N ALA F 233 0.63 -8.87 34.16
CA ALA F 233 0.65 -7.41 34.07
C ALA F 233 -0.67 -6.85 33.56
N VAL F 234 -1.29 -7.52 32.58
CA VAL F 234 -2.62 -7.06 32.08
C VAL F 234 -3.66 -7.26 33.18
N GLN F 235 -3.53 -8.32 33.97
CA GLN F 235 -4.47 -8.59 35.06
C GLN F 235 -4.51 -7.49 36.10
N ALA F 236 -3.57 -6.56 36.16
CA ALA F 236 -3.62 -5.43 37.11
C ALA F 236 -4.84 -4.58 36.74
N TYR F 237 -5.26 -4.53 35.47
CA TYR F 237 -6.41 -3.73 35.12
C TYR F 237 -7.52 -4.54 34.46
N VAL F 238 -7.26 -5.76 34.02
CA VAL F 238 -8.27 -6.66 33.49
C VAL F 238 -8.17 -7.97 34.24
N PRO F 239 -8.76 -8.09 35.45
CA PRO F 239 -8.63 -9.28 36.24
C PRO F 239 -9.09 -10.57 35.61
N GLY F 240 -10.02 -10.53 34.68
CA GLY F 240 -10.59 -11.65 34.00
C GLY F 240 -9.84 -12.07 32.73
N TYR F 241 -8.71 -11.45 32.46
CA TYR F 241 -7.89 -11.76 31.29
C TYR F 241 -6.97 -12.93 31.64
N ARG F 242 -7.15 -14.04 30.89
CA ARG F 242 -6.30 -15.17 31.26
C ARG F 242 -6.06 -16.12 30.12
N LEU F 243 -5.04 -16.99 30.25
CA LEU F 243 -4.88 -18.00 29.21
C LEU F 243 -5.99 -19.03 29.35
N LYS F 244 -6.58 -19.45 28.24
CA LYS F 244 -7.53 -20.55 28.21
C LYS F 244 -6.76 -21.86 28.00
N GLN F 245 -5.63 -21.76 27.30
CA GLN F 245 -4.77 -22.91 27.07
C GLN F 245 -3.31 -22.56 27.36
N GLN F 246 -2.45 -23.58 27.55
CA GLN F 246 -1.02 -23.25 27.65
C GLN F 246 -0.57 -22.69 26.30
N VAL F 247 0.49 -21.91 26.27
CA VAL F 247 1.03 -21.43 25.00
C VAL F 247 1.48 -22.63 24.15
N GLN F 248 1.20 -22.57 22.87
CA GLN F 248 1.54 -23.62 21.93
C GLN F 248 2.65 -23.16 20.99
N PHE F 249 3.59 -24.10 20.72
CA PHE F 249 4.72 -23.75 19.87
C PHE F 249 4.90 -24.71 18.72
N ASP F 250 5.38 -24.18 17.61
CA ASP F 250 5.74 -24.95 16.43
C ASP F 250 7.07 -24.41 15.92
N VAL F 251 8.11 -25.26 15.86
CA VAL F 251 9.36 -24.73 15.29
C VAL F 251 9.26 -24.78 13.77
N ILE F 252 9.62 -23.72 13.09
CA ILE F 252 9.63 -23.67 11.62
C ILE F 252 11.10 -23.72 11.20
N PRO F 253 11.52 -24.85 10.65
CA PRO F 253 12.93 -25.01 10.31
C PRO F 253 13.35 -24.17 9.13
N GLU F 254 14.63 -23.75 9.09
CA GLU F 254 15.12 -23.00 7.97
C GLU F 254 14.99 -23.80 6.67
N SER F 255 14.97 -25.12 6.71
CA SER F 255 14.84 -26.04 5.60
C SER F 255 13.44 -26.17 5.02
N ALA F 256 12.42 -25.73 5.74
CA ALA F 256 11.04 -25.79 5.24
C ALA F 256 10.30 -24.57 5.79
N PRO F 257 10.64 -23.40 5.28
CA PRO F 257 10.06 -22.15 5.74
C PRO F 257 8.62 -21.98 5.29
N LEU F 258 7.94 -21.09 5.98
CA LEU F 258 6.53 -20.80 5.73
C LEU F 258 6.42 -19.69 4.69
N ASN F 259 5.63 -19.91 3.66
CA ASN F 259 5.45 -18.95 2.60
C ASN F 259 4.24 -18.08 2.93
N ILE F 260 4.43 -16.78 3.11
CA ILE F 260 3.29 -15.88 3.30
C ILE F 260 3.28 -15.07 2.02
N PRO F 261 2.29 -15.31 1.19
CA PRO F 261 2.27 -14.76 -0.16
C PRO F 261 2.42 -13.28 -0.28
N GLY F 262 3.53 -12.87 -0.94
CA GLY F 262 3.82 -11.46 -1.17
C GLY F 262 4.48 -10.77 0.01
N LEU F 263 4.67 -11.46 1.11
CA LEU F 263 5.28 -10.91 2.31
C LEU F 263 6.69 -11.50 2.46
N GLY F 264 6.80 -12.82 2.42
CA GLY F 264 8.09 -13.47 2.49
C GLY F 264 8.04 -14.95 2.81
N ARG F 265 9.22 -15.56 2.93
CA ARG F 265 9.39 -16.96 3.31
C ARG F 265 10.17 -16.95 4.62
N PHE F 266 9.51 -17.34 5.72
CA PHE F 266 10.10 -17.22 7.05
C PHE F 266 10.33 -18.52 7.78
N SER F 267 11.34 -18.51 8.66
CA SER F 267 11.59 -19.64 9.55
C SER F 267 11.73 -19.06 10.95
N GLY F 268 11.72 -19.96 11.94
CA GLY F 268 11.87 -19.47 13.30
C GLY F 268 10.89 -20.18 14.23
N LEU F 269 10.01 -19.42 14.88
CA LEU F 269 9.12 -20.05 15.85
C LEU F 269 7.69 -19.55 15.69
N LYS F 270 6.72 -20.49 15.67
CA LYS F 270 5.33 -20.06 15.64
C LYS F 270 4.84 -20.18 17.10
N THR F 271 4.25 -19.14 17.66
CA THR F 271 3.75 -19.16 19.04
C THR F 271 2.24 -18.93 18.99
N SER F 272 1.44 -19.78 19.64
CA SER F 272 -0.02 -19.61 19.55
C SER F 272 -0.52 -19.40 20.99
N VAL F 273 -1.25 -18.31 21.19
CA VAL F 273 -1.74 -17.99 22.52
C VAL F 273 -3.28 -17.91 22.48
N PHE F 274 -3.90 -18.74 23.32
CA PHE F 274 -5.35 -18.80 23.40
C PHE F 274 -5.82 -18.09 24.67
N LEU F 275 -6.40 -16.90 24.52
CA LEU F 275 -6.89 -16.13 25.64
C LEU F 275 -8.41 -16.24 25.75
N GLU F 276 -8.89 -16.01 26.96
CA GLU F 276 -10.32 -15.87 27.26
C GLU F 276 -10.35 -14.60 28.12
N VAL F 277 -11.29 -13.67 27.87
CA VAL F 277 -11.28 -12.42 28.60
C VAL F 277 -12.65 -12.18 29.24
N GLU F 278 -12.76 -12.52 30.51
CA GLU F 278 -14.03 -12.31 31.21
C GLU F 278 -14.11 -10.87 31.73
N GLY F 279 -15.27 -10.22 31.52
CA GLY F 279 -15.41 -8.85 32.03
C GLY F 279 -15.67 -8.86 33.53
N ALA F 280 -15.37 -7.73 34.17
CA ALA F 280 -15.51 -7.53 35.61
C ALA F 280 -16.95 -7.35 36.07
N ALA F 281 -17.88 -7.23 35.15
CA ALA F 281 -19.31 -7.13 35.48
C ALA F 281 -19.65 -5.96 36.37
N HIS F 282 -19.18 -4.77 36.01
CA HIS F 282 -19.51 -3.59 36.83
C HIS F 282 -20.88 -3.06 36.42
N TYR F 283 -21.03 -2.71 35.17
CA TYR F 283 -22.32 -2.24 34.65
C TYR F 283 -22.77 -3.18 33.53
N LEU F 284 -21.77 -3.73 32.88
CA LEU F 284 -21.91 -4.61 31.72
C LEU F 284 -21.84 -6.06 32.16
N PRO F 285 -22.45 -6.98 31.42
CA PRO F 285 -22.40 -8.39 31.73
C PRO F 285 -20.98 -8.95 31.59
N ALA F 286 -20.72 -10.06 32.25
CA ALA F 286 -19.39 -10.68 32.17
C ALA F 286 -19.00 -11.13 30.79
N TYR F 287 -19.96 -11.46 29.92
CA TYR F 287 -19.63 -11.87 28.56
C TYR F 287 -19.30 -10.70 27.66
N ALA F 288 -19.41 -9.46 28.14
CA ALA F 288 -19.11 -8.27 27.39
C ALA F 288 -17.68 -7.81 27.65
N GLY F 289 -16.72 -8.74 27.63
CA GLY F 289 -15.31 -8.39 27.83
C GLY F 289 -14.77 -7.45 26.77
N ASN F 290 -15.34 -7.45 25.58
CA ASN F 290 -14.97 -6.55 24.52
C ASN F 290 -15.21 -5.10 24.92
N LEU F 291 -16.25 -4.87 25.72
CA LEU F 291 -16.54 -3.49 26.16
C LEU F 291 -15.83 -3.22 27.47
N ASP F 292 -15.80 -4.23 28.34
CA ASP F 292 -15.12 -4.07 29.64
C ASP F 292 -13.63 -3.84 29.53
N ILE F 293 -12.96 -4.48 28.56
CA ILE F 293 -11.50 -4.24 28.42
C ILE F 293 -11.21 -2.80 28.04
N MET F 294 -12.11 -2.13 27.31
CA MET F 294 -11.91 -0.75 26.89
C MET F 294 -12.02 0.20 28.07
N THR F 295 -13.03 -0.02 28.94
CA THR F 295 -13.13 0.88 30.10
C THR F 295 -12.02 0.62 31.08
N SER F 296 -11.55 -0.63 31.23
CA SER F 296 -10.43 -0.95 32.10
C SER F 296 -9.16 -0.28 31.58
N ALA F 297 -8.92 -0.43 30.29
CA ALA F 297 -7.69 0.14 29.68
C ALA F 297 -7.69 1.65 29.74
N ALA F 298 -8.83 2.30 29.49
CA ALA F 298 -8.95 3.74 29.60
C ALA F 298 -8.71 4.24 31.02
N LEU F 299 -9.27 3.55 32.02
CA LEU F 299 -9.04 3.97 33.39
C LEU F 299 -7.61 3.68 33.81
N ALA F 300 -7.01 2.56 33.40
CA ALA F 300 -5.60 2.36 33.79
C ALA F 300 -4.73 3.47 33.23
N THR F 301 -4.98 3.88 32.01
CA THR F 301 -4.19 4.95 31.35
C THR F 301 -4.30 6.27 32.09
N ALA F 302 -5.55 6.66 32.38
CA ALA F 302 -5.76 7.92 33.09
C ALA F 302 -5.20 7.91 34.50
N GLU F 303 -5.29 6.76 35.18
CA GLU F 303 -4.78 6.68 36.55
C GLU F 303 -3.30 6.97 36.58
N ARG F 304 -2.57 6.35 35.67
CA ARG F 304 -1.11 6.57 35.62
C ARG F 304 -0.76 7.98 35.21
N MET F 305 -1.50 8.58 34.29
CA MET F 305 -1.28 9.95 33.87
C MET F 305 -1.53 10.90 35.03
N ALA F 306 -2.57 10.64 35.81
CA ALA F 306 -2.89 11.46 36.99
C ALA F 306 -1.81 11.30 38.04
N GLN F 307 -1.36 10.07 38.25
CA GLN F 307 -0.33 9.78 39.23
C GLN F 307 0.90 10.63 38.90
N SER F 308 1.27 10.65 37.63
CA SER F 308 2.41 11.47 37.19
C SER F 308 2.17 12.95 37.43
N MET F 309 0.99 13.48 37.11
CA MET F 309 0.71 14.91 37.32
C MET F 309 0.72 15.25 38.80
N LEU F 310 0.29 14.35 39.67
CA LEU F 310 0.30 14.53 41.10
C LEU F 310 1.66 14.32 41.75
N ASN F 311 2.61 13.75 41.02
CA ASN F 311 3.91 13.35 41.56
C ASN F 311 3.77 12.30 42.64
N ALA F 312 2.84 11.35 42.43
CA ALA F 312 2.56 10.33 43.42
C ALA F 312 3.16 8.96 43.06
N PHE G 3 -47.10 -39.18 5.71
CA PHE G 3 -46.09 -40.01 6.34
C PHE G 3 -46.05 -39.74 7.83
N ASN G 4 -45.63 -40.81 8.51
CA ASN G 4 -45.47 -40.63 9.94
C ASN G 4 -44.11 -41.18 10.31
N PRO G 5 -43.44 -40.22 10.94
CA PRO G 5 -42.08 -40.18 11.39
C PRO G 5 -41.70 -41.29 12.32
N SER G 6 -42.72 -41.79 13.02
CA SER G 6 -42.58 -42.87 13.96
C SER G 6 -42.72 -44.22 13.27
N LYS G 7 -43.26 -44.25 12.06
CA LYS G 7 -43.36 -45.51 11.32
C LYS G 7 -41.97 -46.15 11.27
N LYS G 8 -41.88 -47.41 11.66
CA LYS G 8 -40.62 -48.14 11.68
C LYS G 8 -40.15 -48.36 10.23
N LEU G 9 -38.96 -47.91 9.86
CA LEU G 9 -38.53 -48.15 8.48
C LEU G 9 -37.82 -49.50 8.42
N TYR G 10 -37.88 -50.16 7.28
CA TYR G 10 -37.20 -51.44 7.05
C TYR G 10 -35.95 -51.07 6.23
N ILE G 11 -34.81 -51.37 6.75
CA ILE G 11 -33.51 -51.03 6.19
C ILE G 11 -32.91 -52.31 5.63
N SER G 12 -32.87 -52.36 4.31
CA SER G 12 -32.33 -53.49 3.56
C SER G 12 -30.95 -53.21 3.01
N ASP G 13 -29.92 -53.83 3.56
CA ASP G 13 -28.57 -53.60 3.11
C ASP G 13 -28.27 -54.53 1.91
N VAL G 14 -27.66 -53.94 0.86
CA VAL G 14 -27.33 -54.69 -0.34
C VAL G 14 -25.82 -54.66 -0.63
N THR G 15 -24.98 -54.40 0.35
CA THR G 15 -23.55 -54.33 0.25
C THR G 15 -22.94 -55.62 -0.29
N LEU G 16 -23.50 -56.76 0.14
CA LEU G 16 -22.94 -58.06 -0.30
C LEU G 16 -23.71 -58.66 -1.47
N ARG G 17 -24.43 -57.83 -2.19
CA ARG G 17 -25.12 -58.30 -3.41
C ARG G 17 -24.79 -57.27 -4.50
N ASP G 18 -25.45 -56.11 -4.43
CA ASP G 18 -25.16 -55.05 -5.42
C ASP G 18 -23.69 -54.67 -5.32
N GLY G 19 -23.14 -54.61 -4.09
CA GLY G 19 -21.74 -54.30 -3.84
C GLY G 19 -20.78 -55.28 -4.49
N SER G 20 -21.25 -56.52 -4.76
CA SER G 20 -20.43 -57.50 -5.47
C SER G 20 -20.00 -56.94 -6.82
N HIS G 21 -20.87 -56.19 -7.48
CA HIS G 21 -20.51 -55.55 -8.76
C HIS G 21 -19.27 -54.70 -8.62
N ALA G 22 -19.13 -53.92 -7.52
CA ALA G 22 -18.03 -52.96 -7.39
C ALA G 22 -16.69 -53.66 -7.18
N ILE G 23 -16.70 -54.87 -6.64
CA ILE G 23 -15.47 -55.62 -6.36
C ILE G 23 -15.31 -56.72 -7.41
N ARG G 24 -16.14 -56.67 -8.47
CA ARG G 24 -16.08 -57.70 -9.51
C ARG G 24 -16.17 -59.10 -8.92
N HIS G 25 -17.10 -59.24 -7.98
CA HIS G 25 -17.52 -60.47 -7.31
C HIS G 25 -16.33 -61.21 -6.70
N GLN G 26 -15.37 -60.50 -6.15
CA GLN G 26 -14.20 -61.06 -5.51
C GLN G 26 -14.22 -60.91 -3.99
N TYR G 27 -15.35 -60.79 -3.35
CA TYR G 27 -15.34 -60.71 -1.88
C TYR G 27 -14.68 -61.98 -1.27
N THR G 28 -13.93 -61.77 -0.23
CA THR G 28 -13.38 -62.98 0.46
C THR G 28 -14.39 -63.40 1.51
N LEU G 29 -14.21 -64.62 2.09
CA LEU G 29 -15.14 -65.04 3.14
C LEU G 29 -14.95 -64.18 4.38
N ASP G 30 -13.73 -63.73 4.67
CA ASP G 30 -13.50 -62.86 5.81
C ASP G 30 -14.18 -61.51 5.54
N ASP G 31 -14.16 -61.01 4.32
CA ASP G 31 -14.88 -59.75 4.02
C ASP G 31 -16.37 -59.88 4.27
N VAL G 32 -17.06 -60.93 3.83
CA VAL G 32 -18.49 -61.04 4.03
C VAL G 32 -18.80 -61.25 5.53
N ARG G 33 -17.91 -61.97 6.21
CA ARG G 33 -18.16 -62.15 7.66
C ARG G 33 -17.99 -60.82 8.37
N ALA G 34 -16.95 -60.05 8.09
CA ALA G 34 -16.75 -58.76 8.76
C ALA G 34 -17.87 -57.78 8.48
N ILE G 35 -18.30 -57.75 7.21
CA ILE G 35 -19.39 -56.87 6.85
C ILE G 35 -20.69 -57.28 7.51
N ALA G 36 -21.01 -58.58 7.50
CA ALA G 36 -22.27 -59.06 8.04
C ALA G 36 -22.32 -58.78 9.54
N ARG G 37 -21.20 -59.02 10.22
CA ARG G 37 -21.16 -58.77 11.67
C ARG G 37 -21.45 -57.31 11.99
N ALA G 38 -20.87 -56.37 11.26
CA ALA G 38 -21.11 -54.95 11.46
C ALA G 38 -22.55 -54.57 11.17
N LEU G 39 -23.11 -55.03 10.05
CA LEU G 39 -24.50 -54.73 9.73
C LEU G 39 -25.44 -55.32 10.77
N ASP G 40 -25.12 -56.53 11.23
CA ASP G 40 -25.94 -57.22 12.21
C ASP G 40 -25.96 -56.46 13.53
N LYS G 41 -24.81 -55.97 13.93
CA LYS G 41 -24.62 -55.18 15.13
C LYS G 41 -25.34 -53.85 15.05
N ALA G 42 -25.41 -53.24 13.87
CA ALA G 42 -26.13 -52.00 13.63
C ALA G 42 -27.64 -52.22 13.57
N LYS G 43 -28.07 -53.48 13.54
CA LYS G 43 -29.46 -53.88 13.52
C LYS G 43 -30.23 -53.50 12.27
N VAL G 44 -29.63 -53.69 11.08
CA VAL G 44 -30.38 -53.51 9.85
C VAL G 44 -31.38 -54.68 9.77
N ASP G 45 -32.46 -54.57 9.04
CA ASP G 45 -33.50 -55.57 8.90
C ASP G 45 -33.09 -56.73 8.02
N SER G 46 -32.28 -56.44 6.99
CA SER G 46 -31.88 -57.58 6.14
C SER G 46 -30.51 -57.31 5.52
N ILE G 47 -29.83 -58.39 5.20
CA ILE G 47 -28.51 -58.37 4.57
C ILE G 47 -28.63 -59.18 3.29
N GLU G 48 -28.51 -58.48 2.15
CA GLU G 48 -28.66 -59.21 0.87
C GLU G 48 -27.36 -59.83 0.44
N VAL G 49 -27.37 -61.12 0.01
CA VAL G 49 -26.20 -61.88 -0.35
C VAL G 49 -26.43 -62.69 -1.63
N ALA G 50 -25.62 -62.42 -2.64
CA ALA G 50 -25.59 -63.16 -3.89
C ALA G 50 -24.64 -62.42 -4.85
N HIS G 51 -24.32 -63.03 -5.99
CA HIS G 51 -23.55 -62.34 -7.02
C HIS G 51 -24.35 -61.09 -7.38
N GLY G 52 -23.67 -60.09 -7.96
CA GLY G 52 -24.42 -58.88 -8.33
C GLY G 52 -25.66 -59.14 -9.16
N ASP G 53 -25.59 -60.07 -10.13
CA ASP G 53 -26.72 -60.41 -10.98
C ASP G 53 -27.61 -61.53 -10.42
N GLY G 54 -27.64 -61.68 -9.10
CA GLY G 54 -28.45 -62.60 -8.35
C GLY G 54 -27.91 -64.04 -8.38
N LEU G 55 -28.76 -64.94 -7.85
CA LEU G 55 -28.32 -66.33 -7.74
C LEU G 55 -27.97 -66.85 -9.14
N GLN G 56 -26.81 -67.49 -9.20
CA GLN G 56 -26.26 -68.07 -10.40
C GLN G 56 -25.85 -67.03 -11.44
N GLY G 57 -25.57 -65.81 -10.93
CA GLY G 57 -25.03 -64.75 -11.78
C GLY G 57 -23.60 -65.05 -12.20
N SER G 58 -22.82 -65.79 -11.38
CA SER G 58 -21.43 -66.05 -11.71
C SER G 58 -21.35 -66.62 -13.13
N SER G 59 -20.52 -65.98 -13.94
CA SER G 59 -20.50 -66.30 -15.37
C SER G 59 -19.48 -65.52 -16.14
N PHE G 60 -19.23 -65.89 -17.41
CA PHE G 60 -18.40 -65.04 -18.26
C PHE G 60 -19.11 -63.69 -18.56
N ASN G 61 -20.41 -63.77 -18.71
CA ASN G 61 -21.13 -62.51 -19.06
C ASN G 61 -20.97 -61.45 -17.98
N TYR G 62 -21.13 -61.83 -16.72
CA TYR G 62 -21.13 -60.85 -15.62
C TYR G 62 -19.92 -60.90 -14.73
N GLY G 63 -19.06 -61.88 -14.92
CA GLY G 63 -17.85 -62.05 -14.11
C GLY G 63 -18.06 -63.19 -13.11
N PHE G 64 -17.02 -64.03 -12.97
CA PHE G 64 -17.10 -65.15 -12.04
C PHE G 64 -16.88 -64.71 -10.59
N GLY G 65 -17.52 -65.40 -9.67
CA GLY G 65 -17.39 -65.12 -8.24
C GLY G 65 -16.12 -65.79 -7.70
N ARG G 66 -15.59 -65.19 -6.61
CA ARG G 66 -14.42 -65.81 -5.96
C ARG G 66 -14.89 -67.07 -5.26
N HIS G 67 -16.10 -67.09 -4.76
CA HIS G 67 -16.79 -68.18 -4.12
C HIS G 67 -18.18 -68.31 -4.75
N THR G 68 -18.94 -69.37 -4.43
CA THR G 68 -20.29 -69.53 -4.92
C THR G 68 -21.27 -68.72 -4.06
N ASP G 69 -22.47 -68.46 -4.57
CA ASP G 69 -23.48 -67.77 -3.77
C ASP G 69 -23.75 -68.55 -2.46
N LEU G 70 -23.82 -69.88 -2.55
CA LEU G 70 -24.09 -70.68 -1.37
C LEU G 70 -22.98 -70.55 -0.35
N GLU G 71 -21.71 -70.52 -0.78
CA GLU G 71 -20.62 -70.33 0.15
C GLU G 71 -20.75 -68.97 0.88
N TYR G 72 -21.10 -67.93 0.10
CA TYR G 72 -21.25 -66.63 0.77
C TYR G 72 -22.39 -66.61 1.76
N ILE G 73 -23.56 -67.12 1.39
CA ILE G 73 -24.75 -67.15 2.22
C ILE G 73 -24.46 -67.94 3.51
N GLU G 74 -23.80 -69.09 3.37
CA GLU G 74 -23.48 -69.89 4.55
C GLU G 74 -22.58 -69.13 5.51
N ALA G 75 -21.56 -68.44 4.97
CA ALA G 75 -20.64 -67.66 5.78
C ALA G 75 -21.36 -66.54 6.50
N VAL G 76 -22.30 -65.87 5.85
CA VAL G 76 -23.02 -64.78 6.51
C VAL G 76 -23.97 -65.36 7.55
N ALA G 77 -24.60 -66.49 7.27
CA ALA G 77 -25.56 -67.08 8.19
C ALA G 77 -24.95 -67.41 9.54
N GLY G 78 -23.68 -67.81 9.58
CA GLY G 78 -23.02 -68.13 10.84
C GLY G 78 -22.53 -66.95 11.65
N GLU G 79 -22.73 -65.71 11.21
CA GLU G 79 -22.24 -64.55 11.93
C GLU G 79 -23.36 -63.69 12.50
N ILE G 80 -24.59 -63.88 12.06
CA ILE G 80 -25.67 -62.99 12.43
C ILE G 80 -26.73 -63.61 13.30
N SER G 81 -27.41 -62.74 14.04
CA SER G 81 -28.52 -63.14 14.89
C SER G 81 -29.64 -62.13 14.89
N HIS G 82 -29.55 -60.99 14.22
CA HIS G 82 -30.69 -60.07 14.20
C HIS G 82 -31.31 -59.98 12.82
N ALA G 83 -30.47 -59.58 11.85
CA ALA G 83 -30.94 -59.44 10.49
C ALA G 83 -31.29 -60.79 9.84
N GLN G 84 -32.15 -60.70 8.84
CA GLN G 84 -32.50 -61.82 7.99
C GLN G 84 -31.57 -61.78 6.76
N ILE G 85 -31.38 -62.91 6.11
CA ILE G 85 -30.56 -62.92 4.89
C ILE G 85 -31.53 -62.81 3.71
N ALA G 86 -31.26 -61.86 2.82
CA ALA G 86 -32.08 -61.69 1.64
C ALA G 86 -31.23 -62.15 0.44
N THR G 87 -31.89 -62.44 -0.65
CA THR G 87 -31.13 -62.78 -1.87
C THR G 87 -31.94 -62.28 -3.05
N LEU G 88 -31.27 -62.26 -4.20
CA LEU G 88 -31.86 -61.79 -5.44
C LEU G 88 -31.85 -62.91 -6.46
N LEU G 89 -32.95 -63.02 -7.15
CA LEU G 89 -33.15 -64.04 -8.19
C LEU G 89 -33.76 -63.47 -9.43
N LEU G 90 -33.07 -63.55 -10.57
CA LEU G 90 -33.55 -63.09 -11.84
C LEU G 90 -33.95 -64.30 -12.71
N PRO G 91 -35.24 -64.45 -12.94
CA PRO G 91 -35.70 -65.43 -13.92
C PRO G 91 -34.96 -65.24 -15.23
N GLY G 92 -34.48 -66.34 -15.81
CA GLY G 92 -33.65 -66.31 -17.03
C GLY G 92 -32.17 -66.53 -16.66
N ILE G 93 -31.83 -66.29 -15.39
CA ILE G 93 -30.45 -66.48 -14.91
C ILE G 93 -30.49 -67.56 -13.83
N GLY G 94 -31.16 -67.28 -12.73
CA GLY G 94 -31.34 -68.17 -11.61
C GLY G 94 -32.69 -68.87 -11.70
N SER G 95 -32.75 -70.05 -11.07
CA SER G 95 -34.00 -70.85 -11.14
C SER G 95 -34.64 -71.10 -9.81
N VAL G 96 -35.78 -71.77 -9.73
CA VAL G 96 -36.38 -72.18 -8.47
C VAL G 96 -35.50 -73.21 -7.78
N HIS G 97 -34.76 -74.03 -8.53
CA HIS G 97 -33.80 -74.94 -7.87
C HIS G 97 -32.73 -74.13 -7.16
N ASP G 98 -32.28 -72.99 -7.70
CA ASP G 98 -31.28 -72.18 -7.00
C ASP G 98 -31.89 -71.53 -5.76
N LEU G 99 -33.16 -71.15 -5.82
CA LEU G 99 -33.84 -70.55 -4.68
C LEU G 99 -33.94 -71.58 -3.55
N LYS G 100 -34.32 -72.80 -3.90
CA LYS G 100 -34.38 -73.86 -2.90
C LYS G 100 -33.03 -74.04 -2.23
N ASN G 101 -31.93 -74.06 -2.98
CA ASN G 101 -30.60 -74.20 -2.37
C ASN G 101 -30.25 -72.99 -1.50
N ALA G 102 -30.67 -71.79 -1.97
CA ALA G 102 -30.39 -70.58 -1.20
C ALA G 102 -31.15 -70.60 0.13
N TYR G 103 -32.38 -71.08 0.12
CA TYR G 103 -33.20 -71.23 1.31
C TYR G 103 -32.51 -72.16 2.29
N GLN G 104 -32.03 -73.30 1.80
CA GLN G 104 -31.29 -74.27 2.59
C GLN G 104 -30.05 -73.69 3.22
N ALA G 105 -29.32 -72.78 2.55
CA ALA G 105 -28.13 -72.14 3.08
C ALA G 105 -28.42 -71.03 4.09
N GLY G 106 -29.66 -70.60 4.19
CA GLY G 106 -30.10 -69.63 5.16
C GLY G 106 -30.90 -68.44 4.70
N ALA G 107 -31.10 -68.22 3.41
CA ALA G 107 -31.88 -67.06 2.97
C ALA G 107 -33.34 -67.18 3.33
N ARG G 108 -33.93 -66.09 3.81
CA ARG G 108 -35.34 -66.10 4.22
C ARG G 108 -36.15 -65.08 3.48
N VAL G 109 -35.49 -64.08 2.87
CA VAL G 109 -36.17 -63.10 2.03
C VAL G 109 -35.65 -63.27 0.59
N VAL G 110 -36.52 -63.25 -0.41
CA VAL G 110 -36.07 -63.32 -1.78
C VAL G 110 -36.75 -62.23 -2.59
N ARG G 111 -35.92 -61.50 -3.35
CA ARG G 111 -36.46 -60.48 -4.22
C ARG G 111 -36.35 -61.05 -5.63
N VAL G 112 -37.50 -61.29 -6.24
CA VAL G 112 -37.54 -61.83 -7.59
C VAL G 112 -37.54 -60.67 -8.58
N ALA G 113 -36.44 -60.54 -9.33
CA ALA G 113 -36.28 -59.40 -10.23
C ALA G 113 -36.48 -59.64 -11.69
N THR G 114 -37.29 -58.74 -12.31
CA THR G 114 -37.55 -58.80 -13.72
C THR G 114 -37.38 -57.40 -14.35
N HIS G 115 -37.09 -57.35 -15.63
CA HIS G 115 -37.12 -56.03 -16.30
C HIS G 115 -38.51 -55.45 -16.05
N CYS G 116 -38.65 -54.11 -15.92
CA CYS G 116 -39.92 -53.49 -15.59
C CYS G 116 -41.15 -53.88 -16.42
N THR G 117 -40.98 -54.24 -17.66
CA THR G 117 -42.09 -54.62 -18.51
C THR G 117 -42.35 -56.12 -18.52
N GLU G 118 -41.50 -56.90 -17.89
CA GLU G 118 -41.62 -58.36 -17.96
C GLU G 118 -42.00 -59.05 -16.68
N ALA G 119 -42.90 -58.50 -15.86
CA ALA G 119 -43.24 -59.08 -14.58
C ALA G 119 -43.87 -60.49 -14.69
N ASP G 120 -44.48 -60.79 -15.81
CA ASP G 120 -45.12 -62.12 -15.91
C ASP G 120 -44.16 -63.28 -15.87
N VAL G 121 -42.86 -63.10 -16.07
CA VAL G 121 -41.87 -64.17 -16.02
C VAL G 121 -41.54 -64.55 -14.59
N SER G 122 -41.99 -63.79 -13.59
CA SER G 122 -41.73 -64.04 -12.20
C SER G 122 -42.78 -64.93 -11.50
N LYS G 123 -43.82 -65.32 -12.19
CA LYS G 123 -44.92 -66.05 -11.51
C LYS G 123 -44.46 -67.28 -10.75
N GLN G 124 -43.77 -68.16 -11.47
CA GLN G 124 -43.25 -69.40 -10.94
C GLN G 124 -42.35 -69.20 -9.75
N HIS G 125 -41.43 -68.24 -9.84
CA HIS G 125 -40.53 -67.97 -8.73
C HIS G 125 -41.23 -67.45 -7.50
N ILE G 126 -42.15 -66.51 -7.69
CA ILE G 126 -42.90 -65.94 -6.58
C ILE G 126 -43.75 -67.05 -5.93
N GLU G 127 -44.40 -67.85 -6.75
CA GLU G 127 -45.20 -68.95 -6.19
C GLU G 127 -44.35 -69.87 -5.33
N TYR G 128 -43.21 -70.27 -5.87
CA TYR G 128 -42.29 -71.17 -5.16
C TYR G 128 -41.83 -70.62 -3.83
N ALA G 129 -41.36 -69.35 -3.87
CA ALA G 129 -40.89 -68.68 -2.66
C ALA G 129 -41.95 -68.66 -1.58
N ARG G 130 -43.21 -68.41 -1.94
CA ARG G 130 -44.30 -68.38 -0.97
C ARG G 130 -44.55 -69.77 -0.39
N ASN G 131 -44.38 -70.80 -1.20
CA ASN G 131 -44.56 -72.18 -0.75
C ASN G 131 -43.49 -72.59 0.24
N LEU G 132 -42.28 -72.03 0.08
CA LEU G 132 -41.19 -72.24 1.00
C LEU G 132 -41.40 -71.44 2.29
N GLY G 133 -42.27 -70.43 2.35
CA GLY G 133 -42.42 -69.66 3.57
C GLY G 133 -41.49 -68.43 3.63
N MET G 134 -40.86 -68.13 2.51
CA MET G 134 -39.99 -66.94 2.49
C MET G 134 -40.81 -65.66 2.39
N ASP G 135 -40.15 -64.55 2.80
CA ASP G 135 -40.72 -63.22 2.58
C ASP G 135 -40.46 -62.96 1.10
N THR G 136 -41.50 -62.92 0.31
CA THR G 136 -41.48 -62.89 -1.14
C THR G 136 -41.74 -61.53 -1.71
N VAL G 137 -40.71 -61.03 -2.41
CA VAL G 137 -40.74 -59.64 -2.90
C VAL G 137 -40.61 -59.60 -4.41
N GLY G 138 -41.35 -58.77 -5.11
CA GLY G 138 -41.22 -58.57 -6.55
C GLY G 138 -40.28 -57.34 -6.70
N PHE G 139 -39.43 -57.33 -7.71
CA PHE G 139 -38.48 -56.19 -7.82
C PHE G 139 -38.37 -55.81 -9.27
N LEU G 140 -38.77 -54.58 -9.65
CA LEU G 140 -38.82 -54.18 -11.04
C LEU G 140 -37.58 -53.40 -11.46
N MET G 141 -36.78 -53.97 -12.38
CA MET G 141 -35.55 -53.31 -12.77
C MET G 141 -35.78 -52.27 -13.86
N MET G 142 -34.82 -51.35 -13.94
CA MET G 142 -34.83 -50.29 -14.95
C MET G 142 -36.17 -49.57 -14.96
N SER G 143 -36.65 -49.17 -13.80
CA SER G 143 -37.93 -48.52 -13.60
C SER G 143 -38.08 -47.16 -14.23
N HIS G 144 -37.05 -46.54 -14.82
CA HIS G 144 -37.24 -45.27 -15.50
C HIS G 144 -37.69 -45.49 -16.93
N MET G 145 -37.67 -46.75 -17.40
CA MET G 145 -37.94 -47.04 -18.80
C MET G 145 -39.40 -46.95 -19.19
N ILE G 146 -40.32 -47.01 -18.26
CA ILE G 146 -41.74 -46.89 -18.65
C ILE G 146 -42.43 -45.99 -17.64
N PRO G 147 -43.58 -45.41 -18.01
CA PRO G 147 -44.30 -44.51 -17.13
C PRO G 147 -44.75 -45.14 -15.85
N ALA G 148 -44.92 -44.36 -14.77
CA ALA G 148 -45.38 -44.83 -13.49
C ALA G 148 -46.63 -45.69 -13.51
N GLU G 149 -47.64 -45.37 -14.33
CA GLU G 149 -48.85 -46.19 -14.34
C GLU G 149 -48.61 -47.61 -14.84
N LYS G 150 -47.83 -47.71 -15.92
CA LYS G 150 -47.42 -48.98 -16.50
C LYS G 150 -46.55 -49.77 -15.53
N LEU G 151 -45.60 -49.09 -14.86
CA LEU G 151 -44.81 -49.76 -13.86
C LEU G 151 -45.67 -50.33 -12.74
N ALA G 152 -46.67 -49.58 -12.28
CA ALA G 152 -47.53 -50.03 -11.19
C ALA G 152 -48.39 -51.24 -11.64
N GLU G 153 -48.73 -51.32 -12.91
CA GLU G 153 -49.50 -52.47 -13.40
C GLU G 153 -48.65 -53.75 -13.34
N GLN G 154 -47.36 -53.58 -13.65
CA GLN G 154 -46.42 -54.71 -13.53
C GLN G 154 -46.29 -55.10 -12.07
N GLY G 155 -46.21 -54.13 -11.15
CA GLY G 155 -46.09 -54.44 -9.73
C GLY G 155 -47.34 -55.21 -9.25
N LYS G 156 -48.50 -54.77 -9.70
CA LYS G 156 -49.77 -55.42 -9.34
C LYS G 156 -49.79 -56.88 -9.79
N LEU G 157 -49.26 -57.19 -10.96
CA LEU G 157 -49.10 -58.57 -11.40
C LEU G 157 -48.33 -59.40 -10.40
N MET G 158 -47.18 -58.86 -9.94
CA MET G 158 -46.34 -59.53 -9.00
C MET G 158 -47.03 -59.73 -7.66
N GLU G 159 -47.87 -58.77 -7.27
CA GLU G 159 -48.59 -58.90 -5.99
C GLU G 159 -49.61 -60.04 -6.18
N SER G 160 -50.18 -60.15 -7.36
CA SER G 160 -51.19 -61.16 -7.70
C SER G 160 -50.62 -62.56 -7.74
N TYR G 161 -49.32 -62.71 -7.96
CA TYR G 161 -48.65 -64.00 -7.91
C TYR G 161 -48.41 -64.40 -6.47
N GLY G 162 -48.45 -63.48 -5.51
CA GLY G 162 -48.14 -63.73 -4.12
C GLY G 162 -47.08 -62.86 -3.48
N ALA G 163 -46.51 -61.88 -4.22
CA ALA G 163 -45.48 -61.03 -3.61
C ALA G 163 -46.15 -60.11 -2.58
N THR G 164 -45.57 -59.95 -1.42
CA THR G 164 -46.15 -59.13 -0.35
C THR G 164 -45.44 -57.78 -0.20
N CYS G 165 -44.42 -57.57 -1.04
CA CYS G 165 -43.65 -56.33 -1.06
C CYS G 165 -43.27 -56.11 -2.52
N ILE G 166 -43.41 -54.89 -3.04
CA ILE G 166 -43.05 -54.57 -4.41
C ILE G 166 -41.98 -53.46 -4.41
N TYR G 167 -40.87 -53.72 -5.09
CA TYR G 167 -39.86 -52.68 -5.21
C TYR G 167 -39.78 -52.10 -6.62
N MET G 168 -39.39 -50.81 -6.67
CA MET G 168 -39.01 -50.20 -7.93
C MET G 168 -37.48 -50.01 -7.80
N ALA G 169 -36.76 -50.45 -8.82
CA ALA G 169 -35.31 -50.29 -8.78
C ALA G 169 -34.93 -49.32 -9.89
N ASP G 170 -34.18 -48.27 -9.53
CA ASP G 170 -33.66 -47.34 -10.53
C ASP G 170 -32.27 -47.85 -10.92
N SER G 171 -32.28 -48.98 -11.64
CA SER G 171 -31.08 -49.67 -12.03
C SER G 171 -30.10 -48.78 -12.81
N GLY G 172 -30.61 -47.85 -13.60
CA GLY G 172 -29.73 -46.97 -14.37
C GLY G 172 -29.37 -45.72 -13.61
N GLY G 173 -29.89 -45.54 -12.39
CA GLY G 173 -29.62 -44.31 -11.64
C GLY G 173 -30.03 -43.08 -12.48
N ALA G 174 -31.18 -43.15 -13.14
CA ALA G 174 -31.62 -42.13 -14.06
C ALA G 174 -32.77 -41.28 -13.58
N MET G 175 -33.36 -41.60 -12.44
CA MET G 175 -34.54 -40.81 -12.07
C MET G 175 -34.26 -39.68 -11.10
N SER G 176 -35.08 -38.63 -11.21
CA SER G 176 -34.99 -37.52 -10.27
C SER G 176 -36.14 -37.65 -9.28
N MET G 177 -36.17 -36.80 -8.26
CA MET G 177 -37.15 -36.91 -7.18
C MET G 177 -38.62 -36.90 -7.66
N ASN G 178 -38.99 -36.05 -8.61
CA ASN G 178 -40.39 -36.09 -9.07
C ASN G 178 -40.74 -37.43 -9.71
N ASP G 179 -39.79 -38.09 -10.36
CA ASP G 179 -40.08 -39.41 -10.95
C ASP G 179 -40.37 -40.44 -9.86
N ILE G 180 -39.70 -40.33 -8.72
CA ILE G 180 -39.94 -41.26 -7.61
C ILE G 180 -41.34 -40.97 -7.07
N ARG G 181 -41.69 -39.69 -6.97
CA ARG G 181 -43.04 -39.37 -6.45
C ARG G 181 -44.12 -39.99 -7.33
N ASP G 182 -43.98 -39.79 -8.64
CA ASP G 182 -44.93 -40.32 -9.60
C ASP G 182 -45.13 -41.82 -9.41
N ARG G 183 -44.01 -42.55 -9.32
CA ARG G 183 -44.11 -44.02 -9.20
C ARG G 183 -44.63 -44.42 -7.85
N MET G 184 -44.27 -43.75 -6.75
CA MET G 184 -44.83 -44.13 -5.47
C MET G 184 -46.36 -43.97 -5.50
N ARG G 185 -46.78 -42.85 -6.06
CA ARG G 185 -48.24 -42.58 -6.06
C ARG G 185 -48.96 -43.61 -6.92
N ALA G 186 -48.34 -44.03 -8.02
CA ALA G 186 -48.97 -45.01 -8.89
C ALA G 186 -49.09 -46.36 -8.22
N PHE G 187 -48.04 -46.78 -7.52
CA PHE G 187 -48.04 -48.01 -6.76
C PHE G 187 -49.11 -47.97 -5.66
N LYS G 188 -49.12 -46.93 -4.84
CA LYS G 188 -50.12 -46.86 -3.76
C LYS G 188 -51.55 -46.81 -4.31
N ALA G 189 -51.78 -46.34 -5.51
CA ALA G 189 -53.10 -46.26 -6.08
C ALA G 189 -53.66 -47.64 -6.45
N VAL G 190 -52.81 -48.62 -6.77
CA VAL G 190 -53.32 -49.92 -7.21
C VAL G 190 -52.98 -51.10 -6.33
N LEU G 191 -51.94 -51.03 -5.51
CA LEU G 191 -51.61 -52.17 -4.66
C LEU G 191 -52.57 -52.27 -3.48
N LYS G 192 -52.65 -53.48 -2.92
CA LYS G 192 -53.50 -53.63 -1.72
C LYS G 192 -52.82 -52.85 -0.63
N PRO G 193 -53.57 -52.27 0.32
CA PRO G 193 -53.00 -51.48 1.39
C PRO G 193 -51.93 -52.16 2.19
N GLU G 194 -52.02 -53.46 2.41
CA GLU G 194 -51.07 -54.21 3.19
C GLU G 194 -49.78 -54.50 2.42
N THR G 195 -49.84 -54.44 1.10
CA THR G 195 -48.64 -54.74 0.28
C THR G 195 -47.55 -53.70 0.49
N GLN G 196 -46.38 -54.14 0.89
CA GLN G 196 -45.25 -53.26 1.16
C GLN G 196 -44.62 -52.77 -0.14
N VAL G 197 -44.03 -51.57 -0.04
CA VAL G 197 -43.39 -50.96 -1.20
C VAL G 197 -41.95 -50.61 -0.83
N GLY G 198 -41.01 -50.94 -1.74
CA GLY G 198 -39.60 -50.68 -1.48
C GLY G 198 -38.99 -49.81 -2.59
N MET G 199 -37.90 -49.13 -2.18
CA MET G 199 -37.16 -48.31 -3.15
C MET G 199 -35.73 -48.84 -3.21
N HIS G 200 -35.21 -48.93 -4.44
CA HIS G 200 -33.82 -49.30 -4.63
C HIS G 200 -33.24 -48.23 -5.59
N ALA G 201 -32.60 -47.21 -5.00
CA ALA G 201 -32.05 -46.16 -5.88
C ALA G 201 -30.59 -46.39 -6.17
N HIS G 202 -30.10 -45.85 -7.29
CA HIS G 202 -28.68 -45.83 -7.62
C HIS G 202 -28.28 -44.34 -7.61
N HIS G 203 -27.00 -44.11 -7.34
CA HIS G 203 -26.50 -42.75 -7.12
C HIS G 203 -25.85 -42.08 -8.29
N ASN G 204 -26.03 -42.53 -9.51
CA ASN G 204 -25.34 -42.00 -10.68
C ASN G 204 -25.56 -40.50 -10.92
N LEU G 205 -26.66 -39.95 -10.45
CA LEU G 205 -26.87 -38.51 -10.60
C LEU G 205 -26.73 -37.80 -9.25
N SER G 206 -26.18 -38.45 -8.25
CA SER G 206 -25.96 -38.03 -6.90
C SER G 206 -27.29 -37.93 -6.16
N LEU G 207 -28.30 -38.69 -6.58
CA LEU G 207 -29.63 -38.62 -5.97
C LEU G 207 -30.06 -39.90 -5.28
N GLY G 208 -29.07 -40.77 -4.96
CA GLY G 208 -29.45 -42.03 -4.31
C GLY G 208 -30.13 -41.79 -2.97
N VAL G 209 -29.59 -40.91 -2.15
CA VAL G 209 -30.21 -40.63 -0.84
C VAL G 209 -31.42 -39.76 -1.05
N ALA G 210 -31.33 -38.75 -1.90
CA ALA G 210 -32.47 -37.83 -2.13
C ALA G 210 -33.71 -38.61 -2.60
N ASN G 211 -33.49 -39.52 -3.57
CA ASN G 211 -34.62 -40.34 -4.05
C ASN G 211 -35.19 -41.29 -3.01
N SER G 212 -34.39 -41.79 -2.10
CA SER G 212 -34.81 -42.65 -1.01
C SER G 212 -35.60 -41.83 0.04
N ILE G 213 -35.16 -40.61 0.31
CA ILE G 213 -35.88 -39.76 1.27
C ILE G 213 -37.26 -39.46 0.71
N VAL G 214 -37.36 -39.16 -0.56
CA VAL G 214 -38.62 -38.82 -1.23
C VAL G 214 -39.56 -40.03 -1.26
N ALA G 215 -38.97 -41.20 -1.58
CA ALA G 215 -39.79 -42.42 -1.53
C ALA G 215 -40.39 -42.61 -0.14
N VAL G 216 -39.65 -42.41 0.93
CA VAL G 216 -40.17 -42.58 2.29
C VAL G 216 -41.25 -41.55 2.59
N GLU G 217 -41.07 -40.30 2.16
CA GLU G 217 -42.07 -39.26 2.35
C GLU G 217 -43.38 -39.61 1.62
N GLU G 218 -43.32 -40.37 0.54
CA GLU G 218 -44.41 -40.86 -0.25
C GLU G 218 -44.98 -42.20 0.21
N GLY G 219 -44.61 -42.67 1.37
CA GLY G 219 -45.15 -43.86 1.96
C GLY G 219 -44.39 -45.15 1.75
N CYS G 220 -43.20 -45.13 1.13
CA CYS G 220 -42.46 -46.39 0.99
C CYS G 220 -42.09 -47.01 2.32
N ASP G 221 -42.09 -48.34 2.40
CA ASP G 221 -41.79 -49.09 3.60
C ASP G 221 -40.36 -49.55 3.77
N ARG G 222 -39.75 -49.92 2.64
CA ARG G 222 -38.39 -50.46 2.73
C ARG G 222 -37.42 -49.64 1.86
N VAL G 223 -36.18 -49.51 2.31
CA VAL G 223 -35.19 -48.76 1.54
C VAL G 223 -33.98 -49.66 1.38
N ASP G 224 -33.52 -49.86 0.15
CA ASP G 224 -32.26 -50.58 -0.08
C ASP G 224 -31.12 -49.56 -0.07
N ALA G 225 -30.00 -49.91 0.56
CA ALA G 225 -28.84 -49.02 0.56
C ALA G 225 -27.63 -49.90 0.86
N SER G 226 -26.43 -49.37 0.73
CA SER G 226 -25.24 -50.17 1.05
C SER G 226 -24.18 -49.31 1.69
N LEU G 227 -23.25 -49.93 2.37
CA LEU G 227 -22.18 -49.22 3.07
C LEU G 227 -21.27 -48.51 2.11
N ALA G 228 -21.06 -47.19 2.28
CA ALA G 228 -20.23 -46.40 1.37
C ALA G 228 -20.83 -46.38 -0.03
N GLY G 229 -22.06 -46.77 -0.23
CA GLY G 229 -22.79 -46.97 -1.48
C GLY G 229 -22.23 -48.11 -2.31
N MET G 230 -21.38 -48.98 -1.77
CA MET G 230 -20.79 -50.11 -2.51
C MET G 230 -21.90 -50.76 -3.32
N GLY G 231 -21.71 -50.75 -4.64
CA GLY G 231 -22.74 -51.23 -5.54
C GLY G 231 -22.35 -50.83 -6.97
N ALA G 232 -23.25 -51.19 -7.91
CA ALA G 232 -22.96 -50.87 -9.28
C ALA G 232 -23.00 -49.36 -9.61
N GLY G 233 -22.28 -49.02 -10.66
CA GLY G 233 -22.26 -47.62 -11.12
C GLY G 233 -21.57 -46.75 -10.09
N ALA G 234 -22.20 -45.59 -9.81
CA ALA G 234 -21.75 -44.67 -8.78
C ALA G 234 -22.23 -45.17 -7.42
N GLY G 235 -22.82 -46.35 -7.40
CA GLY G 235 -23.24 -47.06 -6.23
C GLY G 235 -24.73 -46.96 -5.94
N ASN G 236 -25.11 -47.63 -4.82
CA ASN G 236 -26.47 -47.55 -4.36
C ASN G 236 -26.60 -46.31 -3.46
N ALA G 237 -27.81 -46.08 -2.93
CA ALA G 237 -27.82 -44.99 -1.93
C ALA G 237 -26.87 -45.40 -0.81
N PRO G 238 -25.98 -44.53 -0.36
CA PRO G 238 -25.04 -44.84 0.72
C PRO G 238 -25.81 -44.94 2.04
N LEU G 239 -25.80 -46.14 2.60
CA LEU G 239 -26.56 -46.46 3.83
C LEU G 239 -26.24 -45.54 5.00
N GLU G 240 -24.98 -45.30 5.32
CA GLU G 240 -24.60 -44.41 6.43
C GLU G 240 -25.15 -43.02 6.20
N VAL G 241 -25.14 -42.54 4.96
CA VAL G 241 -25.67 -41.22 4.64
C VAL G 241 -27.19 -41.18 4.79
N PHE G 242 -27.87 -42.21 4.30
CA PHE G 242 -29.32 -42.27 4.42
C PHE G 242 -29.72 -42.30 5.89
N ILE G 243 -29.04 -43.11 6.70
CA ILE G 243 -29.37 -43.19 8.14
C ILE G 243 -29.02 -41.87 8.83
N ALA G 244 -27.97 -41.16 8.41
CA ALA G 244 -27.70 -39.88 9.07
C ALA G 244 -28.85 -38.92 8.81
N VAL G 245 -29.32 -38.86 7.57
CA VAL G 245 -30.40 -37.94 7.20
C VAL G 245 -31.71 -38.30 7.88
N ALA G 246 -32.03 -39.59 7.84
CA ALA G 246 -33.23 -40.06 8.54
C ALA G 246 -33.16 -39.71 10.03
N GLU G 247 -32.03 -39.90 10.67
CA GLU G 247 -31.82 -39.55 12.06
C GLU G 247 -32.02 -38.05 12.31
N ARG G 248 -31.50 -37.17 11.45
CA ARG G 248 -31.69 -35.74 11.56
C ARG G 248 -33.15 -35.35 11.36
N LEU G 249 -33.88 -36.07 10.53
CA LEU G 249 -35.29 -35.84 10.30
C LEU G 249 -36.18 -36.46 11.39
N GLY G 250 -35.58 -37.20 12.31
CA GLY G 250 -36.33 -37.82 13.40
C GLY G 250 -37.07 -39.09 13.02
N TRP G 251 -36.68 -39.73 11.92
CA TRP G 251 -37.32 -40.93 11.42
C TRP G 251 -36.94 -42.16 12.22
N ASN G 252 -37.88 -43.11 12.33
CA ASN G 252 -37.63 -44.33 13.08
C ASN G 252 -36.95 -45.35 12.16
N HIS G 253 -35.62 -45.27 12.09
CA HIS G 253 -34.95 -46.22 11.19
C HIS G 253 -34.48 -47.46 11.90
N GLY G 254 -34.42 -47.43 13.23
CA GLY G 254 -34.00 -48.57 14.01
C GLY G 254 -32.57 -49.05 13.92
N THR G 255 -31.60 -48.29 13.39
CA THR G 255 -30.24 -48.78 13.33
C THR G 255 -29.25 -47.97 14.15
N ASP G 256 -28.01 -48.44 14.27
CA ASP G 256 -26.98 -47.65 14.93
C ASP G 256 -26.17 -46.87 13.88
N LEU G 257 -26.39 -45.56 13.74
CA LEU G 257 -25.62 -44.79 12.76
C LEU G 257 -24.12 -44.93 12.91
N TYR G 258 -23.56 -44.77 14.11
CA TYR G 258 -22.13 -44.80 14.32
C TYR G 258 -21.49 -46.09 13.82
N THR G 259 -22.09 -47.25 14.13
CA THR G 259 -21.58 -48.53 13.67
C THR G 259 -21.54 -48.56 12.13
N LEU G 260 -22.58 -48.05 11.50
CA LEU G 260 -22.60 -47.98 10.03
C LEU G 260 -21.57 -47.03 9.46
N MET G 261 -21.35 -45.85 10.08
CA MET G 261 -20.35 -44.93 9.52
C MET G 261 -18.97 -45.54 9.57
N ASP G 262 -18.64 -46.17 10.69
CA ASP G 262 -17.35 -46.82 10.87
C ASP G 262 -17.20 -48.01 9.90
N ALA G 263 -18.25 -48.83 9.76
CA ALA G 263 -18.12 -50.00 8.87
C ALA G 263 -17.90 -49.53 7.43
N ALA G 264 -18.67 -48.49 7.03
CA ALA G 264 -18.47 -47.98 5.67
C ALA G 264 -17.04 -47.61 5.36
N ASP G 265 -16.31 -46.90 6.23
CA ASP G 265 -14.98 -46.44 5.92
C ASP G 265 -13.84 -47.35 6.36
N ASP G 266 -14.06 -48.08 7.43
CA ASP G 266 -13.01 -48.96 7.96
C ASP G 266 -13.05 -50.37 7.39
N ILE G 267 -14.20 -50.86 6.96
CA ILE G 267 -14.31 -52.19 6.41
C ILE G 267 -14.55 -52.20 4.88
N VAL G 268 -15.55 -51.48 4.42
CA VAL G 268 -15.98 -51.54 3.03
C VAL G 268 -15.20 -50.72 2.04
N ARG G 269 -14.99 -49.42 2.28
CA ARG G 269 -14.21 -48.56 1.40
C ARG G 269 -12.84 -49.07 1.00
N PRO G 270 -12.03 -49.63 1.89
CA PRO G 270 -10.74 -50.19 1.56
C PRO G 270 -10.79 -51.34 0.55
N LEU G 271 -11.91 -52.02 0.42
CA LEU G 271 -12.06 -53.11 -0.54
C LEU G 271 -12.24 -52.60 -1.95
N GLN G 272 -12.62 -51.34 -2.14
CA GLN G 272 -12.81 -50.86 -3.51
C GLN G 272 -11.50 -50.68 -4.27
N ASP G 273 -11.49 -51.08 -5.54
CA ASP G 273 -10.33 -50.84 -6.38
C ASP G 273 -10.67 -49.71 -7.37
N ARG G 274 -11.90 -49.69 -7.87
CA ARG G 274 -12.34 -48.61 -8.77
C ARG G 274 -13.31 -47.83 -7.88
N PRO G 275 -13.01 -46.59 -7.55
CA PRO G 275 -13.83 -45.85 -6.59
C PRO G 275 -15.29 -45.80 -6.95
N VAL G 276 -16.15 -46.08 -5.95
CA VAL G 276 -17.60 -46.02 -6.16
C VAL G 276 -17.95 -44.56 -5.90
N ARG G 277 -18.08 -43.80 -6.97
CA ARG G 277 -18.31 -42.35 -6.91
C ARG G 277 -18.99 -41.87 -8.17
N VAL G 278 -19.51 -40.64 -8.10
CA VAL G 278 -20.08 -40.01 -9.30
C VAL G 278 -18.94 -39.33 -10.06
N ASP G 279 -18.66 -39.76 -11.27
CA ASP G 279 -17.62 -39.13 -12.12
C ASP G 279 -18.08 -39.12 -13.56
N ARG G 280 -17.20 -38.80 -14.51
CA ARG G 280 -17.63 -38.77 -15.90
C ARG G 280 -18.32 -40.06 -16.31
N GLU G 281 -17.70 -41.20 -16.01
CA GLU G 281 -18.29 -42.45 -16.50
C GLU G 281 -19.57 -42.87 -15.79
N THR G 282 -19.65 -42.72 -14.47
CA THR G 282 -20.83 -43.13 -13.73
C THR G 282 -21.94 -42.12 -13.92
N LEU G 283 -21.62 -40.85 -14.14
CA LEU G 283 -22.64 -39.85 -14.48
C LEU G 283 -23.20 -40.17 -15.85
N GLY G 284 -22.35 -40.63 -16.77
CA GLY G 284 -22.84 -41.06 -18.08
C GLY G 284 -23.88 -42.17 -17.94
N LEU G 285 -23.75 -43.12 -17.02
CA LEU G 285 -24.78 -44.14 -16.82
C LEU G 285 -26.15 -43.52 -16.51
N GLY G 286 -26.13 -42.55 -15.59
CA GLY G 286 -27.37 -41.92 -15.16
C GLY G 286 -27.94 -41.03 -16.25
N TYR G 287 -27.04 -40.31 -16.95
CA TYR G 287 -27.56 -39.45 -18.02
C TYR G 287 -28.18 -40.26 -19.14
N ALA G 288 -27.53 -41.34 -19.57
CA ALA G 288 -28.04 -42.15 -20.68
C ALA G 288 -29.03 -43.20 -20.21
N GLY G 289 -29.17 -43.44 -18.93
CA GLY G 289 -30.12 -44.42 -18.42
C GLY G 289 -29.70 -45.86 -18.71
N VAL G 290 -28.44 -46.17 -18.43
CA VAL G 290 -27.88 -47.49 -18.69
C VAL G 290 -27.71 -48.29 -17.41
N TYR G 291 -28.06 -49.58 -17.51
CA TYR G 291 -27.97 -50.49 -16.35
C TYR G 291 -26.62 -50.37 -15.69
N SER G 292 -26.61 -50.07 -14.37
CA SER G 292 -25.38 -49.69 -13.70
C SER G 292 -24.30 -50.76 -13.68
N SER G 293 -24.71 -52.05 -13.66
CA SER G 293 -23.68 -53.11 -13.63
C SER G 293 -22.86 -53.13 -14.90
N PHE G 294 -23.27 -52.42 -15.96
CA PHE G 294 -22.43 -52.38 -17.16
C PHE G 294 -21.16 -51.55 -16.94
N LEU G 295 -21.03 -50.78 -15.88
CA LEU G 295 -19.89 -49.87 -15.73
C LEU G 295 -18.51 -50.51 -15.90
N ARG G 296 -18.20 -51.48 -15.03
CA ARG G 296 -16.85 -52.06 -15.04
C ARG G 296 -16.59 -52.82 -16.34
N HIS G 297 -17.64 -53.44 -16.85
CA HIS G 297 -17.47 -54.17 -18.13
C HIS G 297 -17.19 -53.21 -19.27
N ALA G 298 -17.86 -52.05 -19.27
CA ALA G 298 -17.61 -51.03 -20.28
C ALA G 298 -16.21 -50.43 -20.10
N GLU G 299 -15.74 -50.20 -18.88
CA GLU G 299 -14.38 -49.65 -18.71
C GLU G 299 -13.31 -50.64 -19.18
N ILE G 300 -13.53 -51.92 -18.94
CA ILE G 300 -12.65 -52.99 -19.41
C ILE G 300 -12.60 -53.04 -20.94
N ALA G 301 -13.78 -52.92 -21.56
CA ALA G 301 -13.85 -52.90 -23.04
C ALA G 301 -13.20 -51.63 -23.60
N ALA G 302 -13.43 -50.50 -22.93
CA ALA G 302 -12.82 -49.25 -23.39
C ALA G 302 -11.30 -49.33 -23.40
N ALA G 303 -10.74 -49.95 -22.35
CA ALA G 303 -9.30 -50.13 -22.29
C ALA G 303 -8.88 -51.19 -23.32
N LYS G 304 -9.59 -52.29 -23.47
CA LYS G 304 -9.18 -53.33 -24.42
C LYS G 304 -9.27 -52.90 -25.87
N TYR G 305 -10.37 -52.24 -26.26
CA TYR G 305 -10.59 -51.84 -27.63
C TYR G 305 -10.15 -50.43 -27.96
N ASN G 306 -9.61 -49.74 -26.97
CA ASN G 306 -9.07 -48.40 -27.17
C ASN G 306 -10.15 -47.38 -27.54
N LEU G 307 -11.17 -47.29 -26.68
CA LEU G 307 -12.32 -46.43 -26.88
C LEU G 307 -12.62 -45.65 -25.60
N LYS G 308 -13.46 -44.63 -25.68
CA LYS G 308 -13.88 -43.89 -24.48
C LYS G 308 -15.05 -44.62 -23.85
N THR G 309 -14.98 -44.89 -22.54
CA THR G 309 -16.07 -45.54 -21.83
C THR G 309 -17.35 -44.78 -22.05
N LEU G 310 -17.32 -43.44 -21.96
CA LEU G 310 -18.55 -42.69 -22.14
C LEU G 310 -19.22 -42.97 -23.47
N ASP G 311 -18.46 -43.07 -24.55
CA ASP G 311 -19.04 -43.31 -25.86
C ASP G 311 -19.74 -44.66 -25.91
N ILE G 312 -19.12 -45.69 -25.33
CA ILE G 312 -19.73 -47.01 -25.24
C ILE G 312 -21.05 -46.93 -24.48
N LEU G 313 -21.08 -46.22 -23.34
CA LEU G 313 -22.28 -46.10 -22.55
C LEU G 313 -23.37 -45.32 -23.28
N VAL G 314 -23.00 -44.22 -23.94
CA VAL G 314 -24.04 -43.47 -24.67
C VAL G 314 -24.66 -44.34 -25.74
N GLU G 315 -23.86 -45.12 -26.46
CA GLU G 315 -24.43 -45.98 -27.52
C GLU G 315 -25.26 -47.09 -26.91
N LEU G 316 -24.90 -47.62 -25.71
CA LEU G 316 -25.75 -48.63 -25.10
C LEU G 316 -27.13 -48.08 -24.73
N GLY G 317 -27.15 -46.84 -24.23
CA GLY G 317 -28.39 -46.15 -23.89
C GLY G 317 -29.22 -45.97 -25.18
N HIS G 318 -28.59 -45.66 -26.28
CA HIS G 318 -29.25 -45.47 -27.56
C HIS G 318 -29.88 -46.78 -28.03
N ARG G 319 -29.20 -47.90 -27.77
CA ARG G 319 -29.72 -49.22 -28.11
C ARG G 319 -30.79 -49.76 -27.18
N ARG G 320 -31.08 -49.09 -26.09
CA ARG G 320 -32.10 -49.45 -25.13
C ARG G 320 -31.85 -50.85 -24.58
N MET G 321 -30.62 -51.07 -24.13
CA MET G 321 -30.30 -52.38 -23.54
C MET G 321 -30.90 -52.49 -22.17
N VAL G 322 -31.16 -53.70 -21.71
CA VAL G 322 -31.74 -53.94 -20.40
C VAL G 322 -30.76 -54.73 -19.52
N GLY G 323 -31.14 -54.94 -18.29
CA GLY G 323 -30.32 -55.64 -17.32
C GLY G 323 -29.92 -57.01 -17.92
N GLY G 324 -28.69 -57.42 -17.59
CA GLY G 324 -28.16 -58.70 -18.04
C GLY G 324 -27.59 -58.71 -19.43
N GLN G 325 -27.61 -57.61 -20.18
CA GLN G 325 -27.12 -57.60 -21.56
C GLN G 325 -25.69 -57.15 -21.71
N GLU G 326 -24.80 -57.59 -20.79
CA GLU G 326 -23.39 -57.27 -20.83
C GLU G 326 -22.72 -57.71 -22.13
N ASP G 327 -23.23 -58.75 -22.80
CA ASP G 327 -22.59 -59.14 -24.06
C ASP G 327 -22.71 -58.07 -25.13
N MET G 328 -23.77 -57.26 -25.05
CA MET G 328 -23.91 -56.16 -26.01
C MET G 328 -22.89 -55.07 -25.79
N ILE G 329 -22.18 -55.01 -24.65
CA ILE G 329 -21.14 -54.01 -24.47
C ILE G 329 -20.00 -54.22 -25.45
N VAL G 330 -19.59 -55.50 -25.62
CA VAL G 330 -18.52 -55.83 -26.56
C VAL G 330 -19.05 -55.67 -27.99
N ASP G 331 -20.30 -56.00 -28.24
CA ASP G 331 -20.94 -55.78 -29.53
C ASP G 331 -20.86 -54.28 -29.85
N VAL G 332 -21.23 -53.40 -28.91
CA VAL G 332 -21.15 -51.95 -29.16
C VAL G 332 -19.73 -51.48 -29.37
N ALA G 333 -18.75 -51.97 -28.60
CA ALA G 333 -17.36 -51.56 -28.77
C ALA G 333 -16.89 -51.92 -30.19
N LEU G 334 -17.19 -53.14 -30.61
CA LEU G 334 -16.72 -53.57 -31.95
C LEU G 334 -17.41 -52.73 -33.04
N ASP G 335 -18.69 -52.39 -32.85
CA ASP G 335 -19.38 -51.57 -33.84
C ASP G 335 -18.78 -50.16 -33.86
N LEU G 336 -18.45 -49.61 -32.68
CA LEU G 336 -17.84 -48.28 -32.62
C LEU G 336 -16.53 -48.25 -33.39
N LEU G 337 -15.71 -49.28 -33.17
CA LEU G 337 -14.46 -49.41 -33.90
C LEU G 337 -14.72 -49.42 -35.40
N ALA G 338 -15.66 -50.23 -35.87
CA ALA G 338 -15.96 -50.32 -37.29
C ALA G 338 -16.46 -48.99 -37.83
N ALA G 339 -17.34 -48.34 -37.10
CA ALA G 339 -17.90 -47.05 -37.45
C ALA G 339 -16.77 -46.02 -37.60
N HIS G 340 -15.77 -46.09 -36.72
CA HIS G 340 -14.66 -45.15 -36.80
C HIS G 340 -13.79 -45.42 -38.03
N LYS G 341 -13.68 -46.66 -38.50
CA LYS G 341 -12.89 -46.97 -39.68
C LYS G 341 -13.73 -46.95 -40.93
N LYS H 4 -47.47 -87.72 -48.47
CA LYS H 4 -47.00 -87.12 -47.22
C LYS H 4 -47.74 -87.71 -46.03
N LEU H 5 -47.08 -87.68 -44.86
CA LEU H 5 -47.71 -88.17 -43.64
C LEU H 5 -48.40 -86.97 -42.97
N LYS H 6 -49.49 -87.23 -42.26
CA LYS H 6 -50.25 -86.14 -41.66
C LYS H 6 -49.78 -85.76 -40.26
N VAL H 7 -49.80 -84.45 -39.97
CA VAL H 7 -49.33 -83.97 -38.68
C VAL H 7 -50.36 -83.12 -37.94
N ALA H 8 -50.16 -83.03 -36.64
CA ALA H 8 -50.90 -82.14 -35.77
C ALA H 8 -49.89 -81.23 -35.04
N ILE H 9 -50.30 -80.01 -34.75
CA ILE H 9 -49.48 -79.08 -33.97
C ILE H 9 -50.34 -78.69 -32.76
N ILE H 10 -49.87 -78.97 -31.57
CA ILE H 10 -50.60 -78.66 -30.34
C ILE H 10 -49.93 -77.39 -29.80
N GLY H 11 -50.75 -76.35 -29.65
CA GLY H 11 -50.25 -75.02 -29.27
C GLY H 11 -50.33 -74.12 -30.50
N SER H 12 -51.25 -73.14 -30.51
CA SER H 12 -51.37 -72.29 -31.70
C SER H 12 -50.87 -70.88 -31.43
N GLY H 13 -49.69 -70.81 -30.84
CA GLY H 13 -49.04 -69.55 -30.47
C GLY H 13 -48.02 -69.10 -31.49
N ASN H 14 -46.97 -68.37 -31.04
CA ASN H 14 -45.99 -67.86 -32.01
C ASN H 14 -45.27 -69.02 -32.71
N ILE H 15 -44.73 -69.91 -31.87
CA ILE H 15 -43.98 -71.04 -32.43
C ILE H 15 -44.91 -71.96 -33.25
N GLY H 16 -46.03 -72.37 -32.69
CA GLY H 16 -46.92 -73.31 -33.40
C GLY H 16 -47.36 -72.80 -34.75
N THR H 17 -47.82 -71.55 -34.79
CA THR H 17 -48.32 -71.00 -36.06
C THR H 17 -47.20 -70.85 -37.06
N ASP H 18 -46.03 -70.39 -36.57
CA ASP H 18 -44.87 -70.26 -37.46
C ASP H 18 -44.52 -71.61 -38.07
N LEU H 19 -44.53 -72.67 -37.26
CA LEU H 19 -44.22 -74.03 -37.70
C LEU H 19 -45.30 -74.51 -38.69
N MET H 20 -46.56 -74.28 -38.35
CA MET H 20 -47.65 -74.65 -39.30
C MET H 20 -47.39 -74.02 -40.65
N ILE H 21 -47.07 -72.71 -40.69
CA ILE H 21 -46.76 -72.06 -41.96
C ILE H 21 -45.60 -72.73 -42.66
N LYS H 22 -44.51 -73.08 -41.98
CA LYS H 22 -43.40 -73.79 -42.62
C LYS H 22 -43.83 -75.15 -43.19
N VAL H 23 -44.67 -75.90 -42.49
CA VAL H 23 -45.16 -77.20 -42.96
C VAL H 23 -45.92 -76.98 -44.28
N LEU H 24 -46.92 -76.12 -44.23
CA LEU H 24 -47.71 -75.82 -45.41
C LEU H 24 -46.85 -75.41 -46.60
N ARG H 25 -45.98 -74.42 -46.43
CA ARG H 25 -45.17 -73.93 -47.53
C ARG H 25 -44.07 -74.86 -48.00
N ASN H 26 -43.27 -75.39 -47.08
CA ASN H 26 -42.09 -76.14 -47.45
C ASN H 26 -41.92 -77.59 -47.11
N ALA H 27 -42.75 -78.25 -46.31
CA ALA H 27 -42.48 -79.65 -46.00
C ALA H 27 -42.67 -80.55 -47.22
N LYS H 28 -41.72 -81.45 -47.45
CA LYS H 28 -41.79 -82.40 -48.55
C LYS H 28 -42.46 -83.71 -48.18
N TYR H 29 -42.34 -84.19 -46.94
CA TYR H 29 -42.87 -85.48 -46.52
C TYR H 29 -43.99 -85.39 -45.50
N LEU H 30 -44.41 -84.18 -45.16
CA LEU H 30 -45.44 -84.01 -44.15
C LEU H 30 -46.52 -83.05 -44.63
N GLU H 31 -47.71 -83.18 -44.05
CA GLU H 31 -48.72 -82.20 -44.40
C GLU H 31 -49.61 -81.99 -43.19
N MET H 32 -50.16 -80.77 -43.13
CA MET H 32 -50.97 -80.37 -42.01
C MET H 32 -52.23 -81.23 -41.95
N GLY H 33 -52.53 -81.66 -40.75
CA GLY H 33 -53.70 -82.48 -40.49
C GLY H 33 -54.59 -81.75 -39.49
N ALA H 34 -53.98 -81.10 -38.48
CA ALA H 34 -54.80 -80.39 -37.50
C ALA H 34 -53.93 -79.44 -36.66
N MET H 35 -54.48 -78.28 -36.42
CA MET H 35 -53.85 -77.27 -35.56
C MET H 35 -54.71 -77.27 -34.29
N VAL H 36 -54.10 -77.53 -33.14
CA VAL H 36 -54.80 -77.71 -31.90
C VAL H 36 -54.50 -76.67 -30.83
N GLY H 37 -55.54 -76.06 -30.28
CA GLY H 37 -55.33 -75.04 -29.24
C GLY H 37 -56.25 -75.25 -28.07
N ILE H 38 -56.28 -74.29 -27.15
CA ILE H 38 -57.16 -74.38 -25.99
C ILE H 38 -58.00 -73.09 -25.90
N ASP H 39 -57.74 -72.18 -26.81
CA ASP H 39 -58.44 -70.90 -26.84
C ASP H 39 -59.07 -70.65 -28.19
N ALA H 40 -60.42 -70.63 -28.24
CA ALA H 40 -61.15 -70.41 -29.48
C ALA H 40 -60.77 -69.15 -30.23
N ALA H 41 -60.32 -68.08 -29.58
CA ALA H 41 -59.92 -66.86 -30.23
C ALA H 41 -58.42 -66.73 -30.52
N SER H 42 -57.65 -67.81 -30.44
CA SER H 42 -56.23 -67.72 -30.78
C SER H 42 -56.04 -67.32 -32.22
N ASP H 43 -55.11 -66.40 -32.45
CA ASP H 43 -54.79 -65.96 -33.80
C ASP H 43 -54.34 -67.12 -34.67
N GLY H 44 -53.57 -68.05 -34.10
CA GLY H 44 -53.09 -69.20 -34.86
C GLY H 44 -54.22 -70.09 -35.34
N LEU H 45 -55.29 -70.28 -34.56
CA LEU H 45 -56.42 -71.09 -35.02
C LEU H 45 -57.15 -70.37 -36.14
N ALA H 46 -57.22 -69.04 -36.03
CA ALA H 46 -57.84 -68.24 -37.09
C ALA H 46 -56.96 -68.30 -38.33
N ARG H 47 -55.64 -68.21 -38.16
CA ARG H 47 -54.71 -68.33 -39.29
C ARG H 47 -54.76 -69.74 -39.89
N ALA H 48 -54.95 -70.78 -39.09
CA ALA H 48 -55.07 -72.15 -39.62
C ALA H 48 -56.37 -72.29 -40.42
N GLN H 49 -57.45 -71.73 -39.89
CA GLN H 49 -58.75 -71.76 -40.55
C GLN H 49 -58.67 -71.12 -41.92
N ARG H 50 -58.03 -69.95 -42.03
CA ARG H 50 -57.85 -69.33 -43.32
C ARG H 50 -57.00 -70.09 -44.31
N MET H 51 -56.12 -70.98 -43.84
CA MET H 51 -55.26 -71.74 -44.73
C MET H 51 -55.84 -73.12 -45.03
N GLY H 52 -57.05 -73.36 -44.54
CA GLY H 52 -57.82 -74.56 -44.75
C GLY H 52 -57.36 -75.78 -43.97
N VAL H 53 -56.96 -75.56 -42.72
CA VAL H 53 -56.50 -76.61 -41.84
C VAL H 53 -57.50 -76.89 -40.75
N THR H 54 -57.87 -78.14 -40.49
CA THR H 54 -58.79 -78.42 -39.39
C THR H 54 -58.25 -77.91 -38.06
N THR H 55 -59.11 -77.30 -37.25
CA THR H 55 -58.68 -76.79 -35.96
C THR H 55 -59.58 -77.30 -34.85
N THR H 56 -59.12 -77.12 -33.63
CA THR H 56 -59.89 -77.47 -32.44
C THR H 56 -59.35 -76.69 -31.25
N TYR H 57 -60.23 -76.29 -30.35
CA TYR H 57 -59.80 -75.55 -29.16
C TYR H 57 -60.10 -76.38 -27.92
N ALA H 58 -60.28 -77.70 -28.16
CA ALA H 58 -60.54 -78.64 -27.09
C ALA H 58 -59.29 -79.41 -26.66
N GLY H 59 -58.11 -78.83 -26.81
CA GLY H 59 -56.89 -79.47 -26.36
C GLY H 59 -56.59 -80.79 -27.03
N VAL H 60 -55.70 -81.58 -26.42
CA VAL H 60 -55.30 -82.84 -27.05
C VAL H 60 -56.41 -83.88 -27.01
N GLU H 61 -57.26 -83.83 -25.99
CA GLU H 61 -58.42 -84.71 -25.91
C GLU H 61 -59.26 -84.44 -27.15
N GLY H 62 -59.44 -83.18 -27.53
CA GLY H 62 -60.17 -82.85 -28.77
C GLY H 62 -59.50 -83.43 -30.00
N LEU H 63 -58.18 -83.32 -30.08
CA LEU H 63 -57.38 -83.85 -31.17
C LEU H 63 -57.57 -85.36 -31.32
N ILE H 64 -57.55 -86.07 -30.21
CA ILE H 64 -57.72 -87.53 -30.23
C ILE H 64 -59.10 -87.94 -30.72
N LYS H 65 -60.11 -87.09 -30.56
CA LYS H 65 -61.46 -87.42 -31.00
C LYS H 65 -61.75 -86.94 -32.40
N LEU H 66 -60.86 -86.19 -33.03
CA LEU H 66 -61.04 -85.70 -34.38
C LEU H 66 -60.94 -86.84 -35.38
N PRO H 67 -61.69 -86.77 -36.48
CA PRO H 67 -61.64 -87.78 -37.53
C PRO H 67 -60.29 -87.84 -38.21
N GLU H 68 -59.57 -86.71 -38.25
CA GLU H 68 -58.25 -86.61 -38.81
C GLU H 68 -57.21 -87.39 -38.00
N PHE H 69 -57.47 -87.61 -36.72
CA PHE H 69 -56.56 -88.30 -35.83
C PHE H 69 -56.15 -89.68 -36.29
N ALA H 70 -57.04 -90.45 -36.93
CA ALA H 70 -56.66 -91.79 -37.37
C ALA H 70 -55.48 -91.78 -38.32
N ASP H 71 -55.28 -90.77 -39.14
CA ASP H 71 -54.15 -90.73 -40.06
C ASP H 71 -53.00 -89.80 -39.64
N ILE H 72 -53.04 -89.28 -38.43
CA ILE H 72 -51.95 -88.38 -37.99
C ILE H 72 -50.85 -89.26 -37.36
N ASP H 73 -49.65 -89.14 -37.91
CA ASP H 73 -48.52 -89.93 -37.44
C ASP H 73 -47.56 -89.07 -36.62
N PHE H 74 -47.63 -87.76 -36.79
CA PHE H 74 -46.72 -86.86 -36.07
C PHE H 74 -47.45 -85.76 -35.31
N VAL H 75 -46.97 -85.47 -34.10
CA VAL H 75 -47.54 -84.40 -33.31
C VAL H 75 -46.35 -83.55 -32.82
N PHE H 76 -46.46 -82.26 -33.11
CA PHE H 76 -45.47 -81.27 -32.67
C PHE H 76 -46.07 -80.55 -31.46
N ASP H 77 -45.28 -80.42 -30.40
CA ASP H 77 -45.79 -79.78 -29.19
C ASP H 77 -45.09 -78.44 -29.02
N ALA H 78 -45.90 -77.40 -29.12
CA ALA H 78 -45.46 -76.02 -29.02
C ALA H 78 -46.36 -75.31 -28.01
N THR H 79 -46.69 -75.98 -26.94
CA THR H 79 -47.50 -75.45 -25.85
C THR H 79 -46.55 -74.87 -24.81
N SER H 80 -46.26 -75.61 -23.76
CA SER H 80 -45.34 -75.13 -22.73
C SER H 80 -44.77 -76.38 -22.05
N ALA H 81 -43.67 -76.32 -21.33
CA ALA H 81 -43.07 -77.53 -20.76
C ALA H 81 -43.98 -78.32 -19.83
N SER H 82 -44.79 -77.66 -19.02
CA SER H 82 -45.69 -78.36 -18.11
C SER H 82 -46.78 -79.14 -18.82
N ALA H 83 -47.23 -78.69 -19.98
CA ALA H 83 -48.29 -79.35 -20.72
C ALA H 83 -47.80 -80.55 -21.53
N HIS H 84 -46.49 -80.63 -21.80
CA HIS H 84 -45.99 -81.77 -22.59
C HIS H 84 -46.10 -83.11 -21.90
N VAL H 85 -45.89 -83.18 -20.59
CA VAL H 85 -46.03 -84.45 -19.88
C VAL H 85 -47.41 -85.04 -20.12
N GLN H 86 -48.45 -84.21 -19.97
CA GLN H 86 -49.81 -84.67 -20.22
C GLN H 86 -50.05 -84.92 -21.69
N ASN H 87 -49.55 -84.09 -22.61
CA ASN H 87 -49.76 -84.32 -24.03
C ASN H 87 -49.20 -85.67 -24.45
N GLU H 88 -47.96 -85.96 -24.05
CA GLU H 88 -47.35 -87.26 -24.35
C GLU H 88 -48.14 -88.40 -23.71
N ALA H 89 -48.54 -88.25 -22.45
CA ALA H 89 -49.27 -89.28 -21.72
C ALA H 89 -50.57 -89.69 -22.40
N LEU H 90 -51.35 -88.71 -22.83
CA LEU H 90 -52.61 -88.95 -23.52
C LEU H 90 -52.43 -89.46 -24.94
N LEU H 91 -51.49 -88.88 -25.71
CA LEU H 91 -51.30 -89.32 -27.08
C LEU H 91 -50.71 -90.73 -27.11
N ARG H 92 -49.86 -91.04 -26.16
CA ARG H 92 -49.24 -92.39 -26.15
C ARG H 92 -50.32 -93.44 -25.90
N GLN H 93 -51.26 -93.15 -24.99
CA GLN H 93 -52.36 -94.08 -24.74
C GLN H 93 -53.23 -94.22 -25.98
N ALA H 94 -53.54 -93.15 -26.67
CA ALA H 94 -54.38 -93.17 -27.87
C ALA H 94 -53.73 -93.78 -29.10
N LYS H 95 -52.42 -93.56 -29.27
CA LYS H 95 -51.74 -94.11 -30.45
C LYS H 95 -50.31 -94.44 -30.06
N PRO H 96 -50.11 -95.67 -29.61
CA PRO H 96 -48.83 -96.14 -29.12
C PRO H 96 -47.65 -95.80 -30.00
N GLY H 97 -47.72 -95.86 -31.32
CA GLY H 97 -46.64 -95.58 -32.21
C GLY H 97 -46.48 -94.16 -32.74
N ILE H 98 -47.28 -93.22 -32.23
CA ILE H 98 -47.20 -91.86 -32.78
C ILE H 98 -45.85 -91.21 -32.49
N ARG H 99 -45.40 -90.36 -33.41
CA ARG H 99 -44.15 -89.65 -33.22
C ARG H 99 -44.40 -88.26 -32.66
N LEU H 100 -43.80 -87.98 -31.52
CA LEU H 100 -43.88 -86.70 -30.86
C LEU H 100 -42.61 -85.89 -31.00
N ILE H 101 -42.74 -84.66 -31.46
CA ILE H 101 -41.62 -83.73 -31.64
C ILE H 101 -41.89 -82.63 -30.61
N ASP H 102 -41.07 -82.55 -29.57
CA ASP H 102 -41.31 -81.59 -28.48
C ASP H 102 -40.51 -80.32 -28.69
N LEU H 103 -41.22 -79.17 -28.81
CA LEU H 103 -40.58 -77.88 -29.04
C LEU H 103 -40.48 -77.09 -27.74
N THR H 104 -41.03 -77.64 -26.68
CA THR H 104 -40.89 -77.01 -25.36
C THR H 104 -39.59 -77.55 -24.75
N PRO H 105 -39.14 -77.01 -23.62
CA PRO H 105 -37.95 -77.49 -22.95
C PRO H 105 -38.22 -78.68 -22.03
N ALA H 106 -39.38 -79.31 -22.09
CA ALA H 106 -39.74 -80.44 -21.25
C ALA H 106 -38.70 -81.55 -21.26
N ALA H 107 -38.22 -81.91 -22.44
CA ALA H 107 -37.14 -82.87 -22.58
C ALA H 107 -37.38 -84.23 -21.95
N ILE H 108 -38.52 -84.86 -22.25
CA ILE H 108 -38.77 -86.23 -21.82
C ILE H 108 -38.15 -87.15 -22.87
N GLY H 109 -37.86 -86.66 -24.06
CA GLY H 109 -37.18 -87.38 -25.11
C GLY H 109 -35.80 -86.76 -25.29
N PRO H 110 -34.90 -87.47 -25.96
CA PRO H 110 -33.55 -87.05 -26.19
C PRO H 110 -33.40 -85.78 -27.01
N TYR H 111 -32.29 -85.07 -26.87
CA TYR H 111 -32.07 -83.82 -27.58
C TYR H 111 -31.61 -83.99 -29.01
N CYS H 112 -32.20 -83.17 -29.87
CA CYS H 112 -31.81 -83.13 -31.26
C CYS H 112 -31.53 -81.72 -31.74
N VAL H 113 -30.32 -81.49 -32.22
CA VAL H 113 -29.89 -80.25 -32.87
C VAL H 113 -29.41 -80.73 -34.24
N PRO H 114 -30.21 -80.59 -35.30
CA PRO H 114 -29.96 -81.18 -36.59
C PRO H 114 -28.58 -81.09 -37.15
N VAL H 115 -27.92 -79.94 -37.14
CA VAL H 115 -26.56 -79.83 -37.66
C VAL H 115 -25.54 -80.63 -36.84
N VAL H 116 -25.90 -81.02 -35.62
CA VAL H 116 -24.98 -81.80 -34.81
C VAL H 116 -25.35 -83.28 -34.80
N ASN H 117 -26.62 -83.62 -34.56
CA ASN H 117 -26.97 -85.03 -34.44
C ASN H 117 -28.31 -85.41 -35.04
N LEU H 118 -28.64 -84.89 -36.22
CA LEU H 118 -29.92 -85.20 -36.87
C LEU H 118 -30.21 -86.70 -36.98
N GLU H 119 -29.22 -87.47 -37.40
CA GLU H 119 -29.42 -88.91 -37.60
C GLU H 119 -29.57 -89.72 -36.34
N GLU H 120 -29.19 -89.23 -35.18
CA GLU H 120 -29.15 -90.00 -33.96
C GLU H 120 -30.47 -90.53 -33.46
N HIS H 121 -31.53 -89.73 -33.43
CA HIS H 121 -32.79 -90.15 -32.82
C HIS H 121 -33.95 -90.33 -33.76
N LEU H 122 -33.67 -90.66 -35.01
CA LEU H 122 -34.72 -90.87 -36.01
C LEU H 122 -35.68 -92.01 -35.74
N GLY H 123 -35.31 -92.97 -34.88
CA GLY H 123 -36.21 -94.07 -34.58
C GLY H 123 -36.90 -93.92 -33.24
N LYS H 124 -36.79 -92.75 -32.62
CA LYS H 124 -37.42 -92.52 -31.33
C LYS H 124 -38.87 -92.04 -31.48
N LEU H 125 -39.67 -92.27 -30.45
CA LEU H 125 -41.08 -91.89 -30.45
C LEU H 125 -41.33 -90.51 -29.85
N ASN H 126 -40.35 -89.99 -29.10
CA ASN H 126 -40.49 -88.65 -28.54
C ASN H 126 -39.10 -87.98 -28.62
N VAL H 127 -38.97 -86.89 -29.37
CA VAL H 127 -37.65 -86.25 -29.48
C VAL H 127 -37.79 -84.78 -29.04
N ASN H 128 -36.81 -84.28 -28.29
CA ASN H 128 -36.83 -82.93 -27.77
C ASN H 128 -35.93 -82.02 -28.56
N MET H 129 -36.44 -80.81 -28.89
CA MET H 129 -35.69 -79.88 -29.72
C MET H 129 -35.00 -78.76 -28.95
N VAL H 130 -34.77 -78.98 -27.68
CA VAL H 130 -34.07 -78.08 -26.77
C VAL H 130 -34.84 -76.76 -26.67
N THR H 131 -34.26 -75.68 -27.12
CA THR H 131 -34.82 -74.33 -27.05
C THR H 131 -34.33 -73.51 -28.23
N CYS H 132 -34.84 -72.28 -28.44
CA CYS H 132 -34.32 -71.43 -29.49
C CYS H 132 -32.86 -71.07 -29.25
N GLY H 133 -32.51 -70.77 -27.98
CA GLY H 133 -31.12 -70.46 -27.64
C GLY H 133 -30.25 -71.69 -27.89
N GLY H 134 -30.78 -72.87 -27.55
CA GLY H 134 -30.04 -74.11 -27.80
C GLY H 134 -29.81 -74.32 -29.30
N GLN H 135 -30.88 -74.25 -30.12
CA GLN H 135 -30.66 -74.44 -31.55
C GLN H 135 -29.68 -73.47 -32.15
N ALA H 136 -29.67 -72.20 -31.69
CA ALA H 136 -28.75 -71.21 -32.19
C ALA H 136 -27.31 -71.36 -31.72
N THR H 137 -27.12 -71.83 -30.48
CA THR H 137 -25.80 -71.80 -29.88
C THR H 137 -25.08 -73.12 -29.69
N ILE H 138 -25.84 -74.20 -29.54
CA ILE H 138 -25.22 -75.53 -29.44
C ILE H 138 -24.38 -75.82 -30.66
N PRO H 139 -24.72 -75.47 -31.89
CA PRO H 139 -23.83 -75.67 -33.03
C PRO H 139 -22.50 -74.97 -32.85
N MET H 140 -22.42 -73.77 -32.24
CA MET H 140 -21.17 -73.09 -31.99
C MET H 140 -20.34 -73.82 -30.94
N VAL H 141 -20.99 -74.38 -29.92
CA VAL H 141 -20.28 -75.09 -28.86
C VAL H 141 -19.66 -76.36 -29.46
N ALA H 142 -20.49 -77.07 -30.24
CA ALA H 142 -19.97 -78.27 -30.92
C ALA H 142 -18.88 -77.93 -31.90
N ALA H 143 -18.87 -76.80 -32.55
CA ALA H 143 -17.87 -76.35 -33.49
C ALA H 143 -16.51 -76.22 -32.82
N VAL H 144 -16.54 -75.76 -31.56
CA VAL H 144 -15.27 -75.67 -30.83
C VAL H 144 -14.91 -77.06 -30.34
N SER H 145 -15.86 -77.86 -29.86
CA SER H 145 -15.58 -79.19 -29.36
C SER H 145 -14.95 -80.10 -30.42
N ARG H 146 -15.24 -79.91 -31.72
CA ARG H 146 -14.58 -80.78 -32.70
C ARG H 146 -13.14 -80.37 -32.96
N VAL H 147 -12.63 -79.33 -32.33
CA VAL H 147 -11.27 -78.84 -32.46
C VAL H 147 -10.52 -79.04 -31.15
N ALA H 148 -11.20 -78.81 -30.03
CA ALA H 148 -10.54 -78.90 -28.72
C ALA H 148 -11.46 -79.21 -27.58
N LYS H 149 -10.93 -79.79 -26.49
CA LYS H 149 -11.75 -80.15 -25.34
C LYS H 149 -12.39 -78.88 -24.73
N VAL H 150 -13.70 -78.92 -24.53
CA VAL H 150 -14.38 -77.77 -23.91
C VAL H 150 -14.64 -77.98 -22.44
N HIS H 151 -14.02 -77.06 -21.64
CA HIS H 151 -14.24 -77.13 -20.20
C HIS H 151 -15.56 -76.51 -19.71
N TYR H 152 -15.94 -75.43 -20.39
CA TYR H 152 -17.16 -74.68 -19.97
C TYR H 152 -17.69 -73.93 -21.17
N ALA H 153 -19.01 -73.89 -21.33
CA ALA H 153 -19.60 -73.11 -22.43
C ALA H 153 -20.86 -72.43 -21.87
N GLU H 154 -20.98 -71.16 -22.20
CA GLU H 154 -22.06 -70.32 -21.70
C GLU H 154 -22.74 -69.60 -22.85
N ILE H 155 -24.07 -69.60 -22.89
CA ILE H 155 -24.75 -68.90 -23.98
C ILE H 155 -25.69 -67.84 -23.42
N VAL H 156 -25.79 -66.73 -24.16
CA VAL H 156 -26.76 -65.71 -23.72
C VAL H 156 -27.70 -65.45 -24.91
N ALA H 157 -28.98 -65.74 -24.76
CA ALA H 157 -29.96 -65.50 -25.82
C ALA H 157 -30.81 -64.26 -25.46
N SER H 158 -30.86 -63.30 -26.38
CA SER H 158 -31.70 -62.11 -26.06
C SER H 158 -32.74 -61.98 -27.16
N ILE H 159 -34.00 -61.97 -26.76
CA ILE H 159 -35.06 -61.94 -27.78
C ILE H 159 -35.99 -60.75 -27.55
N SER H 160 -36.71 -60.39 -28.62
CA SER H 160 -37.71 -59.32 -28.47
C SER H 160 -38.81 -59.79 -27.57
N SER H 161 -39.28 -59.04 -26.56
CA SER H 161 -40.35 -59.49 -25.71
C SER H 161 -41.63 -59.92 -26.46
N LYS H 162 -42.01 -59.25 -27.53
CA LYS H 162 -43.29 -59.61 -28.17
C LYS H 162 -43.24 -60.91 -28.97
N SER H 163 -42.05 -61.46 -29.16
CA SER H 163 -41.93 -62.74 -29.86
C SER H 163 -41.99 -63.89 -28.87
N ALA H 164 -41.93 -63.60 -27.57
CA ALA H 164 -42.08 -64.65 -26.57
C ALA H 164 -43.48 -64.66 -26.01
N GLY H 165 -44.32 -65.66 -26.35
CA GLY H 165 -45.64 -65.72 -25.73
C GLY H 165 -45.62 -66.27 -24.33
N PRO H 166 -46.79 -66.35 -23.68
CA PRO H 166 -46.97 -66.88 -22.36
C PRO H 166 -46.43 -68.29 -22.18
N GLY H 167 -46.47 -69.11 -23.24
CA GLY H 167 -45.90 -70.46 -23.16
C GLY H 167 -44.39 -70.44 -22.91
N THR H 168 -43.69 -69.51 -23.51
CA THR H 168 -42.24 -69.37 -23.28
C THR H 168 -41.98 -68.84 -21.88
N ARG H 169 -42.78 -67.82 -21.52
CA ARG H 169 -42.66 -67.18 -20.22
C ARG H 169 -42.99 -68.07 -19.06
N ALA H 170 -43.80 -69.10 -19.23
CA ALA H 170 -44.11 -70.04 -18.17
C ALA H 170 -43.01 -71.10 -18.00
N ASN H 171 -42.11 -71.26 -18.96
CA ASN H 171 -41.07 -72.29 -18.74
C ASN H 171 -39.67 -71.73 -18.85
N ILE H 172 -39.41 -70.57 -18.21
CA ILE H 172 -38.07 -69.98 -18.26
C ILE H 172 -37.05 -70.79 -17.49
N ASP H 173 -37.40 -71.33 -16.31
CA ASP H 173 -36.43 -72.17 -15.61
C ASP H 173 -36.03 -73.36 -16.46
N GLU H 174 -37.05 -74.02 -17.05
CA GLU H 174 -36.78 -75.17 -17.92
C GLU H 174 -35.88 -74.80 -19.08
N PHE H 175 -36.09 -73.61 -19.65
CA PHE H 175 -35.22 -73.14 -20.72
C PHE H 175 -33.77 -73.19 -20.28
N THR H 176 -33.47 -72.65 -19.08
CA THR H 176 -32.07 -72.55 -18.69
C THR H 176 -31.49 -73.94 -18.44
N GLU H 177 -32.28 -74.76 -17.77
CA GLU H 177 -31.81 -76.12 -17.42
C GLU H 177 -31.65 -77.00 -18.65
N THR H 178 -32.71 -77.03 -19.47
CA THR H 178 -32.61 -77.83 -20.69
C THR H 178 -31.52 -77.38 -21.62
N THR H 179 -31.33 -76.07 -21.83
CA THR H 179 -30.27 -75.60 -22.71
C THR H 179 -28.89 -75.94 -22.14
N SER H 180 -28.71 -75.75 -20.84
CA SER H 180 -27.40 -76.02 -20.21
C SER H 180 -27.04 -77.51 -20.38
N LYS H 181 -28.02 -78.37 -20.10
CA LYS H 181 -27.75 -79.81 -20.23
C LYS H 181 -27.45 -80.21 -21.66
N ALA H 182 -28.16 -79.61 -22.64
CA ALA H 182 -27.88 -79.94 -24.04
C ALA H 182 -26.58 -79.37 -24.50
N ILE H 183 -26.08 -78.25 -23.90
CA ILE H 183 -24.77 -77.71 -24.22
C ILE H 183 -23.70 -78.79 -23.85
N GLU H 184 -23.97 -79.48 -22.77
CA GLU H 184 -23.07 -80.57 -22.33
C GLU H 184 -23.22 -81.79 -23.22
N VAL H 185 -24.43 -82.33 -23.31
CA VAL H 185 -24.68 -83.57 -24.06
C VAL H 185 -24.37 -83.48 -25.54
N ILE H 186 -24.95 -82.49 -26.22
CA ILE H 186 -24.78 -82.30 -27.65
C ILE H 186 -23.63 -81.42 -28.03
N GLY H 187 -23.33 -80.36 -27.27
CA GLY H 187 -22.24 -79.46 -27.56
C GLY H 187 -20.87 -80.00 -27.15
N GLY H 188 -20.88 -80.91 -26.16
CA GLY H 188 -19.61 -81.52 -25.77
C GLY H 188 -18.98 -80.78 -24.61
N ALA H 189 -19.67 -79.78 -24.05
CA ALA H 189 -18.97 -79.06 -22.96
C ALA H 189 -19.00 -79.86 -21.68
N ALA H 190 -17.94 -79.74 -20.84
CA ALA H 190 -17.93 -80.43 -19.56
C ALA H 190 -19.02 -79.84 -18.66
N LYS H 191 -19.25 -78.54 -18.80
CA LYS H 191 -20.25 -77.81 -18.04
C LYS H 191 -20.89 -76.72 -18.90
N GLY H 192 -22.19 -76.57 -18.80
CA GLY H 192 -22.84 -75.52 -19.61
C GLY H 192 -23.65 -74.58 -18.73
N LYS H 193 -23.98 -73.43 -19.34
CA LYS H 193 -24.78 -72.41 -18.67
C LYS H 193 -25.58 -71.68 -19.74
N ALA H 194 -26.83 -71.35 -19.44
CA ALA H 194 -27.65 -70.64 -20.42
C ALA H 194 -28.40 -69.52 -19.71
N ILE H 195 -28.42 -68.38 -20.40
CA ILE H 195 -29.13 -67.19 -19.89
C ILE H 195 -30.07 -66.69 -20.99
N ILE H 196 -31.27 -66.31 -20.64
CA ILE H 196 -32.20 -65.74 -21.61
C ILE H 196 -32.73 -64.40 -21.07
N ILE H 197 -32.73 -63.42 -21.95
CA ILE H 197 -33.14 -62.04 -21.62
C ILE H 197 -34.19 -61.57 -22.62
N MET H 198 -35.28 -60.98 -22.14
CA MET H 198 -36.30 -60.43 -23.02
C MET H 198 -36.16 -58.90 -23.08
N ASN H 199 -36.20 -58.28 -24.25
CA ASN H 199 -36.08 -56.81 -24.31
C ASN H 199 -37.27 -56.31 -25.13
N PRO H 200 -38.05 -55.38 -24.60
CA PRO H 200 -39.24 -54.87 -25.28
C PRO H 200 -39.03 -53.67 -26.16
N ALA H 201 -37.79 -53.39 -26.52
CA ALA H 201 -37.48 -52.20 -27.33
C ALA H 201 -38.22 -52.20 -28.67
N GLU H 202 -38.54 -50.98 -29.09
CA GLU H 202 -39.18 -50.72 -30.39
C GLU H 202 -38.18 -50.03 -31.27
N PRO H 203 -38.27 -50.15 -32.57
CA PRO H 203 -38.39 -51.34 -33.38
C PRO H 203 -37.84 -52.59 -32.67
N PRO H 204 -38.54 -53.70 -32.80
CA PRO H 204 -38.21 -54.96 -32.14
C PRO H 204 -36.85 -55.47 -32.58
N LEU H 205 -36.19 -56.04 -31.57
CA LEU H 205 -34.82 -56.50 -31.69
C LEU H 205 -34.69 -57.88 -32.32
N ILE H 206 -33.78 -57.93 -33.26
CA ILE H 206 -33.46 -59.20 -33.91
C ILE H 206 -32.87 -60.10 -32.83
N MET H 207 -33.18 -61.38 -32.86
CA MET H 207 -32.61 -62.28 -31.85
C MET H 207 -31.09 -62.13 -31.86
N ARG H 208 -30.48 -62.05 -30.68
CA ARG H 208 -29.02 -62.06 -30.57
C ARG H 208 -28.68 -63.31 -29.72
N ASP H 209 -27.53 -63.90 -30.02
CA ASP H 209 -27.06 -65.03 -29.21
C ASP H 209 -25.53 -64.85 -29.13
N THR H 210 -25.02 -64.89 -27.89
CA THR H 210 -23.59 -64.75 -27.68
C THR H 210 -23.11 -66.05 -26.99
N VAL H 211 -22.04 -66.59 -27.54
CA VAL H 211 -21.54 -67.87 -26.98
C VAL H 211 -20.11 -67.68 -26.52
N TYR H 212 -19.89 -68.10 -25.27
CA TYR H 212 -18.53 -68.02 -24.73
C TYR H 212 -18.06 -69.46 -24.49
N VAL H 213 -16.92 -69.82 -25.08
CA VAL H 213 -16.45 -71.22 -24.91
C VAL H 213 -15.03 -71.24 -24.36
N LEU H 214 -14.84 -71.95 -23.25
CA LEU H 214 -13.49 -72.04 -22.66
C LEU H 214 -12.96 -73.43 -22.98
N SER H 215 -11.92 -73.49 -23.79
CA SER H 215 -11.42 -74.81 -24.16
C SER H 215 -9.94 -74.89 -23.80
N ALA H 216 -9.40 -76.11 -23.98
CA ALA H 216 -7.94 -76.24 -23.84
C ALA H 216 -7.28 -75.41 -24.92
N ALA H 217 -5.97 -75.18 -24.82
CA ALA H 217 -5.22 -74.38 -25.75
C ALA H 217 -5.50 -74.95 -27.15
N ALA H 218 -5.69 -74.07 -28.11
CA ALA H 218 -6.03 -74.51 -29.45
C ALA H 218 -5.66 -73.48 -30.50
N ASP H 219 -5.59 -73.95 -31.75
CA ASP H 219 -5.23 -73.08 -32.85
C ASP H 219 -6.41 -72.16 -33.14
N GLN H 220 -6.22 -70.86 -33.09
CA GLN H 220 -7.37 -69.97 -33.36
C GLN H 220 -7.91 -70.11 -34.77
N ALA H 221 -7.04 -70.17 -35.78
CA ALA H 221 -7.50 -70.32 -37.15
C ALA H 221 -8.43 -71.52 -37.28
N ALA H 222 -8.06 -72.67 -36.75
CA ALA H 222 -8.86 -73.88 -36.84
C ALA H 222 -10.22 -73.73 -36.17
N VAL H 223 -10.23 -73.08 -35.00
CA VAL H 223 -11.49 -72.83 -34.31
C VAL H 223 -12.33 -71.89 -35.17
N ALA H 224 -11.77 -70.82 -35.72
CA ALA H 224 -12.55 -69.91 -36.55
C ALA H 224 -13.09 -70.56 -37.83
N ALA H 225 -12.38 -71.52 -38.42
CA ALA H 225 -12.87 -72.19 -39.65
C ALA H 225 -13.96 -73.20 -39.33
N SER H 226 -13.85 -73.79 -38.13
CA SER H 226 -14.85 -74.77 -37.69
C SER H 226 -16.16 -74.04 -37.47
N VAL H 227 -16.07 -72.89 -36.80
CA VAL H 227 -17.28 -72.08 -36.56
C VAL H 227 -17.89 -71.65 -37.88
N ALA H 228 -17.09 -71.14 -38.82
CA ALA H 228 -17.55 -70.71 -40.12
C ALA H 228 -18.26 -71.83 -40.88
N GLU H 229 -17.79 -73.07 -40.81
CA GLU H 229 -18.44 -74.20 -41.46
C GLU H 229 -19.76 -74.49 -40.78
N MET H 230 -19.78 -74.40 -39.45
CA MET H 230 -21.00 -74.69 -38.72
C MET H 230 -22.03 -73.58 -39.03
N VAL H 231 -21.56 -72.35 -39.18
CA VAL H 231 -22.53 -71.28 -39.50
C VAL H 231 -23.17 -71.57 -40.86
N GLN H 232 -22.35 -71.99 -41.82
CA GLN H 232 -22.88 -72.39 -43.15
C GLN H 232 -23.82 -73.57 -43.06
N ALA H 233 -23.56 -74.57 -42.22
CA ALA H 233 -24.46 -75.69 -42.06
C ALA H 233 -25.80 -75.23 -41.51
N VAL H 234 -25.76 -74.30 -40.53
CA VAL H 234 -27.00 -73.81 -39.96
C VAL H 234 -27.79 -73.01 -40.99
N GLN H 235 -27.11 -72.26 -41.82
CA GLN H 235 -27.75 -71.45 -42.84
C GLN H 235 -28.49 -72.26 -43.89
N ALA H 236 -28.17 -73.54 -44.04
CA ALA H 236 -28.89 -74.38 -45.00
C ALA H 236 -30.34 -74.54 -44.55
N TYR H 237 -30.63 -74.34 -43.28
CA TYR H 237 -31.94 -74.45 -42.70
C TYR H 237 -32.57 -73.09 -42.44
N VAL H 238 -31.78 -72.18 -41.90
CA VAL H 238 -32.20 -70.83 -41.50
C VAL H 238 -31.23 -69.84 -42.11
N PRO H 239 -31.55 -69.26 -43.27
CA PRO H 239 -30.65 -68.37 -43.98
C PRO H 239 -30.31 -67.06 -43.30
N GLY H 240 -31.13 -66.63 -42.37
CA GLY H 240 -30.94 -65.42 -41.60
C GLY H 240 -29.98 -65.58 -40.42
N TYR H 241 -29.50 -66.80 -40.19
CA TYR H 241 -28.55 -67.00 -39.07
C TYR H 241 -27.16 -66.60 -39.51
N ARG H 242 -26.51 -65.72 -38.77
CA ARG H 242 -25.16 -65.30 -39.16
C ARG H 242 -24.39 -64.70 -37.99
N LEU H 243 -23.08 -64.65 -38.23
CA LEU H 243 -22.22 -63.95 -37.29
C LEU H 243 -22.49 -62.45 -37.42
N LYS H 244 -22.60 -61.78 -36.27
CA LYS H 244 -22.74 -60.32 -36.23
C LYS H 244 -21.35 -59.73 -36.10
N GLN H 245 -20.43 -60.51 -35.52
CA GLN H 245 -19.05 -60.05 -35.38
C GLN H 245 -18.08 -61.20 -35.75
N GLN H 246 -16.83 -60.85 -35.94
CA GLN H 246 -15.82 -61.88 -36.19
C GLN H 246 -15.67 -62.68 -34.89
N VAL H 247 -15.30 -63.95 -35.01
CA VAL H 247 -15.05 -64.74 -33.80
C VAL H 247 -13.96 -64.07 -32.97
N GLN H 248 -14.14 -63.97 -31.65
CA GLN H 248 -13.14 -63.27 -30.82
C GLN H 248 -12.39 -64.28 -29.95
N PHE H 249 -11.13 -64.00 -29.66
CA PHE H 249 -10.31 -64.94 -28.90
C PHE H 249 -9.54 -64.31 -27.74
N ASP H 250 -9.48 -65.04 -26.63
CA ASP H 250 -8.67 -64.54 -25.50
C ASP H 250 -7.79 -65.71 -25.02
N VAL H 251 -6.46 -65.54 -25.08
CA VAL H 251 -5.60 -66.63 -24.58
C VAL H 251 -5.56 -66.56 -23.06
N ILE H 252 -5.69 -67.69 -22.38
CA ILE H 252 -5.62 -67.72 -20.91
C ILE H 252 -4.43 -68.60 -20.57
N PRO H 253 -3.32 -67.99 -20.21
CA PRO H 253 -2.12 -68.77 -19.94
C PRO H 253 -2.29 -69.54 -18.67
N GLU H 254 -1.48 -70.59 -18.54
CA GLU H 254 -1.48 -71.39 -17.33
C GLU H 254 -0.89 -70.62 -16.16
N SER H 255 -0.16 -69.55 -16.40
CA SER H 255 0.39 -68.69 -15.35
C SER H 255 -0.60 -67.65 -14.83
N ALA H 256 -1.80 -67.59 -15.43
CA ALA H 256 -2.83 -66.64 -15.01
C ALA H 256 -4.19 -67.27 -15.34
N PRO H 257 -4.50 -68.35 -14.64
CA PRO H 257 -5.69 -69.14 -14.94
C PRO H 257 -6.97 -68.45 -14.53
N LEU H 258 -8.07 -69.00 -15.06
CA LEU H 258 -9.39 -68.47 -14.76
C LEU H 258 -10.07 -69.31 -13.70
N ASN H 259 -10.52 -68.71 -12.61
CA ASN H 259 -11.19 -69.45 -11.55
C ASN H 259 -12.70 -69.43 -11.77
N ILE H 260 -13.33 -70.59 -11.83
CA ILE H 260 -14.80 -70.67 -11.96
C ILE H 260 -15.18 -71.38 -10.67
N PRO H 261 -15.82 -70.70 -9.73
CA PRO H 261 -16.03 -71.19 -8.38
C PRO H 261 -16.68 -72.55 -8.25
N GLY H 262 -15.95 -73.48 -7.62
CA GLY H 262 -16.42 -74.85 -7.45
C GLY H 262 -16.27 -75.68 -8.73
N LEU H 263 -15.78 -75.10 -9.81
CA LEU H 263 -15.66 -75.85 -11.05
C LEU H 263 -14.22 -76.17 -11.32
N GLY H 264 -13.34 -75.16 -11.16
CA GLY H 264 -11.92 -75.43 -11.38
C GLY H 264 -11.16 -74.16 -11.71
N ARG H 265 -9.85 -74.26 -11.83
CA ARG H 265 -8.98 -73.17 -12.24
C ARG H 265 -8.43 -73.61 -13.59
N PHE H 266 -8.86 -72.96 -14.65
CA PHE H 266 -8.64 -73.33 -16.02
C PHE H 266 -7.71 -72.43 -16.82
N SER H 267 -7.11 -73.01 -17.87
CA SER H 267 -6.30 -72.26 -18.81
C SER H 267 -6.66 -72.78 -20.21
N GLY H 268 -6.18 -72.10 -21.21
CA GLY H 268 -6.43 -72.46 -22.60
C GLY H 268 -6.87 -71.28 -23.44
N LEU H 269 -8.09 -71.43 -23.99
CA LEU H 269 -8.58 -70.44 -24.92
C LEU H 269 -10.06 -70.12 -24.71
N LYS H 270 -10.33 -68.81 -24.72
CA LYS H 270 -11.72 -68.38 -24.63
C LYS H 270 -12.13 -67.97 -26.05
N THR H 271 -13.18 -68.58 -26.57
CA THR H 271 -13.68 -68.24 -27.91
C THR H 271 -15.04 -67.56 -27.70
N SER H 272 -15.24 -66.40 -28.33
CA SER H 272 -16.52 -65.69 -28.16
C SER H 272 -17.16 -65.53 -29.55
N VAL H 273 -18.39 -65.97 -29.69
CA VAL H 273 -19.08 -65.91 -30.98
C VAL H 273 -20.35 -65.07 -30.80
N PHE H 274 -20.47 -64.05 -31.62
CA PHE H 274 -21.64 -63.17 -31.51
C PHE H 274 -22.56 -63.39 -32.72
N LEU H 275 -23.72 -63.96 -32.50
CA LEU H 275 -24.65 -64.23 -33.60
C LEU H 275 -25.84 -63.26 -33.57
N GLU H 276 -26.50 -63.15 -34.72
CA GLU H 276 -27.78 -62.48 -34.84
C GLU H 276 -28.58 -63.41 -35.78
N VAL H 277 -29.84 -63.59 -35.46
CA VAL H 277 -30.66 -64.53 -36.24
C VAL H 277 -31.94 -63.86 -36.71
N GLU H 278 -32.01 -63.64 -38.02
CA GLU H 278 -33.17 -63.07 -38.70
C GLU H 278 -34.06 -64.18 -39.23
N GLY H 279 -35.38 -64.02 -39.13
CA GLY H 279 -36.30 -65.08 -39.54
C GLY H 279 -36.89 -64.82 -40.91
N ALA H 280 -37.65 -65.78 -41.40
CA ALA H 280 -38.34 -65.75 -42.67
C ALA H 280 -39.57 -64.83 -42.69
N ALA H 281 -40.03 -64.39 -41.54
CA ALA H 281 -41.22 -63.57 -41.39
C ALA H 281 -42.48 -64.27 -41.88
N HIS H 282 -42.63 -65.55 -41.57
CA HIS H 282 -43.80 -66.34 -41.94
C HIS H 282 -44.98 -66.02 -41.03
N TYR H 283 -44.74 -65.63 -39.78
CA TYR H 283 -45.82 -65.29 -38.88
C TYR H 283 -45.57 -63.90 -38.29
N LEU H 284 -44.45 -63.75 -37.59
CA LEU H 284 -44.05 -62.44 -37.05
C LEU H 284 -43.00 -61.91 -38.02
N PRO H 285 -42.60 -60.67 -37.90
CA PRO H 285 -41.62 -60.05 -38.77
C PRO H 285 -40.25 -60.71 -38.68
N ALA H 286 -39.34 -60.22 -39.50
CA ALA H 286 -38.00 -60.77 -39.66
C ALA H 286 -37.14 -60.76 -38.41
N TYR H 287 -37.36 -59.83 -37.49
CA TYR H 287 -36.60 -59.80 -36.24
C TYR H 287 -36.71 -61.08 -35.43
N ALA H 288 -37.83 -61.80 -35.51
CA ALA H 288 -38.15 -62.97 -34.75
C ALA H 288 -37.52 -64.26 -35.28
N GLY H 289 -36.21 -64.28 -35.46
CA GLY H 289 -35.43 -65.44 -35.86
C GLY H 289 -35.38 -66.51 -34.79
N ASN H 290 -35.72 -66.18 -33.55
CA ASN H 290 -35.87 -67.09 -32.44
C ASN H 290 -36.96 -68.12 -32.74
N LEU H 291 -38.00 -67.69 -33.51
CA LEU H 291 -38.98 -68.69 -33.90
C LEU H 291 -38.33 -69.62 -34.94
N ASP H 292 -37.79 -69.09 -36.01
CA ASP H 292 -37.26 -69.89 -37.10
C ASP H 292 -36.17 -70.87 -36.65
N ILE H 293 -35.27 -70.40 -35.77
CA ILE H 293 -34.17 -71.34 -35.36
C ILE H 293 -34.75 -72.58 -34.73
N MET H 294 -35.88 -72.57 -34.05
CA MET H 294 -36.54 -73.72 -33.46
C MET H 294 -37.41 -74.47 -34.48
N THR H 295 -38.33 -73.72 -35.10
CA THR H 295 -39.29 -74.41 -35.99
C THR H 295 -38.64 -75.09 -37.17
N SER H 296 -37.61 -74.50 -37.77
CA SER H 296 -36.94 -75.12 -38.89
C SER H 296 -36.21 -76.39 -38.40
N ALA H 297 -35.68 -76.34 -37.17
CA ALA H 297 -35.04 -77.54 -36.63
C ALA H 297 -36.08 -78.64 -36.43
N ALA H 298 -37.22 -78.31 -35.83
CA ALA H 298 -38.25 -79.30 -35.55
C ALA H 298 -38.75 -79.93 -36.86
N LEU H 299 -38.96 -79.07 -37.85
CA LEU H 299 -39.46 -79.54 -39.13
C LEU H 299 -38.44 -80.44 -39.79
N ALA H 300 -37.16 -80.03 -39.79
CA ALA H 300 -36.10 -80.82 -40.38
C ALA H 300 -36.03 -82.20 -39.74
N THR H 301 -36.22 -82.28 -38.43
CA THR H 301 -36.17 -83.56 -37.73
C THR H 301 -37.31 -84.48 -38.13
N ALA H 302 -38.52 -83.92 -38.17
CA ALA H 302 -39.69 -84.73 -38.52
C ALA H 302 -39.66 -85.15 -39.99
N GLU H 303 -39.15 -84.26 -40.83
CA GLU H 303 -39.03 -84.53 -42.26
C GLU H 303 -38.18 -85.77 -42.46
N ARG H 304 -37.02 -85.78 -41.81
CA ARG H 304 -36.07 -86.89 -41.88
C ARG H 304 -36.64 -88.18 -41.29
N MET H 305 -37.44 -88.12 -40.23
CA MET H 305 -38.11 -89.28 -39.70
C MET H 305 -39.18 -89.77 -40.70
N ALA H 306 -39.94 -88.83 -41.28
CA ALA H 306 -41.01 -89.23 -42.21
C ALA H 306 -40.39 -89.88 -43.45
N GLN H 307 -39.35 -89.29 -43.99
CA GLN H 307 -38.60 -89.86 -45.11
C GLN H 307 -38.06 -91.25 -44.82
N SER H 308 -37.59 -91.53 -43.60
CA SER H 308 -37.07 -92.87 -43.31
C SER H 308 -38.20 -93.86 -43.03
N MET H 309 -39.41 -93.37 -42.76
CA MET H 309 -40.56 -94.24 -42.56
C MET H 309 -41.02 -94.82 -43.89
N LEU H 310 -40.59 -94.23 -44.99
CA LEU H 310 -40.85 -94.62 -46.36
C LEU H 310 -42.19 -93.98 -46.77
#